data_6HKO
#
_entry.id   6HKO
#
_cell.length_a   1.00
_cell.length_b   1.00
_cell.length_c   1.00
_cell.angle_alpha   90.00
_cell.angle_beta   90.00
_cell.angle_gamma   90.00
#
_symmetry.space_group_name_H-M   'P 1'
#
loop_
_entity.id
_entity.type
_entity.pdbx_description
1 polymer 'DNA-directed RNA polymerase I subunit RPA190'
2 polymer 'DNA-directed RNA polymerase I subunit RPA135'
3 polymer 'DNA-directed RNA polymerases I and III subunit RPAC1'
4 polymer 'DNA-directed RNA polymerase I subunit RPA14'
5 polymer 'DNA-directed RNA polymerases I, II, and III subunit RPABC1'
6 polymer 'DNA-directed RNA polymerases I, II, and III subunit RPABC2'
7 polymer 'DNA-directed RNA polymerase I subunit RPA43'
8 polymer 'DNA-directed RNA polymerases I, II, and III subunit RPABC3'
9 polymer 'DNA-directed RNA polymerase I subunit RPA12'
10 polymer 'DNA-directed RNA polymerases I, II, and III subunit RPABC5'
11 polymer 'DNA-directed RNA polymerases I and III subunit RPAC2'
12 polymer 'DNA-directed RNA polymerases I, II, and III subunit RPABC4'
13 polymer RNA
14 polymer 'Non-template strand'
15 polymer 'Template strand'
16 polymer 'DNA-directed RNA polymerase I subunit RPA34'
17 polymer 'DNA-directed RNA polymerase I subunit RPA49'
18 non-polymer 'MAGNESIUM ION'
19 non-polymer 'ZINC ION'
20 non-polymer 'PHOSPHOMETHYLPHOSPHONIC ACID GUANYLATE ESTER'
#
loop_
_entity_poly.entity_id
_entity_poly.type
_entity_poly.pdbx_seq_one_letter_code
_entity_poly.pdbx_strand_id
1 'polypeptide(L)'
;MDISKPVGSEITSVDFGILTAKEIRNLSAKQITNPTVLDNLGHPVSGGLYDLALGAFLRNLCSTCGLDEKFCPGHQGHIE
LPVPCYNPLFFNQLYIYLRASCLFCHHFRLKSVEVHRYACKLRLLQYGLIDESYKLDEITLGSLNSSMYTDDEAIEDNED
EMDGEGSKQSKDISSTLLNELKSKRSEYVDMAIAKALSDGRTTERGSFTATVNDERKKLVHEFHKKLLSRGKCDNCGMFS
PKFRKDGFTKIFETALNEKQITNNRVKGFIRQDMIKKQKQAKKLDGSNEASANDEESFDVGRNPTTRPKTGSTYILSTEV
KNILDTVFRKEQCVLQYVFHSRPNLSRKLVKADSFFMDVLVVPPTRFRLPSKLGEEVHENSQNQLLSKVLTTSLLIRDLN
DDLSKLQKDKVSLEDRRVIFSRLMNAFVTIQNDVNAFIDSTKAQGRTSGKVPIPGVKQALEKKEGLFRKHMMGKRVNYAA
RSVISPDPNIETNEIGVPPVFAVKLTYPEPVTAYNIAELRQAVINGPDKWPGATQIQNEDGSLVSLIGMSVEQRKALANQ
LLTPSSNVSTHTLNKKVYRHIKNRDVVLMNRQPTLHKASMMGHKVRVLPNEKTLRLHYANTGAYNADFDGDEMNMHFPQN
ENARAEALNLANTDSQYLTPTSGSPVRGLIQDHISAGVWLTSKDSFFTREQYQQYIYGCIRPEDGHTTRSKIVTLPPTIF
KPYPLWTGKQIITTVLLNVTPPDMPGINLISKNKIKNEYWGKGSLENEVLFKDGALLCGILDKSQYGASKYGIVHSLHEV
YGPEVAAKVLSVLGRLFTNYITATAFTCGMDDLRLTAEGNKWRTDILKTSVDTGREAAAEVTNLDKDTPADDPELLKRLQ
EILRDNNKSGILDAVTSSKVNAITSQVVSKCVPDGTMKKFPCNSMQAMALSGAKGSNVNVSQIMCLLGQQALEGRRVPVM
VSGKTLPSFKPYETDAMAGGYVKGRFYSGIKPQEYYFHCMAGREGLIDTAVKTSRSGYLQRCLTKQLEGVHVSYDNSIRD
ADGTLVQFMYGGDAIDITKESHMTQFEFCLDNYYALLKKYNPSALIEHLDVESALKYSKKTLKYRKKHSKEPHYKQSVKY
DPVLAKYNPAKYLGSVSENFQDKLESFLDKNSKLFKSSDGVNEKKFRALMQLKYMRSLINPGEAVGIIASQSVGEPSTQM
TLNTFHFAGHGAANVTLGIPRLREIVMTASAAIKTPQMTLPIWNDVSDEQADTFCKSISKVLLSEVIDKVIVTETTGTSN
TAGGNAARSYVIHMRFFDNNEYSEEYDVSKEELQNVISNQFIHLLEAAIVKEIKKQKRTTGPDIGVAVPRLQTDVANSSS
NSKRLEEDNDEEQSHKKTKQAVSYDEPDEDEIETMREAEKSSDEEGIDSDKESDSDSEDEDVDMNEQINKSIVEANNNMN
KVQRDRQSAIISHHRFITKYNFDDESGKWCEFKLELAADTEKLLMVNIVEEICRKSIIRQIPHIDRCVHPEPENGKRVLV
TEGVNFQAMWDQEAFIDVDGITSNDVAAVLKTYGVEAARNTIVNEINNVFSRYAISVSFRHLDLIADMMTRQGTYLAFNR
QGMETSTSSFMKMSYETTCQFLTKAVLDNEREQLDSPSARIVVGKLNNVGTGSFDVLAKVPNAA
;
A
2 'polypeptide(L)'
;MSKVIKPPGQARTADFRTLERESRFINPPKDKSAFPLLQEAVQPHIGSFNALTEGPDGGLLNLGVKDIGEKVIFDGKPLN
SEDEISNSGYLGNKLSVSVEQVSIAKPMSNDGVSSAVERKVYPSESRQRLTSYRGKLLLKLKWSVNNGEENLFEVRDCGG
LPVMLQSNRCHLNKMSPYELVQHKEESDEIGGYFIVNGIEKLIRMLIVQRRNHPMAIIRPSFANRGASYSHYGIQIRSVR
PDQTSQTNVLHYLNDGQVTFRFSWRKNEYLVPVVMILKALCHTSDREIFDGIIGNDVKDSFLTDRLELLLRGFKKRYPHL
QNRTQVLQYLGDKFRVVFQASPDQSDLEVGQEVLDRIVLVHLGKDGSQDKFRMLLFMIRKLYSLVAGECSPDNPDATQHQ
EVLLGGFLYGMILKEKIDEYLQNIIAQVRMDINRGMAINFKDKRYMSRVLMRVNENIGSKMQYFLSTGNLVSQSGLDLQQ
VSGYTVVAEKINFYRFISHFRMVHRGSFFAQLKTTTVRKLLPESWGFLCPVHTPDGSPCGLLNHFAHKCRISTQQSDVSR
IPSILYSLGVAPASHTFAAGPSLCCVQIDGKIIGWVSHEQGKIIADTLRYWKVEGKTPGLPIDLEIGYVPPSTRGQYPGL
YLFGGHSRMLRPVRYLPLDKEDIVGPFEQVYMNIAVTPQEIQNNVHTHVEFTPTNILSILANLTPFSDFNQSPRNMYQCQ
MGKQTMGTPGVALCHRSDNKLYRLQTGQTPIVKANLYDDYGMDNFPNGFNAVVAVISYTGYDMDDAMIINKSADERGFGY
GTMYKTEKVDLALNRNRGDPITQHFGFGNDEWPKEWLEKLDEDGLPYIGTYVEEGDPICAYFDDTLNKTKIKTYHSSEPA
YIEEVNLIGDESNKFQELQTVSIKYRIRRTPQIGDKFSSRHGQKGVCSRKWPTIDMPFSETGIQPDIIINPHAFPSRMTI
GMFVESLAGKAGALHGIAQDSTPWIFNEDDTPADYFGEQLAKAGYNYHGNEPMYSGATGEELRADIYVGVVYYQRLRHMV
NDKFQVRSTGPVNSLTMQPVKGRKRHGGIRVGEMERDALIGHGTSFLLQDRLLNSSDYTQASVCRECGSILTTQQSVPRI
GSISTVCCRRCSMRFEDAKKLLTKSEDGEKIFIDDSQIWEDGQGNKFVGGNETTTVAIPFVLKYLDSELSAMGIRLRYNV
EPK
;
B
3 'polypeptide(L)'
;MSNIVGIEYNRVTNTTSTDFPGFSKDAENEWNVEKFKKDFEVNISSLDAREANFDLINIDTSIANAFRRIMISEVPSVAA
EYVYFFNNTSVIQDEVLAHRIGLVPLKVDPDMLTWVDSNLPDDEKFTDENTIVLSLNVKCTRNPDAPKGSTDPKELYNNA
HVYARDLKFEPQGRQSTTFADCPVVPADPDILLAKLRPGQEISLKAHCILGIGGDHAKFSPVSTASYRLLPQINILQPIK
GESARRFQKCFPPGVIGIDEGSDEAYVKDARKDTVSREVLRYEEFADKVKLGRVRNHFIFNVESAGAMTPEEIFFKSVRI
LKNKAEYLKNCPITQ
;
C
4 'polypeptide(L)'
;MMKGSRRTGNNTATTLNTPVVIHATQLPQHVSTDEVLQFLESFIDEKENIIDSTTMNTISGNAADADAAAVANTSLNIDT
NLSSSISQLKRIQRDFKGLPPAQDFSAAPIQVSTTEKKETSIGVSATGGKKTTFADE
;
D
5 'polypeptide(L)'
;MDQENERNISRLWRAFRTVKEMVKDRGYFITQEEVELPLEDFKAKYCDSMGRPQRKMMSFQANPTEESISKFPDMGSLWV
EFCDEPSVGVKTMKTFVIHIQEKNFQTGIFVYQNNITPSAMKLVPSIPPATIETFNEAALVVNITHHELVPKHIRLSSDE
KRELLKRYRLKESQLPRIQRADPVALYLGLKRGEVVKIIRKSETSGRYASYRICM
;
E
6 'polypeptide(L)'
;MSDYEEAFNDGNENFEDFDVEHFSDEETYEEKPQFKDGETTDANGKTIVTGGNGPEDFQQHEQIRRKTLKEKAIPKDQRA
TTPYMTKYERARILGTRALQISMNAPVFVDLEGETDPLRIAMKELAEKKIPLVIRRYLPDGSFEDWSVEELIVDL
;
F
7 'polypeptide(L)'
;MSQVKRANENRETARFIKKHKKQVTNPIDEKNGTSNCIVRVPIALYVSLAPMYLENPLQGVMKQHLNPLVMKYNNKVGGV
VLGYEGLKILDADPLSKEDTSEKLIKITPDTPFGFTWCHVNLYVWQPQVGDVLEGYIFIQSASHIGLLIHDAFNASIKKN
NIPVDWTFVHNDVEEDADVINTDENNGNNNNEDNKDSNGGSNSLGKFSFGNRSLGHWVDSNGEPIDGKLRFTVRNVHTTG
RVVSVDGTLISDADEEGNGYNSSRSQAESLPIVSNKKIVFDDEVSIENKESHKELDLPEVKEDNGSEIVYEENTSESNDG
ESSDSD
;
G
8 'polypeptide(L)'
;MSNTLFDDIFQVSEVDPGRYNKVCRIEAASTTQDQCKLTLDINVELFPVAAQDSLTVTIASSLNLEDTPANDSSATRSWR
PPQAGDRSLADDYDYVMYGTAYKFEEVSKDLIAVYYSFGGLLMRLEGNYRNLNNLKQENAYLLIRR
;
H
9 'polypeptide(L)'
;MSVVGSLIFCLDCGDLLENPNAVLGSNVECSQCKAIYPKSQFSNLKVVTTTADDAFPSSLRAKKSVVKTSLKKNELKDGA
TIKEKCPQCGNEEMNYHTLQLRSADEGATVFYTCTSCGYKFRTNN
;
I
10 'polypeptide(L)' MIVPVRCFSCGKVVGDKWESYLNLLQEDELDEGTALSRLGLKRYCCRRMILTHVDLIEKFLRYNPLEKRD J
11 'polypeptide(L)'
;MTEDIEQKKTATEVTPQEPKHIQEEEEQDVDMTGDEEQEEEPDREKIKLLTQATSEDGTSASFQIVEEDHTLGNALRYVI
MKNPDVEFCGYSIPHPSENLLNIRIQTYGETTAVDALQKGLKDLMDLCDVVESKFTEKIKSM
;
K
12 'polypeptide(L)' MSREGFQIPTNLDAAAAGTSQARTATLKYICAECSSKLSLSRTDAVRCKDCGHRILLKARTKRLVQFEAR L
13 'polyribonucleotide' UAUAUGCAUAAAGACCAGGC R
14 'polydeoxyribonucleotide'
;(DG)(DG)(DC)(DA)(DG)(DT)(DA)(DC)(DT)(DA)(DG)(DT)(DA)(DA)(DA)(DC)(DT)(DA)(DG)(DT)
(DA)(DT)(DT)(DG)(DA)(DA)(DA)(DG)(DT)(DA)(DC)(DT)(DT)(DG)(DA)(DC)(DT)(DT)
;
S
15 'polydeoxyribonucleotide'
;(DA)(DA)(DG)(DT)(DC)(DA)(DA)(DG)(DT)(DA)(DC)(DT)(DT)(DA)(DC)(DG)(DC)(DC)(DT)(DG)
(DG)(DT)(DC)(DA)(DT)(DT)(DA)(DC)(DT)(DA)(DG)(DT)(DA)(DC)(DT)(DG)(DC)(DC)
;
T
16 'polypeptide(L)'
;MSKLSKDYVSDSDSDDEVISNEFSIPDGFKKCKHLKNFPLNGDNKKKAKQQQVWLIKFPSNVDISKLKSLPVDFESSTTM
TIDKHDYKIMDDTDIESSLTQDNLSNMTLLVPSESKESLKIASTAKDNAPLQFDKVFSVSETAKIPAIDYSKVRVPRKDV
PKVEGLKLEHFATGYDAEDFHVAEEVKENKKEPKKRSHHDDEEESSEKKKKKKEKREKREKKDKKDKKKKHRD
;
N
17 'polypeptide(L)'
;MSVKRSVSEIEIESVQDQPSVAVGSFFKGFRAPSDTTFDLYKKKKSEKDEFVLHGENERLEYEGYTDSSSQASNQYVVGL
FNPEKKSIQLYKAPVLVSKVVSKSSKNLRGPKIKSKSDTRPSALRNALGEAFGTKKAKKAIADLERNRIDSDKLTDSAID
IVDSVRTASKDLPTRAQLDEITSNDRPTPLANIDATDVEQIYPIESIIPKKELQFIRVSSILKEADKEKKLELFPYQNNS
KYVAKKLDSLTQPSQMTKLQLLYYLSLLLGVYENRRVNNKTKLLERLNSPPEILVDGILSRFTVIKPGQFGRSKDRSYFI
DPQNEDKILCYILAIIMHLDNFIVEITPLAHELNLKPSKVVSLFRVLGAIVKGATVAQAEAFGIPKSTAASYKIATMKVP
FKLPEMTRRGRGPRR
;
M
#
# COMPACT_ATOMS: atom_id res chain seq x y z
N MET A 1 -27.91 -9.81 15.21
CA MET A 1 -28.21 -11.08 15.86
C MET A 1 -28.80 -10.85 17.24
N ASP A 2 -29.85 -11.60 17.54
CA ASP A 2 -30.52 -11.55 18.83
C ASP A 2 -30.14 -12.82 19.60
N ILE A 3 -29.63 -12.64 20.82
CA ILE A 3 -29.19 -13.80 21.61
C ILE A 3 -30.35 -14.52 22.27
N SER A 4 -31.57 -14.02 22.14
CA SER A 4 -32.74 -14.65 22.70
C SER A 4 -33.65 -15.25 21.65
N LYS A 5 -33.25 -15.20 20.38
CA LYS A 5 -33.92 -15.90 19.28
C LYS A 5 -32.99 -17.02 18.82
N PRO A 6 -32.98 -18.16 19.49
CA PRO A 6 -32.01 -19.21 19.16
C PRO A 6 -32.40 -19.95 17.90
N VAL A 7 -31.44 -20.72 17.41
CA VAL A 7 -31.67 -21.59 16.27
C VAL A 7 -31.25 -22.99 16.68
N GLY A 8 -31.93 -23.99 16.14
CA GLY A 8 -31.68 -25.35 16.56
C GLY A 8 -31.10 -26.24 15.48
N SER A 9 -31.10 -25.74 14.25
CA SER A 9 -30.64 -26.50 13.10
C SER A 9 -29.33 -25.90 12.58
N GLU A 10 -28.41 -26.78 12.22
CA GLU A 10 -27.06 -26.39 11.83
C GLU A 10 -26.73 -27.01 10.49
N ILE A 11 -26.20 -26.22 9.56
CA ILE A 11 -25.73 -26.76 8.30
C ILE A 11 -24.39 -27.46 8.56
N THR A 12 -24.38 -28.78 8.39
CA THR A 12 -23.21 -29.57 8.75
C THR A 12 -22.26 -29.77 7.58
N SER A 13 -22.80 -30.01 6.39
CA SER A 13 -21.99 -30.18 5.20
C SER A 13 -22.65 -29.44 4.05
N VAL A 14 -21.89 -29.28 2.96
CA VAL A 14 -22.46 -28.96 1.66
C VAL A 14 -21.87 -29.95 0.67
N ASP A 15 -22.57 -30.13 -0.43
CA ASP A 15 -22.08 -30.97 -1.51
C ASP A 15 -22.57 -30.42 -2.84
N PHE A 16 -21.62 -30.05 -3.68
CA PHE A 16 -21.90 -29.48 -4.99
C PHE A 16 -22.58 -30.51 -5.89
N GLY A 17 -23.38 -30.01 -6.82
CA GLY A 17 -24.14 -30.89 -7.66
C GLY A 17 -24.68 -30.18 -8.88
N ILE A 18 -24.86 -30.93 -9.97
CA ILE A 18 -25.42 -30.33 -11.18
C ILE A 18 -26.93 -30.19 -11.02
N LEU A 19 -27.41 -29.00 -11.34
CA LEU A 19 -28.82 -28.68 -11.24
C LEU A 19 -29.47 -29.00 -12.58
N THR A 20 -30.17 -30.13 -12.64
CA THR A 20 -30.71 -30.63 -13.90
C THR A 20 -31.93 -29.83 -14.33
N ALA A 21 -32.31 -30.00 -15.59
CA ALA A 21 -33.41 -29.23 -16.18
C ALA A 21 -34.78 -29.72 -15.74
N LYS A 22 -34.88 -30.87 -15.07
CA LYS A 22 -36.17 -31.34 -14.63
C LYS A 22 -36.60 -30.66 -13.33
N GLU A 23 -35.65 -30.39 -12.44
CA GLU A 23 -35.98 -29.76 -11.16
C GLU A 23 -36.39 -28.31 -11.35
N ILE A 24 -35.74 -27.60 -12.29
CA ILE A 24 -35.97 -26.18 -12.46
C ILE A 24 -37.12 -25.92 -13.43
N ARG A 25 -37.85 -26.97 -13.79
CA ARG A 25 -39.21 -26.84 -14.27
C ARG A 25 -40.23 -27.07 -13.17
N ASN A 26 -39.80 -27.59 -12.03
CA ASN A 26 -40.64 -27.83 -10.86
C ASN A 26 -40.35 -26.83 -9.75
N LEU A 27 -39.09 -26.45 -9.59
CA LEU A 27 -38.68 -25.40 -8.64
C LEU A 27 -39.35 -24.06 -8.94
N SER A 28 -39.63 -23.78 -10.20
CA SER A 28 -39.88 -22.43 -10.68
C SER A 28 -41.19 -21.86 -10.17
N ALA A 29 -41.28 -20.54 -10.21
CA ALA A 29 -42.52 -19.82 -9.98
C ALA A 29 -43.32 -19.67 -11.26
N LYS A 30 -42.68 -19.15 -12.31
CA LYS A 30 -43.36 -18.90 -13.57
C LYS A 30 -42.29 -18.77 -14.66
N GLN A 31 -42.45 -19.50 -15.75
CA GLN A 31 -41.51 -19.37 -16.87
C GLN A 31 -41.70 -18.04 -17.58
N ILE A 32 -40.63 -17.29 -17.73
CA ILE A 32 -40.72 -15.93 -18.23
C ILE A 32 -40.23 -15.92 -19.68
N THR A 33 -40.95 -15.19 -20.54
CA THR A 33 -40.81 -15.42 -21.97
C THR A 33 -40.66 -14.19 -22.84
N ASN A 34 -41.13 -12.95 -22.41
CA ASN A 34 -40.92 -11.94 -23.45
C ASN A 34 -39.72 -11.06 -23.13
N PRO A 35 -38.98 -10.58 -24.14
CA PRO A 35 -37.77 -9.80 -23.86
C PRO A 35 -38.04 -8.33 -23.62
N THR A 36 -39.06 -8.03 -22.81
CA THR A 36 -39.32 -6.69 -22.34
C THR A 36 -39.45 -6.76 -20.82
N VAL A 37 -39.06 -5.67 -20.17
CA VAL A 37 -38.94 -5.65 -18.73
C VAL A 37 -40.13 -4.95 -18.08
N LEU A 38 -40.50 -3.78 -18.58
CA LEU A 38 -41.60 -3.03 -17.99
C LEU A 38 -42.17 -2.11 -19.06
N ASP A 39 -43.49 -1.92 -19.00
CA ASP A 39 -44.21 -1.14 -19.99
C ASP A 39 -44.32 0.32 -19.56
N ASN A 40 -45.19 1.08 -20.21
CA ASN A 40 -45.44 2.46 -19.83
C ASN A 40 -46.16 2.52 -18.48
N LEU A 41 -45.86 3.59 -17.73
CA LEU A 41 -46.28 3.80 -16.35
C LEU A 41 -45.84 2.64 -15.45
N GLY A 42 -44.52 2.38 -15.49
CA GLY A 42 -43.79 1.61 -14.49
C GLY A 42 -44.27 0.24 -14.05
N HIS A 43 -45.19 -0.37 -14.79
CA HIS A 43 -45.65 -1.66 -14.29
C HIS A 43 -44.76 -2.78 -14.79
N PRO A 44 -44.52 -3.79 -13.96
CA PRO A 44 -43.81 -4.98 -14.45
C PRO A 44 -44.70 -5.79 -15.38
N VAL A 45 -44.21 -6.02 -16.60
CA VAL A 45 -44.99 -6.76 -17.60
C VAL A 45 -45.04 -8.22 -17.20
N SER A 46 -46.17 -8.86 -17.45
CA SER A 46 -46.35 -10.26 -17.08
C SER A 46 -45.61 -11.16 -18.06
N GLY A 47 -45.07 -12.26 -17.54
CA GLY A 47 -44.24 -13.12 -18.35
C GLY A 47 -42.90 -12.54 -18.71
N GLY A 48 -42.43 -11.55 -17.94
CA GLY A 48 -41.19 -10.87 -18.25
C GLY A 48 -40.16 -11.01 -17.15
N LEU A 49 -39.04 -10.29 -17.28
CA LEU A 49 -37.96 -10.39 -16.30
C LEU A 49 -38.39 -9.89 -14.94
N TYR A 50 -39.18 -8.82 -14.89
CA TYR A 50 -39.84 -8.39 -13.67
C TYR A 50 -41.27 -8.91 -13.73
N ASP A 51 -41.55 -9.91 -12.92
CA ASP A 51 -42.89 -10.48 -12.82
C ASP A 51 -43.25 -10.56 -11.36
N LEU A 52 -44.55 -10.48 -11.06
CA LEU A 52 -44.98 -10.55 -9.68
C LEU A 52 -44.92 -11.96 -9.12
N ALA A 53 -44.70 -12.96 -9.98
CA ALA A 53 -44.49 -14.31 -9.50
C ALA A 53 -43.07 -14.52 -9.00
N LEU A 54 -42.11 -13.75 -9.53
CA LEU A 54 -40.71 -13.86 -9.16
C LEU A 54 -40.35 -13.07 -7.91
N GLY A 55 -41.31 -12.64 -7.12
CA GLY A 55 -41.03 -11.84 -5.95
C GLY A 55 -41.64 -10.45 -6.03
N ALA A 56 -41.72 -9.77 -4.90
CA ALA A 56 -42.28 -8.42 -4.88
C ALA A 56 -41.31 -7.44 -5.54
N PHE A 57 -41.87 -6.35 -6.05
CA PHE A 57 -41.07 -5.37 -6.78
C PHE A 57 -41.71 -3.99 -6.69
N LEU A 58 -41.06 -3.10 -5.94
CA LEU A 58 -41.30 -1.65 -5.94
C LEU A 58 -42.75 -1.32 -5.55
N ARG A 59 -43.04 -1.64 -4.29
CA ARG A 59 -44.33 -1.37 -3.63
C ARG A 59 -45.47 -2.05 -4.38
N ASN A 60 -45.34 -3.37 -4.54
CA ASN A 60 -46.29 -4.17 -5.30
C ASN A 60 -46.15 -5.60 -4.80
N LEU A 61 -47.25 -6.19 -4.36
CA LEU A 61 -47.21 -7.47 -3.66
C LEU A 61 -46.84 -8.61 -4.61
N CYS A 62 -46.17 -9.61 -4.07
CA CYS A 62 -45.82 -10.80 -4.83
C CYS A 62 -47.06 -11.62 -5.17
N SER A 63 -46.94 -12.42 -6.22
CA SER A 63 -48.03 -13.30 -6.64
C SER A 63 -47.72 -14.76 -6.41
N THR A 64 -46.63 -15.07 -5.71
CA THR A 64 -46.30 -16.44 -5.33
C THR A 64 -46.58 -16.72 -3.86
N CYS A 65 -46.07 -15.87 -2.96
CA CYS A 65 -46.39 -15.97 -1.55
C CYS A 65 -47.28 -14.85 -1.04
N GLY A 66 -47.42 -13.78 -1.81
CA GLY A 66 -48.32 -12.71 -1.43
C GLY A 66 -47.80 -11.83 -0.31
N LEU A 67 -46.56 -11.36 -0.43
CA LEU A 67 -45.95 -10.49 0.55
C LEU A 67 -45.38 -9.26 -0.13
N ASP A 68 -45.01 -8.28 0.68
CA ASP A 68 -44.43 -7.05 0.17
C ASP A 68 -42.92 -7.22 0.04
N GLU A 69 -42.21 -6.10 -0.17
CA GLU A 69 -40.76 -6.13 -0.35
C GLU A 69 -40.04 -6.56 0.93
N LYS A 70 -40.60 -6.22 2.09
CA LYS A 70 -39.93 -6.47 3.36
C LYS A 70 -39.90 -7.94 3.74
N PHE A 71 -40.77 -8.77 3.16
CA PHE A 71 -40.92 -10.13 3.67
C PHE A 71 -40.80 -11.20 2.58
N CYS A 72 -41.09 -10.83 1.33
CA CYS A 72 -40.96 -11.80 0.25
C CYS A 72 -39.49 -12.03 -0.07
N PRO A 73 -38.98 -13.26 0.06
CA PRO A 73 -37.55 -13.49 -0.14
C PRO A 73 -37.12 -13.55 -1.60
N GLY A 74 -38.04 -13.39 -2.55
CA GLY A 74 -37.71 -13.56 -3.94
C GLY A 74 -37.84 -15.03 -4.35
N HIS A 75 -38.24 -15.29 -5.58
CA HIS A 75 -38.55 -16.64 -6.00
C HIS A 75 -37.85 -16.96 -7.30
N GLN A 76 -37.51 -18.23 -7.47
CA GLN A 76 -36.81 -18.68 -8.66
C GLN A 76 -37.72 -18.68 -9.87
N GLY A 77 -37.10 -18.70 -11.05
CA GLY A 77 -37.84 -18.81 -12.29
C GLY A 77 -36.90 -19.30 -13.37
N HIS A 78 -37.48 -19.82 -14.44
CA HIS A 78 -36.68 -20.39 -15.49
C HIS A 78 -37.15 -19.89 -16.85
N ILE A 79 -36.31 -20.05 -17.86
CA ILE A 79 -36.72 -19.85 -19.24
C ILE A 79 -36.51 -21.16 -19.97
N GLU A 80 -37.10 -21.27 -21.15
CA GLU A 80 -36.98 -22.46 -21.97
C GLU A 80 -36.15 -22.13 -23.20
N LEU A 81 -34.95 -22.68 -23.25
CA LEU A 81 -34.16 -22.59 -24.47
C LEU A 81 -34.56 -23.71 -25.41
N PRO A 82 -34.87 -23.42 -26.67
CA PRO A 82 -35.39 -24.46 -27.57
C PRO A 82 -34.30 -25.41 -28.04
N VAL A 83 -33.06 -24.94 -28.09
CA VAL A 83 -31.93 -25.80 -28.41
C VAL A 83 -31.19 -26.10 -27.12
N PRO A 84 -30.62 -27.29 -26.96
CA PRO A 84 -29.63 -27.49 -25.90
C PRO A 84 -28.38 -26.69 -26.22
N CYS A 85 -27.74 -26.18 -25.18
CA CYS A 85 -26.59 -25.30 -25.37
C CYS A 85 -25.54 -25.62 -24.33
N TYR A 86 -24.31 -25.25 -24.65
CA TYR A 86 -23.17 -25.64 -23.82
C TYR A 86 -23.12 -24.81 -22.55
N ASN A 87 -22.87 -25.48 -21.44
CA ASN A 87 -22.59 -24.78 -20.19
C ASN A 87 -21.09 -24.49 -20.20
N PRO A 88 -20.70 -23.20 -20.32
CA PRO A 88 -19.28 -22.89 -20.55
C PRO A 88 -18.37 -23.18 -19.38
N LEU A 89 -18.91 -23.48 -18.20
CA LEU A 89 -18.08 -23.94 -17.10
C LEU A 89 -17.57 -25.35 -17.36
N PHE A 90 -18.28 -26.13 -18.18
CA PHE A 90 -17.96 -27.54 -18.37
C PHE A 90 -17.56 -27.84 -19.80
N PHE A 91 -17.23 -26.82 -20.60
CA PHE A 91 -16.98 -27.06 -22.01
C PHE A 91 -15.63 -27.73 -22.23
N ASN A 92 -14.60 -27.32 -21.48
CA ASN A 92 -13.28 -27.92 -21.64
C ASN A 92 -13.25 -29.36 -21.18
N GLN A 93 -14.02 -29.70 -20.14
CA GLN A 93 -14.17 -31.10 -19.77
C GLN A 93 -15.11 -31.84 -20.72
N LEU A 94 -16.00 -31.13 -21.40
CA LEU A 94 -16.83 -31.79 -22.40
C LEU A 94 -16.03 -32.13 -23.64
N TYR A 95 -15.14 -31.23 -24.04
CA TYR A 95 -14.33 -31.40 -25.24
C TYR A 95 -13.30 -32.52 -25.10
N ILE A 96 -13.01 -32.97 -23.88
CA ILE A 96 -12.30 -34.22 -23.69
C ILE A 96 -13.19 -35.39 -24.08
N TYR A 97 -14.40 -35.45 -23.53
CA TYR A 97 -15.31 -36.54 -23.85
C TYR A 97 -15.99 -36.36 -25.20
N LEU A 98 -16.00 -35.15 -25.75
CA LEU A 98 -16.45 -34.96 -27.13
C LEU A 98 -15.50 -35.65 -28.09
N ARG A 99 -14.21 -35.51 -27.86
CA ARG A 99 -13.19 -36.34 -28.50
C ARG A 99 -13.11 -37.65 -27.73
N ALA A 100 -12.06 -38.44 -28.00
CA ALA A 100 -11.64 -39.61 -27.23
C ALA A 100 -12.68 -40.73 -27.20
N SER A 101 -13.67 -40.69 -28.08
CA SER A 101 -14.72 -41.70 -28.11
C SER A 101 -15.01 -42.05 -29.55
N CYS A 102 -15.23 -43.34 -29.80
CA CYS A 102 -15.56 -43.78 -31.15
C CYS A 102 -17.00 -43.40 -31.46
N LEU A 103 -17.21 -42.84 -32.65
CA LEU A 103 -18.54 -42.43 -33.09
C LEU A 103 -19.34 -43.57 -33.69
N PHE A 104 -18.89 -44.82 -33.56
CA PHE A 104 -19.53 -45.97 -34.19
C PHE A 104 -20.06 -46.98 -33.19
N CYS A 105 -19.22 -47.44 -32.26
CA CYS A 105 -19.69 -48.32 -31.20
C CYS A 105 -20.02 -47.56 -29.92
N HIS A 106 -19.65 -46.28 -29.86
CA HIS A 106 -19.94 -45.36 -28.75
C HIS A 106 -19.29 -45.84 -27.44
N HIS A 107 -18.10 -46.43 -27.56
CA HIS A 107 -17.17 -46.60 -26.47
C HIS A 107 -16.06 -45.56 -26.61
N PHE A 108 -15.20 -45.46 -25.59
CA PHE A 108 -14.00 -44.68 -25.79
C PHE A 108 -13.04 -45.45 -26.69
N ARG A 109 -12.08 -44.74 -27.26
CA ARG A 109 -11.24 -45.39 -28.26
C ARG A 109 -10.11 -46.21 -27.66
N LEU A 110 -10.01 -46.33 -26.34
CA LEU A 110 -9.13 -47.33 -25.76
C LEU A 110 -9.76 -48.71 -25.85
N LYS A 111 -8.98 -49.70 -25.47
CA LYS A 111 -9.54 -51.03 -25.26
C LYS A 111 -10.35 -51.04 -23.97
N SER A 112 -11.43 -51.84 -23.97
CA SER A 112 -12.36 -51.82 -22.85
C SER A 112 -11.84 -52.52 -21.61
N VAL A 113 -10.72 -53.25 -21.71
CA VAL A 113 -10.13 -53.85 -20.52
C VAL A 113 -9.21 -52.86 -19.81
N GLU A 114 -8.73 -51.84 -20.50
CA GLU A 114 -7.91 -50.82 -19.86
C GLU A 114 -8.75 -49.68 -19.32
N VAL A 115 -9.86 -49.36 -19.99
CA VAL A 115 -10.86 -48.45 -19.42
C VAL A 115 -11.47 -49.07 -18.17
N HIS A 116 -11.64 -50.39 -18.16
CA HIS A 116 -12.09 -51.08 -16.95
C HIS A 116 -11.05 -51.03 -15.85
N ARG A 117 -9.76 -50.91 -16.22
CA ARG A 117 -8.70 -50.86 -15.20
C ARG A 117 -8.75 -49.54 -14.42
N TYR A 118 -9.26 -48.48 -15.04
CA TYR A 118 -9.51 -47.23 -14.32
C TYR A 118 -10.88 -47.21 -13.66
N ALA A 119 -11.79 -48.08 -14.08
CA ALA A 119 -13.08 -48.18 -13.40
C ALA A 119 -12.96 -48.88 -12.06
N CYS A 120 -11.85 -49.56 -11.80
CA CYS A 120 -11.66 -50.28 -10.56
C CYS A 120 -10.53 -49.75 -9.70
N LYS A 121 -9.61 -48.95 -10.25
CA LYS A 121 -8.67 -48.23 -9.40
C LYS A 121 -9.36 -47.06 -8.72
N LEU A 122 -10.26 -46.38 -9.45
CA LEU A 122 -10.98 -45.24 -8.87
C LEU A 122 -12.00 -45.68 -7.83
N ARG A 123 -12.53 -46.89 -7.96
CA ARG A 123 -13.43 -47.42 -6.93
C ARG A 123 -12.67 -47.70 -5.64
N LEU A 124 -11.42 -48.12 -5.75
CA LEU A 124 -10.60 -48.30 -4.55
C LEU A 124 -10.21 -46.96 -3.95
N LEU A 125 -10.08 -45.92 -4.77
CA LEU A 125 -9.71 -44.60 -4.26
C LEU A 125 -10.87 -43.87 -3.61
N GLN A 126 -12.12 -44.22 -3.93
CA GLN A 126 -13.26 -43.63 -3.25
C GLN A 126 -13.28 -44.00 -1.78
N TYR A 127 -13.03 -45.27 -1.49
CA TYR A 127 -12.82 -45.71 -0.12
C TYR A 127 -11.37 -45.40 0.27
N GLY A 128 -11.07 -45.57 1.55
CA GLY A 128 -9.71 -45.32 1.99
C GLY A 128 -8.77 -46.47 1.70
N LEU A 129 -8.57 -46.77 0.42
CA LEU A 129 -7.80 -47.92 -0.04
C LEU A 129 -6.79 -47.50 -1.10
N ILE A 130 -5.99 -46.50 -0.76
CA ILE A 130 -4.97 -45.96 -1.66
C ILE A 130 -3.89 -46.99 -1.99
N ASP A 131 -3.54 -47.85 -1.05
CA ASP A 131 -2.42 -48.76 -1.26
C ASP A 131 -2.83 -49.99 -2.06
N GLU A 132 -4.08 -50.44 -1.92
CA GLU A 132 -4.56 -51.60 -2.67
C GLU A 132 -4.74 -51.30 -4.14
N SER A 133 -4.83 -50.04 -4.53
CA SER A 133 -5.03 -49.66 -5.92
C SER A 133 -3.77 -49.80 -6.76
N TYR A 134 -2.59 -49.90 -6.15
CA TYR A 134 -1.38 -50.20 -6.90
C TYR A 134 -1.14 -51.69 -7.04
N LYS A 135 -1.65 -52.50 -6.12
CA LYS A 135 -1.59 -53.94 -6.27
C LYS A 135 -2.49 -54.44 -7.40
N LEU A 136 -3.51 -53.66 -7.75
CA LEU A 136 -4.47 -54.03 -8.79
C LEU A 136 -3.85 -54.03 -10.17
N ASP A 137 -2.79 -53.26 -10.39
CA ASP A 137 -2.08 -53.30 -11.67
C ASP A 137 -1.28 -54.60 -11.82
N GLU A 138 -1.01 -55.30 -10.72
CA GLU A 138 -0.21 -56.52 -10.75
C GLU A 138 -1.07 -57.76 -10.97
N ILE A 139 -1.94 -57.70 -11.98
CA ILE A 139 -2.80 -58.81 -12.38
C ILE A 139 -2.70 -58.90 -13.90
N THR A 140 -1.99 -59.90 -14.40
CA THR A 140 -1.76 -60.00 -15.84
C THR A 140 -1.89 -61.44 -16.34
N ASP A 172 -5.55 -60.59 -32.33
CA ASP A 172 -4.27 -60.76 -31.68
C ASP A 172 -4.48 -61.40 -30.31
N ILE A 173 -5.37 -60.82 -29.51
CA ILE A 173 -5.73 -61.34 -28.20
C ILE A 173 -7.23 -61.60 -28.19
N SER A 174 -7.62 -62.82 -27.85
CA SER A 174 -9.03 -63.20 -27.82
C SER A 174 -9.74 -62.57 -26.63
N SER A 175 -11.06 -62.59 -26.68
CA SER A 175 -11.91 -62.08 -25.60
C SER A 175 -12.16 -63.13 -24.52
N THR A 176 -11.50 -64.28 -24.58
CA THR A 176 -11.69 -65.31 -23.57
C THR A 176 -10.95 -64.96 -22.28
N LEU A 177 -9.69 -64.56 -22.39
CA LEU A 177 -8.91 -64.19 -21.22
C LEU A 177 -9.07 -62.73 -20.84
N LEU A 178 -9.53 -61.88 -21.77
CA LEU A 178 -9.87 -60.51 -21.41
C LEU A 178 -11.09 -60.47 -20.50
N ASN A 179 -12.07 -61.35 -20.76
CA ASN A 179 -13.19 -61.50 -19.86
C ASN A 179 -12.76 -62.16 -18.56
N GLU A 180 -11.72 -63.01 -18.61
CA GLU A 180 -11.19 -63.60 -17.39
C GLU A 180 -10.41 -62.57 -16.57
N LEU A 181 -9.72 -61.66 -17.25
CA LEU A 181 -8.94 -60.62 -16.55
C LEU A 181 -9.87 -59.63 -15.86
N LYS A 182 -10.96 -59.24 -16.52
CA LYS A 182 -11.94 -58.34 -15.92
C LYS A 182 -12.70 -59.01 -14.79
N SER A 183 -12.74 -60.33 -14.76
CA SER A 183 -13.44 -61.03 -13.68
C SER A 183 -12.61 -61.07 -12.41
N LYS A 184 -11.31 -61.32 -12.52
CA LYS A 184 -10.45 -61.37 -11.34
C LYS A 184 -10.23 -59.99 -10.75
N ARG A 185 -10.11 -58.97 -11.60
CA ARG A 185 -9.95 -57.60 -11.11
C ARG A 185 -11.21 -57.11 -10.39
N SER A 186 -12.38 -57.49 -10.90
CA SER A 186 -13.62 -57.13 -10.22
C SER A 186 -13.77 -57.88 -8.90
N GLU A 187 -13.28 -59.11 -8.83
CA GLU A 187 -13.32 -59.85 -7.58
C GLU A 187 -12.21 -59.42 -6.64
N TYR A 188 -11.09 -58.90 -7.16
CA TYR A 188 -10.05 -58.40 -6.28
C TYR A 188 -10.47 -57.11 -5.59
N VAL A 189 -11.21 -56.26 -6.29
CA VAL A 189 -11.72 -55.04 -5.68
C VAL A 189 -12.79 -55.38 -4.65
N ASP A 190 -13.72 -56.26 -5.01
CA ASP A 190 -14.81 -56.61 -4.11
C ASP A 190 -14.35 -57.39 -2.89
N MET A 191 -13.23 -58.09 -2.97
CA MET A 191 -12.63 -58.67 -1.78
C MET A 191 -12.00 -57.59 -0.92
N ALA A 192 -11.37 -56.59 -1.54
CA ALA A 192 -10.63 -55.58 -0.82
C ALA A 192 -11.54 -54.56 -0.13
N ILE A 193 -12.68 -54.24 -0.73
CA ILE A 193 -13.60 -53.29 -0.13
C ILE A 193 -14.23 -53.87 1.12
N ALA A 194 -14.82 -55.06 1.01
CA ALA A 194 -15.53 -55.67 2.12
C ALA A 194 -14.60 -56.08 3.25
N LYS A 195 -13.32 -56.31 2.96
CA LYS A 195 -12.35 -56.56 4.02
C LYS A 195 -12.11 -55.30 4.83
N ALA A 196 -11.77 -54.20 4.15
CA ALA A 196 -11.43 -52.96 4.84
C ALA A 196 -12.66 -52.30 5.47
N LEU A 197 -13.83 -52.49 4.88
CA LEU A 197 -15.04 -51.93 5.47
C LEU A 197 -15.45 -52.71 6.72
N SER A 198 -15.06 -53.98 6.81
CA SER A 198 -15.32 -54.76 8.01
C SER A 198 -14.20 -54.64 9.03
N ASP A 199 -12.97 -54.36 8.58
CA ASP A 199 -11.85 -54.23 9.51
C ASP A 199 -11.65 -52.78 9.93
N GLY A 200 -12.74 -52.14 10.35
CA GLY A 200 -12.75 -50.80 10.94
C GLY A 200 -12.08 -49.66 10.22
N ARG A 201 -11.77 -49.82 8.94
CA ARG A 201 -10.93 -48.86 8.24
C ARG A 201 -11.72 -47.81 7.45
N THR A 202 -12.79 -48.20 6.78
CA THR A 202 -13.49 -47.26 5.90
C THR A 202 -14.99 -47.51 5.95
N THR A 203 -15.75 -46.47 6.28
CA THR A 203 -17.20 -46.53 6.25
C THR A 203 -17.67 -46.57 4.80
N GLU A 204 -18.91 -47.02 4.58
CA GLU A 204 -19.49 -47.06 3.24
C GLU A 204 -19.72 -45.68 2.64
N ARG A 205 -19.60 -44.61 3.42
CA ARG A 205 -19.51 -43.26 2.91
C ARG A 205 -18.12 -42.94 2.34
N GLY A 206 -17.15 -43.82 2.54
CA GLY A 206 -15.81 -43.61 2.05
C GLY A 206 -14.92 -42.90 3.06
N SER A 207 -13.63 -42.87 2.72
CA SER A 207 -12.63 -42.16 3.52
C SER A 207 -11.81 -41.28 2.57
N PHE A 208 -12.13 -39.99 2.54
CA PHE A 208 -11.54 -39.07 1.58
C PHE A 208 -10.68 -38.07 2.34
N THR A 209 -9.37 -38.15 2.14
CA THR A 209 -8.39 -37.27 2.74
C THR A 209 -7.63 -36.55 1.62
N ALA A 210 -6.57 -35.84 2.00
CA ALA A 210 -5.82 -35.05 1.03
C ALA A 210 -4.95 -35.92 0.13
N THR A 211 -4.24 -36.90 0.69
CA THR A 211 -3.34 -37.68 -0.14
C THR A 211 -4.04 -38.74 -0.97
N VAL A 212 -5.34 -38.98 -0.76
CA VAL A 212 -6.09 -39.77 -1.73
C VAL A 212 -6.77 -38.87 -2.75
N ASN A 213 -6.89 -37.57 -2.47
CA ASN A 213 -7.21 -36.59 -3.49
C ASN A 213 -6.00 -36.31 -4.37
N ASP A 214 -4.81 -36.55 -3.84
CA ASP A 214 -3.59 -36.48 -4.65
C ASP A 214 -3.59 -37.58 -5.70
N GLU A 215 -3.86 -38.81 -5.30
CA GLU A 215 -3.77 -39.93 -6.23
C GLU A 215 -4.99 -40.02 -7.13
N ARG A 216 -6.11 -39.43 -6.70
CA ARG A 216 -7.28 -39.41 -7.57
C ARG A 216 -7.09 -38.42 -8.71
N LYS A 217 -6.60 -37.21 -8.39
CA LYS A 217 -6.30 -36.23 -9.43
C LYS A 217 -5.11 -36.64 -10.28
N LYS A 218 -4.22 -37.47 -9.74
CA LYS A 218 -3.11 -37.97 -10.54
C LYS A 218 -3.59 -39.03 -11.52
N LEU A 219 -4.64 -39.76 -11.16
CA LEU A 219 -5.10 -40.86 -11.99
C LEU A 219 -6.02 -40.38 -13.10
N VAL A 220 -6.91 -39.44 -12.79
CA VAL A 220 -7.84 -38.90 -13.79
C VAL A 220 -7.09 -38.10 -14.84
N HIS A 221 -6.09 -37.33 -14.42
CA HIS A 221 -5.27 -36.60 -15.39
C HIS A 221 -4.35 -37.52 -16.19
N GLU A 222 -4.16 -38.76 -15.75
CA GLU A 222 -3.57 -39.78 -16.60
C GLU A 222 -4.63 -40.48 -17.43
N PHE A 223 -5.85 -40.59 -16.91
CA PHE A 223 -6.95 -41.18 -17.67
C PHE A 223 -7.35 -40.29 -18.84
N HIS A 224 -7.44 -38.98 -18.61
CA HIS A 224 -7.83 -38.07 -19.68
C HIS A 224 -6.69 -37.82 -20.65
N LYS A 225 -5.43 -37.95 -20.21
CA LYS A 225 -4.31 -37.80 -21.13
C LYS A 225 -4.23 -38.97 -22.09
N LYS A 226 -4.64 -40.15 -21.65
CA LYS A 226 -4.53 -41.35 -22.47
C LYS A 226 -5.76 -41.58 -23.33
N LEU A 227 -6.92 -41.06 -22.91
CA LEU A 227 -8.10 -41.08 -23.78
C LEU A 227 -7.89 -40.24 -25.03
N LEU A 228 -7.30 -39.06 -24.87
CA LEU A 228 -7.10 -38.18 -26.00
C LEU A 228 -5.96 -38.60 -26.90
N SER A 229 -5.16 -39.58 -26.49
CA SER A 229 -4.09 -40.13 -27.33
C SER A 229 -4.56 -41.48 -27.87
N ARG A 230 -5.35 -41.42 -28.95
CA ARG A 230 -5.86 -42.61 -29.60
C ARG A 230 -5.96 -42.37 -31.10
N GLY A 231 -5.55 -43.36 -31.88
CA GLY A 231 -5.78 -43.34 -33.30
C GLY A 231 -7.03 -44.09 -33.72
N LYS A 232 -7.13 -45.35 -33.31
CA LYS A 232 -8.25 -46.20 -33.68
C LYS A 232 -8.95 -46.72 -32.44
N CYS A 233 -10.24 -46.96 -32.56
CA CYS A 233 -11.00 -47.60 -31.51
C CYS A 233 -10.53 -49.04 -31.35
N ASP A 234 -10.13 -49.40 -30.13
CA ASP A 234 -9.59 -50.72 -29.85
C ASP A 234 -10.66 -51.72 -29.46
N ASN A 235 -11.92 -51.40 -29.72
CA ASN A 235 -13.02 -52.35 -29.65
C ASN A 235 -13.55 -52.72 -31.02
N CYS A 236 -13.56 -51.77 -31.94
CA CYS A 236 -13.79 -52.02 -33.36
C CYS A 236 -12.81 -51.15 -34.14
N GLY A 237 -11.91 -51.79 -34.87
CA GLY A 237 -10.73 -51.11 -35.37
C GLY A 237 -10.91 -50.19 -36.56
N MET A 238 -11.65 -49.09 -36.40
CA MET A 238 -11.72 -48.09 -37.44
C MET A 238 -11.75 -46.69 -36.82
N PHE A 239 -11.55 -45.70 -37.67
CA PHE A 239 -11.29 -44.33 -37.28
C PHE A 239 -12.57 -43.54 -37.03
N SER A 240 -12.39 -42.39 -36.39
CA SER A 240 -13.37 -41.33 -36.23
C SER A 240 -12.71 -40.02 -36.65
N PRO A 241 -13.46 -39.07 -37.21
CA PRO A 241 -12.84 -37.82 -37.63
C PRO A 241 -12.45 -36.96 -36.44
N LYS A 242 -11.37 -36.21 -36.61
CA LYS A 242 -10.91 -35.32 -35.56
C LYS A 242 -11.86 -34.15 -35.39
N PHE A 243 -12.03 -33.72 -34.14
CA PHE A 243 -12.84 -32.56 -33.81
C PHE A 243 -11.97 -31.32 -33.70
N ARG A 244 -12.62 -30.17 -33.57
CA ARG A 244 -11.88 -28.91 -33.47
C ARG A 244 -12.66 -27.94 -32.59
N LYS A 245 -11.96 -27.34 -31.63
CA LYS A 245 -12.52 -26.31 -30.76
C LYS A 245 -11.98 -24.97 -31.26
N ASP A 246 -12.82 -24.24 -32.00
CA ASP A 246 -12.43 -22.92 -32.49
C ASP A 246 -12.28 -21.92 -31.36
N GLY A 247 -13.02 -22.13 -30.28
CA GLY A 247 -13.06 -21.21 -29.15
C GLY A 247 -14.26 -21.64 -28.34
N PHE A 248 -15.15 -20.72 -28.05
CA PHE A 248 -16.47 -21.11 -27.62
C PHE A 248 -17.46 -20.73 -28.71
N THR A 249 -18.74 -21.03 -28.47
CA THR A 249 -19.92 -20.80 -29.32
C THR A 249 -19.94 -21.66 -30.59
N LYS A 250 -18.90 -22.45 -30.84
CA LYS A 250 -18.81 -23.25 -32.05
C LYS A 250 -18.11 -24.56 -31.73
N ILE A 251 -18.33 -25.54 -32.61
CA ILE A 251 -17.69 -26.84 -32.53
C ILE A 251 -17.63 -27.42 -33.95
N PHE A 252 -16.48 -27.99 -34.32
CA PHE A 252 -16.24 -28.47 -35.66
C PHE A 252 -15.64 -29.86 -35.61
N GLU A 253 -15.87 -30.62 -36.69
CA GLU A 253 -15.15 -31.86 -36.91
C GLU A 253 -14.54 -31.84 -38.31
N THR A 254 -13.29 -32.26 -38.41
CA THR A 254 -12.52 -32.09 -39.63
C THR A 254 -12.81 -33.23 -40.60
N ALA A 255 -12.05 -33.30 -41.67
CA ALA A 255 -12.28 -34.27 -42.74
C ALA A 255 -11.42 -35.51 -42.51
N LEU A 256 -12.06 -36.67 -42.49
CA LEU A 256 -11.33 -37.93 -42.43
C LEU A 256 -10.67 -38.20 -43.77
N ASN A 257 -9.37 -38.49 -43.74
CA ASN A 257 -8.56 -38.51 -44.95
C ASN A 257 -8.88 -39.74 -45.81
N GLU A 258 -8.30 -39.76 -47.01
CA GLU A 258 -8.60 -40.81 -47.98
C GLU A 258 -7.79 -42.08 -47.76
N LYS A 259 -6.69 -42.00 -47.02
CA LYS A 259 -5.92 -43.21 -46.76
C LYS A 259 -6.59 -44.11 -45.74
N GLN A 260 -7.35 -43.54 -44.80
CA GLN A 260 -7.83 -44.31 -43.66
C GLN A 260 -9.33 -44.53 -43.70
N ILE A 261 -10.02 -44.14 -44.77
CA ILE A 261 -11.38 -44.60 -44.99
C ILE A 261 -11.40 -46.05 -45.48
N THR A 262 -10.24 -46.56 -45.89
CA THR A 262 -10.13 -47.97 -46.28
C THR A 262 -10.40 -48.89 -45.10
N ASN A 263 -9.94 -48.51 -43.91
CA ASN A 263 -10.20 -49.30 -42.71
C ASN A 263 -11.65 -49.22 -42.28
N ASN A 264 -12.35 -48.15 -42.66
CA ASN A 264 -13.79 -48.09 -42.44
C ASN A 264 -14.53 -49.04 -43.36
N ARG A 265 -14.00 -49.27 -44.57
CA ARG A 265 -14.68 -50.09 -45.56
C ARG A 265 -14.45 -51.58 -45.38
N VAL A 266 -13.71 -52.00 -44.36
CA VAL A 266 -13.42 -53.42 -44.16
C VAL A 266 -14.06 -53.95 -42.88
N LYS A 267 -15.10 -53.30 -42.38
CA LYS A 267 -15.79 -53.76 -41.19
C LYS A 267 -16.81 -54.85 -41.46
N GLY A 268 -17.06 -55.19 -42.72
CA GLY A 268 -18.04 -56.20 -43.05
C GLY A 268 -17.62 -57.62 -42.72
N SER A 312 -14.07 -28.54 -40.42
CA SER A 312 -14.68 -28.23 -41.72
C SER A 312 -16.20 -28.16 -41.61
N THR A 313 -16.79 -29.15 -40.97
CA THR A 313 -18.24 -29.24 -40.82
C THR A 313 -18.64 -28.75 -39.43
N TYR A 314 -19.54 -27.77 -39.39
CA TYR A 314 -20.08 -27.25 -38.13
C TYR A 314 -21.14 -28.22 -37.62
N ILE A 315 -20.78 -29.01 -36.63
CA ILE A 315 -21.76 -29.87 -35.97
C ILE A 315 -22.56 -29.06 -34.97
N LEU A 316 -23.80 -29.46 -34.76
CA LEU A 316 -24.74 -28.71 -33.95
C LEU A 316 -24.53 -29.04 -32.48
N SER A 317 -25.46 -28.58 -31.65
CA SER A 317 -25.45 -28.91 -30.23
C SER A 317 -26.43 -30.01 -29.87
N THR A 318 -27.46 -30.24 -30.70
CA THR A 318 -28.28 -31.42 -30.55
C THR A 318 -27.52 -32.67 -30.98
N GLU A 319 -26.59 -32.51 -31.92
CA GLU A 319 -25.83 -33.63 -32.43
C GLU A 319 -24.83 -34.13 -31.39
N VAL A 320 -24.11 -33.20 -30.75
CA VAL A 320 -23.11 -33.56 -29.76
C VAL A 320 -23.75 -34.20 -28.53
N LYS A 321 -24.89 -33.65 -28.08
CA LYS A 321 -25.62 -34.22 -26.97
C LYS A 321 -26.13 -35.63 -27.29
N ASN A 322 -26.49 -35.88 -28.54
CA ASN A 322 -26.96 -37.20 -28.92
C ASN A 322 -25.83 -38.21 -29.00
N ILE A 323 -24.60 -37.74 -29.26
CA ILE A 323 -23.44 -38.63 -29.22
C ILE A 323 -23.17 -39.05 -27.78
N LEU A 324 -23.04 -38.09 -26.88
CA LEU A 324 -22.65 -38.38 -25.50
C LEU A 324 -23.78 -39.01 -24.69
N ASP A 325 -25.02 -38.95 -25.16
CA ASP A 325 -26.08 -39.75 -24.55
C ASP A 325 -25.82 -41.24 -24.75
N THR A 326 -25.21 -41.62 -25.86
CA THR A 326 -24.95 -43.04 -26.11
C THR A 326 -23.65 -43.48 -25.46
N VAL A 327 -22.68 -42.57 -25.33
CA VAL A 327 -21.38 -42.91 -24.77
C VAL A 327 -21.51 -43.20 -23.27
N PHE A 328 -22.27 -42.38 -22.56
CA PHE A 328 -22.44 -42.56 -21.12
C PHE A 328 -23.33 -43.74 -20.75
N ARG A 329 -24.00 -44.37 -21.71
CA ARG A 329 -24.75 -45.59 -21.43
C ARG A 329 -23.95 -46.84 -21.72
N LYS A 330 -23.14 -46.82 -22.78
CA LYS A 330 -22.24 -47.95 -23.05
C LYS A 330 -21.10 -48.02 -22.05
N GLU A 331 -20.77 -46.90 -21.40
CA GLU A 331 -19.67 -46.80 -20.45
C GLU A 331 -20.16 -46.16 -19.15
N GLN A 332 -21.30 -46.64 -18.67
CA GLN A 332 -21.82 -46.17 -17.40
C GLN A 332 -20.96 -46.65 -16.24
N CYS A 333 -20.33 -47.81 -16.37
CA CYS A 333 -19.56 -48.42 -15.29
C CYS A 333 -18.28 -47.68 -14.96
N VAL A 334 -17.84 -46.75 -15.80
CA VAL A 334 -16.59 -46.05 -15.60
C VAL A 334 -16.80 -44.61 -15.15
N LEU A 335 -17.80 -43.94 -15.70
CA LEU A 335 -18.01 -42.54 -15.36
C LEU A 335 -18.67 -42.34 -14.01
N GLN A 336 -19.18 -43.40 -13.39
CA GLN A 336 -19.67 -43.30 -12.02
C GLN A 336 -18.56 -43.04 -11.03
N TYR A 337 -17.33 -43.42 -11.36
CA TYR A 337 -16.20 -43.23 -10.47
C TYR A 337 -15.35 -42.04 -10.85
N VAL A 338 -15.50 -41.53 -12.07
CA VAL A 338 -14.78 -40.33 -12.49
C VAL A 338 -15.45 -39.09 -11.92
N PHE A 339 -16.78 -39.09 -11.82
CA PHE A 339 -17.53 -37.94 -11.31
C PHE A 339 -17.92 -38.10 -9.85
N HIS A 340 -17.26 -38.98 -9.10
CA HIS A 340 -17.59 -39.16 -7.70
C HIS A 340 -16.32 -39.44 -6.91
N SER A 341 -16.06 -38.61 -5.90
CA SER A 341 -14.91 -38.79 -5.03
C SER A 341 -15.23 -39.60 -3.78
N ARG A 342 -16.37 -39.38 -3.19
CA ARG A 342 -16.94 -40.32 -2.25
C ARG A 342 -17.90 -41.24 -2.99
N PRO A 343 -18.20 -42.44 -2.47
CA PRO A 343 -19.09 -43.35 -3.20
C PRO A 343 -20.50 -42.82 -3.36
N ASN A 344 -21.09 -43.12 -4.52
CA ASN A 344 -22.42 -42.65 -4.88
C ASN A 344 -23.44 -43.49 -4.15
N LEU A 345 -23.86 -43.00 -2.97
CA LEU A 345 -24.87 -43.71 -2.19
C LEU A 345 -26.28 -43.49 -2.75
N SER A 346 -26.50 -42.39 -3.47
CA SER A 346 -27.81 -42.13 -4.04
C SER A 346 -28.07 -42.92 -5.31
N ARG A 347 -27.02 -43.50 -5.91
CA ARG A 347 -27.08 -44.32 -7.13
C ARG A 347 -27.71 -43.57 -8.30
N LYS A 348 -27.45 -42.27 -8.40
CA LYS A 348 -27.87 -41.53 -9.57
C LYS A 348 -27.01 -41.90 -10.78
N LEU A 349 -27.53 -41.59 -11.96
CA LEU A 349 -26.82 -41.87 -13.20
C LEU A 349 -26.19 -40.58 -13.70
N VAL A 350 -24.91 -40.64 -14.05
CA VAL A 350 -24.26 -39.50 -14.68
C VAL A 350 -24.71 -39.44 -16.15
N LYS A 351 -25.23 -38.29 -16.56
CA LYS A 351 -25.87 -38.16 -17.85
C LYS A 351 -25.17 -37.08 -18.66
N ALA A 352 -25.38 -37.14 -19.98
CA ALA A 352 -24.80 -36.14 -20.87
C ALA A 352 -25.51 -34.80 -20.79
N ASP A 353 -26.74 -34.77 -20.26
CA ASP A 353 -27.46 -33.52 -20.05
C ASP A 353 -26.81 -32.66 -18.96
N SER A 354 -25.95 -33.26 -18.13
CA SER A 354 -25.22 -32.53 -17.09
C SER A 354 -24.32 -31.45 -17.67
N PHE A 355 -23.59 -31.77 -18.74
CA PHE A 355 -22.70 -30.79 -19.34
C PHE A 355 -23.42 -29.73 -20.15
N PHE A 356 -24.66 -30.00 -20.54
CA PHE A 356 -25.45 -29.05 -21.29
C PHE A 356 -26.38 -28.32 -20.33
N MET A 357 -27.10 -27.34 -20.86
CA MET A 357 -28.14 -26.68 -20.09
C MET A 357 -29.27 -26.29 -21.03
N ASP A 358 -30.34 -27.09 -21.00
CA ASP A 358 -31.50 -26.83 -21.83
C ASP A 358 -32.36 -25.71 -21.27
N VAL A 359 -32.15 -25.35 -20.00
CA VAL A 359 -33.01 -24.43 -19.26
C VAL A 359 -32.12 -23.51 -18.43
N LEU A 360 -32.20 -22.22 -18.68
CA LEU A 360 -31.59 -21.22 -17.80
C LEU A 360 -32.47 -20.96 -16.59
N VAL A 361 -31.85 -20.42 -15.54
CA VAL A 361 -32.55 -20.05 -14.32
C VAL A 361 -32.39 -18.56 -14.13
N VAL A 362 -33.50 -17.82 -14.14
CA VAL A 362 -33.41 -16.41 -13.81
C VAL A 362 -33.31 -16.32 -12.30
N PRO A 363 -32.54 -15.38 -11.76
CA PRO A 363 -32.47 -15.23 -10.31
C PRO A 363 -33.75 -14.61 -9.77
N PRO A 364 -33.97 -14.65 -8.46
CA PRO A 364 -35.08 -13.88 -7.90
C PRO A 364 -34.88 -12.39 -8.09
N THR A 365 -35.99 -11.67 -8.28
CA THR A 365 -35.90 -10.26 -8.66
C THR A 365 -35.45 -9.36 -7.52
N ARG A 366 -35.38 -9.87 -6.28
CA ARG A 366 -34.71 -9.15 -5.21
C ARG A 366 -33.24 -8.97 -5.52
N PHE A 367 -32.61 -9.98 -6.10
CA PHE A 367 -31.18 -9.96 -6.34
C PHE A 367 -30.81 -9.27 -7.65
N ARG A 368 -31.78 -8.70 -8.37
CA ARG A 368 -31.44 -7.89 -9.54
C ARG A 368 -32.34 -6.64 -9.61
N LEU A 369 -32.55 -6.01 -8.46
CA LEU A 369 -33.28 -4.75 -8.39
C LEU A 369 -32.50 -3.64 -9.12
N PRO A 370 -33.22 -2.72 -9.78
CA PRO A 370 -32.52 -1.68 -10.56
C PRO A 370 -31.88 -0.64 -9.65
N SER A 371 -30.69 -0.21 -10.04
CA SER A 371 -29.91 0.76 -9.26
C SER A 371 -30.56 2.13 -9.41
N LYS A 372 -31.24 2.58 -8.36
CA LYS A 372 -31.91 3.87 -8.37
C LYS A 372 -30.95 4.98 -7.98
N LEU A 373 -30.86 6.01 -8.83
CA LEU A 373 -30.06 7.19 -8.54
C LEU A 373 -30.95 8.39 -8.82
N GLY A 374 -31.72 8.79 -7.81
CA GLY A 374 -32.73 9.81 -7.97
C GLY A 374 -33.77 9.43 -9.01
N GLU A 375 -33.68 10.05 -10.18
CA GLU A 375 -34.45 9.66 -11.34
C GLU A 375 -33.65 8.84 -12.34
N GLU A 376 -32.32 8.87 -12.26
CA GLU A 376 -31.45 8.12 -13.17
C GLU A 376 -31.55 6.64 -12.82
N VAL A 377 -32.58 6.00 -13.35
CA VAL A 377 -32.86 4.59 -13.06
C VAL A 377 -32.38 3.75 -14.22
N HIS A 378 -31.39 2.91 -13.97
CA HIS A 378 -30.95 1.89 -14.91
C HIS A 378 -31.25 0.52 -14.32
N GLU A 379 -31.80 -0.35 -15.15
CA GLU A 379 -32.05 -1.72 -14.74
C GLU A 379 -30.74 -2.46 -14.51
N ASN A 380 -30.78 -3.47 -13.65
CA ASN A 380 -29.59 -4.25 -13.36
C ASN A 380 -29.22 -5.07 -14.59
N SER A 381 -27.93 -5.08 -14.91
CA SER A 381 -27.47 -5.56 -16.20
C SER A 381 -27.55 -7.07 -16.37
N GLN A 382 -27.97 -7.82 -15.34
CA GLN A 382 -28.33 -9.21 -15.59
C GLN A 382 -29.65 -9.31 -16.34
N ASN A 383 -30.53 -8.33 -16.18
CA ASN A 383 -31.71 -8.27 -17.04
C ASN A 383 -31.31 -7.98 -18.48
N GLN A 384 -30.28 -7.17 -18.68
CA GLN A 384 -29.86 -6.82 -20.02
C GLN A 384 -29.19 -7.98 -20.73
N LEU A 385 -28.57 -8.88 -19.97
CA LEU A 385 -28.05 -10.10 -20.56
C LEU A 385 -29.16 -11.10 -20.85
N LEU A 386 -30.12 -11.22 -19.92
CA LEU A 386 -31.23 -12.14 -20.13
C LEU A 386 -32.22 -11.62 -21.16
N SER A 387 -32.25 -10.31 -21.42
CA SER A 387 -33.09 -9.80 -22.48
C SER A 387 -32.58 -10.25 -23.84
N LYS A 388 -31.26 -10.31 -24.01
CA LYS A 388 -30.69 -10.75 -25.27
C LYS A 388 -30.87 -12.26 -25.46
N VAL A 389 -31.00 -13.01 -24.35
CA VAL A 389 -31.28 -14.44 -24.45
C VAL A 389 -32.72 -14.65 -24.91
N LEU A 390 -33.65 -13.86 -24.39
CA LEU A 390 -35.05 -14.00 -24.78
C LEU A 390 -35.34 -13.45 -26.16
N THR A 391 -34.56 -12.46 -26.61
CA THR A 391 -34.75 -11.92 -27.95
C THR A 391 -34.39 -12.94 -29.01
N THR A 392 -33.26 -13.63 -28.83
CA THR A 392 -32.85 -14.66 -29.77
C THR A 392 -33.76 -15.89 -29.66
N SER A 393 -34.26 -16.19 -28.46
CA SER A 393 -35.13 -17.35 -28.28
C SER A 393 -36.49 -17.15 -28.95
N LEU A 394 -37.00 -15.93 -29.00
CA LEU A 394 -38.19 -15.67 -29.79
C LEU A 394 -37.87 -15.30 -31.23
N LEU A 395 -36.60 -15.07 -31.55
CA LEU A 395 -36.19 -15.02 -32.94
C LEU A 395 -36.17 -16.43 -33.52
N ILE A 396 -35.57 -17.37 -32.80
CA ILE A 396 -35.32 -18.70 -33.33
C ILE A 396 -36.59 -19.54 -33.41
N ARG A 397 -37.64 -19.16 -32.68
CA ARG A 397 -38.90 -19.88 -32.78
C ARG A 397 -39.64 -19.47 -34.05
N ASP A 398 -39.60 -18.19 -34.41
CA ASP A 398 -40.21 -17.75 -35.65
C ASP A 398 -39.42 -18.20 -36.86
N LEU A 399 -38.12 -18.41 -36.70
CA LEU A 399 -37.35 -19.10 -37.73
C LEU A 399 -37.82 -20.53 -37.91
N ASN A 400 -38.27 -21.18 -36.82
CA ASN A 400 -38.83 -22.52 -36.90
C ASN A 400 -40.30 -22.52 -37.32
N ASP A 401 -40.94 -21.35 -37.38
CA ASP A 401 -42.26 -21.28 -38.00
C ASP A 401 -42.15 -21.46 -39.51
N ASP A 402 -41.05 -20.99 -40.10
CA ASP A 402 -40.87 -21.12 -41.55
C ASP A 402 -40.45 -22.54 -41.93
N LEU A 403 -39.98 -23.34 -40.97
CA LEU A 403 -39.85 -24.77 -41.21
C LEU A 403 -41.20 -25.43 -41.40
N SER A 404 -42.23 -24.94 -40.71
CA SER A 404 -43.59 -25.43 -40.90
C SER A 404 -44.26 -24.87 -42.14
N LYS A 405 -43.66 -23.84 -42.78
CA LYS A 405 -44.17 -23.37 -44.06
C LYS A 405 -43.68 -24.19 -45.23
N LEU A 406 -42.47 -24.74 -45.12
CA LEU A 406 -41.85 -25.42 -46.25
C LEU A 406 -41.81 -26.93 -46.01
N LEU A 413 -37.26 -24.44 -53.02
CA LEU A 413 -35.98 -25.00 -52.62
C LEU A 413 -35.01 -23.85 -52.36
N GLU A 414 -35.25 -22.71 -53.00
CA GLU A 414 -34.43 -21.53 -52.76
C GLU A 414 -34.71 -20.95 -51.37
N ASP A 415 -35.99 -20.96 -50.96
CA ASP A 415 -36.36 -20.48 -49.63
C ASP A 415 -35.87 -21.43 -48.54
N ARG A 416 -35.64 -22.70 -48.88
CA ARG A 416 -35.05 -23.64 -47.94
C ARG A 416 -33.63 -23.25 -47.55
N ARG A 417 -32.89 -22.66 -48.49
CA ARG A 417 -31.48 -22.35 -48.24
C ARG A 417 -31.32 -21.14 -47.33
N VAL A 418 -32.05 -20.06 -47.61
CA VAL A 418 -31.77 -18.81 -46.91
C VAL A 418 -32.33 -18.80 -45.49
N ILE A 419 -33.44 -19.50 -45.24
CA ILE A 419 -34.00 -19.48 -43.90
C ILE A 419 -33.28 -20.44 -42.98
N PHE A 420 -32.55 -21.41 -43.53
CA PHE A 420 -31.80 -22.37 -42.74
C PHE A 420 -30.38 -21.91 -42.48
N SER A 421 -29.81 -21.11 -43.38
CA SER A 421 -28.50 -20.53 -43.13
C SER A 421 -28.55 -19.48 -42.03
N ARG A 422 -29.69 -18.80 -41.90
CA ARG A 422 -29.85 -17.83 -40.83
C ARG A 422 -30.32 -18.52 -39.55
N LEU A 423 -30.99 -19.67 -39.68
CA LEU A 423 -31.30 -20.49 -38.51
C LEU A 423 -30.04 -21.06 -37.90
N MET A 424 -29.11 -21.54 -38.73
CA MET A 424 -27.84 -22.04 -38.24
C MET A 424 -26.96 -20.92 -37.70
N ASN A 425 -27.14 -19.69 -38.21
CA ASN A 425 -26.48 -18.55 -37.59
C ASN A 425 -27.09 -18.25 -36.23
N ALA A 426 -28.41 -18.45 -36.08
CA ALA A 426 -29.06 -18.22 -34.80
C ALA A 426 -28.75 -19.31 -33.79
N PHE A 427 -28.28 -20.48 -34.23
CA PHE A 427 -27.80 -21.49 -33.30
C PHE A 427 -26.54 -21.03 -32.60
N VAL A 428 -25.69 -20.27 -33.29
CA VAL A 428 -24.45 -19.77 -32.68
C VAL A 428 -24.77 -18.67 -31.69
N THR A 429 -25.63 -17.74 -32.07
CA THR A 429 -25.86 -16.53 -31.29
C THR A 429 -26.63 -16.79 -30.00
N ILE A 430 -27.41 -17.87 -29.92
CA ILE A 430 -28.07 -18.15 -28.66
C ILE A 430 -27.10 -18.80 -27.68
N GLN A 431 -26.08 -19.51 -28.19
CA GLN A 431 -24.97 -19.93 -27.34
C GLN A 431 -24.16 -18.73 -26.90
N ASN A 432 -23.92 -17.78 -27.80
CA ASN A 432 -23.17 -16.57 -27.47
C ASN A 432 -23.92 -15.67 -26.49
N ASP A 433 -25.23 -15.86 -26.32
CA ASP A 433 -25.96 -15.15 -25.28
C ASP A 433 -25.83 -15.85 -23.94
N VAL A 434 -25.93 -17.19 -23.93
CA VAL A 434 -25.84 -17.91 -22.66
C VAL A 434 -24.40 -17.96 -22.17
N ASN A 435 -23.42 -17.77 -23.06
CA ASN A 435 -22.06 -17.55 -22.58
C ASN A 435 -21.94 -16.18 -21.92
N ALA A 436 -22.46 -15.15 -22.57
CA ALA A 436 -22.30 -13.77 -22.08
C ALA A 436 -23.04 -13.54 -20.77
N PHE A 437 -24.12 -14.29 -20.54
CA PHE A 437 -24.78 -14.24 -19.24
C PHE A 437 -23.92 -14.90 -18.16
N ILE A 438 -23.26 -16.00 -18.51
CA ILE A 438 -22.51 -16.73 -17.51
C ILE A 438 -21.11 -16.15 -17.34
N ASP A 439 -20.42 -15.89 -18.44
CA ASP A 439 -19.03 -15.43 -18.35
C ASP A 439 -18.79 -14.37 -19.41
N SER A 440 -18.39 -13.17 -18.97
CA SER A 440 -18.19 -12.06 -19.87
C SER A 440 -16.92 -12.18 -20.71
N THR A 441 -16.01 -13.09 -20.37
CA THR A 441 -14.82 -13.28 -21.19
C THR A 441 -14.97 -14.41 -22.19
N LYS A 442 -15.97 -15.28 -22.03
CA LYS A 442 -16.22 -16.37 -22.96
C LYS A 442 -17.24 -16.00 -24.02
N ALA A 443 -17.34 -14.72 -24.37
CA ALA A 443 -18.31 -14.27 -25.36
C ALA A 443 -17.74 -13.07 -26.09
N GLN A 444 -17.67 -13.17 -27.41
CA GLN A 444 -17.04 -12.14 -28.23
C GLN A 444 -17.96 -10.94 -28.42
N GLY A 445 -17.36 -9.76 -28.50
CA GLY A 445 -18.10 -8.52 -28.62
C GLY A 445 -17.38 -7.49 -29.47
N VAL A 451 -16.37 -1.59 -21.43
CA VAL A 451 -17.32 -1.84 -22.51
C VAL A 451 -18.21 -3.11 -22.35
N PRO A 452 -17.68 -4.31 -22.07
CA PRO A 452 -18.58 -5.46 -21.91
C PRO A 452 -19.30 -5.46 -20.57
N ILE A 453 -20.40 -6.20 -20.54
CA ILE A 453 -21.26 -6.32 -19.36
C ILE A 453 -20.78 -7.48 -18.50
N PRO A 454 -20.58 -7.28 -17.20
CA PRO A 454 -20.04 -8.34 -16.34
C PRO A 454 -21.03 -9.49 -16.16
N GLY A 455 -20.58 -10.69 -16.49
CA GLY A 455 -21.40 -11.88 -16.37
C GLY A 455 -21.42 -12.40 -14.95
N VAL A 456 -21.96 -13.61 -14.79
CA VAL A 456 -22.16 -14.12 -13.45
C VAL A 456 -20.89 -14.77 -12.91
N LYS A 457 -19.91 -15.09 -13.76
CA LYS A 457 -18.63 -15.55 -13.23
C LYS A 457 -17.86 -14.41 -12.60
N GLN A 458 -17.89 -13.25 -13.23
CA GLN A 458 -17.06 -12.12 -12.82
C GLN A 458 -17.62 -11.36 -11.63
N ALA A 459 -18.79 -11.75 -11.13
CA ALA A 459 -19.27 -11.29 -9.84
C ALA A 459 -18.85 -12.21 -8.70
N LEU A 460 -17.81 -13.02 -8.92
CA LEU A 460 -17.32 -13.96 -7.91
C LEU A 460 -15.80 -14.00 -7.76
N GLU A 461 -15.03 -13.52 -8.73
CA GLU A 461 -13.65 -14.00 -8.87
C GLU A 461 -12.66 -13.34 -7.92
N LYS A 462 -12.40 -12.07 -8.10
CA LYS A 462 -11.19 -11.46 -7.57
C LYS A 462 -11.51 -10.66 -6.32
N LYS A 463 -10.53 -9.90 -5.85
CA LYS A 463 -10.86 -8.72 -5.07
C LYS A 463 -11.75 -7.83 -5.94
N GLU A 464 -12.78 -7.25 -5.32
CA GLU A 464 -14.04 -6.86 -5.96
C GLU A 464 -14.64 -8.07 -6.68
N GLY A 465 -15.01 -9.03 -5.84
CA GLY A 465 -15.74 -10.21 -6.27
C GLY A 465 -16.92 -10.47 -5.35
N LEU A 466 -17.05 -11.69 -4.84
CA LEU A 466 -18.08 -11.94 -3.84
C LEU A 466 -17.48 -12.63 -2.62
N PHE A 467 -16.50 -13.50 -2.84
CA PHE A 467 -15.85 -14.17 -1.72
C PHE A 467 -14.96 -13.21 -0.96
N ARG A 468 -14.10 -12.48 -1.67
CA ARG A 468 -13.15 -11.61 -1.01
C ARG A 468 -13.81 -10.32 -0.54
N LYS A 469 -14.72 -9.77 -1.34
CA LYS A 469 -15.29 -8.47 -1.04
C LYS A 469 -16.50 -8.55 -0.10
N HIS A 470 -17.21 -9.68 -0.09
CA HIS A 470 -18.45 -9.76 0.66
C HIS A 470 -18.61 -11.01 1.53
N MET A 471 -17.66 -11.93 1.53
CA MET A 471 -17.72 -13.09 2.41
C MET A 471 -16.52 -13.19 3.35
N MET A 472 -15.31 -13.08 2.82
CA MET A 472 -14.11 -13.12 3.66
C MET A 472 -13.93 -11.83 4.44
N GLY A 473 -14.56 -10.76 4.01
CA GLY A 473 -14.48 -9.49 4.71
C GLY A 473 -15.71 -8.66 4.47
N LYS A 474 -16.35 -8.20 5.54
CA LYS A 474 -17.64 -7.53 5.42
C LYS A 474 -17.59 -6.16 6.08
N ARG A 475 -18.47 -5.28 5.63
CA ARG A 475 -18.79 -4.09 6.41
C ARG A 475 -19.53 -4.53 7.67
N VAL A 476 -19.27 -3.86 8.79
CA VAL A 476 -19.84 -4.29 10.06
C VAL A 476 -20.62 -3.16 10.71
N ASN A 477 -21.67 -3.52 11.43
CA ASN A 477 -22.37 -2.61 12.31
C ASN A 477 -21.65 -2.54 13.65
N TYR A 478 -22.06 -1.56 14.46
CA TYR A 478 -21.58 -1.32 15.83
C TYR A 478 -20.06 -1.14 15.88
N ALA A 479 -19.60 -0.11 15.17
CA ALA A 479 -18.18 0.16 15.02
C ALA A 479 -17.97 1.61 14.66
N ALA A 480 -16.82 2.15 15.07
CA ALA A 480 -16.46 3.54 14.81
C ALA A 480 -15.02 3.61 14.33
N ARG A 481 -14.65 4.79 13.84
CA ARG A 481 -13.30 5.06 13.34
C ARG A 481 -13.06 6.55 13.46
N SER A 482 -11.99 6.93 14.16
CA SER A 482 -11.67 8.34 14.30
C SER A 482 -10.18 8.48 14.51
N VAL A 483 -9.69 9.71 14.32
CA VAL A 483 -8.27 10.02 14.49
C VAL A 483 -7.90 9.87 15.95
N ILE A 484 -6.68 9.43 16.21
CA ILE A 484 -6.22 9.19 17.56
C ILE A 484 -5.33 10.33 18.02
N SER A 485 -5.41 10.62 19.31
CA SER A 485 -4.57 11.58 19.99
C SER A 485 -3.99 10.88 21.22
N PRO A 486 -2.74 11.16 21.56
CA PRO A 486 -2.13 10.44 22.67
C PRO A 486 -2.66 10.93 24.01
N ASP A 487 -2.51 10.06 25.00
CA ASP A 487 -3.08 10.36 26.30
C ASP A 487 -2.32 9.59 27.38
N PRO A 488 -1.60 10.25 28.25
CA PRO A 488 -1.22 9.64 29.53
C PRO A 488 -2.41 9.70 30.47
N ASN A 489 -2.20 9.24 31.70
CA ASN A 489 -3.24 9.14 32.74
C ASN A 489 -4.39 8.24 32.28
N ILE A 490 -4.04 7.27 31.43
CA ILE A 490 -4.90 6.16 31.04
C ILE A 490 -4.14 4.90 31.44
N GLU A 491 -4.85 3.88 31.90
CA GLU A 491 -4.23 2.79 32.63
C GLU A 491 -3.75 1.67 31.73
N THR A 492 -3.34 1.98 30.50
CA THR A 492 -2.48 1.18 29.61
C THR A 492 -3.22 -0.02 29.02
N ASN A 493 -4.42 -0.29 29.52
CA ASN A 493 -5.29 -1.32 28.95
C ASN A 493 -6.64 -0.74 28.58
N GLU A 494 -6.68 0.56 28.31
CA GLU A 494 -7.93 1.25 28.04
C GLU A 494 -7.81 2.08 26.78
N ILE A 495 -8.96 2.42 26.23
CA ILE A 495 -9.08 3.42 25.18
C ILE A 495 -10.06 4.48 25.67
N GLY A 496 -9.83 5.72 25.29
CA GLY A 496 -10.67 6.82 25.70
C GLY A 496 -11.61 7.21 24.60
N VAL A 497 -12.91 7.06 24.85
CA VAL A 497 -13.89 7.29 23.80
C VAL A 497 -14.46 8.70 23.94
N PRO A 498 -14.82 9.33 22.82
CA PRO A 498 -15.48 10.63 22.87
C PRO A 498 -16.92 10.52 23.34
N PRO A 499 -17.58 11.64 23.64
CA PRO A 499 -19.03 11.58 23.86
C PRO A 499 -19.82 11.34 22.59
N VAL A 500 -19.27 11.68 21.42
CA VAL A 500 -19.95 11.37 20.17
C VAL A 500 -19.88 9.90 19.79
N PHE A 501 -19.07 9.12 20.51
CA PHE A 501 -19.09 7.67 20.37
C PHE A 501 -19.71 6.98 21.56
N ALA A 502 -19.85 7.68 22.69
CA ALA A 502 -20.52 7.16 23.87
C ALA A 502 -22.03 7.37 23.83
N VAL A 503 -22.56 7.79 22.69
CA VAL A 503 -23.99 8.01 22.51
C VAL A 503 -24.55 7.14 21.38
N LYS A 504 -23.84 7.07 20.25
CA LYS A 504 -24.32 6.27 19.13
C LYS A 504 -24.18 4.78 19.40
N LEU A 505 -22.99 4.35 19.82
CA LEU A 505 -22.75 2.93 20.09
C LEU A 505 -23.51 2.46 21.32
N THR A 506 -24.00 1.23 21.25
CA THR A 506 -24.92 0.75 22.27
C THR A 506 -24.82 -0.77 22.38
N TYR A 507 -25.28 -1.29 23.51
CA TYR A 507 -25.10 -2.70 23.84
C TYR A 507 -26.41 -3.30 24.33
N PRO A 508 -26.78 -4.50 23.86
CA PRO A 508 -27.99 -5.17 24.36
C PRO A 508 -27.79 -5.79 25.73
N GLU A 509 -28.42 -5.21 26.74
CA GLU A 509 -28.46 -5.79 28.07
C GLU A 509 -29.87 -6.25 28.40
N PRO A 510 -30.11 -7.56 28.54
CA PRO A 510 -31.39 -8.00 29.06
C PRO A 510 -31.50 -7.68 30.54
N VAL A 511 -32.70 -7.29 30.97
CA VAL A 511 -32.88 -6.85 32.34
C VAL A 511 -33.06 -8.06 33.25
N THR A 512 -32.55 -7.94 34.46
CA THR A 512 -32.58 -9.00 35.45
C THR A 512 -32.88 -8.37 36.80
N ALA A 513 -32.79 -9.18 37.86
CA ALA A 513 -33.04 -8.67 39.20
C ALA A 513 -31.88 -7.85 39.75
N TYR A 514 -30.74 -7.83 39.07
CA TYR A 514 -29.61 -7.01 39.48
C TYR A 514 -29.36 -5.81 38.57
N ASN A 515 -29.89 -5.79 37.35
CA ASN A 515 -29.69 -4.67 36.45
C ASN A 515 -30.63 -3.51 36.73
N ILE A 516 -31.79 -3.76 37.35
CA ILE A 516 -32.86 -2.78 37.43
C ILE A 516 -32.57 -1.59 38.33
N ALA A 517 -31.39 -1.54 38.94
CA ALA A 517 -30.96 -0.30 39.57
C ALA A 517 -30.31 0.62 38.54
N GLU A 518 -29.20 0.18 37.95
CA GLU A 518 -28.43 1.02 37.06
C GLU A 518 -28.98 1.08 35.64
N LEU A 519 -29.99 0.28 35.32
CA LEU A 519 -30.55 0.26 33.98
C LEU A 519 -31.97 0.84 33.95
N ARG A 520 -32.61 0.99 35.11
CA ARG A 520 -33.73 1.91 35.22
C ARG A 520 -33.24 3.34 35.11
N GLN A 521 -32.07 3.64 35.65
CA GLN A 521 -31.54 4.99 35.57
C GLN A 521 -30.95 5.29 34.20
N ALA A 522 -30.41 4.26 33.53
CA ALA A 522 -29.92 4.45 32.18
C ALA A 522 -31.03 4.67 31.17
N VAL A 523 -32.25 4.24 31.47
CA VAL A 523 -33.34 4.46 30.53
C VAL A 523 -34.11 5.73 30.88
N ILE A 524 -33.93 6.29 32.08
CA ILE A 524 -34.51 7.59 32.37
C ILE A 524 -33.71 8.71 31.72
N ASN A 525 -32.39 8.55 31.67
CA ASN A 525 -31.50 9.60 31.16
C ASN A 525 -31.72 9.85 29.67
N GLY A 526 -31.99 8.82 28.90
CA GLY A 526 -32.38 9.00 27.52
C GLY A 526 -31.25 8.77 26.54
N PRO A 527 -31.50 9.08 25.27
CA PRO A 527 -30.45 8.89 24.24
C PRO A 527 -29.39 9.97 24.24
N ASP A 528 -29.61 11.09 24.91
CA ASP A 528 -28.68 12.21 24.85
C ASP A 528 -27.86 12.43 26.11
N LYS A 529 -28.31 11.89 27.24
CA LYS A 529 -27.60 12.02 28.51
C LYS A 529 -26.72 10.80 28.71
N TRP A 530 -25.44 11.03 29.01
CA TRP A 530 -24.63 9.86 29.30
C TRP A 530 -24.48 9.68 30.81
N PRO A 531 -24.60 8.46 31.37
CA PRO A 531 -24.95 7.18 30.76
C PRO A 531 -26.43 7.05 30.45
N GLY A 532 -26.74 6.56 29.26
CA GLY A 532 -28.12 6.52 28.82
C GLY A 532 -28.48 5.28 28.04
N ALA A 533 -29.60 5.34 27.32
CA ALA A 533 -30.05 4.23 26.52
C ALA A 533 -30.85 4.79 25.35
N THR A 534 -30.82 4.06 24.23
CA THR A 534 -31.47 4.55 23.02
C THR A 534 -32.68 3.73 22.57
N GLN A 535 -32.80 2.47 22.98
CA GLN A 535 -33.93 1.64 22.60
C GLN A 535 -34.28 0.70 23.74
N ILE A 536 -35.51 0.19 23.70
CA ILE A 536 -35.92 -0.95 24.53
C ILE A 536 -36.47 -2.01 23.59
N GLN A 537 -35.90 -3.21 23.65
CA GLN A 537 -36.49 -4.35 22.98
C GLN A 537 -37.40 -5.06 23.97
N ASN A 538 -38.68 -5.17 23.64
CA ASN A 538 -39.61 -5.89 24.48
C ASN A 538 -39.39 -7.39 24.35
N GLU A 539 -40.17 -8.16 25.13
CA GLU A 539 -40.09 -9.61 25.03
C GLU A 539 -40.58 -10.11 23.68
N ASP A 540 -41.65 -9.51 23.18
CA ASP A 540 -42.33 -9.90 21.94
C ASP A 540 -41.58 -9.54 20.69
N GLY A 541 -40.31 -9.10 20.74
CA GLY A 541 -39.61 -8.61 19.57
C GLY A 541 -39.92 -7.18 19.22
N SER A 542 -40.84 -6.53 19.93
CA SER A 542 -41.14 -5.13 19.69
C SER A 542 -39.97 -4.27 20.12
N LEU A 543 -39.55 -3.37 19.24
CA LEU A 543 -38.35 -2.57 19.43
C LEU A 543 -38.79 -1.12 19.56
N VAL A 544 -38.85 -0.64 20.80
CA VAL A 544 -39.35 0.69 21.10
C VAL A 544 -38.19 1.66 21.15
N SER A 545 -38.25 2.71 20.34
CA SER A 545 -37.20 3.72 20.31
C SER A 545 -37.34 4.67 21.49
N LEU A 546 -36.35 5.55 21.64
CA LEU A 546 -36.35 6.54 22.69
C LEU A 546 -36.00 7.95 22.23
N ILE A 547 -35.79 8.16 20.93
CA ILE A 547 -35.33 9.46 20.45
C ILE A 547 -36.43 10.50 20.53
N GLY A 548 -37.59 10.20 19.97
CA GLY A 548 -38.66 11.18 19.95
C GLY A 548 -39.40 11.37 21.26
N MET A 549 -39.12 10.58 22.28
CA MET A 549 -39.91 10.58 23.50
C MET A 549 -39.53 11.74 24.41
N SER A 550 -40.51 12.16 25.21
CA SER A 550 -40.31 13.15 26.26
C SER A 550 -39.95 12.47 27.57
N VAL A 551 -39.37 13.24 28.49
CA VAL A 551 -38.80 12.69 29.72
C VAL A 551 -39.89 12.16 30.65
N GLU A 552 -41.10 12.73 30.58
CA GLU A 552 -42.19 12.21 31.40
C GLU A 552 -42.73 10.91 30.85
N GLN A 553 -42.83 10.80 29.53
CA GLN A 553 -43.16 9.53 28.90
C GLN A 553 -42.05 8.52 29.06
N ARG A 554 -40.81 9.00 29.21
CA ARG A 554 -39.67 8.09 29.30
C ARG A 554 -39.59 7.40 30.66
N LYS A 555 -40.08 8.06 31.72
CA LYS A 555 -40.10 7.42 33.02
C LYS A 555 -41.20 6.37 33.12
N ALA A 556 -42.25 6.49 32.32
CA ALA A 556 -43.33 5.51 32.34
C ALA A 556 -42.88 4.16 31.81
N LEU A 557 -41.99 4.17 30.82
CA LEU A 557 -41.41 2.93 30.30
C LEU A 557 -40.32 2.38 31.19
N ALA A 558 -39.85 3.13 32.18
CA ALA A 558 -38.87 2.62 33.12
C ALA A 558 -39.50 1.70 34.15
N ASN A 559 -40.77 1.93 34.50
CA ASN A 559 -41.44 1.10 35.48
C ASN A 559 -42.10 -0.12 34.87
N GLN A 560 -42.45 -0.06 33.59
CA GLN A 560 -42.98 -1.18 32.82
C GLN A 560 -41.89 -2.18 32.43
N LEU A 561 -40.64 -1.86 32.77
CA LEU A 561 -39.48 -2.65 32.34
C LEU A 561 -39.46 -4.03 32.98
N LEU A 562 -39.37 -4.09 34.31
CA LEU A 562 -39.30 -5.39 34.99
C LEU A 562 -40.72 -5.77 35.37
N THR A 563 -41.44 -6.33 34.40
CA THR A 563 -42.81 -6.80 34.53
C THR A 563 -42.91 -8.21 33.98
N PRO A 564 -43.78 -9.04 34.55
CA PRO A 564 -43.99 -10.37 33.99
C PRO A 564 -44.72 -10.30 32.65
N SER A 565 -44.71 -11.44 31.96
CA SER A 565 -45.22 -11.50 30.60
C SER A 565 -46.74 -11.59 30.58
N SER A 566 -47.36 -10.84 29.68
CA SER A 566 -48.77 -10.95 29.39
C SER A 566 -49.04 -11.98 28.29
N ASN A 567 -48.02 -12.75 27.89
CA ASN A 567 -48.15 -13.77 26.87
C ASN A 567 -47.55 -15.06 27.41
N VAL A 568 -48.19 -16.17 27.08
CA VAL A 568 -47.67 -17.47 27.48
C VAL A 568 -46.45 -17.82 26.63
N SER A 569 -46.43 -17.36 25.38
CA SER A 569 -45.40 -17.74 24.43
C SER A 569 -44.04 -17.11 24.73
N THR A 570 -44.02 -16.02 25.50
CA THR A 570 -42.79 -15.26 25.68
C THR A 570 -42.52 -15.07 27.17
N HIS A 571 -42.89 -16.07 27.96
CA HIS A 571 -42.74 -15.99 29.41
C HIS A 571 -41.30 -16.17 29.86
N THR A 572 -40.46 -16.77 29.02
CA THR A 572 -39.09 -17.08 29.39
C THR A 572 -38.09 -16.03 28.92
N LEU A 573 -38.57 -14.95 28.33
CA LEU A 573 -37.71 -13.88 27.85
C LEU A 573 -37.71 -12.72 28.83
N ASN A 574 -36.96 -11.68 28.48
CA ASN A 574 -36.92 -10.46 29.27
C ASN A 574 -36.56 -9.30 28.35
N LYS A 575 -36.86 -8.09 28.82
CA LYS A 575 -36.64 -6.91 28.00
C LYS A 575 -35.15 -6.59 27.89
N LYS A 576 -34.71 -6.30 26.68
CA LYS A 576 -33.35 -5.83 26.45
C LYS A 576 -33.37 -4.32 26.34
N VAL A 577 -32.57 -3.66 27.16
CA VAL A 577 -32.38 -2.22 27.08
C VAL A 577 -31.06 -1.98 26.37
N TYR A 578 -31.11 -1.29 25.23
CA TYR A 578 -29.88 -0.96 24.52
C TYR A 578 -29.26 0.24 25.22
N ARG A 579 -28.43 -0.04 26.21
CA ARG A 579 -27.78 1.01 26.99
C ARG A 579 -26.62 1.61 26.22
N HIS A 580 -26.19 2.79 26.65
CA HIS A 580 -24.97 3.39 26.14
C HIS A 580 -23.75 2.62 26.64
N ILE A 581 -22.61 2.90 26.01
CA ILE A 581 -21.37 2.26 26.42
C ILE A 581 -20.84 2.95 27.68
N LYS A 582 -20.65 2.17 28.74
CA LYS A 582 -20.30 2.65 30.06
C LYS A 582 -18.80 2.44 30.29
N ASN A 583 -18.35 2.66 31.53
CA ASN A 583 -16.95 2.50 31.88
C ASN A 583 -16.53 1.05 32.03
N ARG A 584 -17.44 0.09 31.89
CA ARG A 584 -17.12 -1.32 32.09
C ARG A 584 -17.12 -2.11 30.80
N ASP A 585 -17.51 -1.51 29.68
CA ASP A 585 -17.61 -2.26 28.44
C ASP A 585 -16.24 -2.58 27.86
N VAL A 586 -16.27 -3.43 26.85
CA VAL A 586 -15.07 -3.95 26.22
C VAL A 586 -15.10 -3.52 24.77
N VAL A 587 -13.93 -3.20 24.22
CA VAL A 587 -13.80 -2.58 22.91
C VAL A 587 -12.60 -3.17 22.21
N LEU A 588 -12.78 -3.54 20.94
CA LEU A 588 -11.70 -4.03 20.11
C LEU A 588 -11.20 -2.88 19.24
N MET A 589 -9.99 -2.39 19.52
CA MET A 589 -9.33 -1.41 18.70
C MET A 589 -8.49 -2.11 17.64
N ASN A 590 -8.26 -1.41 16.53
CA ASN A 590 -7.65 -2.04 15.36
C ASN A 590 -7.11 -0.95 14.45
N ARG A 591 -5.95 -1.21 13.85
CA ARG A 591 -5.31 -0.27 12.94
C ARG A 591 -4.73 -1.01 11.74
N GLN A 592 -5.03 -0.53 10.52
CA GLN A 592 -4.54 -1.06 9.25
C GLN A 592 -3.16 -0.50 8.91
N PRO A 593 -2.27 -1.29 8.30
CA PRO A 593 -2.40 -2.70 7.92
C PRO A 593 -2.25 -3.68 9.08
N THR A 594 -3.23 -4.56 9.25
CA THR A 594 -3.26 -5.48 10.39
C THR A 594 -2.30 -6.63 10.09
N LEU A 595 -1.00 -6.34 10.26
CA LEU A 595 0.03 -7.26 9.79
C LEU A 595 0.15 -8.46 10.71
N HIS A 596 0.49 -8.24 11.97
CA HIS A 596 0.52 -9.29 12.96
C HIS A 596 -0.74 -9.23 13.82
N LYS A 597 -0.92 -10.25 14.67
CA LYS A 597 -2.16 -10.36 15.42
C LYS A 597 -2.25 -9.34 16.54
N ALA A 598 -1.14 -8.75 16.95
CA ALA A 598 -1.14 -7.74 18.01
C ALA A 598 -1.37 -6.34 17.46
N SER A 599 -1.86 -6.22 16.24
CA SER A 599 -2.36 -4.97 15.71
C SER A 599 -3.86 -4.85 15.85
N MET A 600 -4.48 -5.79 16.56
CA MET A 600 -5.93 -5.83 16.72
C MET A 600 -6.18 -6.44 18.10
N MET A 601 -6.33 -5.59 19.10
CA MET A 601 -6.37 -5.99 20.50
C MET A 601 -7.74 -5.67 21.10
N GLY A 602 -7.88 -5.95 22.39
CA GLY A 602 -9.09 -5.63 23.10
C GLY A 602 -8.83 -4.76 24.31
N HIS A 603 -9.52 -3.64 24.40
CA HIS A 603 -9.31 -2.65 25.45
C HIS A 603 -10.54 -2.50 26.31
N LYS A 604 -10.33 -2.03 27.54
CA LYS A 604 -11.42 -1.48 28.33
C LYS A 604 -11.69 -0.06 27.85
N VAL A 605 -12.72 0.57 28.40
CA VAL A 605 -13.05 1.95 28.04
C VAL A 605 -13.14 2.81 29.28
N ARG A 606 -12.56 4.00 29.19
CA ARG A 606 -12.82 5.10 30.11
C ARG A 606 -13.36 6.23 29.26
N VAL A 607 -14.57 6.66 29.55
CA VAL A 607 -15.28 7.60 28.68
C VAL A 607 -14.85 9.02 29.04
N LEU A 608 -14.36 9.74 28.06
CA LEU A 608 -13.80 11.07 28.18
C LEU A 608 -14.77 12.13 27.70
N PRO A 609 -14.76 13.32 28.32
CA PRO A 609 -15.87 14.26 28.09
C PRO A 609 -15.70 15.30 26.99
N ASN A 610 -14.51 15.53 26.46
CA ASN A 610 -14.29 16.80 25.74
C ASN A 610 -14.38 16.71 24.22
N GLU A 611 -13.51 15.95 23.56
CA GLU A 611 -13.40 16.08 22.12
C GLU A 611 -13.59 14.74 21.42
N LYS A 612 -13.70 14.84 20.09
CA LYS A 612 -14.15 13.76 19.22
C LYS A 612 -12.99 12.95 18.66
N THR A 613 -12.09 12.49 19.51
CA THR A 613 -10.95 11.69 19.06
C THR A 613 -10.68 10.60 20.08
N LEU A 614 -10.14 9.48 19.59
CA LEU A 614 -9.78 8.39 20.49
C LEU A 614 -8.49 8.73 21.22
N ARG A 615 -8.38 8.26 22.46
CA ARG A 615 -7.24 8.56 23.31
C ARG A 615 -6.50 7.26 23.61
N LEU A 616 -5.35 7.09 22.99
CA LEU A 616 -4.55 5.88 23.14
C LEU A 616 -3.33 6.17 24.00
N HIS A 617 -2.94 5.19 24.82
CA HIS A 617 -1.74 5.32 25.63
C HIS A 617 -0.51 4.96 24.79
N TYR A 618 0.66 5.42 25.25
CA TYR A 618 1.89 5.25 24.49
C TYR A 618 2.43 3.84 24.50
N ALA A 619 2.07 3.02 25.49
CA ALA A 619 2.60 1.67 25.50
C ALA A 619 1.95 0.81 24.42
N ASN A 620 0.73 1.16 24.02
CA ASN A 620 0.04 0.42 22.99
C ASN A 620 0.54 0.74 21.60
N THR A 621 1.18 1.89 21.40
CA THR A 621 1.48 2.35 20.05
C THR A 621 2.69 1.65 19.45
N GLY A 622 3.47 0.92 20.25
CA GLY A 622 4.54 0.12 19.68
C GLY A 622 4.04 -1.14 19.00
N ALA A 623 2.86 -1.61 19.41
CA ALA A 623 2.31 -2.83 18.85
C ALA A 623 1.23 -2.59 17.82
N TYR A 624 0.63 -1.40 17.78
CA TYR A 624 -0.20 -1.03 16.66
C TYR A 624 0.60 -0.39 15.53
N ASN A 625 1.86 -0.01 15.80
CA ASN A 625 2.73 0.74 14.89
C ASN A 625 2.05 2.03 14.44
N ALA A 626 1.80 2.89 15.43
CA ALA A 626 0.98 4.08 15.24
C ALA A 626 1.72 5.32 15.69
N ASP A 627 1.77 6.32 14.82
CA ASP A 627 2.21 7.66 15.18
C ASP A 627 1.02 8.61 15.14
N PHE A 628 1.18 9.78 15.75
CA PHE A 628 0.04 10.68 15.90
C PHE A 628 0.08 11.83 14.91
N ASP A 629 0.53 11.56 13.69
CA ASP A 629 0.42 12.52 12.59
C ASP A 629 -0.83 12.30 11.75
N GLY A 630 -1.97 12.16 12.41
CA GLY A 630 -3.21 11.95 11.69
C GLY A 630 -3.55 10.49 11.43
N ASP A 631 -3.09 9.57 12.25
CA ASP A 631 -3.58 8.20 12.16
C ASP A 631 -5.00 8.12 12.70
N GLU A 632 -5.86 7.44 11.97
CA GLU A 632 -7.15 7.03 12.49
C GLU A 632 -7.18 5.51 12.54
N MET A 633 -7.93 4.98 13.49
CA MET A 633 -7.94 3.54 13.68
C MET A 633 -9.30 3.11 14.20
N ASN A 634 -9.67 1.87 13.88
CA ASN A 634 -11.03 1.39 14.04
C ASN A 634 -11.35 1.15 15.51
N MET A 635 -12.63 1.00 15.80
CA MET A 635 -13.12 0.72 17.14
C MET A 635 -14.33 -0.18 17.02
N HIS A 636 -14.14 -1.49 17.16
CA HIS A 636 -15.21 -2.46 17.03
C HIS A 636 -15.75 -2.79 18.42
N PHE A 637 -17.07 -2.69 18.55
CA PHE A 637 -17.73 -2.86 19.85
C PHE A 637 -18.55 -4.14 19.86
N PRO A 638 -18.11 -5.19 20.54
CA PRO A 638 -18.78 -6.49 20.44
C PRO A 638 -20.11 -6.51 21.18
N GLN A 639 -20.95 -7.47 20.78
CA GLN A 639 -22.38 -7.39 21.04
C GLN A 639 -22.97 -8.48 21.91
N ASN A 640 -22.16 -9.44 22.39
CA ASN A 640 -22.67 -10.46 23.30
C ASN A 640 -21.58 -10.84 24.30
N GLU A 641 -21.96 -11.65 25.28
CA GLU A 641 -21.07 -11.96 26.39
C GLU A 641 -20.05 -13.04 26.06
N ASN A 642 -20.24 -13.78 24.97
CA ASN A 642 -19.15 -14.62 24.48
C ASN A 642 -18.03 -13.80 23.86
N ALA A 643 -18.32 -12.58 23.44
CA ALA A 643 -17.31 -11.74 22.83
C ALA A 643 -16.74 -10.68 23.76
N ARG A 644 -17.47 -10.27 24.81
CA ARG A 644 -16.84 -9.47 25.84
C ARG A 644 -15.85 -10.27 26.65
N ALA A 645 -16.09 -11.57 26.80
CA ALA A 645 -15.24 -12.42 27.60
C ALA A 645 -13.96 -12.84 26.89
N GLU A 646 -13.80 -12.47 25.62
CA GLU A 646 -12.60 -12.84 24.89
C GLU A 646 -11.73 -11.66 24.51
N ALA A 647 -12.29 -10.46 24.45
CA ALA A 647 -11.44 -9.29 24.35
C ALA A 647 -11.00 -8.78 25.72
N LEU A 648 -11.48 -9.40 26.80
CA LEU A 648 -10.94 -9.19 28.13
C LEU A 648 -9.96 -10.26 28.57
N ASN A 649 -10.09 -11.47 28.05
CA ASN A 649 -9.27 -12.57 28.52
C ASN A 649 -8.36 -13.16 27.47
N LEU A 650 -8.71 -13.06 26.19
CA LEU A 650 -8.04 -13.83 25.16
C LEU A 650 -7.37 -12.93 24.13
N ALA A 651 -8.08 -11.92 23.63
CA ALA A 651 -7.48 -10.84 22.86
C ALA A 651 -7.18 -9.64 23.74
N ASN A 652 -6.96 -9.87 25.03
CA ASN A 652 -6.63 -8.82 25.96
C ASN A 652 -5.29 -8.20 25.62
N THR A 653 -5.18 -6.89 25.84
CA THR A 653 -3.93 -6.20 25.53
C THR A 653 -2.87 -6.43 26.60
N ASP A 654 -3.25 -6.89 27.79
CA ASP A 654 -2.26 -7.26 28.78
C ASP A 654 -1.59 -8.58 28.41
N SER A 655 -2.34 -9.48 27.78
CA SER A 655 -1.82 -10.77 27.34
C SER A 655 -1.00 -10.66 26.07
N GLN A 656 -0.96 -9.50 25.43
CA GLN A 656 -0.20 -9.27 24.21
C GLN A 656 1.12 -8.58 24.49
N TYR A 657 1.77 -8.92 25.60
CA TYR A 657 3.02 -8.25 25.95
C TYR A 657 4.16 -8.73 25.06
N LEU A 658 4.27 -10.04 24.86
CA LEU A 658 5.30 -10.62 24.01
C LEU A 658 4.67 -10.96 22.67
N THR A 659 5.24 -10.44 21.59
CA THR A 659 4.81 -10.87 20.28
C THR A 659 5.31 -12.30 20.04
N PRO A 660 4.56 -13.14 19.35
CA PRO A 660 5.00 -14.52 19.14
C PRO A 660 5.93 -14.72 17.95
N THR A 661 6.49 -13.65 17.39
CA THR A 661 7.49 -13.81 16.33
C THR A 661 8.77 -14.42 16.89
N SER A 662 9.40 -13.72 17.84
CA SER A 662 10.60 -14.21 18.49
C SER A 662 10.42 -14.48 19.97
N GLY A 663 9.40 -13.92 20.60
CA GLY A 663 9.31 -13.88 22.04
C GLY A 663 9.74 -12.57 22.65
N SER A 664 10.10 -11.59 21.83
CA SER A 664 10.51 -10.28 22.31
C SER A 664 9.29 -9.43 22.61
N PRO A 665 9.34 -8.60 23.65
CA PRO A 665 8.17 -7.75 23.95
C PRO A 665 7.99 -6.63 22.94
N VAL A 666 6.75 -6.16 22.86
CA VAL A 666 6.41 -5.03 22.02
C VAL A 666 5.89 -3.84 22.80
N ARG A 667 5.53 -4.01 24.07
CA ARG A 667 4.89 -2.96 24.83
C ARG A 667 5.89 -2.32 25.78
N GLY A 668 5.88 -1.00 25.84
CA GLY A 668 6.77 -0.26 26.70
C GLY A 668 6.75 1.23 26.39
N LEU A 669 7.20 2.04 27.35
CA LEU A 669 7.21 3.49 27.18
C LEU A 669 8.26 3.87 26.16
N ILE A 670 8.01 4.93 25.40
CA ILE A 670 8.65 5.13 24.09
C ILE A 670 9.73 6.22 24.10
N GLN A 671 9.35 7.48 24.31
CA GLN A 671 10.30 8.55 24.01
C GLN A 671 10.63 9.46 25.18
N ASP A 672 9.63 10.08 25.81
CA ASP A 672 9.89 11.00 26.92
C ASP A 672 10.02 10.27 28.24
N HIS A 673 9.30 9.16 28.41
CA HIS A 673 9.42 8.42 29.65
C HIS A 673 10.74 7.66 29.74
N ILE A 674 11.44 7.49 28.63
CA ILE A 674 12.79 6.94 28.70
C ILE A 674 13.82 8.01 29.01
N SER A 675 13.72 9.18 28.37
CA SER A 675 14.64 10.28 28.66
C SER A 675 14.41 10.90 30.02
N ALA A 676 13.27 10.64 30.66
CA ALA A 676 13.10 11.04 32.05
C ALA A 676 13.88 10.12 32.98
N GLY A 677 13.94 8.83 32.67
CA GLY A 677 14.64 7.89 33.53
C GLY A 677 16.14 8.05 33.48
N VAL A 678 16.67 8.61 32.40
CA VAL A 678 18.09 8.91 32.32
C VAL A 678 18.44 10.06 33.27
N TRP A 679 17.50 10.98 33.49
CA TRP A 679 17.73 12.03 34.47
C TRP A 679 17.27 11.65 35.86
N LEU A 680 16.30 10.75 35.99
CA LEU A 680 15.77 10.44 37.31
C LEU A 680 16.65 9.43 38.02
N THR A 681 17.11 8.39 37.34
CA THR A 681 18.03 7.44 37.93
C THR A 681 19.50 7.83 37.75
N SER A 682 19.78 9.10 37.57
CA SER A 682 21.17 9.54 37.58
C SER A 682 21.65 9.66 39.02
N LYS A 683 22.97 9.81 39.19
CA LYS A 683 23.50 10.04 40.52
C LYS A 683 23.23 11.45 41.01
N ASP A 684 22.90 12.37 40.10
CA ASP A 684 22.64 13.76 40.48
C ASP A 684 21.27 13.98 41.10
N SER A 685 20.31 13.10 40.84
CA SER A 685 18.94 13.35 41.24
C SER A 685 18.78 13.18 42.74
N PHE A 686 18.57 14.29 43.43
CA PHE A 686 18.27 14.28 44.86
C PHE A 686 16.95 14.97 45.10
N PHE A 687 16.06 14.31 45.84
CA PHE A 687 14.72 14.80 46.09
C PHE A 687 14.51 14.93 47.58
N THR A 688 13.92 16.03 48.02
CA THR A 688 13.65 16.25 49.42
C THR A 688 12.32 15.61 49.81
N ARG A 689 11.90 15.80 51.06
CA ARG A 689 10.75 15.07 51.60
C ARG A 689 9.44 15.53 51.00
N GLU A 690 9.32 16.82 50.68
CA GLU A 690 8.13 17.26 49.95
C GLU A 690 8.18 16.88 48.49
N GLN A 691 9.36 16.58 47.94
CA GLN A 691 9.48 16.12 46.57
C GLN A 691 9.40 14.62 46.46
N TYR A 692 10.01 13.90 47.41
CA TYR A 692 9.92 12.44 47.43
C TYR A 692 8.49 11.97 47.61
N GLN A 693 7.73 12.65 48.47
CA GLN A 693 6.37 12.23 48.74
C GLN A 693 5.37 12.78 47.74
N GLN A 694 5.82 13.54 46.75
CA GLN A 694 4.94 14.06 45.70
C GLN A 694 5.02 13.26 44.41
N TYR A 695 6.21 12.83 44.01
CA TYR A 695 6.31 11.98 42.83
C TYR A 695 5.70 10.60 43.06
N ILE A 696 5.64 10.14 44.30
CA ILE A 696 5.11 8.81 44.57
C ILE A 696 3.59 8.82 44.56
N TYR A 697 2.97 9.77 45.26
CA TYR A 697 1.52 9.86 45.20
C TYR A 697 1.04 10.43 43.86
N GLY A 698 1.92 11.09 43.12
CA GLY A 698 1.57 11.47 41.76
C GLY A 698 1.33 10.29 40.85
N CYS A 699 1.97 9.14 41.13
CA CYS A 699 1.85 7.98 40.27
C CYS A 699 1.11 6.80 40.88
N ILE A 700 1.00 6.72 42.20
CA ILE A 700 0.35 5.55 42.81
C ILE A 700 -1.15 5.75 42.88
N ARG A 701 -1.61 6.73 43.69
CA ARG A 701 -3.01 7.11 43.87
C ARG A 701 -3.88 5.92 44.28
N PRO A 702 -3.86 5.51 45.55
CA PRO A 702 -4.48 4.24 45.98
C PRO A 702 -5.97 4.10 45.73
N GLU A 703 -6.72 5.19 45.57
CA GLU A 703 -8.15 5.06 45.37
C GLU A 703 -8.52 4.52 43.99
N ASP A 704 -7.60 4.54 43.04
CA ASP A 704 -7.79 3.83 41.79
C ASP A 704 -7.28 2.40 41.85
N GLY A 705 -6.84 1.96 43.03
CA GLY A 705 -6.48 0.57 43.22
C GLY A 705 -5.14 0.15 42.67
N HIS A 706 -4.17 1.06 42.61
CA HIS A 706 -2.85 0.67 42.14
C HIS A 706 -2.05 -0.02 43.25
N THR A 707 -2.05 0.54 44.44
CA THR A 707 -1.22 0.00 45.50
C THR A 707 -1.83 -1.29 46.05
N THR A 708 -1.02 -2.01 46.81
CA THR A 708 -1.40 -3.32 47.33
C THR A 708 -1.39 -3.35 48.85
N ARG A 709 -1.40 -2.19 49.50
CA ARG A 709 -1.20 -2.12 50.95
C ARG A 709 -2.22 -1.25 51.69
N SER A 710 -3.06 -0.50 50.97
CA SER A 710 -4.04 0.46 51.51
C SER A 710 -3.40 1.57 52.35
N LYS A 711 -2.09 1.78 52.18
CA LYS A 711 -1.30 2.83 52.82
C LYS A 711 0.03 2.89 52.09
N ILE A 712 0.41 4.06 51.59
CA ILE A 712 1.63 4.20 50.81
C ILE A 712 2.83 4.13 51.75
N VAL A 713 3.62 3.09 51.62
CA VAL A 713 4.85 2.95 52.39
C VAL A 713 5.98 3.68 51.67
N THR A 714 6.96 4.13 52.44
CA THR A 714 8.13 4.81 51.92
C THR A 714 9.38 4.17 52.51
N LEU A 715 10.53 4.70 52.13
CA LEU A 715 11.82 4.24 52.62
C LEU A 715 12.47 5.32 53.48
N PRO A 716 13.41 4.94 54.35
CA PRO A 716 14.24 5.96 54.99
C PRO A 716 15.13 6.63 53.96
N PRO A 717 15.50 7.90 54.20
CA PRO A 717 16.25 8.64 53.19
C PRO A 717 17.67 8.12 53.04
N THR A 718 18.24 8.41 51.87
CA THR A 718 19.64 8.08 51.61
C THR A 718 20.56 8.86 52.52
N ILE A 719 20.37 10.16 52.61
CA ILE A 719 21.20 11.05 53.41
C ILE A 719 20.38 11.50 54.61
N PHE A 720 20.95 11.41 55.81
CA PHE A 720 20.27 11.98 56.97
C PHE A 720 20.72 13.40 57.24
N LYS A 721 22.03 13.63 57.33
CA LYS A 721 22.54 14.92 57.75
C LYS A 721 23.28 15.63 56.62
N PRO A 722 23.18 16.97 56.53
CA PRO A 722 22.42 17.93 57.33
C PRO A 722 20.90 17.92 57.12
N TYR A 723 20.43 17.70 55.91
CA TYR A 723 18.99 17.62 55.71
C TYR A 723 18.64 16.42 54.85
N PRO A 724 17.49 15.78 55.10
CA PRO A 724 17.20 14.48 54.47
C PRO A 724 16.97 14.59 52.98
N LEU A 725 17.70 13.78 52.21
CA LEU A 725 17.53 13.68 50.77
C LEU A 725 17.24 12.23 50.38
N TRP A 726 16.48 12.09 49.30
CA TRP A 726 16.19 10.81 48.68
C TRP A 726 16.77 10.82 47.27
N THR A 727 17.14 9.66 46.78
CA THR A 727 17.75 9.54 45.47
C THR A 727 16.69 9.00 44.49
N GLY A 728 16.89 9.30 43.20
CA GLY A 728 15.96 8.84 42.19
C GLY A 728 15.96 7.34 41.97
N LYS A 729 17.07 6.66 42.32
CA LYS A 729 17.06 5.20 42.44
C LYS A 729 15.98 4.76 43.42
N GLN A 730 15.88 5.47 44.54
CA GLN A 730 15.00 5.14 45.63
C GLN A 730 13.55 5.55 45.35
N ILE A 731 13.34 6.38 44.32
CA ILE A 731 11.99 6.63 43.82
C ILE A 731 11.43 5.36 43.19
N ILE A 732 12.16 4.79 42.23
CA ILE A 732 11.69 3.61 41.52
C ILE A 732 11.79 2.36 42.40
N THR A 733 12.56 2.43 43.49
CA THR A 733 12.52 1.38 44.50
C THR A 733 11.15 1.31 45.18
N THR A 734 10.62 2.46 45.61
CA THR A 734 9.36 2.47 46.32
C THR A 734 8.14 2.59 45.41
N VAL A 735 8.33 2.90 44.12
CA VAL A 735 7.30 2.63 43.14
C VAL A 735 7.08 1.13 43.02
N LEU A 736 8.17 0.37 42.97
CA LEU A 736 8.15 -1.07 42.82
C LEU A 736 7.94 -1.79 44.15
N LEU A 737 7.71 -1.03 45.22
CA LEU A 737 7.34 -1.59 46.52
C LEU A 737 5.84 -1.53 46.76
N ASN A 738 5.14 -0.60 46.12
CA ASN A 738 3.70 -0.47 46.28
C ASN A 738 2.94 -1.36 45.29
N VAL A 739 3.28 -1.30 44.00
CA VAL A 739 2.56 -2.07 43.00
C VAL A 739 2.89 -3.55 43.05
N THR A 740 3.96 -3.94 43.73
CA THR A 740 4.20 -5.36 43.93
C THR A 740 3.23 -5.88 45.01
N PRO A 741 2.88 -7.16 44.96
CA PRO A 741 2.10 -7.74 46.04
C PRO A 741 2.97 -8.04 47.24
N PRO A 742 2.48 -7.79 48.46
CA PRO A 742 3.28 -8.06 49.65
C PRO A 742 3.33 -9.55 49.93
N ASP A 743 4.23 -9.91 50.87
CA ASP A 743 4.55 -11.30 51.23
C ASP A 743 5.00 -12.10 50.01
N MET A 744 5.72 -11.44 49.12
CA MET A 744 6.29 -11.99 47.91
C MET A 744 7.49 -11.13 47.57
N PRO A 745 8.71 -11.68 47.61
CA PRO A 745 9.91 -10.83 47.64
C PRO A 745 10.18 -10.13 46.32
N GLY A 746 11.02 -9.10 46.41
CA GLY A 746 11.35 -8.29 45.25
C GLY A 746 12.22 -9.02 44.25
N ILE A 747 12.36 -8.41 43.08
CA ILE A 747 13.03 -9.05 41.96
C ILE A 747 14.54 -8.90 42.10
N ASN A 748 15.25 -10.01 42.05
CA ASN A 748 16.70 -10.02 41.96
C ASN A 748 17.04 -10.07 40.47
N LEU A 749 17.62 -8.99 39.95
CA LEU A 749 17.82 -8.82 38.52
C LEU A 749 19.17 -8.18 38.28
N ILE A 750 19.97 -8.79 37.42
CA ILE A 750 21.26 -8.25 36.98
C ILE A 750 21.21 -8.12 35.47
N SER A 751 21.11 -6.90 34.97
CA SER A 751 21.06 -6.65 33.54
C SER A 751 21.93 -5.45 33.22
N LYS A 752 22.00 -5.10 31.94
CA LYS A 752 22.76 -3.95 31.51
C LYS A 752 21.89 -3.04 30.67
N ASN A 753 22.47 -2.01 30.04
CA ASN A 753 21.70 -1.05 29.28
C ASN A 753 22.57 -0.42 28.21
N LYS A 754 21.97 0.49 27.43
CA LYS A 754 22.60 1.01 26.23
C LYS A 754 23.62 2.10 26.50
N ILE A 755 23.81 2.52 27.75
CA ILE A 755 24.70 3.62 28.08
C ILE A 755 25.93 3.02 28.75
N LYS A 756 27.10 3.27 28.14
CA LYS A 756 28.34 2.71 28.65
C LYS A 756 28.81 3.47 29.87
N ASN A 757 29.92 2.99 30.45
CA ASN A 757 30.48 3.59 31.65
C ASN A 757 31.31 4.83 31.37
N GLU A 758 31.85 4.95 30.16
CA GLU A 758 32.72 6.08 29.84
C GLU A 758 31.92 7.36 29.64
N TYR A 759 30.63 7.26 29.32
CA TYR A 759 29.82 8.45 29.18
C TYR A 759 29.50 9.09 30.51
N TRP A 760 29.59 8.35 31.60
CA TRP A 760 29.40 8.93 32.92
C TRP A 760 30.71 9.42 33.51
N GLY A 761 31.71 8.54 33.62
CA GLY A 761 33.00 8.97 34.10
C GLY A 761 33.87 7.77 34.40
N LYS A 762 35.05 8.06 34.97
CA LYS A 762 35.95 6.99 35.38
C LYS A 762 35.41 6.32 36.63
N GLY A 763 35.53 4.99 36.68
CA GLY A 763 35.12 4.25 37.86
C GLY A 763 33.64 4.15 38.08
N SER A 764 32.82 4.54 37.11
CA SER A 764 31.37 4.46 37.24
C SER A 764 30.91 3.08 36.80
N LEU A 765 30.06 2.46 37.62
CA LEU A 765 29.47 1.16 37.29
C LEU A 765 28.03 1.31 36.82
N GLU A 766 27.72 2.43 36.15
CA GLU A 766 26.35 2.75 35.76
C GLU A 766 25.92 2.07 34.47
N ASN A 767 26.64 1.05 34.01
CA ASN A 767 26.17 0.28 32.86
C ASN A 767 25.36 -0.92 33.29
N GLU A 768 25.71 -1.55 34.41
CA GLU A 768 24.93 -2.67 34.92
C GLU A 768 23.81 -2.16 35.82
N VAL A 769 22.57 -2.52 35.50
CA VAL A 769 21.50 -2.32 36.45
C VAL A 769 21.48 -3.47 37.44
N LEU A 770 20.95 -3.20 38.62
CA LEU A 770 21.09 -4.15 39.71
C LEU A 770 19.91 -3.99 40.66
N PHE A 771 18.90 -4.85 40.48
CA PHE A 771 17.79 -4.93 41.41
C PHE A 771 18.08 -6.02 42.43
N LYS A 772 18.02 -5.66 43.71
CA LYS A 772 18.19 -6.63 44.78
C LYS A 772 17.11 -6.36 45.82
N ASP A 773 16.32 -7.40 46.13
CA ASP A 773 15.15 -7.33 47.01
C ASP A 773 14.14 -6.30 46.52
N GLY A 774 14.03 -6.15 45.20
CA GLY A 774 13.22 -5.11 44.60
C GLY A 774 13.89 -3.76 44.50
N ALA A 775 14.96 -3.51 45.27
CA ALA A 775 15.58 -2.20 45.33
C ALA A 775 16.57 -2.02 44.20
N LEU A 776 16.39 -0.95 43.43
CA LEU A 776 17.37 -0.56 42.41
C LEU A 776 18.58 0.02 43.11
N LEU A 777 19.66 -0.76 43.17
CA LEU A 777 20.85 -0.33 43.89
C LEU A 777 21.92 0.28 43.00
N CYS A 778 21.85 0.07 41.69
CA CYS A 778 22.86 0.56 40.77
C CYS A 778 22.31 0.54 39.36
N GLY A 779 22.79 1.45 38.54
CA GLY A 779 22.50 1.42 37.11
C GLY A 779 21.51 2.49 36.70
N ILE A 780 21.68 2.97 35.48
CA ILE A 780 20.78 3.94 34.87
C ILE A 780 19.66 3.17 34.17
N LEU A 781 18.44 3.66 34.25
CA LEU A 781 17.36 3.00 33.50
C LEU A 781 17.28 3.60 32.12
N ASP A 782 16.63 2.87 31.22
CA ASP A 782 16.97 3.01 29.81
C ASP A 782 15.81 2.47 28.98
N LYS A 783 16.01 2.40 27.65
CA LYS A 783 15.07 1.69 26.80
C LYS A 783 15.10 0.20 27.08
N SER A 784 16.28 -0.34 27.37
CA SER A 784 16.49 -1.77 27.55
C SER A 784 15.78 -2.33 28.78
N GLN A 785 15.34 -1.49 29.70
CA GLN A 785 14.63 -1.93 30.89
C GLN A 785 13.12 -1.90 30.68
N TYR A 786 12.57 -0.74 30.35
CA TYR A 786 11.15 -0.60 30.02
C TYR A 786 11.03 -0.16 28.57
N GLY A 787 10.38 -0.98 27.75
CA GLY A 787 10.38 -0.77 26.32
C GLY A 787 10.41 -2.10 25.60
N ALA A 788 10.34 -2.07 24.27
CA ALA A 788 10.36 -3.30 23.48
C ALA A 788 11.78 -3.86 23.49
N SER A 789 12.11 -4.58 24.56
CA SER A 789 13.46 -5.06 24.78
C SER A 789 13.41 -6.23 25.75
N LYS A 790 14.09 -7.31 25.41
CA LYS A 790 14.04 -8.51 26.22
C LYS A 790 14.89 -8.34 27.48
N TYR A 791 14.46 -9.03 28.54
CA TYR A 791 15.18 -9.19 29.81
C TYR A 791 15.41 -7.86 30.53
N GLY A 792 14.46 -6.94 30.41
CA GLY A 792 14.50 -5.69 31.14
C GLY A 792 13.89 -5.87 32.51
N ILE A 793 13.52 -4.75 33.12
CA ILE A 793 12.87 -4.86 34.42
C ILE A 793 11.39 -5.19 34.26
N VAL A 794 10.68 -4.53 33.34
CA VAL A 794 9.25 -4.75 33.15
C VAL A 794 9.01 -6.14 32.57
N HIS A 795 9.93 -6.61 31.74
CA HIS A 795 9.86 -7.98 31.26
C HIS A 795 10.17 -8.97 32.38
N SER A 796 10.91 -8.56 33.40
CA SER A 796 11.13 -9.42 34.56
C SER A 796 10.00 -9.33 35.57
N LEU A 797 9.30 -8.19 35.64
CA LEU A 797 8.01 -8.16 36.33
C LEU A 797 7.00 -9.05 35.63
N HIS A 798 7.10 -9.16 34.30
CA HIS A 798 6.17 -9.98 33.53
C HIS A 798 6.35 -11.47 33.83
N GLU A 799 7.57 -11.88 34.16
CA GLU A 799 7.81 -13.29 34.44
C GLU A 799 7.51 -13.64 35.89
N VAL A 800 7.98 -12.81 36.81
CA VAL A 800 7.91 -13.16 38.22
C VAL A 800 6.51 -12.93 38.79
N TYR A 801 5.89 -11.80 38.47
CA TYR A 801 4.63 -11.42 39.10
C TYR A 801 3.42 -11.60 38.21
N GLY A 802 3.58 -11.73 36.91
CA GLY A 802 2.46 -11.99 36.05
C GLY A 802 2.23 -10.89 35.03
N PRO A 803 1.42 -11.19 34.00
CA PRO A 803 1.15 -10.18 32.97
C PRO A 803 0.29 -9.03 33.44
N GLU A 804 -0.42 -9.18 34.56
CA GLU A 804 -1.24 -8.09 35.06
C GLU A 804 -0.39 -7.03 35.74
N VAL A 805 0.65 -7.44 36.47
CA VAL A 805 1.53 -6.50 37.16
C VAL A 805 2.38 -5.73 36.16
N ALA A 806 2.80 -6.39 35.08
CA ALA A 806 3.69 -5.77 34.10
C ALA A 806 3.02 -4.63 33.37
N ALA A 807 1.71 -4.73 33.10
CA ALA A 807 0.99 -3.62 32.54
C ALA A 807 0.61 -2.57 33.57
N LYS A 808 0.65 -2.93 34.86
CA LYS A 808 0.40 -1.96 35.91
C LYS A 808 1.66 -1.17 36.24
N VAL A 809 2.83 -1.75 36.04
CA VAL A 809 4.09 -1.04 36.21
C VAL A 809 4.34 -0.07 35.05
N LEU A 810 3.92 -0.44 33.84
CA LEU A 810 4.01 0.50 32.71
C LEU A 810 3.10 1.70 32.89
N SER A 811 1.96 1.53 33.55
CA SER A 811 1.08 2.66 33.81
C SER A 811 1.68 3.61 34.84
N VAL A 812 2.18 3.05 35.94
CA VAL A 812 2.67 3.86 37.05
C VAL A 812 3.97 4.57 36.68
N LEU A 813 4.86 3.86 35.97
CA LEU A 813 6.05 4.52 35.43
C LEU A 813 5.70 5.50 34.32
N GLY A 814 4.56 5.31 33.65
CA GLY A 814 4.09 6.30 32.70
C GLY A 814 3.63 7.59 33.33
N ARG A 815 3.31 7.57 34.62
CA ARG A 815 2.96 8.78 35.36
C ARG A 815 4.06 9.25 36.30
N LEU A 816 4.97 8.37 36.71
CA LEU A 816 6.13 8.79 37.49
C LEU A 816 7.10 9.56 36.62
N PHE A 817 7.13 9.27 35.33
CA PHE A 817 8.01 9.93 34.38
C PHE A 817 7.32 11.05 33.63
N THR A 818 6.01 11.20 33.78
CA THR A 818 5.32 12.35 33.21
C THR A 818 5.26 13.49 34.21
N ASN A 819 5.05 13.17 35.49
CA ASN A 819 5.11 14.18 36.53
C ASN A 819 6.53 14.66 36.80
N TYR A 820 7.53 13.85 36.48
CA TYR A 820 8.90 14.32 36.57
C TYR A 820 9.24 15.30 35.47
N ILE A 821 8.65 15.12 34.29
CA ILE A 821 8.93 16.01 33.17
C ILE A 821 8.21 17.34 33.33
N THR A 822 6.98 17.33 33.84
CA THR A 822 6.25 18.58 34.02
C THR A 822 6.77 19.43 35.18
N ALA A 823 7.68 18.90 36.00
CA ALA A 823 8.35 19.68 37.02
C ALA A 823 9.84 19.83 36.75
N THR A 824 10.39 19.07 35.81
CA THR A 824 11.82 19.10 35.48
C THR A 824 11.93 18.65 34.03
N ALA A 825 12.08 19.59 33.12
CA ALA A 825 11.86 19.29 31.71
C ALA A 825 13.16 18.88 31.01
N PHE A 826 13.05 18.66 29.71
CA PHE A 826 14.14 18.07 28.93
C PHE A 826 13.99 18.52 27.49
N THR A 827 14.90 19.39 27.04
CA THR A 827 14.79 20.03 25.73
C THR A 827 16.06 19.84 24.91
N CYS A 828 15.89 19.46 23.65
CA CYS A 828 16.98 19.55 22.70
C CYS A 828 17.07 20.96 22.14
N GLY A 829 18.26 21.36 21.70
CA GLY A 829 18.44 22.71 21.23
C GLY A 829 19.56 22.85 20.23
N MET A 830 19.75 24.08 19.75
CA MET A 830 20.83 24.40 18.82
C MET A 830 22.18 24.38 19.52
N ASP A 831 22.19 24.57 20.84
CA ASP A 831 23.39 24.51 21.64
C ASP A 831 23.95 23.10 21.67
N ASP A 832 23.08 22.09 21.52
CA ASP A 832 23.44 20.70 21.77
C ASP A 832 24.30 20.12 20.65
N LEU A 833 23.95 20.43 19.41
CA LEU A 833 24.56 19.81 18.25
C LEU A 833 25.66 20.66 17.62
N ARG A 834 26.42 21.36 18.46
CA ARG A 834 27.63 22.06 18.07
C ARG A 834 28.85 21.25 18.50
N LEU A 835 29.98 21.51 17.87
CA LEU A 835 31.26 20.91 18.22
C LEU A 835 32.24 21.98 18.67
N THR A 836 33.30 21.52 19.33
CA THR A 836 34.31 22.44 19.83
C THR A 836 35.14 22.99 18.67
N ALA A 837 35.90 24.04 18.98
CA ALA A 837 36.92 24.52 18.04
C ALA A 837 37.99 23.47 17.82
N GLU A 838 38.30 22.69 18.85
CA GLU A 838 39.17 21.53 18.68
C GLU A 838 38.50 20.45 17.86
N GLY A 839 37.18 20.33 17.93
CA GLY A 839 36.50 19.26 17.24
C GLY A 839 36.39 19.48 15.74
N ASN A 840 36.10 20.72 15.32
CA ASN A 840 36.03 21.01 13.90
C ASN A 840 37.41 20.97 13.25
N LYS A 841 38.46 21.26 14.00
CA LYS A 841 39.82 21.12 13.47
C LYS A 841 40.14 19.64 13.24
N TRP A 842 39.67 18.77 14.13
CA TRP A 842 39.76 17.32 13.89
C TRP A 842 38.94 16.93 12.67
N ARG A 843 37.75 17.50 12.54
CA ARG A 843 36.84 17.14 11.45
C ARG A 843 37.40 17.58 10.11
N THR A 844 37.84 18.82 10.00
CA THR A 844 38.24 19.35 8.70
C THR A 844 39.62 18.87 8.26
N ASP A 845 40.37 18.19 9.11
CA ASP A 845 41.65 17.64 8.70
C ASP A 845 41.60 16.16 8.38
N ILE A 846 40.56 15.46 8.81
CA ILE A 846 40.33 14.11 8.32
C ILE A 846 39.61 14.16 6.99
N LEU A 847 38.80 15.20 6.76
CA LEU A 847 38.16 15.36 5.46
C LEU A 847 39.12 15.85 4.40
N LYS A 848 40.30 16.35 4.78
CA LYS A 848 41.35 16.62 3.80
C LYS A 848 41.99 15.35 3.29
N THR A 849 41.82 14.22 3.98
CA THR A 849 42.36 12.95 3.48
C THR A 849 41.50 12.44 2.33
N SER A 850 40.23 12.82 2.29
CA SER A 850 39.30 12.36 1.26
C SER A 850 39.47 13.07 -0.07
N VAL A 851 40.42 14.00 -0.21
CA VAL A 851 40.59 14.74 -1.45
C VAL A 851 41.26 13.90 -2.52
N ASP A 852 41.89 12.78 -2.15
CA ASP A 852 42.60 11.93 -3.09
C ASP A 852 42.09 10.49 -3.01
N THR A 853 40.95 10.27 -2.32
CA THR A 853 40.44 8.92 -2.16
C THR A 853 39.81 8.40 -3.45
N GLY A 854 39.09 9.25 -4.17
CA GLY A 854 38.41 8.85 -5.38
C GLY A 854 39.33 8.48 -6.53
N ARG A 855 40.57 8.95 -6.49
CA ARG A 855 41.55 8.62 -7.51
C ARG A 855 42.33 7.35 -7.16
N GLU A 856 42.69 7.19 -5.89
CA GLU A 856 43.34 5.96 -5.45
C GLU A 856 42.41 4.76 -5.56
N ALA A 857 41.11 4.98 -5.35
CA ALA A 857 40.16 3.88 -5.53
C ALA A 857 39.92 3.59 -7.00
N ALA A 858 40.00 4.60 -7.86
CA ALA A 858 39.82 4.38 -9.28
C ALA A 858 40.99 3.62 -9.89
N ALA A 859 42.21 4.02 -9.51
CA ALA A 859 43.41 3.39 -10.04
C ALA A 859 43.60 1.97 -9.53
N GLU A 860 42.97 1.61 -8.41
CA GLU A 860 43.00 0.22 -7.96
C GLU A 860 42.11 -0.66 -8.84
N VAL A 861 40.93 -0.16 -9.17
CA VAL A 861 39.97 -0.96 -9.94
C VAL A 861 40.44 -1.14 -11.37
N THR A 862 40.90 -0.06 -11.99
CA THR A 862 41.30 -0.09 -13.39
C THR A 862 42.67 -0.74 -13.60
N ASN A 863 43.35 -1.13 -12.52
CA ASN A 863 44.65 -1.83 -12.54
C ASN A 863 45.75 -1.01 -13.21
N LEU A 864 45.62 0.30 -13.18
CA LEU A 864 46.71 1.20 -13.50
C LEU A 864 47.54 1.37 -12.24
N ASP A 865 48.73 1.97 -12.38
CA ASP A 865 49.62 2.09 -11.24
C ASP A 865 49.13 3.13 -10.24
N LYS A 866 49.67 3.03 -9.03
CA LYS A 866 49.43 4.03 -8.00
C LYS A 866 50.10 5.35 -8.39
N ASP A 867 49.59 6.45 -7.84
CA ASP A 867 50.08 7.82 -8.03
C ASP A 867 49.97 8.28 -9.48
N THR A 868 49.04 7.70 -10.24
CA THR A 868 48.76 8.20 -11.57
C THR A 868 47.97 9.51 -11.47
N PRO A 869 48.18 10.45 -12.38
CA PRO A 869 47.42 11.71 -12.32
C PRO A 869 45.97 11.50 -12.74
N ALA A 870 45.12 12.41 -12.27
CA ALA A 870 43.68 12.28 -12.51
C ALA A 870 43.30 12.61 -13.95
N ASP A 871 44.17 13.29 -14.69
CA ASP A 871 43.95 13.58 -16.11
C ASP A 871 44.80 12.69 -17.01
N ASP A 872 45.11 11.48 -16.57
CA ASP A 872 45.88 10.54 -17.37
C ASP A 872 45.01 10.04 -18.51
N PRO A 873 45.47 10.13 -19.77
CA PRO A 873 44.67 9.57 -20.87
C PRO A 873 44.48 8.07 -20.82
N GLU A 874 45.40 7.34 -20.19
CA GLU A 874 45.17 5.91 -20.00
C GLU A 874 44.11 5.64 -18.93
N LEU A 875 44.05 6.49 -17.90
CA LEU A 875 43.00 6.38 -16.90
C LEU A 875 41.64 6.75 -17.50
N LEU A 876 41.58 7.87 -18.22
CA LEU A 876 40.32 8.34 -18.79
C LEU A 876 39.81 7.44 -19.91
N LYS A 877 40.69 6.67 -20.55
CA LYS A 877 40.23 5.69 -21.52
C LYS A 877 39.52 4.53 -20.85
N ARG A 878 40.07 4.03 -19.75
CA ARG A 878 39.52 2.83 -19.15
C ARG A 878 38.31 3.14 -18.26
N LEU A 879 38.25 4.34 -17.69
CA LEU A 879 37.06 4.73 -16.93
C LEU A 879 35.84 4.85 -17.83
N GLN A 880 36.03 5.25 -19.09
CA GLN A 880 34.94 5.27 -20.04
C GLN A 880 34.50 3.85 -20.40
N GLU A 881 35.44 2.90 -20.36
CA GLU A 881 35.07 1.50 -20.60
C GLU A 881 34.33 0.91 -19.41
N ILE A 882 34.61 1.39 -18.20
CA ILE A 882 33.93 0.90 -17.00
C ILE A 882 32.48 1.34 -16.99
N LEU A 883 32.21 2.56 -17.45
CA LEU A 883 30.87 3.13 -17.43
C LEU A 883 29.91 2.38 -18.35
N ARG A 884 30.41 1.87 -19.47
CA ARG A 884 29.53 1.25 -20.46
C ARG A 884 29.01 -0.10 -19.99
N ASP A 885 29.70 -0.77 -19.08
CA ASP A 885 29.23 -2.03 -18.52
C ASP A 885 28.57 -1.80 -17.17
N ASN A 886 27.48 -2.54 -16.94
CA ASN A 886 26.80 -2.46 -15.65
C ASN A 886 27.61 -3.15 -14.57
N ASN A 887 28.24 -4.29 -14.89
CA ASN A 887 28.93 -5.07 -13.88
C ASN A 887 30.31 -4.53 -13.56
N LYS A 888 31.00 -3.96 -14.54
CA LYS A 888 32.30 -3.36 -14.26
C LYS A 888 32.15 -2.05 -13.50
N SER A 889 31.03 -1.36 -13.68
CA SER A 889 30.78 -0.15 -12.90
C SER A 889 30.22 -0.46 -11.53
N GLY A 890 29.79 -1.70 -11.29
CA GLY A 890 29.40 -2.08 -9.95
C GLY A 890 30.59 -2.26 -9.02
N ILE A 891 31.74 -2.66 -9.55
CA ILE A 891 32.91 -2.84 -8.71
C ILE A 891 33.75 -1.57 -8.62
N LEU A 892 33.57 -0.62 -9.53
CA LEU A 892 34.17 0.70 -9.33
C LEU A 892 33.46 1.43 -8.20
N ASP A 893 32.14 1.33 -8.17
CA ASP A 893 31.34 1.99 -7.15
C ASP A 893 31.30 1.23 -5.84
N ALA A 894 31.91 0.04 -5.76
CA ALA A 894 31.98 -0.69 -4.52
C ALA A 894 33.31 -0.52 -3.80
N VAL A 895 34.41 -0.42 -4.55
CA VAL A 895 35.71 -0.18 -3.93
C VAL A 895 35.81 1.25 -3.42
N THR A 896 35.27 2.21 -4.18
CA THR A 896 35.32 3.60 -3.76
C THR A 896 34.41 3.85 -2.56
N SER A 897 33.24 3.22 -2.55
CA SER A 897 32.37 3.30 -1.38
C SER A 897 32.95 2.59 -0.18
N SER A 898 33.80 1.58 -0.40
CA SER A 898 34.45 0.90 0.71
C SER A 898 35.53 1.75 1.36
N LYS A 899 36.03 2.76 0.67
CA LYS A 899 37.08 3.62 1.21
C LYS A 899 36.53 4.90 1.82
N VAL A 900 35.50 5.49 1.22
CA VAL A 900 34.94 6.72 1.78
C VAL A 900 34.06 6.43 2.98
N ASN A 901 33.58 5.21 3.15
CA ASN A 901 32.95 4.81 4.39
C ASN A 901 33.97 4.49 5.47
N ALA A 902 35.21 4.22 5.08
CA ALA A 902 36.30 4.12 6.04
C ALA A 902 36.80 5.48 6.48
N ILE A 903 36.62 6.50 5.64
CA ILE A 903 36.89 7.87 6.06
C ILE A 903 35.81 8.33 7.04
N THR A 904 34.57 7.88 6.83
CA THR A 904 33.45 8.28 7.66
C THR A 904 33.60 7.75 9.08
N SER A 905 34.05 6.51 9.23
CA SER A 905 34.24 5.93 10.56
C SER A 905 35.37 6.58 11.33
N GLN A 906 36.35 7.17 10.64
CA GLN A 906 37.42 7.87 11.34
C GLN A 906 36.94 9.20 11.92
N VAL A 907 35.97 9.84 11.25
CA VAL A 907 35.48 11.13 11.71
C VAL A 907 34.59 10.95 12.94
N VAL A 908 33.69 9.96 12.89
CA VAL A 908 32.66 9.83 13.90
C VAL A 908 33.24 9.32 15.21
N SER A 909 34.20 8.40 15.14
CA SER A 909 34.80 7.86 16.35
C SER A 909 35.76 8.83 17.02
N LYS A 910 36.17 9.90 16.35
CA LYS A 910 37.01 10.92 16.98
C LYS A 910 36.18 12.09 17.49
N CYS A 911 35.29 12.63 16.66
CA CYS A 911 34.55 13.82 17.03
C CYS A 911 33.41 13.54 18.01
N VAL A 912 32.97 12.29 18.13
CA VAL A 912 31.85 11.92 18.98
C VAL A 912 32.29 10.83 19.93
N PRO A 913 32.16 11.00 21.26
CA PRO A 913 31.64 12.18 21.96
C PRO A 913 32.74 13.12 22.39
N ASP A 914 33.97 12.84 21.95
CA ASP A 914 35.15 13.52 22.47
C ASP A 914 35.28 14.94 21.97
N GLY A 915 34.63 15.30 20.87
CA GLY A 915 34.77 16.64 20.35
C GLY A 915 33.48 17.42 20.35
N THR A 916 32.56 17.07 21.25
CA THR A 916 31.29 17.76 21.35
C THR A 916 31.41 18.90 22.35
N MET A 917 30.73 20.01 22.07
CA MET A 917 30.89 21.19 22.92
C MET A 917 30.14 21.02 24.23
N LYS A 918 28.90 20.55 24.15
CA LYS A 918 28.12 20.18 25.33
C LYS A 918 28.04 18.67 25.32
N LYS A 919 28.45 18.04 26.41
CA LYS A 919 28.59 16.59 26.42
C LYS A 919 27.49 15.94 27.26
N PHE A 920 27.55 14.62 27.33
CA PHE A 920 26.57 13.83 28.06
C PHE A 920 26.71 14.09 29.56
N PRO A 921 25.61 14.18 30.32
CA PRO A 921 24.20 14.06 29.94
C PRO A 921 23.57 15.36 29.50
N CYS A 922 24.32 16.46 29.55
CA CYS A 922 23.78 17.76 29.19
C CYS A 922 23.48 17.85 27.70
N ASN A 923 24.18 17.07 26.89
CA ASN A 923 23.92 17.03 25.45
C ASN A 923 22.60 16.30 25.24
N SER A 924 21.53 17.06 25.04
CA SER A 924 20.21 16.47 24.90
C SER A 924 20.03 15.73 23.59
N MET A 925 20.78 16.10 22.56
CA MET A 925 20.78 15.34 21.31
C MET A 925 21.33 13.94 21.51
N GLN A 926 22.49 13.85 22.14
CA GLN A 926 23.14 12.56 22.29
C GLN A 926 22.58 11.76 23.46
N ALA A 927 21.88 12.42 24.39
CA ALA A 927 21.24 11.69 25.48
C ALA A 927 20.07 10.86 24.99
N MET A 928 19.28 11.39 24.06
CA MET A 928 18.20 10.62 23.49
C MET A 928 18.63 9.73 22.34
N ALA A 929 19.91 9.79 21.96
CA ALA A 929 20.45 8.88 20.96
C ALA A 929 21.17 7.69 21.59
N LEU A 930 21.87 7.91 22.70
CA LEU A 930 22.49 6.81 23.42
C LEU A 930 21.45 5.95 24.11
N SER A 931 20.45 6.58 24.69
CA SER A 931 19.46 5.87 25.48
C SER A 931 18.35 5.26 24.64
N GLY A 932 18.36 5.47 23.32
CA GLY A 932 17.35 4.88 22.47
C GLY A 932 15.96 5.46 22.65
N ALA A 933 15.86 6.69 23.13
CA ALA A 933 14.57 7.37 23.14
C ALA A 933 14.06 7.57 21.72
N LYS A 934 14.84 8.27 20.90
CA LYS A 934 14.54 8.43 19.49
C LYS A 934 15.83 8.77 18.78
N GLY A 935 16.17 8.02 17.75
CA GLY A 935 17.32 8.32 16.93
C GLY A 935 18.37 7.23 17.01
N SER A 936 19.52 7.52 16.40
CA SER A 936 20.61 6.56 16.33
C SER A 936 21.93 7.32 16.29
N ASN A 937 23.03 6.57 16.31
CA ASN A 937 24.34 7.20 16.16
C ASN A 937 24.55 7.66 14.72
N VAL A 938 23.95 6.97 13.76
CA VAL A 938 24.07 7.38 12.38
C VAL A 938 23.28 8.64 12.11
N ASN A 939 22.30 8.97 12.96
CA ASN A 939 21.57 10.23 12.81
C ASN A 939 22.37 11.40 13.35
N VAL A 940 22.98 11.25 14.53
CA VAL A 940 23.81 12.32 15.08
C VAL A 940 25.15 12.44 14.38
N SER A 941 25.54 11.41 13.62
CA SER A 941 26.68 11.54 12.73
C SER A 941 26.38 12.51 11.60
N GLN A 942 25.16 12.49 11.09
CA GLN A 942 24.77 13.36 10.00
C GLN A 942 24.43 14.76 10.49
N ILE A 943 24.01 14.86 11.75
CA ILE A 943 23.72 16.14 12.35
C ILE A 943 25.01 16.88 12.71
N MET A 944 25.99 16.17 13.26
CA MET A 944 27.13 16.82 13.87
C MET A 944 28.46 16.59 13.18
N CYS A 945 28.62 15.51 12.41
CA CYS A 945 29.94 15.23 11.81
C CYS A 945 29.92 15.24 10.29
N LEU A 946 29.10 14.42 9.67
CA LEU A 946 29.30 14.03 8.28
C LEU A 946 28.05 13.32 7.78
N LEU A 947 27.54 13.76 6.63
CA LEU A 947 26.33 13.14 6.11
C LEU A 947 26.64 11.83 5.40
N GLY A 948 27.78 11.76 4.72
CA GLY A 948 28.34 10.48 4.32
C GLY A 948 28.14 10.18 2.85
N GLN A 949 28.23 8.89 2.55
CA GLN A 949 28.02 8.40 1.18
C GLN A 949 26.54 8.23 0.92
N GLN A 950 26.08 8.76 -0.21
CA GLN A 950 24.67 8.69 -0.61
C GLN A 950 24.50 7.45 -1.48
N ALA A 951 23.94 6.40 -0.90
CA ALA A 951 23.84 5.10 -1.56
C ALA A 951 22.57 5.02 -2.40
N LEU A 952 22.72 4.63 -3.65
CA LEU A 952 21.64 4.26 -4.55
C LEU A 952 21.40 2.76 -4.41
N GLU A 953 20.82 2.12 -5.44
CA GLU A 953 20.51 0.69 -5.38
C GLU A 953 21.82 -0.11 -5.35
N GLY A 954 22.43 -0.17 -4.16
CA GLY A 954 23.73 -0.77 -3.97
C GLY A 954 24.90 0.05 -4.44
N ARG A 955 24.66 1.13 -5.17
CA ARG A 955 25.68 1.84 -5.93
C ARG A 955 25.87 3.26 -5.40
N ARG A 956 26.70 4.00 -6.12
CA ARG A 956 26.84 5.44 -5.92
C ARG A 956 25.80 6.15 -6.79
N VAL A 957 25.97 7.45 -6.95
CA VAL A 957 25.06 8.28 -7.74
C VAL A 957 25.16 7.89 -9.21
N PRO A 958 24.04 7.74 -9.93
CA PRO A 958 24.11 7.32 -11.33
C PRO A 958 24.72 8.39 -12.23
N VAL A 959 25.32 7.91 -13.32
CA VAL A 959 26.15 8.72 -14.20
C VAL A 959 25.40 8.92 -15.52
N MET A 960 25.64 10.05 -16.17
CA MET A 960 25.04 10.33 -17.47
C MET A 960 25.70 9.51 -18.57
N VAL A 961 25.26 9.76 -19.80
CA VAL A 961 25.86 9.09 -20.96
C VAL A 961 27.23 9.68 -21.25
N SER A 962 27.44 10.96 -20.93
CA SER A 962 28.72 11.60 -21.22
C SER A 962 29.82 11.12 -20.28
N GLY A 963 29.45 10.67 -19.08
CA GLY A 963 30.41 10.39 -18.04
C GLY A 963 30.34 11.37 -16.90
N LYS A 964 29.64 12.49 -17.06
CA LYS A 964 29.39 13.36 -15.94
C LYS A 964 28.38 12.74 -15.00
N THR A 965 28.53 13.03 -13.72
CA THR A 965 27.56 12.61 -12.74
C THR A 965 26.51 13.68 -12.51
N LEU A 966 26.77 14.90 -12.97
CA LEU A 966 25.97 16.09 -12.77
C LEU A 966 26.61 17.14 -13.69
N PRO A 967 25.90 18.19 -14.09
CA PRO A 967 26.55 19.20 -14.95
C PRO A 967 27.64 20.03 -14.28
N SER A 968 27.72 20.00 -12.95
CA SER A 968 28.76 20.77 -12.27
C SER A 968 30.14 20.15 -12.39
N PHE A 969 30.21 18.84 -12.61
CA PHE A 969 31.47 18.12 -12.59
C PHE A 969 31.94 17.86 -13.99
N LYS A 970 33.26 17.83 -14.17
CA LYS A 970 33.84 17.55 -15.47
C LYS A 970 33.61 16.08 -15.81
N PRO A 971 33.64 15.70 -17.09
CA PRO A 971 33.41 14.30 -17.45
C PRO A 971 34.55 13.40 -16.98
N TYR A 972 34.18 12.34 -16.26
CA TYR A 972 35.08 11.31 -15.71
C TYR A 972 36.13 11.94 -14.79
N GLU A 973 35.67 12.51 -13.69
CA GLU A 973 36.62 12.93 -12.67
C GLU A 973 36.62 11.92 -11.53
N THR A 974 37.81 11.67 -11.01
CA THR A 974 37.99 10.74 -9.90
C THR A 974 37.97 11.48 -8.56
N ASP A 975 36.94 12.29 -8.36
CA ASP A 975 36.72 12.95 -7.09
C ASP A 975 35.70 12.14 -6.31
N ALA A 976 35.90 12.05 -4.99
CA ALA A 976 34.94 11.33 -4.16
C ALA A 976 33.66 12.14 -4.02
N MET A 977 33.75 13.47 -4.09
CA MET A 977 32.56 14.31 -4.01
C MET A 977 31.68 14.14 -5.24
N ALA A 978 32.29 13.87 -6.39
CA ALA A 978 31.53 13.71 -7.63
C ALA A 978 30.73 12.42 -7.69
N GLY A 979 30.97 11.48 -6.79
CA GLY A 979 30.20 10.26 -6.81
C GLY A 979 29.26 10.13 -5.62
N GLY A 980 28.95 11.24 -4.98
CA GLY A 980 27.93 11.27 -3.97
C GLY A 980 28.41 11.30 -2.53
N TYR A 981 29.71 11.22 -2.30
CA TYR A 981 30.23 11.34 -0.95
C TYR A 981 30.19 12.82 -0.56
N VAL A 982 29.29 13.16 0.36
CA VAL A 982 29.05 14.54 0.73
C VAL A 982 29.72 14.79 2.08
N LYS A 983 30.31 15.98 2.21
CA LYS A 983 31.10 16.33 3.37
C LYS A 983 30.43 17.39 4.23
N GLY A 984 29.12 17.51 4.12
CA GLY A 984 28.41 18.55 4.83
C GLY A 984 27.43 18.02 5.85
N ARG A 985 27.64 18.37 7.11
CA ARG A 985 26.68 18.04 8.13
C ARG A 985 25.45 18.92 8.00
N PHE A 986 24.36 18.49 8.62
CA PHE A 986 23.13 19.28 8.61
C PHE A 986 23.24 20.53 9.48
N TYR A 987 24.21 20.57 10.40
CA TYR A 987 24.44 21.77 11.18
C TYR A 987 24.99 22.91 10.32
N SER A 988 25.93 22.60 9.43
CA SER A 988 26.51 23.61 8.55
C SER A 988 25.80 23.69 7.21
N GLY A 989 25.40 22.55 6.65
CA GLY A 989 24.62 22.55 5.45
C GLY A 989 25.34 21.89 4.30
N ILE A 990 24.56 21.46 3.32
CA ILE A 990 25.05 20.72 2.17
C ILE A 990 25.03 21.62 0.95
N LYS A 991 26.09 21.52 0.13
CA LYS A 991 26.24 22.30 -1.09
C LYS A 991 25.15 21.92 -2.10
N PRO A 992 24.85 22.80 -3.07
CA PRO A 992 23.74 22.51 -3.99
C PRO A 992 23.95 21.29 -4.87
N GLN A 993 25.19 20.91 -5.15
CA GLN A 993 25.45 19.65 -5.84
C GLN A 993 25.49 18.48 -4.88
N GLU A 994 25.66 18.73 -3.58
CA GLU A 994 25.50 17.70 -2.57
C GLU A 994 24.03 17.52 -2.21
N TYR A 995 23.26 18.58 -2.32
CA TYR A 995 21.84 18.55 -2.03
C TYR A 995 21.07 17.71 -3.04
N TYR A 996 21.49 17.77 -4.31
CA TYR A 996 20.78 17.04 -5.36
C TYR A 996 21.09 15.55 -5.29
N PHE A 997 22.27 15.18 -4.81
CA PHE A 997 22.59 13.78 -4.61
C PHE A 997 21.84 13.22 -3.41
N HIS A 998 21.62 14.05 -2.39
CA HIS A 998 20.87 13.63 -1.21
C HIS A 998 19.38 13.50 -1.50
N CYS A 999 18.89 14.14 -2.56
CA CYS A 999 17.51 13.94 -2.99
C CYS A 999 17.30 12.64 -3.74
N MET A 1000 18.36 12.08 -4.34
CA MET A 1000 18.23 10.79 -5.02
C MET A 1000 18.03 9.66 -4.03
N ALA A 1001 18.86 9.64 -2.98
CA ALA A 1001 18.71 8.62 -1.95
C ALA A 1001 17.45 8.83 -1.11
N GLY A 1002 16.95 10.05 -1.03
CA GLY A 1002 15.73 10.29 -0.26
C GLY A 1002 14.49 9.81 -0.98
N ARG A 1003 14.46 9.92 -2.31
CA ARG A 1003 13.32 9.45 -3.07
C ARG A 1003 13.26 7.94 -3.08
N GLU A 1004 14.42 7.28 -3.16
CA GLU A 1004 14.50 5.82 -3.23
C GLU A 1004 13.93 5.16 -1.99
N GLY A 1005 14.09 5.79 -0.83
CA GLY A 1005 13.43 5.30 0.37
C GLY A 1005 11.93 5.43 0.31
N LEU A 1006 11.43 6.43 -0.41
CA LEU A 1006 9.99 6.61 -0.57
C LEU A 1006 9.41 5.73 -1.67
N ILE A 1007 10.22 5.32 -2.64
CA ILE A 1007 9.73 4.41 -3.68
C ILE A 1007 9.60 3.00 -3.14
N ASP A 1008 10.58 2.55 -2.35
CA ASP A 1008 10.51 1.23 -1.74
C ASP A 1008 9.43 1.17 -0.67
N THR A 1009 9.14 2.30 -0.02
CA THR A 1009 8.04 2.37 0.93
C THR A 1009 6.70 2.16 0.24
N ALA A 1010 6.52 2.78 -0.92
CA ALA A 1010 5.21 2.79 -1.57
C ALA A 1010 4.95 1.52 -2.37
N VAL A 1011 5.76 1.26 -3.39
CA VAL A 1011 5.40 0.26 -4.39
C VAL A 1011 5.87 -1.14 -4.04
N LYS A 1012 6.89 -1.29 -3.19
CA LYS A 1012 7.45 -2.60 -2.92
C LYS A 1012 6.72 -3.37 -1.83
N THR A 1013 5.75 -2.74 -1.15
CA THR A 1013 4.93 -3.48 -0.20
C THR A 1013 3.89 -4.36 -0.89
N SER A 1014 3.63 -4.12 -2.18
CA SER A 1014 2.75 -4.99 -2.95
C SER A 1014 3.39 -6.35 -3.24
N ARG A 1015 4.70 -6.46 -3.06
CA ARG A 1015 5.39 -7.74 -3.23
C ARG A 1015 5.46 -8.51 -1.93
N SER A 1016 5.56 -7.83 -0.79
CA SER A 1016 5.62 -8.49 0.51
C SER A 1016 4.25 -8.74 1.10
N GLY A 1017 3.24 -7.94 0.73
CA GLY A 1017 1.91 -8.17 1.23
C GLY A 1017 1.22 -9.36 0.62
N TYR A 1018 1.64 -9.76 -0.58
CA TYR A 1018 1.15 -10.97 -1.21
C TYR A 1018 1.93 -12.20 -0.79
N LEU A 1019 3.09 -12.01 -0.16
CA LEU A 1019 3.76 -13.11 0.53
C LEU A 1019 2.93 -13.62 1.69
N GLN A 1020 2.48 -12.72 2.55
CA GLN A 1020 1.68 -13.11 3.70
C GLN A 1020 0.28 -13.54 3.28
N ARG A 1021 -0.19 -13.07 2.13
CA ARG A 1021 -1.52 -13.45 1.65
C ARG A 1021 -1.52 -14.89 1.15
N CYS A 1022 -0.42 -15.33 0.54
CA CYS A 1022 -0.31 -16.72 0.12
C CYS A 1022 0.01 -17.62 1.30
N LEU A 1023 0.72 -17.08 2.29
CA LEU A 1023 1.22 -17.91 3.38
C LEU A 1023 0.11 -18.18 4.40
N THR A 1024 -0.90 -17.33 4.43
CA THR A 1024 -1.95 -17.44 5.44
C THR A 1024 -3.04 -18.42 5.02
N LYS A 1025 -3.40 -18.39 3.73
CA LYS A 1025 -4.53 -19.18 3.24
C LYS A 1025 -4.28 -20.68 3.37
N GLN A 1026 -3.03 -21.11 3.19
CA GLN A 1026 -2.69 -22.51 3.40
C GLN A 1026 -2.69 -22.85 4.88
N LEU A 1027 -2.22 -21.92 5.71
CA LEU A 1027 -1.95 -22.17 7.11
C LEU A 1027 -3.04 -21.64 8.03
N GLU A 1028 -4.20 -21.26 7.49
CA GLU A 1028 -5.28 -20.80 8.34
C GLU A 1028 -5.98 -21.95 9.06
N GLY A 1029 -5.83 -23.17 8.57
CA GLY A 1029 -6.51 -24.30 9.16
C GLY A 1029 -5.72 -24.99 10.25
N VAL A 1030 -4.39 -24.90 10.19
CA VAL A 1030 -3.56 -25.66 11.12
C VAL A 1030 -3.61 -25.03 12.51
N HIS A 1031 -3.58 -25.88 13.52
CA HIS A 1031 -3.82 -25.51 14.90
C HIS A 1031 -3.37 -26.66 15.79
N VAL A 1032 -3.17 -26.37 17.07
CA VAL A 1032 -2.80 -27.42 18.00
C VAL A 1032 -4.05 -28.25 18.31
N SER A 1033 -3.89 -29.57 18.29
CA SER A 1033 -4.97 -30.44 18.71
C SER A 1033 -4.80 -30.80 20.19
N TYR A 1034 -5.73 -31.57 20.72
CA TYR A 1034 -5.64 -32.04 22.10
C TYR A 1034 -4.74 -33.26 22.25
N ASP A 1035 -4.11 -33.71 21.18
CA ASP A 1035 -3.08 -34.75 21.24
C ASP A 1035 -1.69 -34.18 21.43
N ASN A 1036 -1.58 -32.86 21.62
CA ASN A 1036 -0.34 -32.09 21.52
C ASN A 1036 0.35 -32.37 20.18
N SER A 1037 -0.45 -32.37 19.12
CA SER A 1037 0.00 -32.77 17.79
C SER A 1037 -0.71 -31.87 16.78
N ILE A 1038 0.02 -30.91 16.24
CA ILE A 1038 -0.60 -29.87 15.44
C ILE A 1038 -0.87 -30.39 14.03
N ARG A 1039 -1.99 -29.96 13.46
CA ARG A 1039 -2.52 -30.60 12.27
C ARG A 1039 -3.53 -29.68 11.60
N ASP A 1040 -3.92 -30.05 10.39
CA ASP A 1040 -4.75 -29.20 9.57
C ASP A 1040 -6.22 -29.36 9.96
N ALA A 1041 -7.10 -28.65 9.27
CA ALA A 1041 -8.51 -28.61 9.64
C ALA A 1041 -9.23 -29.89 9.25
N ASP A 1042 -8.87 -30.48 8.11
CA ASP A 1042 -9.51 -31.72 7.68
C ASP A 1042 -9.07 -32.91 8.52
N GLY A 1043 -7.91 -32.82 9.18
CA GLY A 1043 -7.39 -33.89 9.98
C GLY A 1043 -6.03 -34.38 9.60
N THR A 1044 -5.49 -33.96 8.44
CA THR A 1044 -4.16 -34.42 8.04
C THR A 1044 -3.11 -33.78 8.93
N LEU A 1045 -2.01 -34.50 9.10
CA LEU A 1045 -1.03 -34.20 10.13
C LEU A 1045 0.18 -33.53 9.52
N VAL A 1046 0.61 -32.44 10.13
CA VAL A 1046 1.79 -31.70 9.68
C VAL A 1046 2.98 -31.94 10.59
N GLN A 1047 2.79 -31.79 11.90
CA GLN A 1047 3.83 -32.10 12.86
C GLN A 1047 3.26 -32.98 13.96
N PHE A 1048 4.08 -33.89 14.47
CA PHE A 1048 3.66 -34.68 15.63
C PHE A 1048 3.75 -33.90 16.93
N MET A 1049 4.53 -32.84 16.96
CA MET A 1049 4.68 -32.03 18.16
C MET A 1049 5.22 -30.67 17.73
N TYR A 1050 4.76 -29.61 18.39
CA TYR A 1050 5.04 -28.24 17.96
C TYR A 1050 6.50 -27.90 18.18
N GLY A 1051 7.28 -27.83 17.10
CA GLY A 1051 8.69 -27.58 17.20
C GLY A 1051 9.50 -28.70 17.82
N GLY A 1052 8.92 -29.88 18.00
CA GLY A 1052 9.55 -30.96 18.71
C GLY A 1052 9.50 -30.84 20.22
N ASP A 1053 8.96 -29.75 20.76
CA ASP A 1053 8.90 -29.58 22.20
C ASP A 1053 7.60 -28.99 22.74
N ALA A 1054 6.71 -28.48 21.88
CA ALA A 1054 5.33 -28.09 22.23
C ALA A 1054 5.27 -27.00 23.29
N ILE A 1055 6.18 -26.05 23.24
CA ILE A 1055 6.11 -24.94 24.18
C ILE A 1055 5.88 -23.65 23.42
N ASP A 1056 5.13 -22.75 24.05
CA ASP A 1056 4.76 -21.49 23.43
C ASP A 1056 5.97 -20.57 23.37
N ILE A 1057 6.01 -19.76 22.31
CA ILE A 1057 7.11 -18.80 22.16
C ILE A 1057 6.98 -17.68 23.18
N THR A 1058 5.77 -17.25 23.46
CA THR A 1058 5.51 -16.18 24.42
C THR A 1058 5.60 -16.63 25.88
N LYS A 1059 6.14 -17.81 26.15
CA LYS A 1059 6.38 -18.27 27.51
C LYS A 1059 7.76 -18.87 27.72
N GLU A 1060 8.51 -19.16 26.65
CA GLU A 1060 9.84 -19.75 26.78
C GLU A 1060 10.95 -18.70 26.83
N SER A 1061 10.62 -17.46 27.21
CA SER A 1061 11.62 -16.41 27.29
C SER A 1061 12.57 -16.64 28.46
N HIS A 1062 12.04 -16.77 29.67
CA HIS A 1062 12.84 -17.00 30.86
C HIS A 1062 12.93 -18.49 31.23
N MET A 1063 12.94 -19.36 30.24
CA MET A 1063 12.92 -20.78 30.57
C MET A 1063 14.33 -21.35 30.72
N THR A 1064 15.24 -20.96 29.84
CA THR A 1064 16.64 -21.36 29.97
C THR A 1064 17.46 -20.34 30.74
N GLN A 1065 16.83 -19.28 31.26
CA GLN A 1065 17.50 -18.30 32.11
C GLN A 1065 17.42 -18.83 33.53
N PHE A 1066 18.36 -19.72 33.86
CA PHE A 1066 18.25 -20.44 35.12
C PHE A 1066 18.73 -19.60 36.30
N GLU A 1067 19.83 -18.87 36.14
CA GLU A 1067 20.35 -18.06 37.22
C GLU A 1067 19.47 -16.86 37.52
N PHE A 1068 18.63 -16.44 36.57
CA PHE A 1068 17.56 -15.51 36.88
C PHE A 1068 16.53 -16.16 37.79
N CYS A 1069 16.03 -17.33 37.39
CA CYS A 1069 14.97 -17.99 38.13
C CYS A 1069 15.46 -18.57 39.45
N LEU A 1070 16.77 -18.83 39.57
CA LEU A 1070 17.32 -19.28 40.85
C LEU A 1070 17.30 -18.14 41.86
N ASP A 1071 17.62 -16.93 41.42
CA ASP A 1071 17.62 -15.78 42.32
C ASP A 1071 16.22 -15.34 42.70
N ASN A 1072 15.22 -15.67 41.89
CA ASN A 1072 13.83 -15.37 42.17
C ASN A 1072 13.06 -16.65 42.47
N TYR A 1073 13.68 -17.56 43.22
CA TYR A 1073 13.07 -18.86 43.46
C TYR A 1073 11.84 -18.76 44.37
N TYR A 1074 11.97 -18.03 45.48
CA TYR A 1074 10.87 -17.95 46.44
C TYR A 1074 9.71 -17.12 45.92
N ALA A 1075 9.95 -16.27 44.92
CA ALA A 1075 8.86 -15.52 44.32
C ALA A 1075 8.16 -16.32 43.23
N LEU A 1076 8.90 -17.13 42.47
CA LEU A 1076 8.29 -17.98 41.46
C LEU A 1076 7.55 -19.16 42.10
N LEU A 1077 7.99 -19.61 43.27
CA LEU A 1077 7.30 -20.69 43.96
C LEU A 1077 5.92 -20.28 44.45
N LYS A 1078 5.68 -18.98 44.62
CA LYS A 1078 4.35 -18.51 45.00
C LYS A 1078 3.35 -18.55 43.87
N LYS A 1079 3.81 -18.62 42.61
CA LYS A 1079 2.88 -18.67 41.49
C LYS A 1079 2.80 -20.02 40.81
N TYR A 1080 3.84 -20.85 40.90
CA TYR A 1080 3.74 -22.18 40.34
C TYR A 1080 3.24 -23.19 41.36
N ASN A 1081 3.55 -22.99 42.65
CA ASN A 1081 2.93 -23.61 43.81
C ASN A 1081 2.97 -25.14 43.75
N PRO A 1082 4.13 -25.76 44.02
CA PRO A 1082 4.32 -27.19 43.68
C PRO A 1082 3.37 -28.16 44.37
N SER A 1083 3.21 -28.07 45.69
CA SER A 1083 2.41 -29.03 46.44
C SER A 1083 0.92 -28.95 46.13
N ALA A 1084 0.45 -27.83 45.57
CA ALA A 1084 -0.92 -27.75 45.10
C ALA A 1084 -1.09 -28.30 43.69
N LEU A 1085 0.00 -28.64 43.00
CA LEU A 1085 -0.08 -29.09 41.62
C LEU A 1085 0.63 -30.43 41.42
N ILE A 1086 0.84 -31.21 42.48
CA ILE A 1086 1.26 -32.60 42.32
C ILE A 1086 0.05 -33.52 42.19
N GLU A 1087 -1.06 -33.16 42.85
CA GLU A 1087 -2.15 -34.09 43.10
C GLU A 1087 -2.94 -34.45 41.85
N HIS A 1088 -2.86 -33.64 40.79
CA HIS A 1088 -3.52 -33.93 39.52
C HIS A 1088 -2.56 -34.46 38.47
N LEU A 1089 -1.37 -34.92 38.89
CA LEU A 1089 -0.29 -35.27 37.99
C LEU A 1089 0.27 -36.63 38.33
N ASP A 1090 1.27 -37.05 37.56
CA ASP A 1090 2.09 -38.22 37.85
C ASP A 1090 3.54 -37.78 37.79
N VAL A 1091 4.21 -37.78 38.93
CA VAL A 1091 5.59 -37.35 39.01
C VAL A 1091 6.55 -38.53 38.80
N GLU A 1092 6.10 -39.75 39.08
CA GLU A 1092 7.01 -40.89 39.18
C GLU A 1092 7.43 -41.41 37.82
N SER A 1093 6.51 -41.51 36.86
CA SER A 1093 6.77 -42.31 35.65
C SER A 1093 7.67 -41.60 34.65
N ALA A 1094 7.49 -40.28 34.48
CA ALA A 1094 8.23 -39.58 33.42
C ALA A 1094 9.67 -39.29 33.82
N LEU A 1095 9.94 -39.14 35.12
CA LEU A 1095 11.32 -38.87 35.56
C LEU A 1095 12.19 -40.12 35.46
N LYS A 1096 11.58 -41.31 35.52
CA LYS A 1096 12.35 -42.54 35.32
C LYS A 1096 12.87 -42.64 33.90
N TYR A 1097 11.97 -42.53 32.91
CA TYR A 1097 12.33 -42.70 31.52
C TYR A 1097 13.19 -41.55 31.00
N SER A 1098 13.15 -40.40 31.66
CA SER A 1098 14.07 -39.32 31.33
C SER A 1098 15.48 -39.61 31.81
N LYS A 1099 15.65 -40.57 32.72
CA LYS A 1099 16.97 -41.03 33.12
C LYS A 1099 17.38 -42.33 32.46
N LYS A 1100 16.44 -43.05 31.86
CA LYS A 1100 16.78 -44.26 31.12
C LYS A 1100 17.46 -43.92 29.79
N THR A 1101 17.15 -42.77 29.22
CA THR A 1101 17.69 -42.35 27.93
C THR A 1101 18.90 -41.43 28.06
N LEU A 1102 18.89 -40.55 29.06
CA LEU A 1102 20.02 -39.66 29.29
C LEU A 1102 21.26 -40.45 29.71
N LYS A 1103 21.07 -41.51 30.48
CA LYS A 1103 22.16 -42.44 30.75
C LYS A 1103 22.58 -43.17 29.48
N TYR A 1104 21.63 -43.46 28.59
CA TYR A 1104 21.97 -44.13 27.34
C TYR A 1104 22.70 -43.19 26.39
N ARG A 1105 22.23 -41.95 26.26
CA ARG A 1105 22.80 -41.04 25.28
C ARG A 1105 24.15 -40.48 25.72
N LYS A 1106 24.35 -40.24 27.02
CA LYS A 1106 25.65 -39.75 27.47
C LYS A 1106 26.73 -40.82 27.43
N LYS A 1107 26.35 -42.09 27.63
CA LYS A 1107 27.32 -43.17 27.48
C LYS A 1107 27.65 -43.41 26.01
N HIS A 1108 26.63 -43.36 25.16
CA HIS A 1108 26.79 -43.49 23.72
C HIS A 1108 26.99 -42.11 23.11
N SER A 1109 26.73 -41.98 21.80
CA SER A 1109 26.70 -40.72 21.06
C SER A 1109 28.08 -40.08 20.94
N LYS A 1110 29.12 -40.90 20.92
CA LYS A 1110 30.38 -40.49 20.34
C LYS A 1110 30.37 -40.69 18.83
N GLU A 1111 29.53 -41.62 18.36
CA GLU A 1111 29.23 -42.06 17.01
C GLU A 1111 28.23 -41.13 16.35
N PRO A 1112 28.25 -41.01 15.01
CA PRO A 1112 27.29 -40.12 14.34
C PRO A 1112 25.88 -40.68 14.26
N HIS A 1113 25.01 -39.96 13.54
CA HIS A 1113 23.57 -40.19 13.65
C HIS A 1113 23.11 -41.46 12.95
N TYR A 1114 23.77 -41.87 11.87
CA TYR A 1114 23.36 -43.08 11.16
C TYR A 1114 23.76 -44.35 11.89
N LYS A 1115 24.73 -44.28 12.81
CA LYS A 1115 25.16 -45.45 13.56
C LYS A 1115 24.27 -45.76 14.75
N GLN A 1116 23.51 -44.77 15.23
CA GLN A 1116 22.80 -44.89 16.50
C GLN A 1116 21.61 -45.84 16.36
N SER A 1117 21.80 -47.09 16.80
CA SER A 1117 20.68 -47.97 17.09
C SER A 1117 20.09 -47.51 18.41
N VAL A 1118 18.90 -46.89 18.35
CA VAL A 1118 18.53 -45.94 19.39
C VAL A 1118 17.97 -46.62 20.64
N LYS A 1119 17.17 -47.69 20.47
CA LYS A 1119 16.61 -48.54 21.53
C LYS A 1119 15.59 -47.81 22.41
N TYR A 1120 15.43 -46.51 22.23
CA TYR A 1120 14.61 -45.68 23.11
C TYR A 1120 14.02 -44.54 22.30
N ASP A 1121 12.76 -44.25 22.54
CA ASP A 1121 12.17 -43.02 22.06
C ASP A 1121 12.78 -41.85 22.82
N PRO A 1122 12.78 -40.65 22.24
CA PRO A 1122 12.97 -39.46 23.06
C PRO A 1122 11.80 -39.34 24.03
N VAL A 1123 12.11 -38.84 25.23
CA VAL A 1123 11.20 -38.95 26.37
C VAL A 1123 9.98 -38.04 26.26
N LEU A 1124 9.93 -37.20 25.24
CA LEU A 1124 8.88 -36.21 25.09
C LEU A 1124 7.78 -36.68 24.16
N ALA A 1125 8.08 -37.61 23.25
CA ALA A 1125 7.08 -38.18 22.35
C ALA A 1125 6.62 -39.57 22.80
N LYS A 1126 6.78 -39.88 24.08
CA LYS A 1126 6.22 -41.08 24.67
C LYS A 1126 5.17 -40.78 25.73
N TYR A 1127 5.47 -39.91 26.67
CA TYR A 1127 4.53 -39.48 27.68
C TYR A 1127 3.95 -38.12 27.32
N ASN A 1128 2.82 -37.79 27.94
CA ASN A 1128 2.17 -36.52 27.73
C ASN A 1128 2.95 -35.43 28.46
N PRO A 1129 3.50 -34.43 27.76
CA PRO A 1129 4.28 -33.40 28.45
C PRO A 1129 3.44 -32.42 29.25
N ALA A 1130 2.13 -32.36 29.03
CA ALA A 1130 1.25 -31.47 29.77
C ALA A 1130 0.58 -32.15 30.95
N LYS A 1131 0.88 -33.41 31.20
CA LYS A 1131 0.31 -34.15 32.32
C LYS A 1131 1.38 -34.82 33.17
N TYR A 1132 2.44 -35.32 32.56
CA TYR A 1132 3.50 -36.02 33.26
C TYR A 1132 4.61 -35.03 33.60
N LEU A 1133 4.82 -34.79 34.89
CA LEU A 1133 5.87 -33.87 35.34
C LEU A 1133 7.23 -34.49 35.10
N GLY A 1134 8.03 -33.87 34.23
CA GLY A 1134 9.37 -34.31 33.95
C GLY A 1134 9.64 -34.67 32.50
N SER A 1135 8.63 -34.64 31.63
CA SER A 1135 8.82 -34.94 30.23
C SER A 1135 9.32 -33.67 29.54
N VAL A 1136 10.63 -33.58 29.34
CA VAL A 1136 11.26 -32.37 28.82
C VAL A 1136 12.00 -32.72 27.53
N SER A 1137 12.36 -31.67 26.78
CA SER A 1137 13.14 -31.86 25.57
C SER A 1137 14.59 -32.17 25.91
N GLU A 1138 15.34 -32.64 24.92
CA GLU A 1138 16.72 -33.05 25.14
C GLU A 1138 17.72 -31.92 24.96
N ASN A 1139 17.27 -30.67 24.96
CA ASN A 1139 18.13 -29.55 25.27
C ASN A 1139 17.78 -28.89 26.59
N PHE A 1140 16.50 -28.89 26.97
CA PHE A 1140 16.16 -28.43 28.31
C PHE A 1140 16.59 -29.44 29.35
N GLN A 1141 16.71 -30.72 28.99
CA GLN A 1141 17.22 -31.71 29.93
C GLN A 1141 18.72 -31.54 30.13
N ASP A 1142 19.45 -31.24 29.06
CA ASP A 1142 20.90 -31.08 29.16
C ASP A 1142 21.28 -29.76 29.81
N LYS A 1143 20.71 -28.65 29.31
CA LYS A 1143 21.10 -27.33 29.79
C LYS A 1143 20.66 -27.07 31.22
N LEU A 1144 19.66 -27.79 31.73
CA LEU A 1144 19.36 -27.72 33.15
C LEU A 1144 20.47 -28.38 33.96
N GLU A 1145 20.74 -29.66 33.68
CA GLU A 1145 21.72 -30.42 34.45
C GLU A 1145 23.14 -29.95 34.21
N SER A 1146 23.42 -29.32 33.08
CA SER A 1146 24.73 -28.71 32.88
C SER A 1146 24.89 -27.48 33.76
N PHE A 1147 23.89 -26.59 33.76
CA PHE A 1147 23.89 -25.44 34.68
C PHE A 1147 23.92 -25.89 36.13
N LEU A 1148 23.26 -26.99 36.42
CA LEU A 1148 23.20 -27.52 37.78
C LEU A 1148 24.45 -28.31 38.14
N ASP A 1149 25.47 -28.30 37.27
CA ASP A 1149 26.76 -28.90 37.53
C ASP A 1149 27.94 -27.99 37.23
N LYS A 1150 27.78 -26.94 36.40
CA LYS A 1150 28.86 -25.97 36.19
C LYS A 1150 29.15 -25.18 37.46
N ASN A 1151 28.14 -24.97 38.30
CA ASN A 1151 28.34 -24.34 39.61
C ASN A 1151 27.57 -25.14 40.66
N SER A 1152 27.71 -24.72 41.91
CA SER A 1152 27.06 -25.41 43.02
C SER A 1152 26.77 -24.39 44.11
N LYS A 1153 25.50 -24.02 44.27
CA LYS A 1153 25.08 -23.13 45.33
C LYS A 1153 23.94 -23.75 46.12
N GLY A 1160 17.65 -20.73 51.77
CA GLY A 1160 18.53 -21.71 51.19
C GLY A 1160 17.79 -22.75 50.34
N VAL A 1161 18.02 -22.69 49.04
CA VAL A 1161 17.41 -23.62 48.09
C VAL A 1161 18.46 -24.64 47.66
N ASN A 1162 18.10 -25.92 47.72
CA ASN A 1162 19.02 -26.99 47.38
C ASN A 1162 18.89 -27.37 45.90
N GLU A 1163 19.47 -28.50 45.53
CA GLU A 1163 19.47 -28.94 44.14
C GLU A 1163 18.15 -29.58 43.74
N LYS A 1164 17.51 -30.31 44.65
CA LYS A 1164 16.30 -31.05 44.27
C LYS A 1164 15.07 -30.16 44.19
N LYS A 1165 15.02 -29.07 44.98
CA LYS A 1165 13.90 -28.14 44.86
C LYS A 1165 13.97 -27.26 43.64
N PHE A 1166 15.12 -27.20 42.98
CA PHE A 1166 15.27 -26.38 41.78
C PHE A 1166 14.86 -27.13 40.52
N ARG A 1167 15.37 -28.35 40.34
CA ARG A 1167 15.00 -29.12 39.15
C ARG A 1167 13.57 -29.63 39.20
N ALA A 1168 12.91 -29.58 40.36
CA ALA A 1168 11.49 -29.85 40.45
C ALA A 1168 10.64 -28.62 40.25
N LEU A 1169 11.27 -27.46 40.01
CA LEU A 1169 10.55 -26.23 39.72
C LEU A 1169 10.71 -25.78 38.28
N MET A 1170 11.87 -26.04 37.67
CA MET A 1170 12.02 -25.80 36.24
C MET A 1170 11.15 -26.74 35.42
N GLN A 1171 11.01 -27.98 35.89
CA GLN A 1171 10.13 -28.93 35.21
C GLN A 1171 8.68 -28.59 35.45
N LEU A 1172 8.35 -28.00 36.59
CA LEU A 1172 7.02 -27.43 36.77
C LEU A 1172 6.83 -26.18 35.92
N LYS A 1173 7.91 -25.42 35.70
CA LYS A 1173 7.84 -24.27 34.82
C LYS A 1173 7.75 -24.71 33.36
N TYR A 1174 8.49 -25.76 32.99
CA TYR A 1174 8.47 -26.25 31.61
C TYR A 1174 7.10 -26.80 31.25
N MET A 1175 6.51 -27.57 32.16
CA MET A 1175 5.21 -28.17 31.89
C MET A 1175 4.12 -27.12 31.78
N ARG A 1176 4.18 -26.09 32.62
CA ARG A 1176 3.24 -24.99 32.52
C ARG A 1176 3.52 -24.09 31.32
N SER A 1177 4.73 -24.16 30.75
CA SER A 1177 5.05 -23.41 29.54
C SER A 1177 4.65 -24.15 28.28
N LEU A 1178 3.91 -25.25 28.39
CA LEU A 1178 3.40 -25.98 27.23
C LEU A 1178 2.41 -25.11 26.45
N ILE A 1179 2.43 -25.28 25.13
CA ILE A 1179 1.48 -24.56 24.28
C ILE A 1179 0.09 -25.15 24.49
N ASN A 1180 -0.93 -24.29 24.46
CA ASN A 1180 -2.28 -24.75 24.74
C ASN A 1180 -2.88 -25.44 23.51
N PRO A 1181 -3.69 -26.47 23.72
CA PRO A 1181 -4.37 -27.12 22.60
C PRO A 1181 -5.47 -26.23 22.03
N GLY A 1182 -5.28 -25.80 20.80
CA GLY A 1182 -6.21 -24.90 20.14
C GLY A 1182 -5.60 -23.62 19.65
N GLU A 1183 -4.31 -23.38 19.90
CA GLU A 1183 -3.61 -22.20 19.41
C GLU A 1183 -3.60 -22.16 17.89
N ALA A 1184 -3.91 -20.99 17.34
CA ALA A 1184 -3.76 -20.81 15.91
C ALA A 1184 -2.29 -20.73 15.57
N VAL A 1185 -1.68 -21.86 15.25
CA VAL A 1185 -0.25 -21.87 14.99
C VAL A 1185 0.06 -21.27 13.63
N GLY A 1186 -0.60 -21.74 12.59
CA GLY A 1186 -0.25 -21.32 11.25
C GLY A 1186 -0.60 -19.90 10.91
N ILE A 1187 -1.49 -19.27 11.67
CA ILE A 1187 -1.63 -17.84 11.57
C ILE A 1187 -0.42 -17.16 12.19
N ILE A 1188 -0.05 -17.57 13.40
CA ILE A 1188 1.14 -17.06 14.07
C ILE A 1188 2.40 -17.38 13.25
N ALA A 1189 2.42 -18.55 12.62
CA ALA A 1189 3.53 -18.92 11.76
C ALA A 1189 3.54 -18.17 10.43
N SER A 1190 2.40 -17.70 9.97
CA SER A 1190 2.38 -16.88 8.76
C SER A 1190 2.58 -15.40 9.06
N GLN A 1191 2.28 -14.97 10.28
CA GLN A 1191 2.53 -13.60 10.70
C GLN A 1191 3.94 -13.40 11.26
N SER A 1192 4.62 -14.49 11.65
CA SER A 1192 6.00 -14.39 12.08
C SER A 1192 6.96 -14.26 10.92
N VAL A 1193 6.52 -14.60 9.71
CA VAL A 1193 7.29 -14.37 8.51
C VAL A 1193 6.79 -13.15 7.75
N GLY A 1194 5.47 -12.99 7.67
CA GLY A 1194 4.90 -11.93 6.85
C GLY A 1194 5.09 -10.54 7.42
N GLU A 1195 5.08 -10.40 8.72
CA GLU A 1195 5.28 -9.07 9.30
C GLU A 1195 6.75 -8.64 9.33
N PRO A 1196 7.74 -9.48 9.69
CA PRO A 1196 9.13 -9.05 9.49
C PRO A 1196 9.56 -8.97 8.03
N SER A 1197 8.79 -9.57 7.10
CA SER A 1197 9.08 -9.39 5.68
C SER A 1197 8.90 -7.95 5.25
N THR A 1198 8.02 -7.21 5.92
CA THR A 1198 7.82 -5.80 5.64
C THR A 1198 8.69 -4.92 6.54
N GLN A 1199 9.83 -5.45 6.97
CA GLN A 1199 10.91 -4.68 7.59
C GLN A 1199 12.13 -4.62 6.70
N MET A 1200 12.05 -5.22 5.51
CA MET A 1200 13.05 -5.07 4.47
C MET A 1200 12.71 -3.92 3.54
N THR A 1201 11.42 -3.67 3.34
CA THR A 1201 10.86 -2.42 2.83
C THR A 1201 9.99 -1.82 3.92
N LEU A 1202 9.32 -0.71 3.59
CA LEU A 1202 8.40 0.02 4.48
C LEU A 1202 9.02 0.41 5.83
N ASN A 1214 26.82 -12.93 -4.19
CA ASN A 1214 26.11 -13.00 -5.46
C ASN A 1214 24.85 -13.83 -5.39
N VAL A 1215 24.57 -14.34 -4.18
CA VAL A 1215 23.35 -15.11 -3.97
C VAL A 1215 22.16 -14.15 -3.93
N THR A 1216 21.00 -14.64 -4.36
CA THR A 1216 19.78 -13.84 -4.26
C THR A 1216 19.38 -13.67 -2.79
N LEU A 1217 18.69 -12.58 -2.50
CA LEU A 1217 18.69 -12.08 -1.14
C LEU A 1217 17.41 -11.29 -0.88
N GLY A 1218 16.87 -11.44 0.34
CA GLY A 1218 15.77 -10.60 0.78
C GLY A 1218 14.40 -11.10 0.41
N ILE A 1219 13.47 -10.17 0.20
CA ILE A 1219 12.11 -10.48 -0.23
C ILE A 1219 12.01 -11.17 -1.61
N PRO A 1220 12.86 -10.93 -2.63
CA PRO A 1220 12.76 -11.78 -3.84
C PRO A 1220 13.27 -13.20 -3.65
N ARG A 1221 13.92 -13.52 -2.52
CA ARG A 1221 14.28 -14.88 -2.23
C ARG A 1221 13.10 -15.67 -1.69
N LEU A 1222 12.28 -15.04 -0.83
CA LEU A 1222 11.15 -15.72 -0.21
C LEU A 1222 10.08 -16.10 -1.22
N ARG A 1223 10.00 -15.39 -2.34
CA ARG A 1223 9.11 -15.81 -3.42
C ARG A 1223 9.55 -17.14 -4.01
N GLU A 1224 10.86 -17.39 -4.08
CA GLU A 1224 11.35 -18.63 -4.66
C GLU A 1224 11.30 -19.79 -3.68
N ILE A 1225 11.56 -19.54 -2.41
CA ILE A 1225 11.48 -20.60 -1.42
C ILE A 1225 10.04 -20.97 -1.14
N VAL A 1226 9.23 -19.98 -0.77
CA VAL A 1226 7.88 -20.22 -0.27
C VAL A 1226 6.85 -20.20 -1.39
N MET A 1227 6.83 -19.13 -2.18
CA MET A 1227 5.66 -18.83 -3.00
C MET A 1227 5.62 -19.62 -4.30
N THR A 1228 6.76 -19.83 -4.96
CA THR A 1228 6.76 -20.45 -6.27
C THR A 1228 7.28 -21.88 -6.30
N ALA A 1229 8.03 -22.30 -5.28
CA ALA A 1229 8.74 -23.59 -5.22
C ALA A 1229 9.62 -23.79 -6.44
N SER A 1230 10.47 -22.79 -6.70
CA SER A 1230 11.20 -22.70 -7.96
C SER A 1230 12.31 -23.73 -8.00
N ALA A 1231 12.07 -24.83 -8.72
CA ALA A 1231 13.14 -25.75 -9.05
C ALA A 1231 14.10 -25.12 -10.06
N ALA A 1232 13.62 -24.19 -10.86
CA ALA A 1232 14.48 -23.35 -11.69
C ALA A 1232 14.86 -22.10 -10.89
N ILE A 1233 15.71 -22.36 -9.88
CA ILE A 1233 16.20 -21.31 -8.99
C ILE A 1233 17.07 -20.32 -9.76
N LYS A 1234 17.01 -19.06 -9.35
CA LYS A 1234 17.67 -17.97 -10.08
C LYS A 1234 19.19 -18.07 -10.03
N THR A 1235 19.75 -18.53 -8.91
CA THR A 1235 21.19 -18.67 -8.76
C THR A 1235 21.52 -19.84 -7.84
N PRO A 1236 21.61 -21.05 -8.39
CA PRO A 1236 21.93 -22.21 -7.57
C PRO A 1236 23.38 -22.22 -7.13
N GLN A 1237 23.60 -22.69 -5.91
CA GLN A 1237 24.94 -22.83 -5.36
C GLN A 1237 25.05 -24.15 -4.62
N MET A 1238 26.26 -24.43 -4.15
CA MET A 1238 26.56 -25.66 -3.45
C MET A 1238 27.81 -25.43 -2.63
N THR A 1239 27.76 -25.81 -1.35
CA THR A 1239 28.88 -25.64 -0.44
C THR A 1239 29.63 -26.96 -0.32
N LEU A 1240 30.94 -26.92 -0.54
CA LEU A 1240 31.77 -28.11 -0.54
C LEU A 1240 32.83 -27.99 0.54
N PRO A 1241 32.77 -28.78 1.60
CA PRO A 1241 33.80 -28.70 2.64
C PRO A 1241 35.13 -29.29 2.21
N ILE A 1242 36.15 -28.43 2.11
CA ILE A 1242 37.51 -28.87 1.88
C ILE A 1242 37.99 -29.66 3.09
N TRP A 1243 38.78 -30.72 2.86
CA TRP A 1243 39.37 -31.46 3.95
C TRP A 1243 40.38 -30.60 4.70
N ASN A 1244 40.65 -31.01 5.95
CA ASN A 1244 41.64 -30.32 6.78
C ASN A 1244 43.07 -30.71 6.44
N ASP A 1245 43.27 -31.66 5.54
CA ASP A 1245 44.60 -32.14 5.19
C ASP A 1245 45.09 -31.60 3.86
N VAL A 1246 44.21 -31.44 2.88
CA VAL A 1246 44.62 -30.98 1.56
C VAL A 1246 44.90 -29.48 1.60
N SER A 1247 45.79 -29.04 0.71
CA SER A 1247 46.36 -27.71 0.79
C SER A 1247 45.42 -26.65 0.21
N ASP A 1248 45.70 -25.40 0.57
CA ASP A 1248 44.97 -24.28 -0.03
C ASP A 1248 45.39 -24.07 -1.48
N GLU A 1249 46.64 -24.36 -1.81
CA GLU A 1249 47.06 -24.38 -3.21
C GLU A 1249 46.40 -25.54 -3.95
N GLN A 1250 46.16 -26.65 -3.26
CA GLN A 1250 45.45 -27.78 -3.84
C GLN A 1250 43.95 -27.55 -4.00
N ALA A 1251 43.43 -26.38 -3.63
CA ALA A 1251 42.02 -26.07 -3.76
C ALA A 1251 41.74 -25.14 -4.94
N ASP A 1252 42.42 -24.00 -5.00
CA ASP A 1252 42.19 -23.02 -6.06
C ASP A 1252 42.79 -23.43 -7.40
N THR A 1253 43.55 -24.53 -7.46
CA THR A 1253 43.88 -25.18 -8.71
C THR A 1253 42.94 -26.33 -9.02
N PHE A 1254 42.37 -26.94 -7.97
CA PHE A 1254 41.33 -27.96 -8.15
C PHE A 1254 40.04 -27.36 -8.69
N CYS A 1255 39.74 -26.11 -8.35
CA CYS A 1255 38.53 -25.48 -8.86
C CYS A 1255 38.64 -25.15 -10.34
N LYS A 1256 39.85 -25.10 -10.90
CA LYS A 1256 40.01 -24.91 -12.32
C LYS A 1256 39.56 -26.12 -13.13
N SER A 1257 39.52 -27.30 -12.51
CA SER A 1257 39.02 -28.49 -13.19
C SER A 1257 37.49 -28.54 -13.17
N ILE A 1258 36.86 -28.07 -12.10
CA ILE A 1258 35.41 -28.12 -12.02
C ILE A 1258 34.78 -26.99 -12.84
N SER A 1259 35.31 -25.77 -12.71
CA SER A 1259 34.74 -24.60 -13.36
C SER A 1259 34.86 -24.73 -14.88
N LYS A 1260 33.74 -24.53 -15.56
CA LYS A 1260 33.67 -24.88 -16.98
C LYS A 1260 34.45 -23.87 -17.81
N VAL A 1261 34.81 -24.32 -19.01
CA VAL A 1261 35.56 -23.51 -19.96
C VAL A 1261 34.80 -23.60 -21.29
N LEU A 1262 34.25 -22.46 -21.73
CA LEU A 1262 33.67 -22.43 -23.05
C LEU A 1262 34.77 -22.33 -24.10
N LEU A 1263 34.42 -22.67 -25.34
CA LEU A 1263 35.33 -22.43 -26.46
C LEU A 1263 35.45 -20.94 -26.75
N SER A 1264 34.44 -20.17 -26.33
CA SER A 1264 34.53 -18.71 -26.34
C SER A 1264 35.67 -18.20 -25.48
N GLU A 1265 35.97 -18.89 -24.38
CA GLU A 1265 36.95 -18.41 -23.41
C GLU A 1265 38.39 -18.71 -23.80
N VAL A 1266 38.67 -19.13 -25.03
CA VAL A 1266 40.03 -19.52 -25.40
C VAL A 1266 40.38 -18.87 -26.74
N ILE A 1267 39.39 -18.36 -27.45
CA ILE A 1267 39.59 -17.80 -28.79
C ILE A 1267 39.86 -16.31 -28.69
N ASP A 1268 40.94 -15.87 -29.31
CA ASP A 1268 41.19 -14.43 -29.42
C ASP A 1268 40.23 -13.80 -30.42
N LYS A 1269 40.23 -14.30 -31.66
CA LYS A 1269 39.42 -13.76 -32.73
C LYS A 1269 39.30 -14.80 -33.84
N VAL A 1270 38.23 -14.71 -34.62
CA VAL A 1270 37.95 -15.60 -35.73
C VAL A 1270 37.90 -14.78 -37.01
N ILE A 1271 38.74 -15.11 -37.97
CA ILE A 1271 38.82 -14.38 -39.23
C ILE A 1271 38.30 -15.31 -40.31
N VAL A 1272 37.06 -15.09 -40.75
CA VAL A 1272 36.53 -15.86 -41.87
C VAL A 1272 37.00 -15.19 -43.16
N THR A 1273 36.94 -15.94 -44.25
CA THR A 1273 37.27 -15.41 -45.58
C THR A 1273 36.30 -16.09 -46.54
N GLU A 1274 35.16 -15.45 -46.79
CA GLU A 1274 34.19 -16.00 -47.72
C GLU A 1274 34.64 -15.80 -49.15
N THR A 1275 34.68 -16.88 -49.91
CA THR A 1275 35.03 -16.83 -51.31
C THR A 1275 33.83 -17.28 -52.13
N THR A 1276 33.65 -16.65 -53.29
CA THR A 1276 32.50 -16.90 -54.14
C THR A 1276 32.90 -16.66 -55.59
N GLY A 1277 32.74 -17.67 -56.43
CA GLY A 1277 33.03 -17.55 -57.84
C GLY A 1277 34.42 -18.05 -58.23
N ALA A 1287 29.29 -21.85 -56.23
CA ALA A 1287 30.45 -22.43 -55.58
C ALA A 1287 30.97 -21.53 -54.47
N ARG A 1288 30.08 -21.10 -53.59
CA ARG A 1288 30.47 -20.27 -52.45
C ARG A 1288 31.24 -21.12 -51.45
N SER A 1289 32.34 -20.57 -50.94
CA SER A 1289 33.26 -21.36 -50.13
C SER A 1289 33.81 -20.50 -49.00
N TYR A 1290 33.70 -21.00 -47.78
CA TYR A 1290 34.14 -20.29 -46.59
C TYR A 1290 35.49 -20.79 -46.12
N VAL A 1291 36.31 -19.87 -45.62
CA VAL A 1291 37.61 -20.19 -45.05
C VAL A 1291 37.54 -19.78 -43.59
N ILE A 1292 37.24 -20.72 -42.71
CA ILE A 1292 36.98 -20.41 -41.30
C ILE A 1292 38.32 -20.54 -40.58
N HIS A 1293 39.10 -19.46 -40.60
CA HIS A 1293 40.32 -19.39 -39.81
C HIS A 1293 39.99 -18.83 -38.44
N MET A 1294 40.57 -19.44 -37.41
CA MET A 1294 40.30 -19.04 -36.03
C MET A 1294 41.60 -19.00 -35.26
N ARG A 1295 41.81 -17.90 -34.54
CA ARG A 1295 43.07 -17.57 -33.89
C ARG A 1295 42.88 -17.66 -32.38
N PHE A 1296 43.67 -18.51 -31.74
CA PHE A 1296 43.61 -18.68 -30.29
C PHE A 1296 44.56 -17.70 -29.63
N PHE A 1297 44.79 -17.88 -28.33
CA PHE A 1297 45.86 -17.19 -27.65
C PHE A 1297 47.11 -18.08 -27.68
N ASP A 1298 48.17 -17.64 -27.03
CA ASP A 1298 49.38 -18.44 -26.97
C ASP A 1298 49.19 -19.63 -26.04
N ASN A 1299 49.87 -20.75 -26.33
CA ASN A 1299 49.71 -21.96 -25.54
C ASN A 1299 50.27 -21.78 -24.13
N ASN A 1300 51.25 -20.89 -23.96
CA ASN A 1300 51.77 -20.51 -22.67
C ASN A 1300 50.81 -19.58 -21.91
N GLU A 1301 49.66 -19.24 -22.49
CA GLU A 1301 48.72 -18.29 -21.90
C GLU A 1301 47.39 -18.92 -21.51
N TYR A 1302 46.78 -19.76 -22.36
CA TYR A 1302 45.50 -20.35 -21.98
C TYR A 1302 45.65 -21.66 -21.22
N SER A 1303 46.71 -22.43 -21.49
CA SER A 1303 46.95 -23.64 -20.72
C SER A 1303 47.42 -23.33 -19.31
N GLU A 1304 47.93 -22.12 -19.08
CA GLU A 1304 48.23 -21.69 -17.72
C GLU A 1304 46.97 -21.29 -16.98
N GLU A 1305 46.06 -20.57 -17.64
CA GLU A 1305 44.86 -20.08 -16.97
C GLU A 1305 43.84 -21.18 -16.77
N TYR A 1306 43.50 -21.91 -17.84
CA TYR A 1306 42.36 -22.83 -17.82
C TYR A 1306 42.77 -24.28 -17.64
N ASP A 1307 44.06 -24.60 -17.76
CA ASP A 1307 44.61 -25.95 -17.80
C ASP A 1307 43.94 -26.79 -18.88
N VAL A 1308 44.10 -26.32 -20.11
CA VAL A 1308 43.56 -26.98 -21.30
C VAL A 1308 44.73 -27.34 -22.19
N SER A 1309 44.90 -28.62 -22.47
CA SER A 1309 46.01 -29.06 -23.31
C SER A 1309 45.75 -28.72 -24.76
N LYS A 1310 46.84 -28.76 -25.55
CA LYS A 1310 46.73 -28.54 -26.99
C LYS A 1310 45.97 -29.67 -27.67
N GLU A 1311 46.10 -30.90 -27.16
CA GLU A 1311 45.42 -32.04 -27.78
C GLU A 1311 43.92 -32.01 -27.51
N GLU A 1312 43.52 -31.56 -26.31
CA GLU A 1312 42.11 -31.51 -25.98
C GLU A 1312 41.40 -30.40 -26.73
N LEU A 1313 42.11 -29.31 -27.03
CA LEU A 1313 41.51 -28.23 -27.81
C LEU A 1313 41.25 -28.64 -29.25
N GLN A 1314 42.02 -29.60 -29.76
CA GLN A 1314 41.78 -30.11 -31.10
C GLN A 1314 40.53 -30.97 -31.16
N ASN A 1315 40.22 -31.71 -30.10
CA ASN A 1315 39.08 -32.60 -30.12
C ASN A 1315 37.76 -31.87 -29.99
N VAL A 1316 37.75 -30.74 -29.27
CA VAL A 1316 36.52 -29.96 -29.13
C VAL A 1316 36.13 -29.32 -30.46
N ILE A 1317 37.13 -28.89 -31.23
CA ILE A 1317 36.87 -28.44 -32.60
C ILE A 1317 36.39 -29.60 -33.45
N SER A 1318 37.05 -30.75 -33.31
CA SER A 1318 36.78 -31.89 -34.20
C SER A 1318 35.45 -32.57 -33.85
N ASN A 1319 35.17 -32.76 -32.57
CA ASN A 1319 34.06 -33.61 -32.17
C ASN A 1319 32.94 -32.87 -31.45
N GLN A 1320 33.06 -31.58 -31.23
CA GLN A 1320 32.00 -30.81 -30.58
C GLN A 1320 31.60 -29.57 -31.36
N PHE A 1321 32.57 -28.88 -31.98
CA PHE A 1321 32.30 -27.59 -32.61
C PHE A 1321 31.79 -27.69 -34.03
N ILE A 1322 32.40 -28.54 -34.85
CA ILE A 1322 32.00 -28.64 -36.24
C ILE A 1322 30.65 -29.35 -36.36
N HIS A 1323 30.37 -30.28 -35.45
CA HIS A 1323 29.05 -30.93 -35.43
C HIS A 1323 27.94 -29.95 -35.06
N LEU A 1324 28.21 -28.97 -34.20
CA LEU A 1324 27.21 -27.97 -33.89
C LEU A 1324 27.16 -26.87 -34.93
N LEU A 1325 28.28 -26.64 -35.62
CA LEU A 1325 28.28 -25.68 -36.72
C LEU A 1325 27.46 -26.18 -37.89
N GLU A 1326 27.51 -27.49 -38.15
CA GLU A 1326 26.70 -28.08 -39.20
C GLU A 1326 25.22 -28.12 -38.84
N ALA A 1327 24.90 -28.14 -37.54
CA ALA A 1327 23.51 -28.14 -37.11
C ALA A 1327 22.83 -26.80 -37.29
N ALA A 1328 23.58 -25.73 -37.58
CA ALA A 1328 23.01 -24.41 -37.81
C ALA A 1328 23.04 -23.99 -39.28
N ILE A 1329 24.06 -24.41 -40.03
CA ILE A 1329 24.15 -24.04 -41.43
C ILE A 1329 23.10 -24.78 -42.25
N VAL A 1330 22.92 -26.07 -41.97
CA VAL A 1330 21.85 -26.86 -42.60
C VAL A 1330 20.49 -26.35 -42.15
N LYS A 1331 20.40 -25.86 -40.92
CA LYS A 1331 19.14 -25.31 -40.40
C LYS A 1331 18.74 -24.04 -41.13
N GLU A 1332 19.71 -23.28 -41.66
CA GLU A 1332 19.41 -22.03 -42.36
C GLU A 1332 19.12 -22.25 -43.85
N ILE A 1333 19.92 -23.09 -44.51
CA ILE A 1333 19.78 -23.35 -45.95
C ILE A 1333 18.43 -23.99 -46.26
N LYS A 1334 17.93 -24.81 -45.34
CA LYS A 1334 16.57 -25.34 -45.46
C LYS A 1334 15.52 -24.23 -45.43
N LYS A 1335 15.59 -23.35 -44.43
CA LYS A 1335 14.55 -22.35 -44.22
C LYS A 1335 14.85 -21.01 -44.88
N GLN A 1336 15.88 -20.94 -45.71
CA GLN A 1336 16.05 -19.77 -46.58
C GLN A 1336 15.37 -19.98 -47.93
N LYS A 1337 14.59 -21.06 -48.07
CA LYS A 1337 13.80 -21.35 -49.25
C LYS A 1337 12.40 -20.75 -49.18
N ARG A 1338 12.24 -19.66 -48.43
CA ARG A 1338 10.95 -18.99 -48.32
C ARG A 1338 10.98 -17.68 -49.10
N VAL A 1433 52.84 -17.29 -43.89
CA VAL A 1433 52.63 -17.25 -42.45
C VAL A 1433 52.69 -18.67 -41.88
N GLU A 1434 51.87 -19.56 -42.41
CA GLU A 1434 51.87 -20.95 -41.98
C GLU A 1434 52.84 -21.78 -42.80
N ALA A 1435 53.08 -23.00 -42.34
CA ALA A 1435 54.06 -23.89 -42.93
C ALA A 1435 53.42 -24.67 -44.09
N ASN A 1436 54.11 -25.72 -44.55
CA ASN A 1436 53.65 -26.52 -45.68
C ASN A 1436 52.59 -27.52 -45.22
N ASN A 1437 52.24 -28.47 -46.09
CA ASN A 1437 51.12 -29.35 -45.86
C ASN A 1437 51.50 -30.78 -45.51
N ASN A 1438 52.63 -31.28 -46.04
CA ASN A 1438 53.02 -32.67 -45.90
C ASN A 1438 54.11 -32.89 -44.86
N MET A 1439 54.01 -32.20 -43.72
CA MET A 1439 54.97 -32.40 -42.63
C MET A 1439 54.87 -33.82 -42.08
N ASN A 1440 53.65 -34.32 -41.90
CA ASN A 1440 53.41 -35.71 -41.53
C ASN A 1440 52.02 -36.10 -42.02
N LYS A 1441 51.92 -37.36 -42.49
CA LYS A 1441 50.69 -37.84 -43.12
C LYS A 1441 49.58 -38.10 -42.11
N VAL A 1442 49.87 -38.04 -40.82
CA VAL A 1442 48.81 -38.11 -39.83
C VAL A 1442 47.97 -36.83 -39.87
N GLN A 1443 48.55 -35.71 -40.30
CA GLN A 1443 47.73 -34.53 -40.59
C GLN A 1443 46.86 -34.74 -41.81
N ARG A 1444 47.34 -35.53 -42.77
CA ARG A 1444 46.49 -35.88 -43.90
C ARG A 1444 45.43 -36.88 -43.50
N ASP A 1445 45.76 -37.79 -42.56
CA ASP A 1445 44.79 -38.76 -42.09
C ASP A 1445 43.72 -38.11 -41.22
N ARG A 1446 44.14 -37.21 -40.33
CA ARG A 1446 43.19 -36.53 -39.46
C ARG A 1446 42.32 -35.55 -40.24
N GLN A 1447 42.84 -34.99 -41.34
CA GLN A 1447 42.01 -34.24 -42.26
C GLN A 1447 41.03 -35.16 -42.96
N SER A 1448 41.46 -36.39 -43.28
CA SER A 1448 40.62 -37.31 -44.04
C SER A 1448 39.43 -37.80 -43.25
N ALA A 1449 39.53 -37.85 -41.92
CA ALA A 1449 38.40 -38.25 -41.10
C ALA A 1449 37.33 -37.17 -41.07
N ILE A 1450 37.75 -35.90 -41.01
CA ILE A 1450 36.81 -34.79 -40.93
C ILE A 1450 36.01 -34.67 -42.23
N ILE A 1451 36.68 -34.90 -43.36
CA ILE A 1451 36.00 -34.97 -44.65
C ILE A 1451 35.09 -36.19 -44.71
N SER A 1452 35.45 -37.26 -44.00
CA SER A 1452 34.66 -38.49 -44.02
C SER A 1452 33.42 -38.38 -43.13
N HIS A 1453 33.61 -37.96 -41.88
CA HIS A 1453 32.52 -38.06 -40.91
C HIS A 1453 31.52 -36.92 -41.02
N HIS A 1454 31.95 -35.73 -41.42
CA HIS A 1454 31.09 -34.56 -41.44
C HIS A 1454 30.41 -34.46 -42.81
N ARG A 1455 29.77 -33.33 -43.09
CA ARG A 1455 28.86 -33.22 -44.23
C ARG A 1455 29.50 -32.54 -45.44
N PHE A 1456 29.98 -31.30 -45.31
CA PHE A 1456 30.62 -30.61 -46.44
C PHE A 1456 31.86 -29.83 -46.01
N ILE A 1457 32.72 -30.45 -45.20
CA ILE A 1457 34.00 -29.86 -44.83
C ILE A 1457 35.09 -30.53 -45.66
N THR A 1458 35.87 -29.73 -46.38
CA THR A 1458 36.83 -30.25 -47.34
C THR A 1458 38.28 -29.98 -46.96
N LYS A 1459 38.54 -29.42 -45.79
CA LYS A 1459 39.91 -29.18 -45.34
C LYS A 1459 39.91 -29.04 -43.83
N TYR A 1460 41.02 -29.40 -43.21
CA TYR A 1460 41.20 -29.21 -41.78
C TYR A 1460 42.69 -29.19 -41.48
N ASN A 1461 43.10 -28.29 -40.59
CA ASN A 1461 44.46 -28.31 -40.06
C ASN A 1461 44.45 -27.68 -38.69
N PHE A 1462 45.38 -28.11 -37.85
CA PHE A 1462 45.49 -27.60 -36.49
C PHE A 1462 46.97 -27.36 -36.21
N ASP A 1463 47.25 -26.33 -35.41
CA ASP A 1463 48.63 -25.97 -35.09
C ASP A 1463 49.21 -27.02 -34.15
N ASP A 1464 49.90 -28.01 -34.71
CA ASP A 1464 50.38 -29.14 -33.92
C ASP A 1464 51.63 -28.82 -33.10
N GLU A 1465 52.26 -27.67 -33.29
CA GLU A 1465 53.43 -27.32 -32.51
C GLU A 1465 53.21 -26.17 -31.53
N SER A 1466 52.17 -25.35 -31.73
CA SER A 1466 51.91 -24.27 -30.79
C SER A 1466 50.44 -24.11 -30.41
N GLY A 1467 49.50 -24.75 -31.10
CA GLY A 1467 48.10 -24.62 -30.77
C GLY A 1467 47.50 -23.25 -30.97
N LYS A 1468 48.13 -22.43 -31.83
CA LYS A 1468 47.73 -21.04 -31.97
C LYS A 1468 46.55 -20.88 -32.92
N TRP A 1469 46.45 -21.74 -33.94
CA TRP A 1469 45.48 -21.53 -34.99
C TRP A 1469 44.86 -22.85 -35.42
N CYS A 1470 43.58 -22.79 -35.76
CA CYS A 1470 42.88 -23.84 -36.49
C CYS A 1470 42.27 -23.22 -37.72
N GLU A 1471 42.15 -24.01 -38.79
CA GLU A 1471 41.71 -23.47 -40.07
C GLU A 1471 41.07 -24.58 -40.89
N PHE A 1472 39.79 -24.42 -41.21
CA PHE A 1472 39.06 -25.43 -41.95
C PHE A 1472 38.16 -24.78 -42.99
N LYS A 1473 38.20 -25.31 -44.21
CA LYS A 1473 37.38 -24.84 -45.32
C LYS A 1473 35.94 -25.32 -45.13
N LEU A 1474 35.01 -24.63 -45.78
CA LEU A 1474 33.59 -24.99 -45.68
C LEU A 1474 32.89 -24.55 -46.95
N GLU A 1475 32.36 -25.52 -47.70
CA GLU A 1475 31.90 -25.32 -49.06
C GLU A 1475 30.38 -25.24 -49.12
N LEU A 1476 29.87 -24.43 -50.04
CA LEU A 1476 28.45 -24.39 -50.34
C LEU A 1476 28.25 -24.38 -51.85
N ALA A 1477 27.00 -24.56 -52.25
CA ALA A 1477 26.59 -24.48 -53.65
C ALA A 1477 26.12 -23.06 -53.97
N ALA A 1478 25.96 -22.80 -55.27
CA ALA A 1478 25.53 -21.49 -55.73
C ALA A 1478 24.03 -21.26 -55.58
N ASP A 1479 23.27 -22.29 -55.21
CA ASP A 1479 21.84 -22.11 -54.96
C ASP A 1479 21.58 -21.32 -53.68
N THR A 1480 22.51 -21.36 -52.74
CA THR A 1480 22.31 -20.74 -51.44
C THR A 1480 22.48 -19.23 -51.51
N GLU A 1481 21.57 -18.51 -50.86
CA GLU A 1481 21.78 -17.10 -50.65
C GLU A 1481 22.74 -16.90 -49.47
N LYS A 1482 23.13 -15.64 -49.25
CA LYS A 1482 24.27 -15.35 -48.40
C LYS A 1482 23.96 -15.61 -46.92
N LEU A 1483 24.77 -16.45 -46.31
CA LEU A 1483 24.76 -16.64 -44.87
C LEU A 1483 25.64 -15.58 -44.21
N LEU A 1484 25.40 -15.36 -42.92
CA LEU A 1484 26.26 -14.45 -42.17
C LEU A 1484 27.64 -15.07 -41.95
N MET A 1485 27.67 -16.22 -41.28
CA MET A 1485 28.87 -17.02 -41.00
C MET A 1485 29.95 -16.27 -40.25
N VAL A 1486 29.58 -15.22 -39.53
CA VAL A 1486 30.32 -14.73 -38.38
C VAL A 1486 29.45 -14.74 -37.14
N ASN A 1487 28.22 -14.22 -37.26
CA ASN A 1487 27.20 -14.39 -36.23
C ASN A 1487 26.85 -15.87 -36.03
N ILE A 1488 26.96 -16.67 -37.09
CA ILE A 1488 26.77 -18.12 -36.95
C ILE A 1488 27.95 -18.73 -36.19
N VAL A 1489 29.18 -18.34 -36.55
CA VAL A 1489 30.38 -18.93 -35.98
C VAL A 1489 30.55 -18.52 -34.52
N GLU A 1490 30.16 -17.29 -34.17
CA GLU A 1490 30.29 -16.82 -32.78
C GLU A 1490 29.41 -17.63 -31.82
N GLU A 1491 28.13 -17.78 -32.16
CA GLU A 1491 27.18 -18.40 -31.25
C GLU A 1491 27.44 -19.90 -31.08
N ILE A 1492 28.08 -20.55 -32.05
CA ILE A 1492 28.48 -21.93 -31.86
C ILE A 1492 29.74 -22.01 -31.00
N CYS A 1493 30.61 -20.99 -31.06
CA CYS A 1493 31.73 -20.94 -30.14
C CYS A 1493 31.29 -20.67 -28.70
N ARG A 1494 30.17 -19.98 -28.52
CA ARG A 1494 29.66 -19.75 -27.18
C ARG A 1494 28.95 -20.96 -26.60
N LYS A 1495 28.50 -21.89 -27.43
CA LYS A 1495 27.84 -23.09 -26.94
C LYS A 1495 28.75 -24.30 -26.88
N SER A 1496 29.90 -24.26 -27.55
CA SER A 1496 30.84 -25.37 -27.51
C SER A 1496 31.65 -25.31 -26.23
N ILE A 1497 31.71 -26.42 -25.51
CA ILE A 1497 32.33 -26.49 -24.20
C ILE A 1497 33.65 -27.26 -24.31
N ILE A 1498 34.69 -26.73 -23.66
CA ILE A 1498 35.96 -27.45 -23.57
C ILE A 1498 35.86 -28.55 -22.53
N ARG A 1499 35.60 -28.16 -21.29
CA ARG A 1499 35.55 -29.07 -20.14
C ARG A 1499 34.41 -28.61 -19.26
N GLN A 1500 33.22 -29.14 -19.51
CA GLN A 1500 32.04 -28.81 -18.73
C GLN A 1500 31.66 -29.99 -17.86
N ILE A 1501 31.62 -29.78 -16.56
CA ILE A 1501 30.83 -30.66 -15.69
C ILE A 1501 29.37 -30.23 -15.79
N PRO A 1502 28.43 -31.15 -16.02
CA PRO A 1502 27.05 -30.76 -16.28
C PRO A 1502 26.38 -30.09 -15.10
N HIS A 1503 25.59 -29.05 -15.40
CA HIS A 1503 24.86 -28.21 -14.46
C HIS A 1503 25.78 -27.48 -13.47
N ILE A 1504 27.04 -27.26 -13.82
CA ILE A 1504 27.99 -26.51 -12.98
C ILE A 1504 28.76 -25.55 -13.87
N ASP A 1505 28.82 -24.28 -13.47
CA ASP A 1505 29.45 -23.24 -14.27
C ASP A 1505 30.78 -22.74 -13.71
N ARG A 1506 30.85 -22.39 -12.43
CA ARG A 1506 32.10 -21.90 -11.88
C ARG A 1506 32.24 -22.38 -10.44
N CYS A 1507 33.45 -22.81 -10.08
CA CYS A 1507 33.79 -23.26 -8.74
C CYS A 1507 34.74 -22.23 -8.12
N VAL A 1508 34.32 -21.62 -7.00
CA VAL A 1508 35.02 -20.50 -6.39
C VAL A 1508 35.41 -20.90 -4.97
N HIS A 1509 36.61 -20.50 -4.53
CA HIS A 1509 37.13 -20.77 -3.19
C HIS A 1509 37.19 -19.49 -2.37
N PRO A 1510 36.16 -19.16 -1.61
CA PRO A 1510 36.20 -17.94 -0.79
C PRO A 1510 36.99 -18.17 0.50
N GLU A 1511 37.11 -17.09 1.27
CA GLU A 1511 37.77 -17.14 2.55
C GLU A 1511 36.93 -17.94 3.55
N PRO A 1512 37.58 -18.63 4.51
CA PRO A 1512 36.82 -19.46 5.45
C PRO A 1512 35.99 -18.67 6.44
N GLU A 1513 34.66 -18.71 6.24
CA GLU A 1513 33.73 -18.00 7.11
C GLU A 1513 33.44 -18.87 8.33
N ASN A 1514 33.81 -18.36 9.51
CA ASN A 1514 33.63 -19.00 10.80
C ASN A 1514 34.31 -20.38 10.85
N GLY A 1515 35.62 -20.37 10.60
CA GLY A 1515 36.43 -21.53 10.84
C GLY A 1515 36.59 -22.51 9.69
N LYS A 1516 35.48 -23.08 9.22
CA LYS A 1516 35.52 -24.21 8.31
C LYS A 1516 35.94 -23.81 6.90
N ARG A 1517 36.63 -24.72 6.22
CA ARG A 1517 37.08 -24.48 4.85
C ARG A 1517 35.95 -24.79 3.88
N VAL A 1518 35.65 -23.84 3.00
CA VAL A 1518 34.41 -23.82 2.24
C VAL A 1518 34.74 -23.57 0.77
N LEU A 1519 34.15 -24.37 -0.11
CA LEU A 1519 34.31 -24.25 -1.56
C LEU A 1519 32.93 -24.13 -2.20
N VAL A 1520 32.62 -22.98 -2.78
CA VAL A 1520 31.28 -22.67 -3.27
C VAL A 1520 31.28 -22.71 -4.79
N THR A 1521 30.39 -23.53 -5.35
CA THR A 1521 30.23 -23.62 -6.80
C THR A 1521 29.01 -22.82 -7.25
N GLU A 1522 29.00 -22.49 -8.54
CA GLU A 1522 27.85 -21.81 -9.16
C GLU A 1522 26.97 -22.79 -9.91
N GLY A 1523 26.81 -24.00 -9.40
CA GLY A 1523 25.96 -24.97 -10.04
C GLY A 1523 25.74 -26.19 -9.19
N VAL A 1524 24.62 -26.88 -9.39
CA VAL A 1524 24.24 -28.02 -8.56
C VAL A 1524 24.31 -29.30 -9.38
N ASN A 1525 25.24 -30.19 -9.00
CA ASN A 1525 25.31 -31.55 -9.55
C ASN A 1525 25.94 -32.42 -8.48
N PHE A 1526 25.12 -33.15 -7.72
CA PHE A 1526 25.63 -33.95 -6.62
C PHE A 1526 26.28 -35.24 -7.10
N GLN A 1527 25.79 -35.81 -8.22
CA GLN A 1527 26.36 -37.05 -8.73
C GLN A 1527 27.79 -36.85 -9.23
N ALA A 1528 28.05 -35.73 -9.89
CA ALA A 1528 29.37 -35.48 -10.43
C ALA A 1528 30.38 -35.09 -9.35
N MET A 1529 29.93 -34.56 -8.23
CA MET A 1529 30.82 -34.22 -7.14
C MET A 1529 31.05 -35.37 -6.18
N TRP A 1530 30.40 -36.51 -6.40
CA TRP A 1530 30.70 -37.70 -5.62
C TRP A 1530 31.95 -38.42 -6.10
N ASP A 1531 32.49 -38.04 -7.25
CA ASP A 1531 33.71 -38.65 -7.75
C ASP A 1531 34.96 -38.11 -7.08
N GLN A 1532 34.89 -36.90 -6.52
CA GLN A 1532 36.04 -36.27 -5.89
C GLN A 1532 36.00 -36.49 -4.38
N GLU A 1533 36.31 -37.74 -3.99
CA GLU A 1533 36.31 -38.06 -2.57
C GLU A 1533 37.51 -37.45 -1.86
N ALA A 1534 38.68 -37.48 -2.51
CA ALA A 1534 39.91 -37.07 -1.86
C ALA A 1534 40.00 -35.56 -1.65
N PHE A 1535 39.26 -34.78 -2.43
CA PHE A 1535 39.26 -33.34 -2.30
C PHE A 1535 38.14 -32.81 -1.42
N ILE A 1536 36.95 -33.38 -1.53
CA ILE A 1536 35.73 -32.84 -0.95
C ILE A 1536 35.15 -33.82 0.04
N ASP A 1537 34.77 -33.32 1.22
CA ASP A 1537 33.98 -34.11 2.16
C ASP A 1537 32.58 -34.28 1.58
N VAL A 1538 32.24 -35.52 1.19
CA VAL A 1538 30.96 -35.76 0.53
C VAL A 1538 29.79 -35.90 1.49
N ASP A 1539 30.06 -36.05 2.79
CA ASP A 1539 29.00 -36.17 3.79
C ASP A 1539 28.77 -34.88 4.54
N GLY A 1540 29.10 -33.74 3.93
CA GLY A 1540 28.89 -32.45 4.55
C GLY A 1540 28.47 -31.42 3.54
N ILE A 1541 28.15 -31.87 2.33
CA ILE A 1541 27.78 -30.98 1.25
C ILE A 1541 26.36 -30.47 1.49
N THR A 1542 26.24 -29.27 2.03
CA THR A 1542 24.95 -28.60 1.99
C THR A 1542 24.81 -27.85 0.68
N SER A 1543 23.63 -27.28 0.45
CA SER A 1543 23.35 -26.71 -0.86
C SER A 1543 22.32 -25.60 -0.72
N ASN A 1544 21.86 -25.12 -1.87
CA ASN A 1544 20.94 -24.00 -1.99
C ASN A 1544 19.62 -24.42 -2.61
N ASP A 1545 19.68 -25.22 -3.67
CA ASP A 1545 18.49 -25.62 -4.43
C ASP A 1545 17.73 -26.66 -3.61
N VAL A 1546 16.59 -26.24 -3.06
CA VAL A 1546 15.79 -27.11 -2.20
C VAL A 1546 15.05 -28.20 -2.95
N ALA A 1547 15.02 -28.14 -4.28
CA ALA A 1547 14.40 -29.20 -5.07
C ALA A 1547 15.42 -30.15 -5.67
N ALA A 1548 16.64 -29.69 -5.93
CA ALA A 1548 17.68 -30.59 -6.40
C ALA A 1548 18.18 -31.49 -5.30
N VAL A 1549 18.15 -31.02 -4.05
CA VAL A 1549 18.46 -31.88 -2.92
C VAL A 1549 17.27 -32.75 -2.56
N LEU A 1550 16.05 -32.35 -2.97
CA LEU A 1550 14.89 -33.22 -2.85
C LEU A 1550 15.02 -34.42 -3.79
N LYS A 1551 15.66 -34.23 -4.94
CA LYS A 1551 15.72 -35.28 -5.93
C LYS A 1551 16.73 -36.37 -5.56
N THR A 1552 17.83 -35.99 -4.92
CA THR A 1552 18.94 -36.92 -4.67
C THR A 1552 19.14 -37.27 -3.21
N TYR A 1553 18.76 -36.42 -2.27
CA TYR A 1553 18.94 -36.71 -0.85
C TYR A 1553 17.62 -36.91 -0.12
N GLY A 1554 16.60 -37.35 -0.83
CA GLY A 1554 15.34 -37.68 -0.20
C GLY A 1554 14.54 -36.45 0.19
N VAL A 1555 13.58 -36.68 1.08
CA VAL A 1555 12.63 -35.65 1.49
C VAL A 1555 13.18 -34.80 2.64
N GLU A 1556 13.69 -35.46 3.68
CA GLU A 1556 14.06 -34.77 4.91
C GLU A 1556 15.30 -33.89 4.76
N ALA A 1557 16.08 -34.06 3.70
CA ALA A 1557 17.15 -33.10 3.45
C ALA A 1557 16.61 -31.85 2.77
N ALA A 1558 15.56 -31.97 1.98
CA ALA A 1558 14.91 -30.79 1.44
C ALA A 1558 14.15 -30.05 2.53
N ARG A 1559 13.59 -30.78 3.49
CA ARG A 1559 12.98 -30.15 4.65
C ARG A 1559 14.03 -29.46 5.51
N ASN A 1560 15.27 -29.98 5.54
CA ASN A 1560 16.30 -29.31 6.30
C ASN A 1560 16.93 -28.18 5.50
N THR A 1561 16.92 -28.28 4.17
CA THR A 1561 17.48 -27.21 3.36
C THR A 1561 16.57 -25.99 3.36
N ILE A 1562 15.25 -26.21 3.40
CA ILE A 1562 14.31 -25.10 3.32
C ILE A 1562 14.34 -24.25 4.59
N VAL A 1563 14.62 -24.85 5.74
CA VAL A 1563 14.75 -24.07 6.97
C VAL A 1563 16.04 -23.27 6.95
N ASN A 1564 17.15 -23.90 6.58
CA ASN A 1564 18.44 -23.21 6.55
C ASN A 1564 18.55 -22.21 5.41
N GLU A 1565 17.75 -22.34 4.36
CA GLU A 1565 17.73 -21.31 3.33
C GLU A 1565 16.75 -20.20 3.64
N ILE A 1566 15.80 -20.42 4.56
CA ILE A 1566 14.92 -19.35 4.99
C ILE A 1566 15.40 -18.75 6.32
N ASN A 1567 16.37 -19.38 6.99
CA ASN A 1567 16.95 -18.78 8.17
C ASN A 1567 17.94 -17.68 7.79
N ASN A 1568 18.74 -17.90 6.75
CA ASN A 1568 19.74 -16.92 6.35
C ASN A 1568 19.19 -15.89 5.37
N VAL A 1569 17.88 -15.71 5.32
CA VAL A 1569 17.29 -14.52 4.75
C VAL A 1569 16.79 -13.56 5.83
N PHE A 1570 16.60 -14.05 7.06
CA PHE A 1570 16.42 -13.19 8.21
C PHE A 1570 17.72 -12.95 8.96
N SER A 1571 18.78 -13.68 8.63
CA SER A 1571 20.07 -13.49 9.28
C SER A 1571 20.89 -12.38 8.64
N ARG A 1572 20.65 -12.07 7.36
CA ARG A 1572 21.30 -10.92 6.76
C ARG A 1572 20.76 -9.63 7.35
N TYR A 1573 19.46 -9.57 7.59
CA TYR A 1573 18.81 -8.35 8.06
C TYR A 1573 18.75 -8.26 9.57
N ALA A 1574 19.37 -9.22 10.28
CA ALA A 1574 19.42 -9.30 11.75
C ALA A 1574 18.02 -9.33 12.36
N ILE A 1575 17.15 -10.16 11.78
CA ILE A 1575 15.78 -10.32 12.24
C ILE A 1575 15.67 -11.70 12.89
N SER A 1576 15.21 -11.72 14.14
CA SER A 1576 15.08 -12.95 14.89
C SER A 1576 13.66 -13.48 14.77
N VAL A 1577 13.54 -14.67 14.19
CA VAL A 1577 12.27 -15.40 14.15
C VAL A 1577 12.57 -16.85 14.50
N SER A 1578 11.75 -17.44 15.37
CA SER A 1578 12.11 -18.70 15.98
C SER A 1578 11.90 -19.86 15.01
N PHE A 1579 12.44 -21.01 15.39
CA PHE A 1579 12.40 -22.21 14.57
C PHE A 1579 11.13 -23.02 14.76
N ARG A 1580 10.10 -22.46 15.37
CA ARG A 1580 8.84 -23.16 15.49
C ARG A 1580 7.89 -22.75 14.38
N HIS A 1581 8.08 -21.56 13.80
CA HIS A 1581 7.31 -21.10 12.67
C HIS A 1581 7.92 -21.59 11.37
N LEU A 1582 9.25 -21.55 11.30
CA LEU A 1582 10.00 -22.05 10.17
C LEU A 1582 9.93 -23.56 10.05
N ASP A 1583 9.56 -24.24 11.13
CA ASP A 1583 9.37 -25.68 11.11
C ASP A 1583 8.06 -26.04 10.43
N LEU A 1584 6.98 -25.33 10.76
CA LEU A 1584 5.68 -25.66 10.19
C LEU A 1584 5.56 -25.24 8.72
N ILE A 1585 6.18 -24.12 8.34
CA ILE A 1585 6.22 -23.73 6.94
C ILE A 1585 7.04 -24.72 6.13
N ALA A 1586 8.09 -25.28 6.74
CA ALA A 1586 8.82 -26.37 6.11
C ALA A 1586 7.94 -27.61 5.98
N ASP A 1587 7.34 -28.05 7.08
CA ASP A 1587 6.60 -29.30 7.08
C ASP A 1587 5.29 -29.22 6.31
N MET A 1588 4.75 -28.02 6.11
CA MET A 1588 3.57 -27.90 5.26
C MET A 1588 3.93 -27.99 3.80
N MET A 1589 5.11 -27.51 3.42
CA MET A 1589 5.52 -27.55 2.03
C MET A 1589 6.04 -28.91 1.58
N THR A 1590 6.31 -29.82 2.50
CA THR A 1590 6.78 -31.14 2.15
C THR A 1590 5.89 -32.23 2.76
N ARG A 1591 4.63 -31.89 2.96
CA ARG A 1591 3.66 -32.79 3.59
C ARG A 1591 3.22 -33.93 2.68
N GLN A 1592 3.48 -33.85 1.39
CA GLN A 1592 3.12 -34.92 0.45
C GLN A 1592 4.34 -35.65 -0.07
N GLY A 1593 5.53 -35.36 0.45
CA GLY A 1593 6.75 -35.93 -0.06
C GLY A 1593 7.39 -35.12 -1.17
N THR A 1594 6.58 -34.46 -1.99
CA THR A 1594 7.10 -33.55 -2.99
C THR A 1594 7.29 -32.17 -2.36
N TYR A 1595 7.56 -31.17 -3.18
CA TYR A 1595 7.88 -29.83 -2.71
C TYR A 1595 6.81 -28.88 -3.24
N LEU A 1596 5.80 -28.63 -2.42
CA LEU A 1596 4.60 -27.92 -2.83
C LEU A 1596 4.68 -26.46 -2.40
N ALA A 1597 4.39 -25.55 -3.32
CA ALA A 1597 4.42 -24.13 -3.04
C ALA A 1597 3.19 -23.70 -2.25
N PHE A 1598 3.13 -22.42 -1.93
CA PHE A 1598 1.94 -21.80 -1.35
C PHE A 1598 1.33 -20.90 -2.42
N ASN A 1599 0.50 -21.51 -3.26
CA ASN A 1599 -0.14 -20.85 -4.39
C ASN A 1599 -1.31 -21.73 -4.82
N ARG A 1600 -1.95 -21.39 -5.96
CA ARG A 1600 -3.09 -22.15 -6.41
C ARG A 1600 -2.71 -23.54 -6.93
N GLN A 1601 -1.46 -23.74 -7.33
CA GLN A 1601 -1.04 -25.08 -7.73
C GLN A 1601 -0.78 -25.97 -6.52
N GLY A 1602 -0.15 -25.42 -5.49
CA GLY A 1602 0.18 -26.23 -4.32
C GLY A 1602 -0.99 -26.51 -3.41
N MET A 1603 -2.14 -25.89 -3.65
CA MET A 1603 -3.32 -26.12 -2.83
C MET A 1603 -4.40 -26.90 -3.56
N GLU A 1604 -4.13 -27.34 -4.80
CA GLU A 1604 -5.12 -28.13 -5.53
C GLU A 1604 -5.35 -29.48 -4.85
N THR A 1605 -4.36 -29.98 -4.14
CA THR A 1605 -4.50 -31.18 -3.32
C THR A 1605 -4.95 -30.74 -1.93
N SER A 1606 -6.25 -30.54 -1.79
CA SER A 1606 -6.82 -30.11 -0.52
C SER A 1606 -8.29 -30.51 -0.49
N THR A 1607 -8.79 -30.73 0.73
CA THR A 1607 -10.16 -31.18 0.89
C THR A 1607 -11.15 -30.02 0.76
N SER A 1608 -10.86 -28.89 1.39
CA SER A 1608 -11.81 -27.78 1.44
C SER A 1608 -11.93 -27.11 0.10
N SER A 1609 -13.12 -27.15 -0.49
CA SER A 1609 -13.33 -26.53 -1.78
C SER A 1609 -13.64 -25.02 -1.66
N PHE A 1610 -14.25 -24.59 -0.56
CA PHE A 1610 -14.46 -23.15 -0.38
C PHE A 1610 -13.16 -22.42 -0.08
N MET A 1611 -12.20 -23.10 0.54
CA MET A 1611 -10.88 -22.50 0.73
C MET A 1611 -10.20 -22.27 -0.61
N LYS A 1612 -10.37 -23.20 -1.55
CA LYS A 1612 -9.82 -23.01 -2.88
C LYS A 1612 -10.63 -22.00 -3.68
N MET A 1613 -11.94 -21.93 -3.44
CA MET A 1613 -12.79 -20.92 -4.05
C MET A 1613 -12.67 -19.56 -3.41
N SER A 1614 -11.90 -19.41 -2.34
CA SER A 1614 -11.65 -18.10 -1.76
C SER A 1614 -10.33 -17.49 -2.16
N TYR A 1615 -9.37 -18.30 -2.62
CA TYR A 1615 -8.02 -17.79 -2.85
C TYR A 1615 -7.93 -17.08 -4.19
N GLU A 1616 -8.09 -17.82 -5.29
CA GLU A 1616 -8.06 -17.30 -6.65
C GLU A 1616 -8.50 -18.41 -7.60
N THR A 1617 -8.86 -18.00 -8.82
CA THR A 1617 -9.51 -18.83 -9.84
C THR A 1617 -10.72 -19.55 -9.26
N THR A 1618 -11.71 -18.76 -8.86
CA THR A 1618 -12.79 -19.28 -8.03
C THR A 1618 -13.72 -20.18 -8.82
N CYS A 1619 -13.91 -19.91 -10.11
CA CYS A 1619 -14.74 -20.76 -10.95
C CYS A 1619 -13.91 -21.72 -11.79
N GLN A 1620 -12.66 -21.95 -11.42
CA GLN A 1620 -11.96 -23.16 -11.85
C GLN A 1620 -11.85 -24.18 -10.74
N PHE A 1621 -11.83 -23.73 -9.48
CA PHE A 1621 -12.04 -24.63 -8.35
C PHE A 1621 -13.51 -24.88 -8.08
N LEU A 1622 -14.41 -24.22 -8.79
CA LEU A 1622 -15.82 -24.51 -8.67
C LEU A 1622 -16.24 -25.63 -9.61
N THR A 1623 -15.68 -25.64 -10.83
CA THR A 1623 -15.99 -26.72 -11.76
C THR A 1623 -15.34 -28.02 -11.32
N LYS A 1624 -14.12 -27.95 -10.78
CA LYS A 1624 -13.45 -29.16 -10.32
C LYS A 1624 -14.10 -29.71 -9.05
N ALA A 1625 -14.83 -28.89 -8.30
CA ALA A 1625 -15.52 -29.38 -7.12
C ALA A 1625 -16.86 -29.99 -7.43
N VAL A 1626 -17.57 -29.48 -8.43
CA VAL A 1626 -18.88 -30.03 -8.78
C VAL A 1626 -18.77 -31.22 -9.73
N LEU A 1627 -17.68 -31.33 -10.48
CA LEU A 1627 -17.46 -32.52 -11.29
C LEU A 1627 -16.86 -33.67 -10.49
N ASP A 1628 -16.60 -33.46 -9.20
CA ASP A 1628 -16.30 -34.56 -8.30
C ASP A 1628 -17.49 -34.94 -7.44
N ASN A 1629 -18.57 -34.15 -7.51
CA ASN A 1629 -19.70 -34.19 -6.57
C ASN A 1629 -19.20 -34.16 -5.13
N GLU A 1630 -18.33 -33.19 -4.85
CA GLU A 1630 -17.51 -33.21 -3.65
C GLU A 1630 -18.30 -32.71 -2.45
N ARG A 1631 -18.30 -33.50 -1.39
CA ARG A 1631 -18.99 -33.16 -0.15
C ARG A 1631 -17.95 -32.78 0.89
N GLU A 1632 -17.83 -31.48 1.15
CA GLU A 1632 -16.87 -30.97 2.10
C GLU A 1632 -17.50 -30.80 3.47
N GLN A 1633 -16.75 -31.19 4.50
CA GLN A 1633 -17.26 -31.32 5.86
C GLN A 1633 -17.25 -30.02 6.64
N LEU A 1634 -16.93 -28.90 5.98
CA LEU A 1634 -16.87 -27.56 6.57
C LEU A 1634 -15.90 -27.51 7.74
N ASP A 1635 -14.64 -27.78 7.44
CA ASP A 1635 -13.59 -27.85 8.45
C ASP A 1635 -12.65 -26.67 8.41
N SER A 1636 -12.29 -26.20 7.22
CA SER A 1636 -11.40 -25.05 7.09
C SER A 1636 -12.10 -23.78 7.55
N PRO A 1637 -11.35 -22.82 8.11
CA PRO A 1637 -11.97 -21.55 8.50
C PRO A 1637 -12.53 -20.75 7.34
N SER A 1638 -12.01 -20.92 6.14
CA SER A 1638 -12.57 -20.22 4.99
C SER A 1638 -13.90 -20.82 4.57
N ALA A 1639 -14.16 -22.07 4.90
CA ALA A 1639 -15.41 -22.70 4.52
C ALA A 1639 -16.50 -22.52 5.56
N ARG A 1640 -16.15 -22.13 6.78
CA ARG A 1640 -17.12 -21.93 7.84
C ARG A 1640 -17.59 -20.49 7.93
N ILE A 1641 -17.04 -19.60 7.10
CA ILE A 1641 -17.43 -18.20 7.09
C ILE A 1641 -18.35 -17.98 5.89
N VAL A 1642 -18.13 -18.77 4.84
CA VAL A 1642 -19.06 -18.79 3.70
C VAL A 1642 -20.44 -19.26 4.15
N VAL A 1643 -20.48 -20.29 4.99
CA VAL A 1643 -21.74 -20.87 5.45
C VAL A 1643 -22.08 -20.43 6.87
N GLY A 1644 -21.22 -19.67 7.52
CA GLY A 1644 -21.57 -19.05 8.79
C GLY A 1644 -21.37 -19.90 10.02
N LYS A 1645 -20.65 -21.01 9.93
CA LYS A 1645 -20.38 -21.82 11.12
C LYS A 1645 -19.40 -21.11 12.05
N LEU A 1646 -19.34 -21.60 13.28
CA LEU A 1646 -18.31 -21.15 14.20
C LEU A 1646 -16.98 -21.74 13.78
N ASN A 1647 -15.91 -20.95 13.92
CA ASN A 1647 -14.60 -21.38 13.47
C ASN A 1647 -14.05 -22.48 14.39
N ASN A 1648 -13.33 -23.43 13.80
CA ASN A 1648 -12.84 -24.59 14.54
C ASN A 1648 -11.59 -24.30 15.35
N VAL A 1649 -10.94 -23.17 15.14
CA VAL A 1649 -9.65 -22.88 15.75
C VAL A 1649 -9.87 -22.08 17.03
N GLY A 1650 -9.46 -22.64 18.16
CA GLY A 1650 -9.44 -21.87 19.39
C GLY A 1650 -10.60 -22.13 20.31
N THR A 1651 -11.44 -21.10 20.49
CA THR A 1651 -12.58 -21.22 21.39
C THR A 1651 -13.64 -22.13 20.82
N GLY A 1652 -13.74 -22.20 19.49
CA GLY A 1652 -14.69 -23.10 18.87
C GLY A 1652 -14.10 -24.44 18.49
N SER A 1653 -13.16 -24.93 19.29
CA SER A 1653 -12.56 -26.24 19.10
C SER A 1653 -13.18 -27.30 20.00
N PHE A 1654 -14.32 -26.99 20.61
CA PHE A 1654 -14.96 -27.84 21.60
C PHE A 1654 -16.36 -27.31 21.84
N ASP A 1655 -17.16 -28.09 22.55
CA ASP A 1655 -18.51 -27.68 22.93
C ASP A 1655 -18.60 -27.47 24.44
N VAL A 1656 -19.64 -26.78 24.86
CA VAL A 1656 -19.89 -26.50 26.27
C VAL A 1656 -21.20 -27.17 26.64
N LEU A 1657 -21.17 -28.03 27.66
CA LEU A 1657 -22.27 -28.91 28.02
C LEU A 1657 -22.74 -28.55 29.43
N ALA A 1658 -23.95 -28.01 29.52
CA ALA A 1658 -24.48 -27.57 30.81
C ALA A 1658 -25.08 -28.75 31.55
N LYS A 1659 -24.55 -29.08 32.73
CA LYS A 1659 -25.13 -30.12 33.55
C LYS A 1659 -26.46 -29.65 34.13
N VAL A 1660 -27.48 -30.48 34.00
CA VAL A 1660 -28.78 -30.20 34.58
C VAL A 1660 -29.02 -31.19 35.73
N PRO A 1661 -29.60 -30.76 36.85
CA PRO A 1661 -29.58 -31.59 38.06
C PRO A 1661 -30.54 -32.76 38.06
N ASN A 1662 -31.68 -32.63 37.39
CA ASN A 1662 -32.74 -33.62 37.49
C ASN A 1662 -32.83 -34.46 36.22
N ALA A 1663 -33.57 -35.56 36.33
CA ALA A 1663 -33.64 -36.55 35.26
C ALA A 1663 -35.05 -36.74 34.76
N ALA B 11 21.31 48.08 7.19
CA ALA B 11 20.89 47.49 5.91
C ALA B 11 20.21 46.15 6.13
N ARG B 12 19.01 46.02 5.59
CA ARG B 12 18.24 44.80 5.75
C ARG B 12 18.76 43.70 4.84
N THR B 13 18.90 42.50 5.40
CA THR B 13 19.27 41.36 4.57
C THR B 13 18.10 40.91 3.72
N ALA B 14 16.89 41.00 4.26
CA ALA B 14 15.67 40.93 3.47
C ALA B 14 14.64 41.83 4.14
N ASP B 15 13.51 42.02 3.47
CA ASP B 15 12.48 42.87 4.04
C ASP B 15 11.10 42.49 3.53
N PHE B 16 10.15 42.44 4.45
CA PHE B 16 8.78 42.70 4.06
C PHE B 16 8.65 44.17 3.70
N ARG B 17 7.65 44.48 2.89
CA ARG B 17 7.37 45.85 2.52
C ARG B 17 5.96 46.16 2.98
N THR B 18 5.84 46.59 4.24
CA THR B 18 4.52 46.90 4.79
C THR B 18 3.92 48.13 4.13
N LEU B 19 4.70 49.19 3.97
CA LEU B 19 4.20 50.41 3.34
C LEU B 19 3.94 50.23 1.86
N GLU B 20 4.55 49.21 1.23
CA GLU B 20 4.24 48.93 -0.16
C GLU B 20 3.07 47.97 -0.30
N ARG B 21 2.99 46.92 0.53
CA ARG B 21 1.89 45.98 0.33
C ARG B 21 0.56 46.49 0.86
N GLU B 22 0.57 47.43 1.81
CA GLU B 22 -0.70 48.04 2.19
C GLU B 22 -1.19 49.00 1.13
N SER B 23 -0.26 49.71 0.47
CA SER B 23 -0.64 50.62 -0.60
C SER B 23 -1.18 49.85 -1.80
N ARG B 24 -0.62 48.69 -2.09
CA ARG B 24 -1.10 47.88 -3.20
C ARG B 24 -2.41 47.16 -2.86
N PHE B 25 -2.78 47.09 -1.58
CA PHE B 25 -4.11 46.60 -1.24
C PHE B 25 -5.16 47.67 -1.45
N ILE B 26 -4.82 48.94 -1.20
CA ILE B 26 -5.79 50.02 -1.28
C ILE B 26 -6.20 50.26 -2.73
N ASN B 27 -5.25 50.63 -3.57
CA ASN B 27 -5.51 50.81 -4.99
C ASN B 27 -4.60 49.92 -5.82
N PRO B 28 -5.16 48.95 -6.54
CA PRO B 28 -4.36 48.14 -7.46
C PRO B 28 -3.82 48.98 -8.60
N PRO B 29 -2.72 48.56 -9.23
CA PRO B 29 -2.10 49.40 -10.25
C PRO B 29 -2.95 49.52 -11.51
N LYS B 30 -3.13 50.76 -11.96
CA LYS B 30 -3.90 51.01 -13.17
C LYS B 30 -3.14 50.61 -14.44
N ASP B 31 -1.84 50.47 -14.35
CA ASP B 31 -1.03 49.91 -15.43
C ASP B 31 -0.91 48.40 -15.21
N LYS B 32 0.07 47.77 -15.87
CA LYS B 32 0.38 46.34 -15.76
C LYS B 32 0.59 45.87 -14.31
N SER B 33 0.43 44.57 -14.09
CA SER B 33 0.46 44.03 -12.74
C SER B 33 1.84 44.05 -12.13
N ALA B 34 1.89 44.28 -10.83
CA ALA B 34 3.08 43.95 -10.07
C ALA B 34 3.19 42.44 -9.93
N PHE B 35 4.36 42.01 -9.45
CA PHE B 35 4.81 40.62 -9.41
C PHE B 35 4.69 39.97 -10.77
N PRO B 36 5.50 40.36 -11.77
CA PRO B 36 5.36 39.75 -13.10
C PRO B 36 5.91 38.34 -13.17
N LEU B 37 6.60 37.89 -12.13
CA LEU B 37 7.14 36.54 -12.10
C LEU B 37 6.06 35.50 -11.89
N LEU B 38 4.91 35.91 -11.38
CA LEU B 38 3.77 35.01 -11.23
C LEU B 38 3.12 34.67 -12.56
N GLN B 39 3.19 35.60 -13.52
CA GLN B 39 2.62 35.37 -14.84
C GLN B 39 3.52 34.52 -15.72
N GLU B 40 4.82 34.45 -15.41
CA GLU B 40 5.73 33.63 -16.18
C GLU B 40 5.65 32.16 -15.79
N ALA B 41 4.91 31.82 -14.74
CA ALA B 41 4.68 30.44 -14.35
C ALA B 41 3.45 29.85 -15.02
N VAL B 42 2.68 30.65 -15.74
CA VAL B 42 1.52 30.16 -16.48
C VAL B 42 1.61 30.44 -17.97
N GLN B 43 2.70 31.05 -18.43
CA GLN B 43 2.95 31.17 -19.87
C GLN B 43 2.98 29.85 -20.66
N PRO B 44 3.41 28.70 -20.13
CA PRO B 44 3.17 27.46 -20.88
C PRO B 44 1.70 27.11 -21.07
N HIS B 45 0.83 27.50 -20.15
CA HIS B 45 -0.59 27.25 -20.34
C HIS B 45 -1.28 28.33 -21.16
N ILE B 46 -0.99 29.60 -20.85
CA ILE B 46 -1.61 30.70 -21.59
C ILE B 46 -1.11 30.73 -23.02
N GLY B 47 0.21 30.78 -23.20
CA GLY B 47 0.83 30.97 -24.50
C GLY B 47 0.64 29.84 -25.48
N SER B 48 0.21 28.67 -25.01
CA SER B 48 -0.12 27.57 -25.91
C SER B 48 -1.52 27.70 -26.49
N PHE B 49 -2.46 28.21 -25.68
CA PHE B 49 -3.80 28.44 -26.18
C PHE B 49 -3.84 29.66 -27.09
N ASN B 50 -2.94 30.62 -26.89
CA ASN B 50 -2.80 31.72 -27.82
C ASN B 50 -2.28 31.26 -29.18
N ALA B 51 -1.44 30.24 -29.18
CA ALA B 51 -0.78 29.79 -30.41
C ALA B 51 -1.71 29.01 -31.32
N LEU B 52 -2.83 28.51 -30.82
CA LEU B 52 -3.82 27.87 -31.66
C LEU B 52 -4.84 28.84 -32.21
N THR B 53 -4.65 30.12 -32.01
CA THR B 53 -5.61 31.08 -32.52
C THR B 53 -4.96 32.19 -33.32
N GLU B 54 -3.80 32.67 -32.90
CA GLU B 54 -3.08 33.72 -33.62
C GLU B 54 -1.62 33.31 -33.77
N GLY B 55 -0.92 34.07 -34.61
CA GLY B 55 0.46 33.78 -34.94
C GLY B 55 0.66 33.73 -36.44
N PRO B 56 1.79 33.19 -36.88
CA PRO B 56 1.99 33.00 -38.32
C PRO B 56 1.11 31.87 -38.84
N ASP B 57 0.68 32.05 -40.10
CA ASP B 57 -0.19 31.12 -40.84
C ASP B 57 -1.53 30.90 -40.13
N GLY B 58 -2.02 31.92 -39.43
CA GLY B 58 -3.37 31.88 -38.90
C GLY B 58 -3.59 31.02 -37.67
N GLY B 59 -2.55 30.78 -36.87
CA GLY B 59 -2.68 29.98 -35.68
C GLY B 59 -2.67 28.50 -35.99
N LEU B 60 -2.55 27.70 -34.93
CA LEU B 60 -2.39 26.27 -35.12
C LEU B 60 -3.70 25.53 -35.30
N LEU B 61 -4.82 26.22 -35.35
CA LEU B 61 -6.06 25.56 -35.74
C LEU B 61 -6.40 25.76 -37.22
N ASN B 62 -5.93 26.84 -37.84
CA ASN B 62 -6.08 26.96 -39.28
C ASN B 62 -5.14 26.02 -40.02
N LEU B 63 -3.97 25.73 -39.43
CA LEU B 63 -3.06 24.78 -40.05
C LEU B 63 -3.53 23.35 -39.89
N GLY B 64 -4.27 23.06 -38.82
CA GLY B 64 -4.82 21.73 -38.65
C GLY B 64 -6.01 21.42 -39.52
N VAL B 65 -6.72 22.46 -39.96
CA VAL B 65 -7.76 22.30 -40.95
C VAL B 65 -7.16 21.90 -42.30
N LYS B 66 -6.05 22.55 -42.66
CA LYS B 66 -5.41 22.34 -43.95
C LYS B 66 -4.83 20.93 -44.08
N ASP B 67 -4.49 20.31 -42.95
CA ASP B 67 -3.96 18.95 -42.99
C ASP B 67 -5.06 17.91 -43.20
N ILE B 68 -6.28 18.21 -42.77
CA ILE B 68 -7.39 17.28 -42.95
C ILE B 68 -7.75 17.17 -44.43
N GLY B 69 -7.87 18.31 -45.10
CA GLY B 69 -8.07 18.30 -46.53
C GLY B 69 -9.51 17.99 -46.93
N GLU B 70 -9.64 17.59 -48.19
CA GLU B 70 -10.94 17.42 -48.83
C GLU B 70 -11.30 15.94 -48.88
N LYS B 71 -12.54 15.63 -48.55
CA LYS B 71 -13.05 14.25 -48.55
C LYS B 71 -14.30 14.19 -49.41
N VAL B 72 -14.37 13.19 -50.29
CA VAL B 72 -15.34 13.20 -51.37
C VAL B 72 -16.29 12.01 -51.25
N ILE B 73 -17.39 12.10 -51.99
CA ILE B 73 -18.38 11.04 -52.13
C ILE B 73 -19.19 11.28 -53.40
N PHE B 74 -19.37 10.24 -54.21
CA PHE B 74 -19.90 10.40 -55.55
C PHE B 74 -21.39 10.08 -55.63
N ASP B 75 -21.98 10.41 -56.78
CA ASP B 75 -23.37 10.12 -57.07
C ASP B 75 -23.53 8.68 -57.54
N GLY B 76 -24.74 8.36 -58.00
CA GLY B 76 -25.00 7.13 -58.72
C GLY B 76 -25.83 7.45 -59.94
N LYS B 77 -25.63 8.64 -60.50
CA LYS B 77 -26.40 9.09 -61.66
C LYS B 77 -25.54 9.03 -62.91
N PRO B 78 -25.79 8.10 -63.84
CA PRO B 78 -25.09 8.08 -65.12
C PRO B 78 -25.77 8.98 -66.15
N GLY B 89 -16.77 5.73 -67.94
CA GLY B 89 -17.77 5.51 -66.91
C GLY B 89 -17.53 6.33 -65.66
N TYR B 90 -18.05 7.56 -65.66
CA TYR B 90 -17.88 8.45 -64.53
C TYR B 90 -18.74 8.01 -63.35
N LEU B 91 -18.33 8.42 -62.16
CA LEU B 91 -19.03 8.06 -60.94
C LEU B 91 -20.19 8.98 -60.63
N GLY B 92 -20.19 10.20 -61.16
CA GLY B 92 -21.24 11.17 -60.88
C GLY B 92 -20.68 12.56 -60.67
N ASN B 93 -20.99 13.17 -59.53
CA ASN B 93 -20.43 14.45 -59.14
C ASN B 93 -19.59 14.27 -57.88
N LYS B 94 -18.60 15.13 -57.69
CA LYS B 94 -17.51 14.81 -56.78
C LYS B 94 -17.86 15.06 -55.32
N LEU B 95 -18.45 16.22 -55.01
CA LEU B 95 -18.66 16.71 -53.64
C LEU B 95 -17.35 16.70 -52.86
N SER B 96 -16.46 17.60 -53.27
CA SER B 96 -15.16 17.73 -52.59
C SER B 96 -15.32 18.64 -51.38
N VAL B 97 -15.99 18.11 -50.34
CA VAL B 97 -16.34 18.91 -49.18
C VAL B 97 -15.11 19.04 -48.27
N SER B 98 -15.03 20.16 -47.57
CA SER B 98 -13.86 20.50 -46.79
C SER B 98 -14.24 21.54 -45.75
N VAL B 99 -13.31 21.76 -44.82
CA VAL B 99 -13.29 22.95 -43.99
C VAL B 99 -12.11 23.77 -44.50
N GLU B 100 -12.20 25.10 -44.40
CA GLU B 100 -11.06 25.92 -44.79
C GLU B 100 -10.64 26.94 -43.75
N GLN B 101 -11.49 27.28 -42.78
CA GLN B 101 -11.11 28.23 -41.75
C GLN B 101 -11.96 27.97 -40.52
N VAL B 102 -11.30 27.80 -39.38
CA VAL B 102 -11.96 27.69 -38.09
C VAL B 102 -11.56 28.92 -37.28
N SER B 103 -12.53 29.49 -36.55
CA SER B 103 -12.27 30.68 -35.77
C SER B 103 -13.07 30.61 -34.48
N ILE B 104 -12.50 31.13 -33.41
CA ILE B 104 -13.14 31.16 -32.10
C ILE B 104 -13.47 32.62 -31.79
N ALA B 105 -14.67 32.84 -31.27
CA ALA B 105 -15.04 34.16 -30.77
C ALA B 105 -14.92 34.19 -29.26
N LYS B 106 -14.79 35.40 -28.73
CA LYS B 106 -14.88 35.58 -27.29
C LYS B 106 -16.30 35.28 -26.83
N PRO B 107 -16.47 34.81 -25.59
CA PRO B 107 -17.82 34.52 -25.09
C PRO B 107 -18.68 35.76 -24.99
N MET B 108 -19.85 35.69 -25.65
CA MET B 108 -20.84 36.75 -25.60
C MET B 108 -22.18 36.13 -25.24
N SER B 109 -22.98 36.88 -24.50
CA SER B 109 -24.31 36.42 -24.11
C SER B 109 -25.37 37.17 -24.91
N ASN B 110 -26.52 36.54 -25.07
CA ASN B 110 -27.57 37.02 -25.96
C ASN B 110 -28.81 37.31 -25.12
N ASP B 111 -29.02 38.57 -24.78
CA ASP B 111 -30.19 38.99 -24.03
C ASP B 111 -30.90 40.15 -24.73
N ALA B 116 -31.11 40.35 -29.60
CA ALA B 116 -30.70 41.73 -29.80
C ALA B 116 -29.19 41.88 -29.71
N VAL B 117 -28.74 42.97 -29.08
CA VAL B 117 -27.31 43.24 -28.99
C VAL B 117 -26.68 42.31 -27.96
N GLU B 118 -25.45 41.88 -28.22
CA GLU B 118 -24.77 40.92 -27.37
C GLU B 118 -23.94 41.63 -26.30
N ARG B 119 -23.99 41.12 -25.09
CA ARG B 119 -23.20 41.64 -23.99
C ARG B 119 -21.98 40.78 -23.77
N LYS B 120 -20.98 41.34 -23.09
CA LYS B 120 -19.75 40.63 -22.80
C LYS B 120 -19.91 39.86 -21.48
N VAL B 121 -19.90 38.55 -21.55
CA VAL B 121 -19.93 37.72 -20.35
C VAL B 121 -18.51 37.52 -19.84
N TYR B 122 -18.27 37.94 -18.64
CA TYR B 122 -17.08 37.85 -17.81
C TYR B 122 -17.17 36.61 -16.93
N PRO B 123 -16.06 35.94 -16.61
CA PRO B 123 -16.15 34.63 -15.96
C PRO B 123 -16.59 34.67 -14.51
N SER B 124 -16.72 35.85 -13.91
CA SER B 124 -17.39 35.96 -12.62
C SER B 124 -18.84 35.57 -12.72
N GLU B 125 -19.49 35.96 -13.82
CA GLU B 125 -20.89 35.61 -14.05
C GLU B 125 -21.04 34.14 -14.38
N SER B 126 -20.00 33.51 -14.92
CA SER B 126 -20.07 32.10 -15.27
C SER B 126 -19.82 31.18 -14.08
N ARG B 127 -19.12 31.66 -13.05
CA ARG B 127 -18.95 30.85 -11.84
C ARG B 127 -20.25 30.80 -11.04
N GLN B 128 -20.99 31.91 -11.01
CA GLN B 128 -22.21 31.98 -10.22
C GLN B 128 -23.36 31.23 -10.88
N ARG B 129 -23.39 31.16 -12.21
CA ARG B 129 -24.41 30.39 -12.90
C ARG B 129 -24.18 28.89 -12.81
N LEU B 130 -22.96 28.48 -12.42
CA LEU B 130 -22.47 27.10 -12.47
C LEU B 130 -22.63 26.52 -13.88
N THR B 131 -22.19 27.30 -14.87
CA THR B 131 -22.17 26.90 -16.27
C THR B 131 -20.73 26.90 -16.74
N SER B 132 -20.54 26.72 -18.04
CA SER B 132 -19.22 26.67 -18.64
C SER B 132 -18.96 27.97 -19.39
N TYR B 133 -17.84 28.62 -19.06
CA TYR B 133 -17.43 29.86 -19.71
C TYR B 133 -16.91 29.49 -21.09
N ARG B 134 -17.73 29.68 -22.11
CA ARG B 134 -17.42 29.16 -23.43
C ARG B 134 -17.76 30.17 -24.52
N GLY B 135 -16.96 30.15 -25.59
CA GLY B 135 -17.13 31.02 -26.71
C GLY B 135 -17.59 30.28 -27.95
N LYS B 136 -17.99 31.04 -28.96
CA LYS B 136 -18.56 30.46 -30.17
C LYS B 136 -17.47 29.94 -31.09
N LEU B 137 -17.72 28.75 -31.64
CA LEU B 137 -16.80 28.07 -32.56
C LEU B 137 -17.42 28.12 -33.95
N LEU B 138 -16.68 28.68 -34.90
CA LEU B 138 -17.20 28.95 -36.24
C LEU B 138 -16.33 28.25 -37.27
N LEU B 139 -16.84 27.15 -37.81
CA LEU B 139 -16.25 26.54 -39.00
C LEU B 139 -16.94 27.07 -40.24
N LYS B 140 -16.17 27.34 -41.28
CA LYS B 140 -16.73 27.63 -42.59
C LYS B 140 -16.35 26.51 -43.54
N LEU B 141 -17.36 25.94 -44.19
CA LEU B 141 -17.14 24.77 -45.03
C LEU B 141 -16.76 25.18 -46.45
N LYS B 142 -16.43 24.18 -47.26
CA LYS B 142 -16.14 24.37 -48.68
C LYS B 142 -16.90 23.25 -49.40
N TRP B 143 -18.16 23.52 -49.73
CA TRP B 143 -19.03 22.56 -50.39
C TRP B 143 -18.76 22.62 -51.91
N SER B 144 -17.60 22.08 -52.29
CA SER B 144 -17.21 22.08 -53.69
C SER B 144 -17.91 20.96 -54.44
N VAL B 145 -18.18 21.21 -55.72
CA VAL B 145 -18.70 20.19 -56.63
C VAL B 145 -17.87 20.20 -57.90
N ASN B 146 -17.62 18.99 -58.43
CA ASN B 146 -17.07 18.77 -59.77
C ASN B 146 -15.70 19.42 -59.97
N ASN B 147 -14.88 19.38 -58.91
CA ASN B 147 -13.49 19.85 -58.90
C ASN B 147 -13.40 21.36 -59.20
N GLY B 148 -14.42 22.12 -58.83
CA GLY B 148 -14.32 23.56 -58.92
C GLY B 148 -15.29 24.25 -59.86
N GLU B 149 -16.45 23.65 -60.11
CA GLU B 149 -17.49 24.37 -60.84
C GLU B 149 -18.07 25.49 -59.99
N GLU B 150 -18.63 25.15 -58.82
CA GLU B 150 -19.07 26.17 -57.89
C GLU B 150 -18.86 25.68 -56.47
N ASN B 151 -18.73 26.62 -55.55
CA ASN B 151 -18.46 26.34 -54.15
C ASN B 151 -19.51 27.01 -53.29
N LEU B 152 -19.85 26.38 -52.17
CA LEU B 152 -20.87 26.89 -51.26
C LEU B 152 -20.23 27.11 -49.90
N PHE B 153 -19.60 28.26 -49.73
CA PHE B 153 -18.97 28.62 -48.45
C PHE B 153 -20.07 29.06 -47.50
N GLU B 154 -20.31 28.26 -46.45
CA GLU B 154 -21.29 28.58 -45.45
C GLU B 154 -20.67 28.43 -44.07
N VAL B 155 -20.61 29.53 -43.33
CA VAL B 155 -20.10 29.50 -41.97
C VAL B 155 -21.12 28.82 -41.07
N ARG B 156 -20.69 27.79 -40.34
CA ARG B 156 -21.60 27.02 -39.50
C ARG B 156 -21.09 26.97 -38.08
N ASP B 157 -21.88 27.50 -37.14
CA ASP B 157 -21.50 27.48 -35.73
C ASP B 157 -21.61 26.07 -35.17
N CYS B 158 -20.59 25.67 -34.44
CA CYS B 158 -20.44 24.30 -33.98
C CYS B 158 -20.46 24.23 -32.46
N GLY B 159 -21.37 24.97 -31.84
CA GLY B 159 -21.54 24.91 -30.41
C GLY B 159 -20.53 25.77 -29.67
N GLY B 160 -20.75 25.91 -28.37
CA GLY B 160 -19.90 26.75 -27.55
C GLY B 160 -18.61 26.08 -27.15
N LEU B 161 -17.49 26.62 -27.57
CA LEU B 161 -16.19 26.06 -27.27
C LEU B 161 -15.66 26.63 -25.97
N PRO B 162 -15.25 25.80 -25.01
CA PRO B 162 -14.77 26.31 -23.72
C PRO B 162 -13.44 27.05 -23.81
N VAL B 163 -13.49 28.35 -23.61
CA VAL B 163 -12.32 29.22 -23.66
C VAL B 163 -11.70 29.25 -22.27
N MET B 164 -10.37 29.25 -22.19
CA MET B 164 -9.68 29.37 -20.92
C MET B 164 -9.32 30.82 -20.61
N LEU B 165 -9.13 31.08 -19.32
CA LEU B 165 -9.08 32.44 -18.80
C LEU B 165 -7.75 33.11 -19.10
N GLN B 166 -7.83 34.43 -19.33
CA GLN B 166 -6.69 35.30 -19.65
C GLN B 166 -5.93 34.84 -20.88
N SER B 167 -6.64 34.32 -21.86
CA SER B 167 -6.10 34.08 -23.17
C SER B 167 -6.55 35.18 -24.11
N ASN B 168 -6.24 35.04 -25.40
CA ASN B 168 -6.64 36.02 -26.39
C ASN B 168 -8.08 35.86 -26.84
N ARG B 169 -8.79 34.87 -26.31
CA ARG B 169 -10.22 34.72 -26.52
C ARG B 169 -11.02 34.88 -25.24
N CYS B 170 -10.37 35.32 -24.16
CA CYS B 170 -11.04 35.66 -22.92
C CYS B 170 -11.05 37.17 -22.75
N HIS B 171 -12.04 37.66 -22.01
CA HIS B 171 -12.17 39.10 -21.83
C HIS B 171 -11.22 39.65 -20.79
N LEU B 172 -10.47 38.80 -20.11
CA LEU B 172 -9.51 39.23 -19.10
C LEU B 172 -8.10 39.36 -19.68
N ASN B 173 -7.98 39.59 -20.98
CA ASN B 173 -6.70 39.44 -21.66
C ASN B 173 -5.75 40.59 -21.31
N LYS B 174 -6.13 41.82 -21.64
CA LYS B 174 -5.26 42.97 -21.47
C LYS B 174 -5.75 43.86 -20.34
N MET B 175 -6.24 43.26 -19.26
CA MET B 175 -6.75 44.02 -18.14
C MET B 175 -5.68 44.30 -17.10
N SER B 176 -5.72 45.51 -16.57
CA SER B 176 -4.95 45.90 -15.41
C SER B 176 -5.47 45.17 -14.18
N PRO B 177 -4.64 45.03 -13.14
CA PRO B 177 -5.16 44.56 -11.84
C PRO B 177 -6.16 45.50 -11.18
N TYR B 178 -6.25 46.76 -11.62
CA TYR B 178 -7.39 47.58 -11.20
C TYR B 178 -8.66 47.11 -11.88
N GLU B 179 -8.61 46.83 -13.18
CA GLU B 179 -9.81 46.46 -13.91
C GLU B 179 -10.20 45.01 -13.67
N LEU B 180 -9.27 44.17 -13.24
CA LEU B 180 -9.63 42.82 -12.84
C LEU B 180 -10.37 42.79 -11.52
N VAL B 181 -10.17 43.80 -10.66
CA VAL B 181 -10.96 43.91 -9.45
C VAL B 181 -12.36 44.41 -9.78
N GLN B 182 -12.46 45.36 -10.71
CA GLN B 182 -13.76 45.90 -11.11
C GLN B 182 -14.60 44.88 -11.86
N HIS B 183 -13.98 43.85 -12.42
CA HIS B 183 -14.72 42.73 -13.01
C HIS B 183 -14.67 41.50 -12.11
N LYS B 184 -14.46 41.73 -10.82
CA LYS B 184 -14.67 40.80 -9.71
C LYS B 184 -13.73 39.62 -9.69
N GLU B 185 -12.66 39.63 -10.49
CA GLU B 185 -11.94 38.38 -10.71
C GLU B 185 -10.96 38.08 -9.58
N GLU B 186 -9.85 38.82 -9.53
CA GLU B 186 -8.90 39.06 -8.45
C GLU B 186 -7.80 39.94 -9.05
N SER B 187 -7.05 40.63 -8.19
CA SER B 187 -6.05 41.59 -8.65
C SER B 187 -4.93 40.93 -9.44
N ASP B 188 -4.19 40.02 -8.81
CA ASP B 188 -3.10 39.31 -9.47
C ASP B 188 -3.54 37.94 -9.95
N GLU B 189 -4.76 37.85 -10.44
CA GLU B 189 -5.35 36.58 -10.85
C GLU B 189 -4.71 36.11 -12.14
N ILE B 190 -4.03 34.99 -12.08
CA ILE B 190 -3.50 34.33 -13.25
C ILE B 190 -4.56 33.39 -13.82
N GLY B 191 -4.62 33.30 -15.14
CA GLY B 191 -5.60 32.45 -15.78
C GLY B 191 -5.12 31.01 -15.83
N GLY B 192 -5.23 30.39 -16.99
CA GLY B 192 -4.64 29.09 -17.21
C GLY B 192 -5.59 27.92 -17.13
N TYR B 193 -6.87 28.16 -16.84
CA TYR B 193 -7.80 27.08 -16.56
C TYR B 193 -9.11 27.33 -17.29
N PHE B 194 -9.83 26.24 -17.52
CA PHE B 194 -11.14 26.26 -18.14
C PHE B 194 -12.20 26.24 -17.05
N ILE B 195 -13.29 26.97 -17.27
CA ILE B 195 -14.47 26.85 -16.42
C ILE B 195 -15.47 25.98 -17.16
N VAL B 196 -15.73 24.79 -16.63
CA VAL B 196 -16.65 23.83 -17.24
C VAL B 196 -17.66 23.42 -16.17
N ASN B 197 -18.93 23.74 -16.42
CA ASN B 197 -20.05 23.50 -15.50
C ASN B 197 -19.79 24.11 -14.12
N GLY B 198 -19.25 25.33 -14.13
CA GLY B 198 -18.92 26.02 -12.90
C GLY B 198 -17.71 25.50 -12.16
N ILE B 199 -17.00 24.52 -12.72
CA ILE B 199 -15.87 23.87 -12.07
C ILE B 199 -14.62 24.27 -12.83
N GLU B 200 -13.60 24.73 -12.11
CA GLU B 200 -12.39 25.24 -12.74
C GLU B 200 -11.51 24.05 -13.13
N LYS B 201 -11.77 23.49 -14.30
CA LYS B 201 -10.98 22.36 -14.76
C LYS B 201 -9.65 22.84 -15.32
N LEU B 202 -8.76 21.89 -15.56
CA LEU B 202 -7.38 22.18 -15.92
C LEU B 202 -6.80 20.96 -16.61
N ILE B 203 -6.19 21.17 -17.77
CA ILE B 203 -5.57 20.10 -18.53
C ILE B 203 -4.10 20.02 -18.15
N ARG B 204 -3.64 18.81 -17.80
CA ARG B 204 -2.29 18.65 -17.29
C ARG B 204 -1.27 18.68 -18.42
N MET B 205 -0.03 18.94 -18.04
CA MET B 205 1.09 18.74 -18.92
C MET B 205 1.44 17.26 -18.97
N LEU B 206 1.99 16.83 -20.09
CA LEU B 206 2.46 15.46 -20.25
C LEU B 206 3.86 15.47 -20.84
N ILE B 207 4.72 14.66 -20.27
CA ILE B 207 6.10 14.54 -20.73
C ILE B 207 6.18 13.32 -21.66
N VAL B 208 6.90 13.48 -22.77
CA VAL B 208 6.80 12.56 -23.89
C VAL B 208 8.08 12.71 -24.70
N GLN B 209 8.34 11.75 -25.60
CA GLN B 209 9.54 11.73 -26.44
C GLN B 209 9.72 13.02 -27.23
N ARG B 210 10.98 13.46 -27.37
CA ARG B 210 11.31 14.63 -28.17
C ARG B 210 10.88 14.46 -29.62
N ARG B 211 10.58 15.58 -30.24
CA ARG B 211 10.25 15.59 -31.65
C ARG B 211 11.51 15.55 -32.50
N ASN B 212 11.37 15.01 -33.70
CA ASN B 212 12.32 15.10 -34.81
C ASN B 212 13.67 14.46 -34.51
N HIS B 213 13.75 13.55 -33.54
CA HIS B 213 15.05 12.99 -33.21
C HIS B 213 14.94 11.48 -33.01
N PRO B 214 15.54 10.68 -33.89
CA PRO B 214 15.41 9.22 -33.79
C PRO B 214 16.37 8.65 -32.75
N MET B 215 15.82 8.19 -31.64
CA MET B 215 16.65 7.66 -30.57
C MET B 215 16.71 6.14 -30.65
N ALA B 216 17.93 5.62 -30.57
CA ALA B 216 18.15 4.18 -30.65
C ALA B 216 17.67 3.52 -29.37
N ILE B 217 16.75 2.56 -29.49
CA ILE B 217 16.02 2.03 -28.35
C ILE B 217 16.14 0.51 -28.34
N ILE B 218 16.58 -0.03 -27.21
CA ILE B 218 16.58 -1.46 -26.95
C ILE B 218 15.40 -1.79 -26.05
N ARG B 219 14.50 -2.65 -26.53
CA ARG B 219 13.34 -3.10 -25.78
C ARG B 219 13.15 -4.58 -26.08
N PRO B 220 12.94 -5.42 -25.06
CA PRO B 220 12.58 -6.83 -25.33
C PRO B 220 11.24 -6.98 -26.02
N SER B 221 10.34 -6.02 -25.89
CA SER B 221 9.06 -6.06 -26.57
C SER B 221 9.13 -5.80 -28.06
N PHE B 222 10.30 -5.39 -28.58
CA PHE B 222 10.43 -5.31 -30.03
C PHE B 222 10.55 -6.70 -30.67
N ALA B 223 10.84 -7.73 -29.88
CA ALA B 223 10.99 -9.07 -30.41
C ALA B 223 9.67 -9.84 -30.53
N ASN B 224 8.58 -9.28 -30.03
CA ASN B 224 7.29 -9.96 -30.10
C ASN B 224 6.48 -9.54 -31.32
N ARG B 225 7.08 -8.82 -32.26
CA ARG B 225 6.38 -8.44 -33.48
C ARG B 225 6.14 -9.62 -34.40
N GLY B 226 6.91 -10.69 -34.26
CA GLY B 226 6.74 -11.87 -35.10
C GLY B 226 7.95 -12.76 -35.12
N ALA B 227 8.38 -13.15 -36.32
CA ALA B 227 9.51 -14.06 -36.49
C ALA B 227 10.78 -13.26 -36.66
N SER B 228 11.82 -13.65 -35.91
CA SER B 228 13.20 -13.18 -36.02
C SER B 228 13.35 -11.68 -35.76
N TYR B 229 12.43 -11.07 -35.04
CA TYR B 229 12.62 -9.69 -34.62
C TYR B 229 13.62 -9.63 -33.46
N SER B 230 14.59 -8.74 -33.59
CA SER B 230 15.58 -8.53 -32.53
C SER B 230 14.98 -7.65 -31.44
N HIS B 231 15.81 -7.24 -30.50
CA HIS B 231 15.43 -6.23 -29.52
C HIS B 231 16.04 -4.88 -29.83
N TYR B 232 16.72 -4.75 -30.96
CA TYR B 232 17.28 -3.48 -31.39
C TYR B 232 16.29 -2.77 -32.30
N GLY B 233 16.25 -1.44 -32.21
CA GLY B 233 15.35 -0.67 -33.02
C GLY B 233 15.64 0.81 -32.89
N ILE B 234 14.95 1.60 -33.71
CA ILE B 234 15.07 3.04 -33.68
C ILE B 234 13.66 3.61 -33.78
N GLN B 235 13.50 4.85 -33.31
CA GLN B 235 12.15 5.41 -33.12
C GLN B 235 12.22 6.93 -33.19
N ILE B 236 11.62 7.50 -34.21
CA ILE B 236 11.44 8.93 -34.34
C ILE B 236 9.97 9.24 -34.07
N ARG B 237 9.72 10.39 -33.45
CA ARG B 237 8.36 10.89 -33.23
C ARG B 237 8.28 12.22 -33.96
N SER B 238 7.84 12.18 -35.22
CA SER B 238 7.69 13.40 -35.98
C SER B 238 6.45 14.14 -35.54
N VAL B 239 6.44 15.46 -35.76
CA VAL B 239 5.26 16.28 -35.52
C VAL B 239 4.98 17.10 -36.76
N ARG B 240 3.71 17.22 -37.11
CA ARG B 240 3.31 18.08 -38.21
C ARG B 240 3.41 19.53 -37.73
N PRO B 241 3.32 20.52 -38.62
CA PRO B 241 3.26 21.91 -38.16
C PRO B 241 2.00 22.29 -37.37
N ASP B 242 0.99 21.42 -37.26
CA ASP B 242 -0.14 21.68 -36.37
C ASP B 242 -0.02 20.96 -35.04
N GLN B 243 1.20 20.56 -34.66
CA GLN B 243 1.53 19.93 -33.37
C GLN B 243 0.83 18.58 -33.17
N THR B 244 0.49 17.91 -34.26
CA THR B 244 -0.01 16.55 -34.22
C THR B 244 1.14 15.62 -34.54
N SER B 245 1.18 14.45 -33.89
CA SER B 245 2.35 13.60 -33.88
C SER B 245 2.15 12.33 -34.71
N GLN B 246 3.27 11.65 -34.98
CA GLN B 246 3.29 10.40 -35.73
C GLN B 246 4.63 9.70 -35.52
N THR B 247 4.63 8.44 -35.11
CA THR B 247 5.87 7.70 -34.91
C THR B 247 6.17 6.81 -36.11
N ASN B 248 7.46 6.55 -36.32
CA ASN B 248 7.96 5.75 -37.43
C ASN B 248 9.12 4.92 -36.88
N VAL B 249 8.86 3.63 -36.65
CA VAL B 249 9.79 2.76 -35.92
C VAL B 249 10.41 1.78 -36.90
N LEU B 250 11.73 1.65 -36.86
CA LEU B 250 12.45 0.66 -37.64
C LEU B 250 12.88 -0.48 -36.73
N HIS B 251 12.53 -1.71 -37.11
CA HIS B 251 12.95 -2.90 -36.40
C HIS B 251 14.08 -3.59 -37.13
N TYR B 252 15.01 -4.15 -36.38
CA TYR B 252 16.04 -5.00 -36.93
C TYR B 252 15.59 -6.45 -36.88
N LEU B 253 15.67 -7.14 -38.00
CA LEU B 253 15.40 -8.55 -38.05
C LEU B 253 16.71 -9.33 -38.04
N ASN B 254 16.69 -10.49 -37.37
CA ASN B 254 17.86 -11.35 -37.37
C ASN B 254 18.09 -12.03 -38.71
N ASP B 255 17.08 -12.03 -39.59
CA ASP B 255 17.24 -12.56 -40.94
C ASP B 255 18.21 -11.72 -41.75
N GLY B 256 18.33 -10.43 -41.45
CA GLY B 256 19.30 -9.59 -42.12
C GLY B 256 18.71 -8.31 -42.68
N GLN B 257 17.39 -8.26 -42.79
CA GLN B 257 16.71 -7.08 -43.29
C GLN B 257 16.11 -6.29 -42.13
N VAL B 258 15.49 -5.15 -42.47
CA VAL B 258 14.84 -4.30 -41.48
C VAL B 258 13.40 -4.06 -41.92
N THR B 259 12.59 -3.53 -41.00
CA THR B 259 11.16 -3.42 -41.21
C THR B 259 10.62 -2.14 -40.58
N PHE B 260 10.01 -1.29 -41.40
CA PHE B 260 9.33 -0.07 -40.97
C PHE B 260 8.08 -0.43 -40.17
N ARG B 261 7.64 0.50 -39.31
CA ARG B 261 6.41 0.27 -38.57
C ARG B 261 5.73 1.59 -38.28
N PHE B 262 4.40 1.61 -38.43
CA PHE B 262 3.60 2.78 -38.14
C PHE B 262 2.23 2.32 -37.65
N SER B 263 1.31 3.27 -37.51
CA SER B 263 -0.08 2.99 -37.16
C SER B 263 -0.92 4.16 -37.65
N TRP B 264 -2.03 3.86 -38.32
CA TRP B 264 -2.93 4.90 -38.82
C TRP B 264 -4.20 5.00 -37.99
N ARG B 265 -4.97 3.94 -37.90
CA ARG B 265 -5.98 3.78 -36.86
C ARG B 265 -5.29 3.07 -35.69
N LYS B 266 -6.05 2.47 -34.80
CA LYS B 266 -5.47 1.88 -33.61
C LYS B 266 -4.83 0.50 -33.86
N ASN B 267 -4.44 0.18 -35.09
CA ASN B 267 -3.77 -1.07 -35.43
C ASN B 267 -2.45 -0.78 -36.14
N GLU B 268 -1.55 -1.77 -36.10
CA GLU B 268 -0.16 -1.64 -36.54
C GLU B 268 0.03 -2.15 -37.96
N TYR B 269 1.09 -1.69 -38.60
CA TYR B 269 1.45 -2.12 -39.95
C TYR B 269 2.96 -2.22 -40.07
N LEU B 270 3.43 -3.10 -40.97
CA LEU B 270 4.84 -3.47 -41.03
C LEU B 270 5.28 -3.52 -42.49
N VAL B 271 6.09 -2.56 -42.91
CA VAL B 271 6.54 -2.48 -44.30
C VAL B 271 8.05 -2.72 -44.34
N PRO B 272 8.58 -3.46 -45.32
CA PRO B 272 10.03 -3.43 -45.53
C PRO B 272 10.47 -2.09 -46.11
N VAL B 273 11.59 -1.57 -45.59
CA VAL B 273 11.90 -0.16 -45.82
C VAL B 273 12.46 0.11 -47.21
N VAL B 274 12.89 -0.92 -47.94
CA VAL B 274 13.40 -0.70 -49.28
C VAL B 274 12.25 -0.36 -50.21
N MET B 275 11.04 -0.83 -49.89
CA MET B 275 9.85 -0.35 -50.55
C MET B 275 9.61 1.12 -50.24
N ILE B 276 9.89 1.54 -49.01
CA ILE B 276 9.69 2.94 -48.67
C ILE B 276 10.85 3.78 -49.20
N LEU B 277 12.06 3.24 -49.24
CA LEU B 277 13.17 3.97 -49.83
C LEU B 277 13.02 4.14 -51.33
N LYS B 278 12.44 3.16 -52.02
CA LYS B 278 12.20 3.32 -53.45
C LYS B 278 10.94 4.11 -53.76
N ALA B 279 10.12 4.41 -52.75
CA ALA B 279 8.91 5.19 -52.96
C ALA B 279 9.13 6.67 -52.73
N LEU B 280 10.04 7.04 -51.84
CA LEU B 280 10.21 8.45 -51.48
C LEU B 280 10.83 9.26 -52.61
N CYS B 281 11.76 8.66 -53.35
CA CYS B 281 12.34 9.34 -54.50
C CYS B 281 12.83 8.30 -55.50
N HIS B 282 13.28 8.77 -56.65
CA HIS B 282 13.86 7.91 -57.67
C HIS B 282 15.28 7.56 -57.25
N THR B 283 15.52 6.28 -56.98
CA THR B 283 16.76 5.83 -56.38
C THR B 283 17.51 4.91 -57.33
N SER B 284 18.80 5.18 -57.50
CA SER B 284 19.70 4.12 -57.92
C SER B 284 19.84 3.13 -56.78
N ASP B 285 20.17 1.89 -57.12
CA ASP B 285 20.28 0.91 -56.06
C ASP B 285 21.62 0.97 -55.34
N ARG B 286 22.56 1.79 -55.84
CA ARG B 286 23.75 2.14 -55.09
C ARG B 286 23.51 3.35 -54.18
N GLU B 287 22.47 4.14 -54.45
CA GLU B 287 22.10 5.24 -53.56
C GLU B 287 21.68 4.74 -52.19
N ILE B 288 21.03 3.57 -52.16
CA ILE B 288 20.72 2.94 -50.89
C ILE B 288 22.01 2.45 -50.23
N PHE B 289 22.98 2.02 -51.04
CA PHE B 289 24.28 1.60 -50.52
C PHE B 289 25.10 2.81 -50.10
N ASP B 290 25.14 3.84 -50.94
CA ASP B 290 25.98 5.01 -50.68
C ASP B 290 25.45 5.87 -49.54
N GLY B 291 24.17 5.78 -49.20
CA GLY B 291 23.63 6.57 -48.13
C GLY B 291 23.98 5.99 -46.78
N ILE B 292 23.97 4.66 -46.68
CA ILE B 292 24.30 4.01 -45.43
C ILE B 292 25.80 3.94 -45.23
N ILE B 293 26.52 3.45 -46.23
CA ILE B 293 27.95 3.28 -46.12
C ILE B 293 28.61 4.57 -46.56
N GLY B 294 29.50 5.09 -45.73
CA GLY B 294 30.30 6.23 -46.14
C GLY B 294 31.55 5.75 -46.85
N ASN B 295 32.69 6.40 -46.57
CA ASN B 295 33.94 5.93 -47.15
C ASN B 295 34.48 4.67 -46.48
N ASP B 296 33.79 4.15 -45.47
CA ASP B 296 34.12 2.87 -44.83
C ASP B 296 33.56 1.69 -45.62
N VAL B 297 34.06 1.57 -46.85
CA VAL B 297 33.70 0.46 -47.73
C VAL B 297 34.26 -0.85 -47.19
N LYS B 298 35.43 -0.81 -46.57
CA LYS B 298 36.09 -1.98 -46.01
C LYS B 298 35.53 -2.42 -44.66
N ASP B 299 34.37 -1.89 -44.25
CA ASP B 299 33.69 -2.34 -43.05
C ASP B 299 32.86 -3.56 -43.44
N SER B 300 33.29 -4.73 -42.98
CA SER B 300 32.68 -5.98 -43.41
C SER B 300 31.38 -6.30 -42.67
N PHE B 301 31.21 -5.77 -41.46
CA PHE B 301 29.93 -5.93 -40.75
C PHE B 301 28.84 -5.18 -41.48
N LEU B 302 29.12 -3.95 -41.88
CA LEU B 302 28.12 -3.08 -42.47
C LEU B 302 27.76 -3.48 -43.89
N THR B 303 28.69 -4.10 -44.61
CA THR B 303 28.40 -4.49 -45.99
C THR B 303 27.53 -5.74 -46.03
N ASP B 304 27.85 -6.74 -45.21
CA ASP B 304 27.19 -8.02 -45.29
C ASP B 304 25.77 -7.98 -44.72
N ARG B 305 25.52 -7.13 -43.73
CA ARG B 305 24.16 -6.93 -43.26
C ARG B 305 23.33 -6.13 -44.24
N LEU B 306 23.98 -5.45 -45.18
CA LEU B 306 23.31 -4.70 -46.22
C LEU B 306 23.17 -5.51 -47.50
N GLU B 307 23.96 -6.58 -47.65
CA GLU B 307 23.75 -7.56 -48.71
C GLU B 307 22.39 -8.20 -48.60
N LEU B 308 22.01 -8.58 -47.37
CA LEU B 308 20.73 -9.24 -47.13
C LEU B 308 19.56 -8.32 -47.39
N LEU B 309 19.76 -7.01 -47.25
CA LEU B 309 18.65 -6.07 -47.35
C LEU B 309 18.23 -5.88 -48.80
N LEU B 310 19.18 -5.58 -49.68
CA LEU B 310 18.82 -5.26 -51.06
C LEU B 310 18.50 -6.50 -51.87
N ARG B 311 19.26 -7.59 -51.66
CA ARG B 311 18.94 -8.84 -52.33
C ARG B 311 17.64 -9.44 -51.81
N GLY B 312 17.38 -9.27 -50.51
CA GLY B 312 16.14 -9.74 -49.92
C GLY B 312 14.91 -8.98 -50.40
N PHE B 313 15.10 -7.78 -50.94
CA PHE B 313 14.00 -7.06 -51.56
C PHE B 313 13.80 -7.46 -53.01
N LYS B 314 14.89 -7.69 -53.75
CA LYS B 314 14.77 -8.16 -55.13
C LYS B 314 14.27 -9.60 -55.18
N LYS B 315 14.54 -10.39 -54.14
CA LYS B 315 14.02 -11.74 -54.06
C LYS B 315 12.52 -11.75 -53.85
N ARG B 316 12.04 -10.99 -52.86
CA ARG B 316 10.62 -11.00 -52.52
C ARG B 316 9.78 -10.25 -53.55
N TYR B 317 10.30 -9.13 -54.07
CA TYR B 317 9.58 -8.30 -55.03
C TYR B 317 10.41 -8.21 -56.30
N PRO B 318 10.31 -9.19 -57.20
CA PRO B 318 11.10 -9.15 -58.44
C PRO B 318 10.65 -8.08 -59.40
N HIS B 319 9.38 -7.66 -59.32
CA HIS B 319 8.85 -6.50 -60.02
C HIS B 319 9.22 -5.22 -59.27
N LEU B 320 8.48 -4.14 -59.54
CA LEU B 320 8.57 -2.87 -58.81
C LEU B 320 9.94 -2.24 -59.01
N GLN B 321 10.28 -1.88 -60.24
CA GLN B 321 11.63 -1.54 -60.60
C GLN B 321 11.88 -0.05 -60.76
N ASN B 322 10.86 0.80 -60.62
CA ASN B 322 11.08 2.24 -60.56
C ASN B 322 10.18 2.84 -59.47
N ARG B 323 10.16 4.17 -59.42
CA ARG B 323 9.45 4.86 -58.35
C ARG B 323 7.94 4.73 -58.52
N THR B 324 7.43 4.95 -59.74
CA THR B 324 6.00 4.98 -60.01
C THR B 324 5.34 3.60 -59.99
N GLN B 325 6.10 2.53 -59.81
CA GLN B 325 5.55 1.18 -59.71
C GLN B 325 5.62 0.61 -58.31
N VAL B 326 6.65 1.00 -57.54
CA VAL B 326 6.64 0.76 -56.10
C VAL B 326 5.50 1.54 -55.46
N LEU B 327 5.28 2.76 -55.93
CA LEU B 327 4.34 3.66 -55.30
C LEU B 327 2.90 3.24 -55.55
N GLN B 328 2.63 2.59 -56.69
CA GLN B 328 1.31 2.05 -56.95
C GLN B 328 1.07 0.75 -56.19
N TYR B 329 2.12 -0.02 -55.91
CA TYR B 329 1.97 -1.20 -55.09
C TYR B 329 1.62 -0.84 -53.65
N LEU B 330 2.29 0.19 -53.12
CA LEU B 330 2.06 0.58 -51.74
C LEU B 330 0.73 1.29 -51.57
N GLY B 331 0.24 1.92 -52.64
CA GLY B 331 -1.05 2.58 -52.58
C GLY B 331 -2.23 1.62 -52.64
N ASP B 332 -2.06 0.51 -53.36
CA ASP B 332 -3.15 -0.47 -53.45
C ASP B 332 -3.36 -1.20 -52.13
N LYS B 333 -2.30 -1.41 -51.36
CA LYS B 333 -2.41 -2.17 -50.12
C LYS B 333 -3.12 -1.35 -49.05
N PHE B 334 -2.69 -0.11 -48.83
CA PHE B 334 -3.28 0.74 -47.82
C PHE B 334 -4.44 1.57 -48.35
N ARG B 335 -5.07 1.14 -49.44
CA ARG B 335 -6.18 1.89 -50.02
C ARG B 335 -7.43 1.75 -49.17
N VAL B 336 -7.73 0.53 -48.73
CA VAL B 336 -9.00 0.25 -48.07
C VAL B 336 -9.03 0.74 -46.63
N VAL B 337 -7.87 1.03 -46.04
CA VAL B 337 -7.82 1.46 -44.64
C VAL B 337 -7.51 2.95 -44.50
N PHE B 338 -7.04 3.61 -45.56
CA PHE B 338 -6.96 5.07 -45.55
C PHE B 338 -8.24 5.73 -46.03
N GLN B 339 -9.31 4.94 -46.23
CA GLN B 339 -10.63 5.41 -46.68
C GLN B 339 -10.52 6.15 -48.00
N ALA B 340 -9.72 5.61 -48.91
CA ALA B 340 -9.51 6.22 -50.21
C ALA B 340 -10.75 6.09 -51.08
N SER B 341 -11.00 7.11 -51.88
CA SER B 341 -12.19 7.18 -52.71
C SER B 341 -12.03 6.29 -53.92
N PRO B 342 -13.12 6.05 -54.68
CA PRO B 342 -12.95 5.48 -56.03
C PRO B 342 -12.35 6.45 -57.03
N ASP B 343 -12.18 7.73 -56.69
CA ASP B 343 -11.54 8.69 -57.57
C ASP B 343 -10.02 8.53 -57.56
N GLN B 344 -9.45 8.18 -56.41
CA GLN B 344 -8.00 8.25 -56.23
C GLN B 344 -7.31 7.10 -56.96
N SER B 345 -6.39 7.46 -57.85
CA SER B 345 -5.53 6.50 -58.52
C SER B 345 -4.59 5.84 -57.52
N ASP B 346 -4.05 4.68 -57.91
CA ASP B 346 -3.10 3.98 -57.05
C ASP B 346 -1.81 4.77 -56.84
N LEU B 347 -1.40 5.53 -57.85
CA LEU B 347 -0.18 6.31 -57.72
C LEU B 347 -0.37 7.49 -56.79
N GLU B 348 -1.49 8.18 -56.91
CA GLU B 348 -1.72 9.38 -56.09
C GLU B 348 -2.26 9.06 -54.71
N VAL B 349 -2.72 7.83 -54.46
CA VAL B 349 -2.95 7.39 -53.10
C VAL B 349 -1.67 6.82 -52.50
N GLY B 350 -0.68 6.49 -53.34
CA GLY B 350 0.60 6.05 -52.82
C GLY B 350 1.38 7.20 -52.19
N GLN B 351 1.28 8.39 -52.79
CA GLN B 351 1.88 9.56 -52.16
C GLN B 351 1.13 9.95 -50.90
N GLU B 352 -0.18 9.69 -50.86
CA GLU B 352 -0.98 9.95 -49.68
C GLU B 352 -0.62 9.00 -48.53
N VAL B 353 0.00 7.86 -48.84
CA VAL B 353 0.66 7.08 -47.81
C VAL B 353 1.89 7.83 -47.31
N LEU B 354 2.69 8.35 -48.24
CA LEU B 354 3.97 8.94 -47.85
C LEU B 354 3.81 10.33 -47.27
N ASP B 355 2.76 11.05 -47.65
CA ASP B 355 2.57 12.41 -47.14
C ASP B 355 2.09 12.41 -45.69
N ARG B 356 1.46 11.34 -45.25
CA ARG B 356 0.82 11.33 -43.94
C ARG B 356 1.41 10.32 -42.98
N ILE B 357 2.40 9.52 -43.40
CA ILE B 357 2.95 8.52 -42.49
C ILE B 357 4.46 8.66 -42.31
N VAL B 358 5.23 8.55 -43.39
CA VAL B 358 6.68 8.40 -43.23
C VAL B 358 7.31 9.78 -43.02
N LEU B 359 7.73 10.02 -41.78
CA LEU B 359 8.54 11.17 -41.35
C LEU B 359 7.89 12.49 -41.71
N VAL B 360 6.68 12.67 -41.16
CA VAL B 360 5.77 13.73 -41.59
C VAL B 360 6.24 15.12 -41.21
N HIS B 361 7.29 15.24 -40.40
CA HIS B 361 7.77 16.56 -40.01
C HIS B 361 8.54 17.27 -41.12
N LEU B 362 8.80 16.59 -42.23
CA LEU B 362 9.27 17.29 -43.41
C LEU B 362 8.12 17.70 -44.32
N GLY B 363 7.02 16.96 -44.28
CA GLY B 363 5.84 17.27 -45.05
C GLY B 363 6.03 17.04 -46.54
N LYS B 364 5.05 17.52 -47.30
CA LYS B 364 5.12 17.55 -48.75
C LYS B 364 6.24 18.49 -49.19
N ASP B 365 6.78 18.23 -50.39
CA ASP B 365 7.92 18.93 -50.99
C ASP B 365 9.18 18.77 -50.13
N GLY B 366 9.27 17.63 -49.44
CA GLY B 366 10.42 17.30 -48.65
C GLY B 366 10.80 15.84 -48.84
N SER B 367 10.59 15.33 -50.06
CA SER B 367 10.82 13.91 -50.33
C SER B 367 12.29 13.56 -50.29
N GLN B 368 13.16 14.48 -50.69
CA GLN B 368 14.60 14.26 -50.54
C GLN B 368 15.00 14.29 -49.08
N ASP B 369 14.43 15.21 -48.30
CA ASP B 369 14.81 15.33 -46.89
C ASP B 369 14.23 14.20 -46.07
N LYS B 370 13.07 13.66 -46.47
CA LYS B 370 12.59 12.41 -45.87
C LYS B 370 13.49 11.25 -46.24
N PHE B 371 14.10 11.29 -47.42
CA PHE B 371 14.90 10.17 -47.89
C PHE B 371 16.25 10.10 -47.18
N ARG B 372 16.91 11.24 -47.00
CA ARG B 372 18.20 11.27 -46.32
C ARG B 372 18.08 10.86 -44.87
N MET B 373 16.96 11.21 -44.24
CA MET B 373 16.78 10.88 -42.83
C MET B 373 16.49 9.40 -42.65
N LEU B 374 15.92 8.75 -43.66
CA LEU B 374 15.76 7.29 -43.60
C LEU B 374 17.11 6.60 -43.68
N LEU B 375 17.98 7.05 -44.60
CA LEU B 375 19.31 6.46 -44.71
C LEU B 375 20.14 6.73 -43.46
N PHE B 376 19.89 7.85 -42.79
CA PHE B 376 20.49 8.09 -41.49
C PHE B 376 19.95 7.13 -40.43
N MET B 377 18.64 6.86 -40.47
CA MET B 377 18.03 6.00 -39.47
C MET B 377 18.38 4.52 -39.67
N ILE B 378 18.73 4.11 -40.89
CA ILE B 378 19.20 2.74 -41.08
C ILE B 378 20.59 2.58 -40.49
N ARG B 379 21.49 3.52 -40.79
CA ARG B 379 22.88 3.43 -40.37
C ARG B 379 23.02 3.52 -38.86
N LYS B 380 22.18 4.33 -38.22
CA LYS B 380 22.17 4.38 -36.76
C LYS B 380 21.66 3.07 -36.17
N LEU B 381 20.77 2.38 -36.88
CA LEU B 381 20.35 1.06 -36.44
C LEU B 381 21.39 0.00 -36.74
N TYR B 382 22.10 0.12 -37.86
CA TYR B 382 23.21 -0.79 -38.11
C TYR B 382 24.40 -0.51 -37.20
N SER B 383 24.56 0.73 -36.76
CA SER B 383 25.59 1.03 -35.78
C SER B 383 25.17 0.71 -34.36
N LEU B 384 23.88 0.44 -34.13
CA LEU B 384 23.42 -0.02 -32.83
C LEU B 384 23.66 -1.50 -32.64
N VAL B 385 23.39 -2.31 -33.67
CA VAL B 385 23.61 -3.75 -33.56
C VAL B 385 25.09 -4.09 -33.59
N ALA B 386 25.93 -3.21 -34.13
CA ALA B 386 27.37 -3.42 -34.12
C ALA B 386 27.99 -3.19 -32.76
N GLY B 387 27.22 -2.66 -31.80
CA GLY B 387 27.76 -2.30 -30.52
C GLY B 387 28.43 -0.96 -30.47
N GLU B 388 28.54 -0.25 -31.60
CA GLU B 388 29.24 1.02 -31.65
C GLU B 388 28.40 2.19 -31.16
N CYS B 389 27.25 1.94 -30.54
CA CYS B 389 26.41 2.96 -29.98
C CYS B 389 25.83 2.46 -28.67
N SER B 390 25.10 3.34 -27.98
CA SER B 390 24.42 3.05 -26.75
C SER B 390 22.92 3.26 -26.93
N PRO B 391 22.08 2.46 -26.28
CA PRO B 391 20.64 2.72 -26.34
C PRO B 391 20.28 3.98 -25.58
N ASP B 392 19.53 4.86 -26.23
CA ASP B 392 19.11 6.11 -25.62
C ASP B 392 17.99 5.83 -24.63
N ASN B 393 18.14 6.36 -23.42
CA ASN B 393 17.20 6.12 -22.34
C ASN B 393 15.93 6.93 -22.58
N PRO B 394 14.78 6.28 -22.80
CA PRO B 394 13.55 7.04 -23.04
C PRO B 394 12.99 7.69 -21.79
N ASP B 395 13.42 7.27 -20.61
CA ASP B 395 12.93 7.81 -19.35
C ASP B 395 13.77 8.97 -18.85
N ALA B 396 15.04 9.03 -19.26
CA ALA B 396 15.87 10.19 -18.97
C ALA B 396 15.31 11.42 -19.64
N THR B 397 15.34 12.55 -18.93
CA THR B 397 14.72 13.77 -19.45
C THR B 397 15.58 14.48 -20.48
N GLN B 398 16.72 13.90 -20.86
CA GLN B 398 17.44 14.35 -22.04
C GLN B 398 16.59 14.25 -23.30
N HIS B 399 15.82 13.18 -23.42
CA HIS B 399 15.04 12.87 -24.61
C HIS B 399 13.56 13.09 -24.38
N GLN B 400 13.19 14.15 -23.67
CA GLN B 400 11.81 14.38 -23.32
C GLN B 400 11.31 15.74 -23.82
N GLU B 401 9.98 15.82 -23.92
CA GLU B 401 9.26 16.89 -24.59
C GLU B 401 7.94 17.04 -23.84
N VAL B 402 7.32 18.21 -23.93
CA VAL B 402 6.16 18.53 -23.12
C VAL B 402 4.93 18.66 -24.01
N LEU B 403 3.89 17.91 -23.69
CA LEU B 403 2.55 18.25 -24.19
C LEU B 403 1.97 19.33 -23.29
N LEU B 404 1.65 20.48 -23.88
CA LEU B 404 1.38 21.66 -23.07
C LEU B 404 -0.06 21.72 -22.55
N GLY B 405 -0.96 20.91 -23.08
CA GLY B 405 -2.35 21.00 -22.68
C GLY B 405 -3.14 21.94 -23.56
N GLY B 406 -2.46 22.93 -24.13
CA GLY B 406 -3.05 23.74 -25.17
C GLY B 406 -2.87 23.06 -26.51
N PHE B 407 -1.70 22.47 -26.74
CA PHE B 407 -1.50 21.76 -27.99
C PHE B 407 -2.29 20.45 -28.03
N LEU B 408 -2.49 19.83 -26.86
CA LEU B 408 -3.41 18.69 -26.80
C LEU B 408 -4.84 19.13 -27.07
N TYR B 409 -5.19 20.36 -26.71
CA TYR B 409 -6.50 20.89 -26.98
C TYR B 409 -6.70 21.22 -28.45
N GLY B 410 -5.62 21.34 -29.22
CA GLY B 410 -5.71 21.56 -30.64
C GLY B 410 -5.59 20.26 -31.43
N MET B 411 -4.88 19.28 -30.86
CA MET B 411 -4.86 17.94 -31.43
C MET B 411 -6.24 17.32 -31.39
N ILE B 412 -6.97 17.53 -30.28
CA ILE B 412 -8.32 16.98 -30.18
C ILE B 412 -9.30 17.80 -31.00
N LEU B 413 -9.02 19.07 -31.28
CA LEU B 413 -9.97 19.85 -32.05
C LEU B 413 -9.83 19.54 -33.53
N LYS B 414 -8.66 19.07 -33.96
CA LYS B 414 -8.49 18.61 -35.32
C LYS B 414 -9.29 17.34 -35.57
N GLU B 415 -9.21 16.36 -34.67
CA GLU B 415 -9.88 15.09 -34.91
C GLU B 415 -11.36 15.10 -34.57
N LYS B 416 -11.89 16.21 -34.05
CA LYS B 416 -13.34 16.35 -33.92
C LYS B 416 -13.96 17.13 -35.05
N ILE B 417 -13.16 17.89 -35.81
CA ILE B 417 -13.63 18.47 -37.05
C ILE B 417 -13.16 17.69 -38.26
N ASP B 418 -12.30 16.69 -38.05
CA ASP B 418 -12.08 15.66 -39.05
C ASP B 418 -13.24 14.68 -39.06
N GLU B 419 -13.71 14.30 -37.87
CA GLU B 419 -14.85 13.40 -37.77
C GLU B 419 -16.13 14.08 -38.22
N TYR B 420 -16.29 15.37 -37.89
CA TYR B 420 -17.44 16.14 -38.34
C TYR B 420 -17.47 16.28 -39.86
N LEU B 421 -16.30 16.44 -40.47
CA LEU B 421 -16.23 16.50 -41.92
C LEU B 421 -16.49 15.13 -42.55
N GLN B 422 -16.33 14.06 -41.77
CA GLN B 422 -16.74 12.72 -42.19
C GLN B 422 -18.17 12.37 -41.81
N ASN B 423 -18.74 13.03 -40.81
CA ASN B 423 -20.15 12.76 -40.49
C ASN B 423 -21.09 13.35 -41.53
N ILE B 424 -20.66 14.35 -42.30
CA ILE B 424 -21.49 14.93 -43.35
C ILE B 424 -21.29 14.21 -44.68
N ILE B 425 -20.53 13.12 -44.67
CA ILE B 425 -20.42 12.23 -45.82
C ILE B 425 -21.11 10.90 -45.55
N ALA B 426 -21.06 10.43 -44.31
CA ALA B 426 -21.86 9.29 -43.90
C ALA B 426 -23.35 9.59 -43.90
N GLN B 427 -23.74 10.87 -43.91
CA GLN B 427 -25.14 11.24 -44.02
C GLN B 427 -25.59 11.28 -45.48
N VAL B 428 -24.73 11.67 -46.41
CA VAL B 428 -25.00 11.49 -47.82
C VAL B 428 -24.49 10.15 -48.33
N ARG B 429 -24.05 9.27 -47.44
CA ARG B 429 -23.86 7.88 -47.81
C ARG B 429 -25.18 7.13 -47.72
N MET B 430 -25.91 7.33 -46.61
CA MET B 430 -27.24 6.76 -46.48
C MET B 430 -28.23 7.43 -47.44
N ASP B 431 -28.03 8.73 -47.70
CA ASP B 431 -28.92 9.45 -48.60
C ASP B 431 -28.79 8.94 -50.03
N ILE B 432 -27.58 8.61 -50.47
CA ILE B 432 -27.38 7.87 -51.72
C ILE B 432 -28.04 6.51 -51.64
N ASN B 433 -27.81 5.81 -50.52
CA ASN B 433 -28.22 4.41 -50.41
C ASN B 433 -29.74 4.31 -50.25
N ARG B 434 -30.30 5.01 -49.26
CA ARG B 434 -31.74 4.91 -49.03
C ARG B 434 -32.51 5.84 -49.96
N GLY B 435 -32.30 7.15 -49.81
CA GLY B 435 -33.08 8.14 -50.52
C GLY B 435 -32.66 8.30 -51.96
N MET B 436 -33.34 9.21 -52.65
CA MET B 436 -33.00 9.51 -54.04
C MET B 436 -32.95 11.00 -54.37
N ALA B 437 -33.64 11.87 -53.65
CA ALA B 437 -33.79 13.28 -54.04
C ALA B 437 -32.52 14.02 -53.64
N ILE B 438 -31.54 13.98 -54.54
CA ILE B 438 -30.19 14.47 -54.27
C ILE B 438 -29.74 15.36 -55.41
N ASN B 439 -29.33 16.59 -55.08
CA ASN B 439 -28.67 17.49 -56.01
C ASN B 439 -27.56 18.17 -55.23
N PHE B 440 -26.30 17.89 -55.59
CA PHE B 440 -25.18 18.44 -54.82
C PHE B 440 -25.01 19.93 -55.03
N LYS B 441 -25.57 20.50 -56.08
CA LYS B 441 -25.43 21.92 -56.35
C LYS B 441 -26.53 22.75 -55.70
N ASP B 442 -27.50 22.12 -55.06
CA ASP B 442 -28.62 22.85 -54.47
C ASP B 442 -28.21 23.41 -53.12
N LYS B 443 -28.55 24.69 -52.89
CA LYS B 443 -28.26 25.32 -51.61
C LYS B 443 -29.12 24.73 -50.50
N ARG B 444 -30.39 24.41 -50.80
CA ARG B 444 -31.27 23.82 -49.81
C ARG B 444 -30.93 22.36 -49.53
N TYR B 445 -30.20 21.70 -50.42
CA TYR B 445 -29.76 20.34 -50.14
C TYR B 445 -28.65 20.33 -49.09
N MET B 446 -27.70 21.26 -49.22
CA MET B 446 -26.68 21.44 -48.20
C MET B 446 -27.29 21.83 -46.87
N SER B 447 -28.29 22.70 -46.89
CA SER B 447 -28.94 23.13 -45.66
C SER B 447 -29.88 22.08 -45.08
N ARG B 448 -30.14 20.98 -45.81
CA ARG B 448 -30.94 19.88 -45.30
C ARG B 448 -30.08 18.78 -44.70
N VAL B 449 -28.93 18.51 -45.30
CA VAL B 449 -28.05 17.47 -44.77
C VAL B 449 -27.31 17.96 -43.53
N LEU B 450 -27.01 19.25 -43.43
CA LEU B 450 -26.30 19.75 -42.26
C LEU B 450 -27.21 19.95 -41.06
N MET B 451 -28.52 19.87 -41.25
CA MET B 451 -29.44 19.78 -40.12
C MET B 451 -29.58 18.36 -39.61
N ARG B 452 -28.93 17.39 -40.24
CA ARG B 452 -29.00 16.00 -39.85
C ARG B 452 -27.75 15.52 -39.12
N VAL B 453 -26.67 16.29 -39.14
CA VAL B 453 -25.41 15.89 -38.54
C VAL B 453 -25.24 16.58 -37.19
N ASN B 454 -24.51 15.91 -36.29
CA ASN B 454 -24.24 16.44 -34.95
C ASN B 454 -23.14 17.48 -35.07
N GLU B 455 -23.56 18.74 -35.25
CA GLU B 455 -22.61 19.84 -35.38
C GLU B 455 -22.00 20.26 -34.07
N ASN B 456 -22.55 19.82 -32.94
CA ASN B 456 -22.21 20.37 -31.63
C ASN B 456 -20.84 19.84 -31.20
N ILE B 457 -19.80 20.49 -31.73
CA ILE B 457 -18.43 20.12 -31.40
C ILE B 457 -18.06 20.64 -30.02
N GLY B 458 -18.62 21.79 -29.62
CA GLY B 458 -18.28 22.36 -28.34
C GLY B 458 -18.76 21.55 -27.15
N SER B 459 -19.80 20.75 -27.33
CA SER B 459 -20.17 19.82 -26.29
C SER B 459 -19.24 18.62 -26.25
N LYS B 460 -18.63 18.28 -27.39
CA LYS B 460 -17.63 17.21 -27.42
C LYS B 460 -16.30 17.65 -26.85
N MET B 461 -16.07 18.96 -26.73
CA MET B 461 -14.91 19.47 -26.02
C MET B 461 -15.20 19.65 -24.55
N GLN B 462 -16.40 20.12 -24.21
CA GLN B 462 -16.81 20.22 -22.83
C GLN B 462 -16.92 18.85 -22.17
N TYR B 463 -17.22 17.82 -22.95
CA TYR B 463 -17.18 16.46 -22.42
C TYR B 463 -15.75 16.03 -22.14
N PHE B 464 -14.79 16.48 -22.97
CA PHE B 464 -13.39 16.16 -22.72
C PHE B 464 -12.88 16.82 -21.44
N LEU B 465 -13.21 18.10 -21.25
CA LEU B 465 -12.69 18.80 -20.08
C LEU B 465 -13.36 18.32 -18.80
N SER B 466 -14.65 17.99 -18.87
CA SER B 466 -15.35 17.54 -17.68
C SER B 466 -14.99 16.11 -17.29
N THR B 467 -14.49 15.30 -18.22
CA THR B 467 -14.21 13.90 -17.92
C THR B 467 -12.74 13.52 -18.04
N GLY B 468 -12.01 14.09 -18.98
CA GLY B 468 -10.65 13.69 -19.21
C GLY B 468 -10.48 12.55 -20.19
N ASN B 469 -11.56 11.87 -20.58
CA ASN B 469 -11.44 10.77 -21.52
C ASN B 469 -11.19 11.27 -22.92
N LEU B 470 -10.46 10.49 -23.70
CA LEU B 470 -10.00 10.90 -25.02
C LEU B 470 -10.67 10.01 -26.06
N VAL B 471 -11.82 10.47 -26.57
CA VAL B 471 -12.59 9.72 -27.55
C VAL B 471 -12.12 10.16 -28.93
N SER B 472 -11.36 9.31 -29.59
CA SER B 472 -10.87 9.61 -30.94
C SER B 472 -10.80 8.32 -31.72
N GLN B 473 -11.32 8.33 -32.95
CA GLN B 473 -11.33 7.12 -33.77
C GLN B 473 -9.94 6.77 -34.26
N SER B 474 -9.07 7.76 -34.39
CA SER B 474 -7.66 7.54 -34.68
C SER B 474 -6.91 7.98 -33.43
N GLY B 475 -6.73 7.03 -32.50
CA GLY B 475 -6.11 7.26 -31.21
C GLY B 475 -4.72 7.83 -31.33
N LEU B 476 -4.48 8.95 -30.65
CA LEU B 476 -3.33 9.79 -30.90
C LEU B 476 -2.04 9.09 -30.47
N ASP B 477 -0.93 9.75 -30.74
CA ASP B 477 0.39 9.13 -30.67
C ASP B 477 0.88 8.91 -29.22
N LEU B 478 0.04 9.10 -28.23
CA LEU B 478 0.41 8.93 -26.83
C LEU B 478 -0.35 7.75 -26.24
N GLN B 479 0.23 7.20 -25.18
CA GLN B 479 -0.15 5.88 -24.70
C GLN B 479 -1.47 5.88 -23.94
N GLN B 480 -1.60 6.75 -22.94
CA GLN B 480 -2.77 6.71 -22.07
C GLN B 480 -4.00 7.25 -22.78
N VAL B 481 -5.16 6.98 -22.18
CA VAL B 481 -6.44 7.36 -22.76
C VAL B 481 -7.33 8.12 -21.79
N SER B 482 -6.94 8.21 -20.51
CA SER B 482 -7.75 8.87 -19.51
C SER B 482 -6.89 9.77 -18.63
N GLY B 483 -7.56 10.60 -17.84
CA GLY B 483 -6.88 11.42 -16.88
C GLY B 483 -6.19 12.64 -17.44
N TYR B 484 -6.68 13.19 -18.54
CA TYR B 484 -6.03 14.35 -19.14
C TYR B 484 -6.43 15.67 -18.50
N THR B 485 -7.54 15.72 -17.79
CA THR B 485 -7.95 16.93 -17.08
C THR B 485 -8.08 16.64 -15.60
N VAL B 486 -7.60 17.58 -14.79
CA VAL B 486 -7.65 17.49 -13.34
C VAL B 486 -8.25 18.78 -12.82
N VAL B 487 -9.17 18.66 -11.85
CA VAL B 487 -9.83 19.80 -11.22
C VAL B 487 -8.78 20.67 -10.51
N ALA B 488 -8.59 21.88 -11.01
CA ALA B 488 -7.79 22.87 -10.28
C ALA B 488 -8.51 23.21 -8.99
N GLU B 489 -7.84 23.01 -7.86
CA GLU B 489 -8.52 22.97 -6.58
C GLU B 489 -9.00 24.34 -6.14
N LYS B 490 -8.11 25.32 -6.10
CA LYS B 490 -8.25 26.55 -5.32
C LYS B 490 -8.67 26.19 -3.89
N ILE B 491 -7.80 25.41 -3.25
CA ILE B 491 -7.94 25.07 -1.84
C ILE B 491 -6.89 25.79 -1.02
N ASN B 492 -5.94 26.41 -1.69
CA ASN B 492 -4.77 27.09 -1.17
C ASN B 492 -4.12 27.73 -2.38
N PHE B 493 -3.37 28.82 -2.20
CA PHE B 493 -2.69 29.36 -3.36
C PHE B 493 -1.44 28.56 -3.68
N TYR B 494 -0.84 27.92 -2.68
CA TYR B 494 0.26 26.98 -2.95
C TYR B 494 -0.24 25.78 -3.74
N ARG B 495 -1.44 25.30 -3.44
CA ARG B 495 -2.04 24.23 -4.22
C ARG B 495 -2.40 24.71 -5.61
N PHE B 496 -2.90 25.94 -5.72
CA PHE B 496 -3.41 26.41 -7.00
C PHE B 496 -2.30 26.71 -7.99
N ILE B 497 -1.18 27.26 -7.50
CA ILE B 497 -0.05 27.51 -8.39
C ILE B 497 0.67 26.22 -8.73
N SER B 498 0.47 25.15 -7.95
CA SER B 498 1.16 23.90 -8.20
C SER B 498 0.56 23.09 -9.33
N HIS B 499 -0.71 23.34 -9.67
CA HIS B 499 -1.30 22.62 -10.81
C HIS B 499 -0.70 23.08 -12.13
N PHE B 500 -0.22 24.31 -12.20
CA PHE B 500 0.26 24.88 -13.45
C PHE B 500 1.72 24.55 -13.70
N ARG B 501 2.39 23.86 -12.78
CA ARG B 501 3.77 23.47 -12.98
C ARG B 501 3.96 21.97 -12.96
N MET B 502 2.90 21.19 -12.72
CA MET B 502 3.06 19.76 -12.56
C MET B 502 3.14 19.05 -13.90
N VAL B 503 3.99 18.03 -13.96
CA VAL B 503 4.25 17.26 -15.17
C VAL B 503 4.03 15.80 -14.86
N HIS B 504 3.11 15.17 -15.57
CA HIS B 504 2.81 13.77 -15.36
C HIS B 504 3.36 12.98 -16.55
N ARG B 505 3.87 11.79 -16.26
CA ARG B 505 4.46 10.97 -17.30
C ARG B 505 3.40 10.16 -18.04
N GLY B 506 2.45 9.60 -17.32
CA GLY B 506 1.35 8.89 -17.94
C GLY B 506 0.68 7.96 -16.96
N SER B 507 -0.57 7.59 -17.29
CA SER B 507 -1.26 6.58 -16.51
C SER B 507 -0.85 5.17 -16.90
N PHE B 508 -0.15 5.01 -18.03
CA PHE B 508 0.45 3.73 -18.35
C PHE B 508 1.54 3.37 -17.34
N PHE B 509 2.27 4.38 -16.87
CA PHE B 509 3.43 4.16 -16.02
C PHE B 509 3.08 4.03 -14.54
N ALA B 510 1.91 4.51 -14.14
CA ALA B 510 1.49 4.34 -12.75
C ALA B 510 1.17 2.89 -12.45
N GLN B 511 0.38 2.26 -13.31
CA GLN B 511 0.00 0.86 -13.14
C GLN B 511 1.09 -0.04 -13.72
N LEU B 512 2.23 -0.04 -13.04
CA LEU B 512 3.44 -0.68 -13.54
C LEU B 512 4.37 -0.92 -12.37
N LYS B 513 4.85 -2.16 -12.24
CA LYS B 513 5.60 -2.59 -11.07
C LYS B 513 7.11 -2.44 -11.23
N THR B 514 7.57 -1.48 -12.03
CA THR B 514 8.99 -1.22 -12.16
C THR B 514 9.40 -0.08 -11.24
N THR B 515 10.70 0.13 -11.14
CA THR B 515 11.29 1.14 -10.27
C THR B 515 12.08 2.18 -11.02
N THR B 516 12.76 1.80 -12.10
CA THR B 516 13.71 2.66 -12.79
C THR B 516 13.08 3.81 -13.57
N VAL B 517 11.76 3.86 -13.69
CA VAL B 517 11.12 5.02 -14.28
C VAL B 517 10.88 6.12 -13.25
N ARG B 518 10.86 5.77 -11.96
CA ARG B 518 10.56 6.70 -10.89
C ARG B 518 11.80 7.36 -10.30
N LYS B 519 12.99 7.05 -10.82
CA LYS B 519 14.21 7.54 -10.20
C LYS B 519 14.44 9.01 -10.53
N LEU B 520 15.18 9.66 -9.65
CA LEU B 520 15.59 11.04 -9.85
C LEU B 520 16.90 11.00 -10.63
N LEU B 521 16.88 11.49 -11.84
CA LEU B 521 18.05 11.38 -12.68
C LEU B 521 18.76 12.73 -12.80
N PRO B 522 20.09 12.74 -12.95
CA PRO B 522 20.82 14.01 -12.97
C PRO B 522 20.64 14.83 -14.25
N GLU B 523 19.93 14.32 -15.27
CA GLU B 523 19.62 15.17 -16.41
C GLU B 523 18.55 16.20 -16.10
N SER B 524 17.86 16.08 -14.97
CA SER B 524 16.80 16.99 -14.57
C SER B 524 17.33 18.19 -13.79
N TRP B 525 18.58 18.57 -14.00
CA TRP B 525 19.20 19.66 -13.26
C TRP B 525 18.62 20.98 -13.74
N GLY B 526 17.84 21.64 -12.90
CA GLY B 526 17.27 22.91 -13.26
C GLY B 526 16.04 22.85 -14.13
N PHE B 527 15.57 21.65 -14.46
CA PHE B 527 14.32 21.50 -15.20
C PHE B 527 13.21 20.92 -14.33
N LEU B 528 13.42 19.72 -13.79
CA LEU B 528 12.49 19.14 -12.85
C LEU B 528 13.00 19.40 -11.44
N CYS B 529 12.10 19.74 -10.54
CA CYS B 529 12.49 19.93 -9.16
C CYS B 529 12.82 18.59 -8.53
N PRO B 530 13.97 18.44 -7.86
CA PRO B 530 14.25 17.20 -7.15
C PRO B 530 13.40 17.01 -5.92
N VAL B 531 12.84 18.07 -5.38
CA VAL B 531 12.15 18.01 -4.10
C VAL B 531 10.65 17.87 -4.29
N HIS B 532 10.05 18.69 -5.14
CA HIS B 532 8.59 18.77 -5.21
C HIS B 532 8.05 17.58 -5.99
N THR B 533 7.66 16.54 -5.25
CA THR B 533 7.14 15.28 -5.76
C THR B 533 6.29 14.69 -4.65
N PRO B 534 5.07 14.24 -4.94
CA PRO B 534 4.24 13.65 -3.89
C PRO B 534 4.76 12.31 -3.41
N ASP B 535 4.73 12.12 -2.10
CA ASP B 535 5.00 10.82 -1.50
C ASP B 535 3.88 9.85 -1.86
N GLY B 536 4.20 8.57 -1.85
CA GLY B 536 3.21 7.55 -2.09
C GLY B 536 3.28 6.99 -3.49
N SER B 537 2.14 6.61 -4.02
CA SER B 537 2.03 5.99 -5.34
C SER B 537 2.42 6.89 -6.52
N PRO B 538 2.11 8.23 -6.55
CA PRO B 538 2.60 9.01 -7.70
C PRO B 538 4.04 9.49 -7.60
N CYS B 539 4.84 8.91 -6.71
CA CYS B 539 6.22 9.38 -6.52
C CYS B 539 7.08 9.04 -7.72
N GLY B 540 7.83 10.03 -8.21
CA GLY B 540 8.68 9.87 -9.35
C GLY B 540 7.99 10.10 -10.68
N LEU B 541 6.67 10.03 -10.73
CA LEU B 541 5.90 10.14 -11.95
C LEU B 541 5.32 11.54 -12.15
N LEU B 542 4.61 12.05 -11.15
CA LEU B 542 4.15 13.44 -11.16
C LEU B 542 5.20 14.28 -10.45
N ASN B 543 5.80 15.22 -11.17
CA ASN B 543 6.83 16.07 -10.59
C ASN B 543 6.83 17.42 -11.29
N HIS B 544 7.20 18.45 -10.54
CA HIS B 544 7.02 19.84 -10.93
C HIS B 544 8.31 20.40 -11.52
N PHE B 545 8.23 21.61 -12.04
CA PHE B 545 9.39 22.26 -12.63
C PHE B 545 10.17 23.07 -11.61
N ALA B 546 11.46 23.27 -11.90
CA ALA B 546 12.16 24.41 -11.35
C ALA B 546 11.54 25.69 -11.88
N HIS B 547 11.57 26.75 -11.08
CA HIS B 547 10.72 27.89 -11.39
C HIS B 547 11.22 28.74 -12.54
N LYS B 548 12.49 28.60 -12.92
CA LYS B 548 13.00 29.31 -14.09
C LYS B 548 12.97 28.45 -15.33
N CYS B 549 12.54 27.21 -15.25
CA CYS B 549 12.32 26.41 -16.44
C CYS B 549 11.08 26.90 -17.16
N ARG B 550 11.26 27.40 -18.38
CA ARG B 550 10.16 27.87 -19.19
C ARG B 550 10.07 27.03 -20.45
N ILE B 551 8.86 26.83 -20.94
CA ILE B 551 8.62 25.98 -22.09
C ILE B 551 8.43 26.85 -23.32
N SER B 552 9.19 26.57 -24.37
CA SER B 552 8.97 27.23 -25.65
C SER B 552 7.60 26.86 -26.21
N THR B 553 6.85 27.87 -26.63
CA THR B 553 5.48 27.66 -27.07
C THR B 553 5.23 28.14 -28.50
N GLN B 554 6.29 28.53 -29.21
CA GLN B 554 6.13 29.02 -30.58
C GLN B 554 7.37 28.67 -31.37
N GLN B 555 7.19 28.49 -32.68
CA GLN B 555 8.27 28.12 -33.59
C GLN B 555 9.32 29.20 -33.71
N SER B 556 10.52 28.92 -33.20
CA SER B 556 11.64 29.81 -33.38
C SER B 556 12.15 29.70 -34.82
N ASP B 557 12.94 30.68 -35.24
CA ASP B 557 13.37 30.79 -36.62
C ASP B 557 14.38 29.70 -36.99
N VAL B 558 14.32 29.28 -38.25
CA VAL B 558 15.14 28.21 -38.79
C VAL B 558 15.87 28.74 -40.03
N SER B 559 15.23 29.72 -40.70
CA SER B 559 15.47 29.99 -42.11
C SER B 559 16.88 30.49 -42.41
N ARG B 560 17.46 31.33 -41.54
CA ARG B 560 18.78 31.86 -41.81
C ARG B 560 19.90 30.95 -41.33
N ILE B 561 19.58 29.90 -40.58
CA ILE B 561 20.59 29.08 -39.91
C ILE B 561 21.39 28.20 -40.88
N PRO B 562 20.82 27.54 -41.90
CA PRO B 562 21.70 26.87 -42.88
C PRO B 562 22.53 27.83 -43.71
N SER B 563 22.07 29.07 -43.90
CA SER B 563 22.87 30.07 -44.60
C SER B 563 24.09 30.48 -43.81
N ILE B 564 24.09 30.28 -42.49
CA ILE B 564 25.22 30.57 -41.64
C ILE B 564 25.78 29.30 -40.99
N LEU B 565 25.49 28.14 -41.58
CA LEU B 565 26.28 26.94 -41.34
C LEU B 565 27.10 26.52 -42.54
N TYR B 566 26.66 26.85 -43.75
CA TYR B 566 27.41 26.50 -44.95
C TYR B 566 28.65 27.38 -45.10
N SER B 567 28.56 28.64 -44.67
CA SER B 567 29.72 29.52 -44.67
C SER B 567 30.65 29.25 -43.49
N LEU B 568 30.24 28.41 -42.53
CA LEU B 568 31.08 28.10 -41.38
C LEU B 568 31.90 26.84 -41.57
N GLY B 569 31.57 26.00 -42.55
CA GLY B 569 32.39 24.84 -42.80
C GLY B 569 31.64 23.56 -43.11
N VAL B 570 30.32 23.63 -43.20
CA VAL B 570 29.50 22.46 -43.46
C VAL B 570 29.36 22.28 -44.97
N ALA B 571 29.76 21.13 -45.47
CA ALA B 571 29.40 20.74 -46.84
C ALA B 571 27.98 20.19 -46.82
N PRO B 572 27.13 20.57 -47.77
CA PRO B 572 25.70 20.25 -47.68
C PRO B 572 25.41 18.76 -47.85
N ALA B 573 24.17 18.40 -47.53
CA ALA B 573 23.72 17.02 -47.49
C ALA B 573 23.35 16.48 -48.87
N SER B 574 23.44 17.29 -49.91
CA SER B 574 23.16 16.85 -51.26
C SER B 574 24.41 16.54 -52.05
N HIS B 575 25.59 16.80 -51.49
CA HIS B 575 26.86 16.60 -52.17
C HIS B 575 27.86 15.98 -51.20
N THR B 576 27.45 14.97 -50.45
CA THR B 576 28.23 14.56 -49.30
C THR B 576 28.86 13.18 -49.42
N PHE B 577 28.07 12.12 -49.62
CA PHE B 577 28.50 10.72 -49.44
C PHE B 577 29.21 10.54 -48.10
N ALA B 578 28.42 10.67 -47.03
CA ALA B 578 28.96 10.45 -45.69
C ALA B 578 27.86 9.93 -44.78
N ALA B 579 28.22 8.97 -43.93
CA ALA B 579 27.37 8.48 -42.85
C ALA B 579 28.25 7.75 -41.86
N GLY B 580 27.73 7.59 -40.66
CA GLY B 580 28.40 6.79 -39.65
C GLY B 580 28.95 7.62 -38.51
N PRO B 581 29.31 6.95 -37.41
CA PRO B 581 29.86 7.67 -36.25
C PRO B 581 31.23 8.28 -36.49
N SER B 582 31.93 7.91 -37.55
CA SER B 582 33.24 8.49 -37.83
C SER B 582 33.13 9.93 -38.31
N LEU B 583 31.98 10.34 -38.83
CA LEU B 583 31.65 11.72 -39.11
C LEU B 583 30.60 12.19 -38.11
N CYS B 584 30.23 13.45 -38.18
CA CYS B 584 29.12 13.94 -37.39
C CYS B 584 28.11 14.62 -38.29
N CYS B 585 26.83 14.34 -38.02
CA CYS B 585 25.73 14.84 -38.83
C CYS B 585 25.17 16.11 -38.22
N VAL B 586 24.80 17.06 -39.07
CA VAL B 586 24.31 18.37 -38.64
C VAL B 586 22.82 18.42 -38.96
N GLN B 587 21.99 18.53 -37.92
CA GLN B 587 20.54 18.43 -38.06
C GLN B 587 19.85 19.61 -37.40
N ILE B 588 19.18 20.44 -38.19
CA ILE B 588 18.34 21.52 -37.68
C ILE B 588 16.90 21.03 -37.68
N ASP B 589 16.35 20.77 -36.48
CA ASP B 589 14.97 20.35 -36.25
C ASP B 589 14.60 19.08 -37.00
N GLY B 590 15.56 18.17 -37.17
CA GLY B 590 15.27 16.86 -37.68
C GLY B 590 15.50 16.62 -39.14
N LYS B 591 16.09 17.57 -39.86
CA LYS B 591 16.48 17.36 -41.24
C LYS B 591 17.99 17.52 -41.36
N ILE B 592 18.62 16.72 -42.21
CA ILE B 592 20.07 16.83 -42.36
C ILE B 592 20.39 18.06 -43.19
N ILE B 593 21.20 18.94 -42.63
CA ILE B 593 21.64 20.13 -43.33
C ILE B 593 22.95 19.87 -44.06
N GLY B 594 23.81 19.06 -43.47
CA GLY B 594 25.02 18.65 -44.14
C GLY B 594 25.92 17.86 -43.21
N TRP B 595 27.15 17.67 -43.66
CA TRP B 595 28.08 16.77 -43.00
C TRP B 595 29.41 17.49 -42.77
N VAL B 596 30.02 17.22 -41.62
CA VAL B 596 31.25 17.88 -41.22
C VAL B 596 31.96 16.95 -40.24
N SER B 597 33.27 17.13 -40.09
CA SER B 597 34.07 16.28 -39.24
C SER B 597 33.81 16.57 -37.76
N HIS B 598 34.31 15.69 -36.90
CA HIS B 598 34.11 15.88 -35.46
C HIS B 598 34.93 17.05 -34.93
N GLU B 599 36.13 17.25 -35.45
CA GLU B 599 37.01 18.30 -34.95
C GLU B 599 36.49 19.67 -35.36
N GLN B 600 35.99 19.79 -36.59
CA GLN B 600 35.38 21.04 -37.00
C GLN B 600 33.98 21.19 -36.42
N GLY B 601 33.31 20.07 -36.14
CA GLY B 601 31.95 20.13 -35.64
C GLY B 601 31.83 20.69 -34.24
N LYS B 602 32.87 20.52 -33.42
CA LYS B 602 32.87 21.11 -32.09
C LYS B 602 33.18 22.60 -32.12
N ILE B 603 33.87 23.06 -33.18
CA ILE B 603 34.14 24.49 -33.31
C ILE B 603 32.85 25.24 -33.63
N ILE B 604 32.01 24.66 -34.48
CA ILE B 604 30.77 25.33 -34.89
C ILE B 604 29.60 24.85 -34.06
N ALA B 605 29.90 24.21 -32.92
CA ALA B 605 28.97 24.19 -31.81
C ALA B 605 29.27 25.30 -30.82
N ASP B 606 30.55 25.67 -30.71
CA ASP B 606 30.95 26.75 -29.82
C ASP B 606 30.86 28.11 -30.49
N THR B 607 30.95 28.15 -31.82
CA THR B 607 30.88 29.44 -32.49
C THR B 607 29.45 29.94 -32.58
N LEU B 608 28.50 29.03 -32.80
CA LEU B 608 27.09 29.41 -32.79
C LEU B 608 26.62 29.80 -31.40
N ARG B 609 27.22 29.22 -30.36
CA ARG B 609 26.86 29.61 -28.99
C ARG B 609 27.37 31.01 -28.68
N TYR B 610 28.56 31.35 -29.15
CA TYR B 610 29.06 32.71 -28.97
C TYR B 610 28.30 33.70 -29.83
N TRP B 611 27.73 33.25 -30.94
CA TRP B 611 26.99 34.15 -31.81
C TRP B 611 25.50 34.24 -31.46
N LYS B 612 24.96 33.29 -30.71
CA LYS B 612 23.57 33.43 -30.29
C LYS B 612 23.43 34.24 -29.01
N VAL B 613 24.49 34.31 -28.20
CA VAL B 613 24.46 35.14 -27.00
C VAL B 613 24.81 36.58 -27.35
N GLU B 614 25.84 36.78 -28.15
CA GLU B 614 26.08 38.07 -28.77
C GLU B 614 25.02 38.29 -29.84
N GLY B 615 23.93 38.97 -29.50
CA GLY B 615 22.77 39.03 -30.37
C GLY B 615 22.86 39.89 -31.61
N LYS B 616 24.08 40.18 -32.07
CA LYS B 616 24.26 40.92 -33.31
C LYS B 616 24.03 40.07 -34.54
N THR B 617 24.01 38.75 -34.40
CA THR B 617 23.80 37.87 -35.53
C THR B 617 22.31 37.80 -35.85
N PRO B 618 21.87 38.17 -37.05
CA PRO B 618 20.44 38.31 -37.32
C PRO B 618 19.70 37.00 -37.55
N GLY B 619 20.35 35.85 -37.41
CA GLY B 619 19.69 34.60 -37.73
C GLY B 619 19.68 33.57 -36.61
N LEU B 620 20.61 33.68 -35.66
CA LEU B 620 20.63 32.78 -34.52
C LEU B 620 19.77 33.35 -33.41
N PRO B 621 18.68 32.69 -33.02
CA PRO B 621 17.89 33.16 -31.88
C PRO B 621 18.53 32.74 -30.58
N ILE B 622 18.19 33.49 -29.52
CA ILE B 622 18.64 33.15 -28.18
C ILE B 622 17.97 31.86 -27.70
N ASP B 623 16.81 31.54 -28.25
CA ASP B 623 15.99 30.43 -27.79
C ASP B 623 16.35 29.13 -28.53
N LEU B 624 17.49 29.09 -29.19
CA LEU B 624 17.93 27.91 -29.93
C LEU B 624 18.64 26.95 -28.99
N GLU B 625 18.47 25.66 -29.24
CA GLU B 625 19.13 24.60 -28.47
C GLU B 625 20.12 23.91 -29.39
N ILE B 626 21.42 24.10 -29.12
CA ILE B 626 22.45 23.49 -29.96
C ILE B 626 23.09 22.30 -29.26
N GLY B 627 22.52 21.12 -29.47
CA GLY B 627 23.03 19.92 -28.84
C GLY B 627 24.15 19.30 -29.65
N TYR B 628 25.36 19.34 -29.10
CA TYR B 628 26.51 18.70 -29.71
C TYR B 628 26.84 17.43 -28.94
N VAL B 629 26.89 16.31 -29.66
CA VAL B 629 27.27 15.03 -29.08
C VAL B 629 28.66 14.69 -29.61
N PRO B 630 29.71 14.80 -28.79
CA PRO B 630 31.06 14.54 -29.27
C PRO B 630 31.29 13.06 -29.49
N PRO B 631 32.26 12.68 -30.33
CA PRO B 631 32.52 11.27 -30.56
C PRO B 631 33.13 10.62 -29.34
N SER B 632 32.74 9.38 -29.10
CA SER B 632 33.14 8.66 -27.90
C SER B 632 33.45 7.23 -28.28
N THR B 633 33.57 6.36 -27.28
CA THR B 633 33.77 4.94 -27.49
C THR B 633 32.55 4.22 -26.94
N ARG B 634 31.72 3.70 -27.85
CA ARG B 634 30.49 2.95 -27.55
C ARG B 634 29.49 3.77 -26.73
N GLY B 635 29.47 5.08 -26.92
CA GLY B 635 28.56 5.97 -26.24
C GLY B 635 27.35 6.30 -27.08
N GLN B 636 26.85 7.53 -26.92
CA GLN B 636 25.73 8.00 -27.71
C GLN B 636 26.18 8.25 -29.14
N TYR B 637 25.22 8.27 -30.07
CA TYR B 637 25.53 8.46 -31.48
C TYR B 637 26.01 9.89 -31.70
N PRO B 638 27.22 10.11 -32.18
CA PRO B 638 27.74 11.47 -32.29
C PRO B 638 27.15 12.24 -33.45
N GLY B 639 27.03 13.54 -33.25
CA GLY B 639 26.48 14.44 -34.24
C GLY B 639 26.02 15.73 -33.60
N LEU B 640 25.99 16.78 -34.40
CA LEU B 640 25.50 18.06 -33.95
C LEU B 640 24.01 18.17 -34.24
N TYR B 641 23.21 18.41 -33.21
CA TYR B 641 21.75 18.43 -33.35
C TYR B 641 21.24 19.78 -32.87
N LEU B 642 20.74 20.59 -33.80
CA LEU B 642 20.14 21.88 -33.48
C LEU B 642 18.63 21.73 -33.40
N PHE B 643 18.05 22.22 -32.30
CA PHE B 643 16.61 22.15 -32.10
C PHE B 643 16.06 23.54 -31.84
N GLY B 644 14.94 23.86 -32.47
CA GLY B 644 14.33 25.17 -32.28
C GLY B 644 12.81 25.17 -32.28
N GLY B 645 12.20 23.99 -32.26
CA GLY B 645 10.77 23.86 -32.42
C GLY B 645 10.00 24.18 -31.14
N HIS B 646 8.72 23.85 -31.20
CA HIS B 646 7.80 24.04 -30.07
C HIS B 646 8.14 23.11 -28.92
N SER B 647 7.53 23.41 -27.77
CA SER B 647 7.30 22.45 -26.67
C SER B 647 8.59 21.93 -26.05
N ARG B 648 9.69 22.66 -26.15
CA ARG B 648 10.93 22.25 -25.53
C ARG B 648 10.98 22.73 -24.09
N MET B 649 12.01 22.30 -23.38
CA MET B 649 12.26 22.73 -22.01
C MET B 649 13.49 23.62 -22.02
N LEU B 650 13.37 24.81 -21.45
CA LEU B 650 14.44 25.80 -21.54
C LEU B 650 14.68 26.39 -20.17
N ARG B 651 15.95 26.68 -19.87
CA ARG B 651 16.28 27.36 -18.63
C ARG B 651 17.43 28.34 -18.86
N PRO B 652 17.43 29.47 -18.16
CA PRO B 652 18.52 30.43 -18.32
C PRO B 652 19.77 30.01 -17.57
N VAL B 653 20.91 30.38 -18.14
CA VAL B 653 22.21 30.11 -17.57
C VAL B 653 23.13 31.21 -18.08
N ARG B 654 24.22 31.47 -17.36
CA ARG B 654 25.08 32.59 -17.67
C ARG B 654 26.35 32.11 -18.34
N TYR B 655 26.68 32.71 -19.49
CA TYR B 655 27.76 32.27 -20.37
C TYR B 655 28.99 33.13 -20.13
N LEU B 656 30.12 32.49 -19.83
CA LEU B 656 31.26 33.15 -19.20
C LEU B 656 32.07 34.10 -20.09
N PRO B 657 32.36 33.82 -21.37
CA PRO B 657 32.80 34.93 -22.22
C PRO B 657 31.61 35.77 -22.62
N LEU B 658 31.73 37.08 -22.43
CA LEU B 658 30.66 38.06 -22.65
C LEU B 658 29.44 37.70 -21.78
N ASP B 659 29.53 37.97 -20.47
CA ASP B 659 28.56 37.54 -19.48
C ASP B 659 27.15 38.04 -19.76
N LYS B 660 26.29 37.13 -20.21
CA LYS B 660 24.92 37.42 -20.60
C LYS B 660 24.09 36.16 -20.39
N GLU B 661 22.78 36.31 -20.49
CA GLU B 661 21.87 35.19 -20.33
C GLU B 661 21.93 34.28 -21.55
N ASP B 662 22.18 32.99 -21.30
CA ASP B 662 22.14 31.97 -22.33
C ASP B 662 21.04 30.98 -21.96
N ILE B 663 20.30 30.52 -22.97
CA ILE B 663 19.09 29.72 -22.75
C ILE B 663 19.32 28.35 -23.34
N VAL B 664 19.31 27.32 -22.49
CA VAL B 664 19.75 25.97 -22.86
C VAL B 664 18.64 24.97 -22.55
N GLY B 665 18.80 23.77 -23.11
CA GLY B 665 17.82 22.71 -22.94
C GLY B 665 18.40 21.44 -22.37
N PRO B 666 17.57 20.40 -22.21
CA PRO B 666 18.02 19.18 -21.53
C PRO B 666 18.92 18.30 -22.38
N PHE B 667 18.63 18.24 -23.68
CA PHE B 667 19.49 17.50 -24.60
C PHE B 667 20.84 18.18 -24.74
N GLU B 668 20.84 19.50 -24.66
CA GLU B 668 22.07 20.30 -24.74
C GLU B 668 22.92 20.17 -23.50
N GLN B 669 22.28 19.99 -22.33
CA GLN B 669 22.95 20.18 -21.05
C GLN B 669 23.87 19.04 -20.68
N VAL B 670 23.72 17.88 -21.31
CA VAL B 670 24.39 16.68 -20.84
C VAL B 670 25.77 16.52 -21.48
N TYR B 671 26.27 17.58 -22.11
CA TYR B 671 27.63 17.57 -22.65
C TYR B 671 28.39 18.86 -22.39
N MET B 672 27.83 19.76 -21.59
CA MET B 672 28.51 20.99 -21.24
C MET B 672 28.62 21.11 -19.73
N ASN B 673 29.55 21.96 -19.29
CA ASN B 673 29.95 22.04 -17.89
C ASN B 673 29.51 23.39 -17.33
N ILE B 674 28.29 23.42 -16.83
CA ILE B 674 27.81 24.62 -16.12
C ILE B 674 28.21 24.50 -14.66
N ALA B 675 28.67 25.59 -14.07
CA ALA B 675 29.13 25.57 -12.69
C ALA B 675 28.04 26.12 -11.78
N VAL B 676 27.91 25.52 -10.60
CA VAL B 676 26.77 25.82 -9.73
C VAL B 676 26.92 27.17 -9.03
N THR B 677 28.14 27.69 -8.91
CA THR B 677 28.38 28.92 -8.18
C THR B 677 29.69 29.51 -8.71
N PRO B 678 29.83 30.84 -8.78
CA PRO B 678 31.00 31.42 -9.45
C PRO B 678 32.32 31.27 -8.71
N GLN B 679 32.36 30.58 -7.57
CA GLN B 679 33.61 30.29 -6.90
C GLN B 679 34.15 28.91 -7.23
N GLU B 680 33.31 28.01 -7.71
CA GLU B 680 33.72 26.67 -8.09
C GLU B 680 34.03 26.55 -9.57
N ILE B 681 34.21 27.69 -10.26
CA ILE B 681 34.68 27.66 -11.64
C ILE B 681 36.11 27.15 -11.66
N GLN B 682 36.35 26.12 -12.47
CA GLN B 682 37.69 25.60 -12.64
C GLN B 682 38.24 26.01 -14.00
N ASN B 683 39.56 26.03 -14.10
CA ASN B 683 40.23 26.60 -15.26
C ASN B 683 40.07 25.70 -16.49
N ASN B 684 39.60 26.29 -17.59
CA ASN B 684 39.51 25.69 -18.91
C ASN B 684 38.64 24.44 -18.97
N VAL B 685 37.68 24.26 -18.05
CA VAL B 685 36.77 23.13 -18.17
C VAL B 685 35.31 23.59 -18.15
N HIS B 686 35.04 24.74 -17.53
CA HIS B 686 33.67 25.20 -17.39
C HIS B 686 33.34 26.26 -18.43
N THR B 687 32.14 26.17 -18.97
CA THR B 687 31.65 27.11 -19.97
C THR B 687 30.64 28.10 -19.39
N HIS B 688 29.67 27.61 -18.64
CA HIS B 688 28.61 28.43 -18.10
C HIS B 688 28.62 28.40 -16.57
N VAL B 689 27.90 29.34 -15.97
CA VAL B 689 27.52 29.26 -14.56
C VAL B 689 26.04 29.54 -14.44
N GLU B 690 25.43 28.99 -13.40
CA GLU B 690 24.07 29.32 -13.08
C GLU B 690 23.97 30.75 -12.57
N PHE B 691 22.80 31.37 -12.77
CA PHE B 691 22.57 32.68 -12.20
C PHE B 691 22.49 32.60 -10.68
N THR B 692 21.89 31.54 -10.15
CA THR B 692 21.76 31.30 -8.73
C THR B 692 21.53 29.81 -8.53
N PRO B 693 21.93 29.24 -7.41
CA PRO B 693 21.67 27.81 -7.21
C PRO B 693 20.31 27.54 -6.58
N THR B 694 19.44 28.54 -6.59
CA THR B 694 18.09 28.41 -6.08
C THR B 694 17.04 28.24 -7.17
N ASN B 695 17.44 28.28 -8.45
CA ASN B 695 16.50 28.11 -9.55
C ASN B 695 16.48 26.68 -10.06
N ILE B 696 16.72 25.73 -9.18
CA ILE B 696 16.73 24.31 -9.46
C ILE B 696 15.55 23.74 -8.72
N LEU B 697 15.18 24.42 -7.64
CA LEU B 697 14.04 24.03 -6.83
C LEU B 697 12.78 24.68 -7.40
N SER B 698 11.63 24.15 -7.01
CA SER B 698 10.35 24.58 -7.57
C SER B 698 9.85 25.87 -6.97
N ILE B 699 8.58 26.20 -7.21
CA ILE B 699 7.92 27.28 -6.50
C ILE B 699 7.89 26.97 -5.00
N LEU B 700 7.26 25.84 -4.65
CA LEU B 700 7.05 25.46 -3.25
C LEU B 700 8.34 25.04 -2.57
N ALA B 701 9.33 24.56 -3.32
CA ALA B 701 10.55 24.10 -2.69
C ALA B 701 11.48 25.24 -2.32
N ASN B 702 11.39 26.38 -3.00
CA ASN B 702 12.19 27.53 -2.60
C ASN B 702 11.62 28.24 -1.38
N LEU B 703 10.38 27.98 -1.02
CA LEU B 703 9.74 28.71 0.06
C LEU B 703 9.91 28.06 1.43
N THR B 704 10.36 26.82 1.49
CA THR B 704 10.69 26.25 2.79
C THR B 704 11.98 26.87 3.29
N PRO B 705 12.06 27.27 4.56
CA PRO B 705 13.22 28.04 5.00
C PRO B 705 14.37 27.16 5.47
N PHE B 706 15.56 27.55 5.02
CA PHE B 706 16.82 26.84 5.28
C PHE B 706 16.71 25.38 4.86
N SER B 707 16.31 25.19 3.60
CA SER B 707 16.00 23.87 3.05
C SER B 707 17.20 22.96 2.98
N ASP B 708 18.40 23.52 2.97
CA ASP B 708 19.64 22.75 2.89
C ASP B 708 20.10 22.20 4.23
N PHE B 709 19.25 22.27 5.26
CA PHE B 709 19.55 21.71 6.56
C PHE B 709 18.66 20.53 6.91
N ASN B 710 17.59 20.32 6.16
CA ASN B 710 16.65 19.25 6.43
C ASN B 710 17.10 17.95 5.78
N GLN B 711 16.62 16.84 6.32
CA GLN B 711 16.69 15.58 5.61
C GLN B 711 15.75 15.65 4.41
N SER B 712 16.19 15.10 3.29
CA SER B 712 15.43 15.25 2.04
C SER B 712 14.04 14.61 2.00
N PRO B 713 13.72 13.51 2.71
CA PRO B 713 12.30 13.15 2.83
C PRO B 713 11.46 14.13 3.62
N ARG B 714 12.06 15.02 4.40
CA ARG B 714 11.28 16.00 5.13
C ARG B 714 11.10 17.30 4.36
N ASN B 715 11.98 17.60 3.41
CA ASN B 715 11.70 18.66 2.46
C ASN B 715 10.62 18.26 1.47
N MET B 716 10.55 16.97 1.12
CA MET B 716 9.53 16.50 0.20
C MET B 716 8.16 16.45 0.85
N TYR B 717 8.06 16.51 2.18
CA TYR B 717 6.77 16.50 2.83
C TYR B 717 6.17 17.90 2.91
N GLN B 718 7.00 18.93 3.04
CA GLN B 718 6.48 20.29 3.09
C GLN B 718 5.97 20.73 1.74
N CYS B 719 6.56 20.21 0.65
CA CYS B 719 6.02 20.49 -0.67
C CYS B 719 4.66 19.84 -0.86
N GLN B 720 4.41 18.75 -0.16
CA GLN B 720 3.12 18.06 -0.22
C GLN B 720 2.11 18.62 0.76
N MET B 721 2.52 18.83 2.01
CA MET B 721 1.59 19.30 3.02
C MET B 721 1.35 20.79 2.89
N GLY B 722 2.36 21.55 2.50
CA GLY B 722 2.24 23.00 2.43
C GLY B 722 1.25 23.47 1.39
N LYS B 723 0.94 22.64 0.40
CA LYS B 723 -0.15 22.90 -0.51
C LYS B 723 -1.40 22.12 -0.14
N GLN B 724 -1.52 21.71 1.13
CA GLN B 724 -2.77 21.21 1.69
C GLN B 724 -3.22 22.05 2.87
N THR B 725 -2.67 23.25 3.02
CA THR B 725 -2.94 24.05 4.20
C THR B 725 -4.26 24.77 4.08
N MET B 726 -4.86 25.06 5.24
CA MET B 726 -5.93 26.03 5.32
C MET B 726 -5.31 27.42 5.28
N GLY B 727 -5.55 28.15 4.21
CA GLY B 727 -4.98 29.47 4.02
C GLY B 727 -6.05 30.41 3.52
N THR B 728 -5.67 31.25 2.55
CA THR B 728 -6.65 32.02 1.82
C THR B 728 -6.63 31.60 0.37
N PRO B 729 -7.75 31.17 -0.20
CA PRO B 729 -7.77 30.82 -1.62
C PRO B 729 -7.68 32.05 -2.49
N GLY B 730 -8.46 33.05 -2.13
CA GLY B 730 -8.45 34.32 -2.83
C GLY B 730 -9.10 35.38 -1.98
N VAL B 731 -9.60 36.41 -2.66
CA VAL B 731 -10.39 37.46 -2.02
C VAL B 731 -11.70 37.73 -2.75
N ALA B 732 -11.99 37.01 -3.83
CA ALA B 732 -13.25 37.13 -4.54
C ALA B 732 -14.29 36.15 -4.02
N LEU B 733 -14.20 35.77 -2.75
CA LEU B 733 -15.03 34.70 -2.18
C LEU B 733 -16.51 35.07 -2.10
N CYS B 734 -16.85 36.36 -2.17
CA CYS B 734 -18.24 36.73 -2.29
C CYS B 734 -18.81 36.33 -3.65
N HIS B 735 -17.97 36.31 -4.68
CA HIS B 735 -18.42 36.07 -6.04
C HIS B 735 -18.10 34.66 -6.52
N ARG B 736 -17.53 33.82 -5.67
CA ARG B 736 -17.31 32.43 -5.99
C ARG B 736 -18.53 31.61 -5.61
N SER B 737 -18.64 30.43 -6.22
CA SER B 737 -19.71 29.50 -5.88
C SER B 737 -19.19 28.08 -5.85
N ASP B 738 -17.97 27.89 -5.38
CA ASP B 738 -17.37 26.56 -5.38
C ASP B 738 -17.91 25.75 -4.22
N ASN B 739 -17.97 24.42 -4.40
CA ASN B 739 -18.72 23.57 -3.48
C ASN B 739 -18.04 23.35 -2.14
N LYS B 740 -16.72 23.48 -2.07
CA LYS B 740 -16.05 23.39 -0.79
C LYS B 740 -14.81 24.27 -0.85
N LEU B 741 -14.56 25.00 0.23
CA LEU B 741 -13.55 26.05 0.22
C LEU B 741 -13.10 26.27 1.65
N TYR B 742 -11.80 26.41 1.86
CA TYR B 742 -11.21 26.54 3.19
C TYR B 742 -10.54 27.90 3.30
N ARG B 743 -10.95 28.70 4.28
CA ARG B 743 -10.41 30.03 4.47
C ARG B 743 -9.92 30.17 5.90
N LEU B 744 -8.64 30.51 6.06
CA LEU B 744 -8.09 30.82 7.38
C LEU B 744 -8.22 32.31 7.63
N GLN B 745 -8.62 32.66 8.85
CA GLN B 745 -9.13 34.01 9.10
C GLN B 745 -7.99 35.02 9.17
N THR B 746 -7.09 34.88 10.13
CA THR B 746 -5.99 35.82 10.32
C THR B 746 -4.68 35.12 10.00
N GLY B 747 -4.18 35.35 8.79
CA GLY B 747 -2.88 34.86 8.39
C GLY B 747 -1.83 35.95 8.55
N GLN B 748 -0.57 35.54 8.56
CA GLN B 748 0.53 36.47 8.74
C GLN B 748 1.62 36.19 7.71
N THR B 749 2.43 37.14 7.54
CA THR B 749 3.64 36.92 6.76
C THR B 749 4.75 36.43 7.66
N PRO B 750 5.63 35.55 7.20
CA PRO B 750 6.67 35.03 8.09
C PRO B 750 7.81 36.00 8.28
N ILE B 751 8.43 35.92 9.47
CA ILE B 751 9.73 36.55 9.67
C ILE B 751 10.76 35.91 8.77
N VAL B 752 10.82 34.59 8.80
CA VAL B 752 11.84 33.82 8.10
C VAL B 752 11.25 33.40 6.76
N LYS B 753 11.75 33.99 5.68
CA LYS B 753 11.18 33.76 4.37
C LYS B 753 12.24 33.94 3.29
N ALA B 754 12.14 33.18 2.22
CA ALA B 754 13.01 33.36 1.07
C ALA B 754 12.66 34.65 0.36
N ASN B 755 13.59 35.12 -0.49
CA ASN B 755 13.32 36.31 -1.27
C ASN B 755 12.39 36.05 -2.45
N LEU B 756 12.13 34.79 -2.78
CA LEU B 756 11.11 34.47 -3.77
C LEU B 756 9.71 34.50 -3.18
N TYR B 757 9.59 34.55 -1.85
CA TYR B 757 8.28 34.67 -1.22
C TYR B 757 7.67 36.04 -1.51
N ASP B 758 8.49 37.10 -1.45
CA ASP B 758 8.02 38.45 -1.76
C ASP B 758 8.00 38.73 -3.24
N ASP B 759 8.46 37.79 -4.07
CA ASP B 759 8.60 38.00 -5.50
C ASP B 759 7.45 37.42 -6.30
N TYR B 760 6.83 36.35 -5.80
CA TYR B 760 5.64 35.78 -6.41
C TYR B 760 4.35 36.35 -5.85
N GLY B 761 4.44 37.37 -5.00
CA GLY B 761 3.25 37.95 -4.41
C GLY B 761 2.56 37.03 -3.43
N MET B 762 3.33 36.26 -2.65
CA MET B 762 2.73 35.35 -1.71
C MET B 762 2.20 36.06 -0.47
N ASP B 763 2.46 37.35 -0.30
CA ASP B 763 1.80 38.13 0.74
C ASP B 763 0.34 38.38 0.42
N ASN B 764 -0.07 38.22 -0.84
CA ASN B 764 -1.48 38.28 -1.19
C ASN B 764 -2.25 37.09 -0.66
N PHE B 765 -1.56 36.01 -0.28
CA PHE B 765 -2.20 34.78 0.15
C PHE B 765 -1.48 34.23 1.36
N PRO B 766 -1.81 34.69 2.56
CA PRO B 766 -1.21 34.12 3.76
C PRO B 766 -1.66 32.70 4.00
N ASN B 767 -0.83 31.93 4.71
CA ASN B 767 -1.13 30.53 4.96
C ASN B 767 -0.90 30.09 6.38
N GLY B 768 -0.33 30.91 7.24
CA GLY B 768 -0.12 30.48 8.60
C GLY B 768 0.10 31.65 9.53
N PHE B 769 0.74 31.34 10.65
CA PHE B 769 0.88 32.26 11.76
C PHE B 769 2.22 32.05 12.44
N ASN B 770 2.91 33.15 12.72
CA ASN B 770 4.18 33.11 13.43
C ASN B 770 3.90 32.71 14.87
N ALA B 771 4.15 31.46 15.21
CA ALA B 771 3.78 30.93 16.51
C ALA B 771 5.00 30.81 17.40
N VAL B 772 4.87 31.23 18.65
CA VAL B 772 5.95 31.14 19.63
C VAL B 772 6.10 29.68 20.03
N VAL B 773 7.05 28.99 19.41
CA VAL B 773 7.16 27.54 19.51
C VAL B 773 8.28 27.20 20.47
N ALA B 774 7.94 26.49 21.54
CA ALA B 774 8.89 26.06 22.54
C ALA B 774 9.22 24.59 22.32
N VAL B 775 10.48 24.31 21.99
CA VAL B 775 10.92 22.93 21.79
C VAL B 775 11.18 22.34 23.16
N ILE B 776 10.17 21.70 23.74
CA ILE B 776 10.27 21.24 25.12
C ILE B 776 9.42 19.98 25.31
N SER B 777 9.99 18.98 25.96
CA SER B 777 9.20 17.95 26.60
C SER B 777 8.74 18.50 27.95
N TYR B 778 7.46 18.85 28.05
CA TYR B 778 6.94 19.38 29.29
C TYR B 778 5.64 18.68 29.66
N THR B 779 4.93 18.19 28.65
CA THR B 779 3.51 17.90 28.78
C THR B 779 3.23 16.41 28.93
N GLY B 780 3.81 15.59 28.06
CA GLY B 780 3.45 14.20 27.97
C GLY B 780 2.33 13.92 26.99
N TYR B 781 1.56 14.93 26.61
CA TYR B 781 0.56 14.80 25.57
C TYR B 781 1.14 15.02 24.17
N ASP B 782 2.42 15.30 24.05
CA ASP B 782 3.05 15.47 22.75
C ASP B 782 4.36 14.69 22.73
N MET B 783 4.27 13.41 22.39
CA MET B 783 5.49 12.62 22.31
C MET B 783 5.78 12.14 20.90
N ASP B 784 4.88 11.38 20.28
CA ASP B 784 5.31 10.54 19.16
C ASP B 784 5.42 11.35 17.87
N ASP B 785 4.33 12.00 17.46
CA ASP B 785 4.36 13.07 16.48
C ASP B 785 3.53 14.26 16.93
N ALA B 786 2.96 14.20 18.12
CA ALA B 786 1.87 15.08 18.51
C ALA B 786 2.39 16.46 18.88
N MET B 787 1.44 17.33 19.21
CA MET B 787 1.71 18.73 19.53
C MET B 787 0.49 19.27 20.27
N ILE B 788 0.71 20.33 21.04
CA ILE B 788 -0.37 20.96 21.80
C ILE B 788 -0.35 22.46 21.54
N ILE B 789 -1.46 23.10 21.90
CA ILE B 789 -1.65 24.54 21.76
C ILE B 789 -1.93 25.09 23.15
N ASN B 790 -1.51 26.32 23.39
CA ASN B 790 -2.06 27.12 24.48
C ASN B 790 -3.57 27.22 24.33
N LYS B 791 -4.29 27.08 25.44
CA LYS B 791 -5.75 27.19 25.35
C LYS B 791 -6.15 28.64 25.14
N SER B 792 -5.61 29.55 25.96
CA SER B 792 -5.97 30.96 25.83
C SER B 792 -5.29 31.66 24.68
N ALA B 793 -4.49 30.95 23.87
CA ALA B 793 -4.21 31.46 22.54
C ALA B 793 -5.40 31.22 21.63
N ASP B 794 -5.94 30.00 21.64
CA ASP B 794 -7.10 29.67 20.82
C ASP B 794 -8.38 30.38 21.28
N GLU B 795 -8.42 30.84 22.53
CA GLU B 795 -9.52 31.69 22.94
C GLU B 795 -9.38 33.08 22.34
N ARG B 796 -8.19 33.45 21.87
CA ARG B 796 -7.91 34.77 21.30
C ARG B 796 -7.77 34.74 19.78
N GLY B 797 -8.34 33.75 19.12
CA GLY B 797 -8.34 33.72 17.67
C GLY B 797 -7.13 33.11 17.02
N PHE B 798 -6.32 32.33 17.74
CA PHE B 798 -5.13 31.71 17.18
C PHE B 798 -5.52 30.59 16.22
N GLY B 799 -5.13 30.72 14.97
CA GLY B 799 -5.35 29.66 14.00
C GLY B 799 -6.78 29.41 13.62
N TYR B 800 -7.64 30.42 13.73
CA TYR B 800 -9.04 30.27 13.41
C TYR B 800 -9.25 30.17 11.91
N GLY B 801 -10.21 29.37 11.51
CA GLY B 801 -10.55 29.24 10.10
C GLY B 801 -11.99 28.82 9.94
N THR B 802 -12.57 29.17 8.79
CA THR B 802 -13.92 28.79 8.45
C THR B 802 -13.91 27.85 7.25
N MET B 803 -15.09 27.51 6.75
CA MET B 803 -15.22 26.59 5.64
C MET B 803 -16.49 26.93 4.87
N TYR B 804 -16.35 27.25 3.58
CA TYR B 804 -17.47 27.69 2.77
C TYR B 804 -17.93 26.57 1.85
N LYS B 805 -19.14 26.06 2.08
CA LYS B 805 -19.72 24.98 1.31
C LYS B 805 -20.91 25.51 0.52
N THR B 806 -21.10 24.96 -0.68
CA THR B 806 -22.14 25.43 -1.61
C THR B 806 -22.81 24.26 -2.30
N GLU B 807 -24.13 24.19 -2.23
CA GLU B 807 -24.92 23.25 -3.00
C GLU B 807 -25.97 24.00 -3.81
N LYS B 808 -26.38 23.40 -4.92
CA LYS B 808 -27.30 24.02 -5.87
C LYS B 808 -28.66 23.38 -5.76
N VAL B 809 -29.64 24.15 -5.30
CA VAL B 809 -31.03 23.71 -5.29
C VAL B 809 -31.62 23.93 -6.68
N ASP B 810 -32.01 22.85 -7.34
CA ASP B 810 -32.50 22.91 -8.72
C ASP B 810 -33.88 22.25 -8.75
N LEU B 811 -34.90 23.06 -9.00
CA LEU B 811 -36.29 22.61 -8.97
C LEU B 811 -36.75 22.01 -10.30
N ALA B 812 -35.88 21.91 -11.29
CA ALA B 812 -36.25 21.44 -12.63
C ALA B 812 -35.37 20.28 -13.06
N LEU B 813 -35.18 19.32 -12.16
CA LEU B 813 -34.37 18.15 -12.45
C LEU B 813 -35.17 17.01 -13.07
N ASN B 814 -36.48 17.16 -13.22
CA ASN B 814 -37.34 16.05 -13.63
C ASN B 814 -37.81 16.11 -15.07
N ARG B 815 -38.15 17.29 -15.56
CA ARG B 815 -38.92 17.46 -16.79
C ARG B 815 -38.00 17.83 -17.95
N ASN B 816 -38.61 18.00 -19.12
CA ASN B 816 -37.88 18.31 -20.34
C ASN B 816 -38.83 18.89 -21.38
N ARG B 817 -38.39 19.98 -22.03
CA ARG B 817 -39.00 20.52 -23.26
C ARG B 817 -40.46 20.93 -23.05
N GLY B 818 -40.60 22.02 -22.28
CA GLY B 818 -41.82 22.81 -22.33
C GLY B 818 -43.01 22.26 -21.58
N ASP B 819 -42.91 21.07 -20.99
CA ASP B 819 -43.92 20.66 -20.03
C ASP B 819 -43.85 21.57 -18.80
N PRO B 820 -44.99 22.00 -18.26
CA PRO B 820 -45.02 23.21 -17.44
C PRO B 820 -44.32 23.05 -16.10
N ILE B 821 -44.03 24.20 -15.50
CA ILE B 821 -43.30 24.25 -14.24
C ILE B 821 -44.22 23.82 -13.10
N THR B 822 -44.08 22.55 -12.70
CA THR B 822 -44.98 21.96 -11.72
C THR B 822 -44.68 22.43 -10.30
N GLN B 823 -43.46 22.91 -10.04
CA GLN B 823 -43.03 23.28 -8.70
C GLN B 823 -42.59 24.72 -8.70
N HIS B 824 -43.13 25.50 -7.77
CA HIS B 824 -42.87 26.93 -7.65
C HIS B 824 -42.24 27.21 -6.30
N PHE B 825 -41.37 28.22 -6.24
CA PHE B 825 -40.89 28.68 -4.96
C PHE B 825 -41.97 29.47 -4.22
N GLY B 826 -41.83 29.53 -2.91
CA GLY B 826 -42.78 30.22 -2.07
C GLY B 826 -43.72 29.26 -1.37
N PHE B 827 -44.59 29.83 -0.55
CA PHE B 827 -45.60 29.06 0.15
C PHE B 827 -46.92 29.12 -0.59
N GLY B 828 -47.65 28.02 -0.56
CA GLY B 828 -48.97 27.92 -1.14
C GLY B 828 -50.07 28.14 -0.13
N ASN B 829 -51.25 27.62 -0.45
CA ASN B 829 -52.42 27.75 0.41
C ASN B 829 -52.92 26.40 0.92
N ASP B 830 -52.01 25.52 1.31
CA ASP B 830 -52.38 24.36 2.11
C ASP B 830 -52.25 24.71 3.59
N GLU B 831 -52.33 23.69 4.45
CA GLU B 831 -52.09 23.90 5.87
C GLU B 831 -50.66 23.46 6.17
N TRP B 832 -49.73 24.36 5.89
CA TRP B 832 -48.34 24.13 6.23
C TRP B 832 -48.02 24.75 7.58
N PRO B 833 -47.21 24.08 8.40
CA PRO B 833 -47.03 24.54 9.78
C PRO B 833 -46.18 25.80 9.86
N LYS B 834 -46.49 26.62 10.87
CA LYS B 834 -45.81 27.88 11.10
C LYS B 834 -44.45 27.73 11.74
N GLU B 835 -43.96 26.49 11.91
CA GLU B 835 -42.69 26.26 12.56
C GLU B 835 -41.51 26.70 11.72
N TRP B 836 -41.65 26.74 10.39
CA TRP B 836 -40.55 27.17 9.54
C TRP B 836 -40.77 28.55 8.90
N LEU B 837 -41.31 29.49 9.67
CA LEU B 837 -41.10 30.89 9.32
C LEU B 837 -39.80 31.42 9.91
N GLU B 838 -39.27 30.73 10.92
CA GLU B 838 -38.06 31.18 11.57
C GLU B 838 -36.85 31.05 10.67
N LYS B 839 -36.84 30.05 9.81
CA LYS B 839 -35.70 29.78 8.94
C LYS B 839 -35.94 30.19 7.50
N LEU B 840 -37.14 30.66 7.16
CA LEU B 840 -37.52 30.88 5.78
C LEU B 840 -38.25 32.20 5.61
N ASP B 841 -38.01 32.85 4.48
CA ASP B 841 -38.65 34.10 4.12
C ASP B 841 -39.94 33.79 3.36
N GLU B 842 -40.65 34.83 2.92
CA GLU B 842 -41.94 34.66 2.25
C GLU B 842 -41.78 34.05 0.86
N ASP B 843 -40.61 34.22 0.24
CA ASP B 843 -40.35 33.65 -1.09
C ASP B 843 -39.97 32.18 -1.05
N GLY B 844 -40.00 31.55 0.13
CA GLY B 844 -39.59 30.17 0.24
C GLY B 844 -38.11 29.97 0.34
N LEU B 845 -37.34 31.04 0.49
CA LEU B 845 -35.90 31.08 0.57
C LEU B 845 -35.46 31.45 1.98
N PRO B 846 -34.29 31.01 2.44
CA PRO B 846 -33.90 31.28 3.82
C PRO B 846 -33.40 32.72 3.98
N TYR B 847 -33.16 33.08 5.23
CA TYR B 847 -32.62 34.39 5.53
C TYR B 847 -31.10 34.34 5.55
N ILE B 848 -30.49 35.44 5.17
CA ILE B 848 -29.03 35.53 5.16
C ILE B 848 -28.54 35.68 6.58
N GLY B 849 -27.78 34.71 7.05
CA GLY B 849 -27.23 34.74 8.39
C GLY B 849 -27.92 33.86 9.39
N THR B 850 -28.90 33.05 8.97
CA THR B 850 -29.58 32.18 9.91
C THR B 850 -28.70 30.99 10.26
N TYR B 851 -29.01 30.37 11.40
CA TYR B 851 -28.27 29.22 11.91
C TYR B 851 -29.02 27.96 11.52
N VAL B 852 -28.37 27.09 10.76
CA VAL B 852 -29.01 25.91 10.20
C VAL B 852 -28.24 24.68 10.64
N GLU B 853 -28.91 23.78 11.35
CA GLU B 853 -28.40 22.45 11.65
C GLU B 853 -29.26 21.42 10.94
N GLU B 854 -29.01 20.14 11.23
CA GLU B 854 -29.70 19.06 10.51
C GLU B 854 -31.16 18.99 10.91
N GLY B 855 -32.04 18.87 9.91
CA GLY B 855 -33.46 18.82 10.11
C GLY B 855 -34.17 20.12 9.78
N ASP B 856 -33.46 21.24 9.88
CA ASP B 856 -34.04 22.52 9.53
C ASP B 856 -34.22 22.62 8.02
N PRO B 857 -35.25 23.33 7.55
CA PRO B 857 -35.45 23.46 6.11
C PRO B 857 -34.44 24.41 5.48
N ILE B 858 -33.93 24.01 4.32
CA ILE B 858 -33.11 24.93 3.53
C ILE B 858 -33.98 25.86 2.71
N CYS B 859 -34.96 25.33 1.97
CA CYS B 859 -35.84 26.17 1.17
C CYS B 859 -37.20 25.49 1.06
N ALA B 860 -38.22 26.30 0.85
CA ALA B 860 -39.58 25.82 0.67
C ALA B 860 -39.99 25.94 -0.80
N TYR B 861 -40.88 25.06 -1.23
CA TYR B 861 -41.43 25.16 -2.57
C TYR B 861 -42.82 24.57 -2.59
N PHE B 862 -43.68 25.14 -3.42
CA PHE B 862 -45.05 24.65 -3.59
C PHE B 862 -45.13 23.82 -4.87
N ASP B 863 -45.74 22.66 -4.78
CA ASP B 863 -45.93 21.76 -5.90
C ASP B 863 -47.39 21.83 -6.34
N ASP B 864 -47.62 21.79 -7.65
CA ASP B 864 -48.97 21.92 -8.19
C ASP B 864 -49.67 20.58 -8.37
N THR B 865 -48.93 19.51 -8.62
CA THR B 865 -49.54 18.20 -8.79
C THR B 865 -49.88 17.51 -7.47
N LEU B 866 -49.66 18.18 -6.34
CA LEU B 866 -50.02 17.62 -5.04
C LEU B 866 -50.78 18.58 -4.14
N ASN B 867 -50.80 19.88 -4.45
CA ASN B 867 -51.34 20.94 -3.60
C ASN B 867 -50.75 20.89 -2.19
N LYS B 868 -49.44 21.08 -2.16
CA LYS B 868 -48.67 20.82 -0.95
C LYS B 868 -47.35 21.58 -1.03
N THR B 869 -46.93 22.15 0.10
CA THR B 869 -45.63 22.81 0.20
C THR B 869 -44.64 21.82 0.80
N LYS B 870 -43.80 21.24 -0.05
CA LYS B 870 -42.70 20.44 0.44
C LYS B 870 -41.50 21.34 0.68
N ILE B 871 -40.75 21.04 1.72
CA ILE B 871 -39.51 21.75 2.02
C ILE B 871 -38.35 20.80 1.81
N LYS B 872 -37.29 21.31 1.20
CA LYS B 872 -36.04 20.58 1.25
C LYS B 872 -35.37 20.86 2.59
N THR B 873 -34.54 19.93 3.04
CA THR B 873 -33.93 20.06 4.36
C THR B 873 -32.42 19.94 4.24
N TYR B 874 -31.75 20.34 5.31
CA TYR B 874 -30.29 20.43 5.35
C TYR B 874 -29.71 19.06 5.68
N HIS B 875 -29.25 18.35 4.66
CA HIS B 875 -28.72 16.99 4.83
C HIS B 875 -27.24 17.03 5.16
N SER B 876 -26.94 17.49 6.37
CA SER B 876 -25.58 17.48 6.89
C SER B 876 -25.64 17.60 8.41
N SER B 877 -24.85 16.78 9.09
CA SER B 877 -24.86 16.76 10.55
C SER B 877 -24.08 17.91 11.17
N GLU B 878 -23.41 18.74 10.38
CA GLU B 878 -22.58 19.80 10.93
C GLU B 878 -23.31 21.12 10.80
N PRO B 879 -23.58 21.81 11.91
CA PRO B 879 -24.39 23.04 11.84
C PRO B 879 -23.65 24.17 11.16
N ALA B 880 -24.41 24.96 10.39
CA ALA B 880 -23.81 25.96 9.52
C ALA B 880 -24.66 27.22 9.51
N TYR B 881 -24.03 28.30 9.09
CA TYR B 881 -24.69 29.57 8.86
C TYR B 881 -24.81 29.79 7.36
N ILE B 882 -25.86 30.47 6.94
CA ILE B 882 -26.09 30.75 5.53
C ILE B 882 -25.52 32.12 5.21
N GLU B 883 -24.57 32.16 4.28
CA GLU B 883 -23.87 33.39 3.97
C GLU B 883 -24.47 34.15 2.80
N GLU B 884 -24.86 33.46 1.74
CA GLU B 884 -25.45 34.13 0.59
C GLU B 884 -26.36 33.17 -0.15
N VAL B 885 -27.34 33.74 -0.85
CA VAL B 885 -28.32 32.99 -1.63
C VAL B 885 -28.42 33.64 -3.00
N ASN B 886 -28.09 32.90 -4.04
CA ASN B 886 -28.19 33.40 -5.40
C ASN B 886 -29.56 33.09 -5.99
N LEU B 887 -29.95 33.88 -6.99
CA LEU B 887 -31.09 33.54 -7.83
C LEU B 887 -30.57 33.38 -9.25
N ILE B 888 -30.71 32.18 -9.80
CA ILE B 888 -30.13 31.84 -11.08
C ILE B 888 -31.25 31.74 -12.10
N GLY B 889 -31.29 32.69 -13.03
CA GLY B 889 -32.21 32.62 -14.14
C GLY B 889 -31.68 31.71 -15.23
N ASP B 890 -32.40 31.68 -16.35
CA ASP B 890 -32.04 30.83 -17.46
C ASP B 890 -31.83 31.68 -18.71
N GLU B 891 -31.00 31.18 -19.62
CA GLU B 891 -30.80 31.81 -20.92
C GLU B 891 -31.87 31.28 -21.87
N SER B 892 -32.94 32.05 -22.04
CA SER B 892 -34.04 31.67 -22.90
C SER B 892 -34.76 32.91 -23.37
N ASN B 893 -35.37 32.82 -24.56
CA ASN B 893 -36.15 33.93 -25.07
C ASN B 893 -37.45 34.09 -24.29
N LYS B 894 -38.08 32.98 -23.93
CA LYS B 894 -39.27 33.02 -23.11
C LYS B 894 -38.88 33.17 -21.64
N PHE B 895 -39.32 34.27 -21.03
CA PHE B 895 -38.90 34.64 -19.69
C PHE B 895 -39.62 33.75 -18.68
N GLN B 896 -38.85 33.08 -17.84
CA GLN B 896 -39.33 31.97 -17.04
C GLN B 896 -39.17 32.28 -15.55
N GLU B 897 -40.10 31.75 -14.77
CA GLU B 897 -39.94 31.73 -13.32
C GLU B 897 -38.73 30.88 -12.95
N LEU B 898 -38.04 31.28 -11.88
CA LEU B 898 -36.79 30.64 -11.50
C LEU B 898 -37.00 29.21 -11.01
N GLN B 899 -36.05 28.35 -11.34
CA GLN B 899 -36.05 26.97 -10.89
C GLN B 899 -34.74 26.57 -10.24
N THR B 900 -33.75 27.47 -10.19
CA THR B 900 -32.42 27.15 -9.70
C THR B 900 -31.99 28.21 -8.71
N VAL B 901 -31.68 27.77 -7.49
CA VAL B 901 -31.18 28.66 -6.44
C VAL B 901 -29.90 28.05 -5.88
N SER B 902 -28.82 28.82 -5.93
CA SER B 902 -27.55 28.43 -5.32
C SER B 902 -27.46 29.05 -3.95
N ILE B 903 -26.88 28.31 -3.00
CA ILE B 903 -26.81 28.73 -1.62
C ILE B 903 -25.43 28.36 -1.07
N LYS B 904 -24.91 29.22 -0.20
CA LYS B 904 -23.56 29.04 0.34
C LYS B 904 -23.63 28.99 1.86
N TYR B 905 -23.04 27.95 2.43
CA TYR B 905 -22.96 27.78 3.88
C TYR B 905 -21.56 28.14 4.38
N ARG B 906 -21.49 28.60 5.63
CA ARG B 906 -20.21 28.74 6.31
C ARG B 906 -20.25 27.98 7.62
N ILE B 907 -19.10 27.39 7.98
CA ILE B 907 -18.99 26.51 9.15
C ILE B 907 -17.80 26.97 9.97
N ARG B 908 -18.01 27.18 11.26
CA ARG B 908 -16.95 27.61 12.17
C ARG B 908 -16.03 26.43 12.44
N ARG B 909 -14.85 26.43 11.82
CA ARG B 909 -13.82 25.43 12.14
C ARG B 909 -12.81 26.02 13.12
N THR B 910 -13.31 26.27 14.33
CA THR B 910 -12.46 26.55 15.47
C THR B 910 -11.58 25.32 15.73
N PRO B 911 -10.25 25.51 15.94
CA PRO B 911 -9.37 24.34 15.98
C PRO B 911 -9.57 23.43 17.18
N GLN B 912 -10.24 22.31 16.92
CA GLN B 912 -10.41 21.25 17.87
C GLN B 912 -9.11 20.48 18.02
N ILE B 913 -9.06 19.57 18.97
CA ILE B 913 -7.88 18.74 19.07
C ILE B 913 -7.99 17.62 18.03
N GLY B 914 -6.84 17.14 17.58
CA GLY B 914 -6.81 16.20 16.50
C GLY B 914 -6.62 16.83 15.13
N ASP B 915 -6.74 18.15 15.02
CA ASP B 915 -6.48 18.81 13.75
C ASP B 915 -5.00 18.81 13.45
N LYS B 916 -4.64 18.51 12.21
CA LYS B 916 -3.23 18.46 11.83
C LYS B 916 -2.70 19.86 11.64
N PHE B 917 -1.67 20.22 12.38
CA PHE B 917 -0.87 21.39 12.05
C PHE B 917 0.46 20.89 11.50
N SER B 918 1.35 21.83 11.18
CA SER B 918 2.64 21.49 10.61
C SER B 918 3.56 22.69 10.75
N SER B 919 4.85 22.43 10.66
CA SER B 919 5.83 23.48 10.46
C SER B 919 6.06 23.61 8.97
N ARG B 920 7.05 24.39 8.58
CA ARG B 920 7.49 24.38 7.18
C ARG B 920 8.68 23.45 6.98
N HIS B 921 8.80 22.40 7.80
CA HIS B 921 9.89 21.45 7.67
C HIS B 921 9.41 20.02 7.88
N GLY B 922 8.17 19.72 7.52
CA GLY B 922 7.70 18.36 7.61
C GLY B 922 7.40 17.86 9.01
N GLN B 923 7.18 18.77 9.96
CA GLN B 923 6.86 18.39 11.33
C GLN B 923 5.35 18.46 11.52
N LYS B 924 4.65 17.48 10.98
CA LYS B 924 3.21 17.36 11.13
C LYS B 924 2.86 16.70 12.45
N GLY B 925 1.59 16.81 12.83
CA GLY B 925 1.13 16.24 14.06
C GLY B 925 -0.20 16.80 14.51
N VAL B 926 -1.07 15.96 15.07
CA VAL B 926 -2.38 16.43 15.48
C VAL B 926 -2.26 17.23 16.77
N CYS B 927 -3.24 18.09 17.00
CA CYS B 927 -3.40 18.69 18.30
C CYS B 927 -3.86 17.62 19.28
N SER B 928 -3.44 17.75 20.54
CA SER B 928 -3.67 16.65 21.45
C SER B 928 -4.40 17.07 22.71
N ARG B 929 -4.11 18.25 23.22
CA ARG B 929 -4.91 18.86 24.26
C ARG B 929 -4.69 20.36 24.17
N LYS B 930 -5.78 21.13 24.12
CA LYS B 930 -5.62 22.57 24.18
C LYS B 930 -5.25 22.92 25.62
N TRP B 931 -3.95 22.99 25.85
CA TRP B 931 -3.40 23.03 27.20
C TRP B 931 -3.63 24.40 27.80
N PRO B 932 -4.13 24.49 29.02
CA PRO B 932 -4.47 25.80 29.59
C PRO B 932 -3.23 26.63 29.89
N THR B 933 -3.44 27.95 29.91
CA THR B 933 -2.35 28.92 29.98
C THR B 933 -1.64 28.88 31.33
N ILE B 934 -2.38 28.79 32.43
CA ILE B 934 -1.75 28.72 33.73
C ILE B 934 -1.04 27.39 34.01
N ASP B 935 -1.19 26.40 33.13
CA ASP B 935 -0.45 25.15 33.23
C ASP B 935 0.67 25.03 32.20
N MET B 936 1.05 26.13 31.55
CA MET B 936 2.11 26.10 30.56
C MET B 936 3.41 26.62 31.15
N PRO B 937 4.55 26.31 30.54
CA PRO B 937 5.78 27.00 30.94
C PRO B 937 5.74 28.46 30.56
N PHE B 938 6.37 29.28 31.39
CA PHE B 938 6.44 30.71 31.15
C PHE B 938 7.87 31.17 31.36
N SER B 939 8.19 32.32 30.78
CA SER B 939 9.56 32.81 30.73
C SER B 939 9.81 33.83 31.84
N GLU B 940 11.06 34.26 31.94
CA GLU B 940 11.36 35.46 32.69
C GLU B 940 10.89 36.71 31.96
N THR B 941 10.71 36.61 30.64
CA THR B 941 10.22 37.74 29.86
C THR B 941 8.74 38.01 30.15
N GLY B 942 8.01 36.99 30.59
CA GLY B 942 6.58 37.10 30.83
C GLY B 942 5.74 36.39 29.81
N ILE B 943 6.31 36.00 28.67
CA ILE B 943 5.56 35.35 27.61
C ILE B 943 5.28 33.92 28.01
N GLN B 944 4.42 33.26 27.25
CA GLN B 944 4.22 31.83 27.33
C GLN B 944 4.10 31.40 25.88
N PRO B 945 4.62 30.23 25.52
CA PRO B 945 4.48 29.76 24.15
C PRO B 945 3.04 29.39 23.84
N ASP B 946 2.78 29.24 22.55
CA ASP B 946 1.46 28.82 22.11
C ASP B 946 1.48 27.58 21.24
N ILE B 947 2.66 27.04 20.93
CA ILE B 947 2.81 25.67 20.46
C ILE B 947 3.97 25.04 21.22
N ILE B 948 3.73 23.93 21.89
CA ILE B 948 4.79 23.09 22.42
C ILE B 948 5.06 21.99 21.40
N ILE B 949 6.32 21.78 21.07
CA ILE B 949 6.72 20.68 20.20
C ILE B 949 7.70 19.81 20.98
N ASN B 950 7.64 18.51 20.72
CA ASN B 950 8.53 17.56 21.38
C ASN B 950 9.91 17.63 20.73
N PRO B 951 10.99 17.62 21.52
CA PRO B 951 12.32 17.53 20.91
C PRO B 951 12.62 16.20 20.27
N HIS B 952 11.91 15.13 20.63
CA HIS B 952 12.20 13.83 20.06
C HIS B 952 11.74 13.69 18.62
N ALA B 953 10.93 14.62 18.12
CA ALA B 953 10.58 14.60 16.71
C ALA B 953 11.71 15.09 15.81
N PHE B 954 12.76 15.65 16.38
CA PHE B 954 13.93 16.13 15.65
C PHE B 954 15.04 15.13 15.28
N PRO B 955 15.57 14.29 16.19
CA PRO B 955 16.79 13.54 15.81
C PRO B 955 16.57 12.42 14.80
N SER B 956 15.42 11.76 14.83
CA SER B 956 15.13 10.76 13.80
C SER B 956 14.77 11.39 12.48
N ARG B 957 14.41 12.67 12.49
CA ARG B 957 13.94 13.36 11.30
C ARG B 957 14.95 14.35 10.74
N MET B 958 15.84 14.87 11.59
CA MET B 958 16.95 15.74 11.21
C MET B 958 16.48 17.00 10.50
N THR B 959 15.48 17.65 11.08
CA THR B 959 14.94 18.89 10.53
C THR B 959 15.53 20.08 11.28
N ILE B 960 16.84 20.27 11.10
CA ILE B 960 17.56 21.36 11.75
C ILE B 960 17.25 22.71 11.12
N GLY B 961 16.64 22.72 9.92
CA GLY B 961 16.11 23.95 9.38
C GLY B 961 14.99 24.55 10.21
N MET B 962 14.33 23.76 11.05
CA MET B 962 13.38 24.28 12.01
C MET B 962 14.07 24.86 13.24
N PHE B 963 15.21 24.29 13.64
CA PHE B 963 15.97 24.85 14.76
C PHE B 963 16.56 26.20 14.40
N VAL B 964 17.14 26.34 13.22
CA VAL B 964 17.75 27.60 12.83
C VAL B 964 16.68 28.64 12.48
N GLU B 965 15.47 28.19 12.13
CA GLU B 965 14.35 29.12 11.98
C GLU B 965 13.94 29.71 13.32
N SER B 966 14.05 28.93 14.39
CA SER B 966 13.68 29.40 15.72
C SER B 966 14.60 30.52 16.18
N LEU B 967 15.89 30.41 15.91
CA LEU B 967 16.80 31.54 16.12
C LEU B 967 16.47 32.69 15.18
N ALA B 968 16.33 32.39 13.88
CA ALA B 968 16.08 33.44 12.91
C ALA B 968 14.71 34.09 13.09
N GLY B 969 13.74 33.35 13.61
CA GLY B 969 12.46 33.95 13.89
C GLY B 969 12.52 34.90 15.08
N LYS B 970 13.12 34.44 16.18
CA LYS B 970 13.11 35.24 17.41
C LYS B 970 14.04 36.44 17.29
N ALA B 971 15.16 36.29 16.58
CA ALA B 971 16.03 37.44 16.34
C ALA B 971 15.38 38.46 15.43
N GLY B 972 14.45 38.03 14.59
CA GLY B 972 13.70 38.92 13.73
C GLY B 972 12.62 39.70 14.45
N ALA B 973 11.90 39.03 15.35
CA ALA B 973 10.82 39.72 16.06
C ALA B 973 11.35 40.68 17.11
N LEU B 974 12.56 40.44 17.62
CA LEU B 974 13.16 41.33 18.60
C LEU B 974 13.51 42.68 17.99
N HIS B 975 14.17 42.68 16.82
CA HIS B 975 14.66 43.91 16.26
C HIS B 975 13.74 44.51 15.19
N GLY B 976 12.65 43.83 14.86
CA GLY B 976 11.80 44.32 13.80
C GLY B 976 12.38 44.16 12.43
N ILE B 977 13.04 43.03 12.17
CA ILE B 977 13.66 42.74 10.89
C ILE B 977 13.15 41.39 10.41
N ALA B 978 13.34 41.11 9.13
CA ALA B 978 12.94 39.83 8.55
C ALA B 978 14.08 39.31 7.68
N GLN B 979 14.81 38.33 8.20
CA GLN B 979 15.99 37.83 7.52
C GLN B 979 15.59 36.86 6.43
N ASP B 980 16.35 36.88 5.33
CA ASP B 980 16.10 35.94 4.25
C ASP B 980 16.45 34.52 4.67
N SER B 981 15.85 33.57 3.97
CA SER B 981 16.21 32.18 4.19
C SER B 981 16.23 31.39 2.91
N THR B 982 16.48 32.05 1.79
CA THR B 982 16.70 31.34 0.55
C THR B 982 17.97 30.52 0.69
N PRO B 983 17.98 29.28 0.19
CA PRO B 983 19.05 28.35 0.54
C PRO B 983 20.38 28.69 -0.11
N TRP B 984 21.45 28.31 0.59
CA TRP B 984 22.85 28.53 0.22
C TRP B 984 23.18 30.01 0.11
N ILE B 985 22.62 30.80 1.04
CA ILE B 985 23.24 32.05 1.42
C ILE B 985 24.24 31.86 2.54
N PHE B 986 24.09 30.80 3.34
CA PHE B 986 25.01 30.47 4.41
C PHE B 986 25.94 29.35 3.96
N ASN B 987 27.05 29.23 4.67
CA ASN B 987 28.12 28.31 4.29
C ASN B 987 28.62 27.58 5.52
N GLU B 988 29.68 26.79 5.35
CA GLU B 988 30.24 26.04 6.45
C GLU B 988 31.11 26.92 7.34
N ASP B 989 31.66 28.00 6.79
CA ASP B 989 32.46 28.93 7.58
C ASP B 989 31.56 29.79 8.46
N ASP B 990 30.65 30.55 7.85
CA ASP B 990 29.68 31.34 8.60
C ASP B 990 28.41 30.49 8.77
N THR B 991 28.36 29.78 9.89
CA THR B 991 27.17 29.06 10.28
C THR B 991 26.07 30.07 10.60
N PRO B 992 24.82 29.81 10.21
CA PRO B 992 23.74 30.72 10.62
C PRO B 992 23.44 30.67 12.11
N ALA B 993 23.79 29.59 12.80
CA ALA B 993 23.71 29.60 14.26
C ALA B 993 24.69 30.58 14.87
N ASP B 994 25.79 30.88 14.18
CA ASP B 994 26.66 31.97 14.58
C ASP B 994 26.12 33.32 14.15
N TYR B 995 25.43 33.37 13.02
CA TYR B 995 24.89 34.63 12.54
C TYR B 995 23.71 35.09 13.39
N PHE B 996 22.68 34.27 13.49
CA PHE B 996 21.50 34.66 14.26
C PHE B 996 21.74 34.60 15.76
N GLY B 997 22.83 33.98 16.21
CA GLY B 997 23.17 34.03 17.62
C GLY B 997 23.81 35.33 18.04
N GLU B 998 24.57 35.96 17.16
CA GLU B 998 25.09 37.28 17.44
C GLU B 998 24.04 38.37 17.31
N GLN B 999 22.90 38.08 16.68
CA GLN B 999 21.78 39.02 16.72
C GLN B 999 21.00 38.87 18.01
N LEU B 1000 20.86 37.64 18.51
CA LEU B 1000 20.24 37.45 19.82
C LEU B 1000 21.13 37.89 20.96
N ALA B 1001 22.44 38.00 20.73
CA ALA B 1001 23.33 38.53 21.74
C ALA B 1001 23.09 40.02 21.95
N LYS B 1002 22.95 40.77 20.86
CA LYS B 1002 22.74 42.20 20.96
C LYS B 1002 21.33 42.56 21.43
N ALA B 1003 20.39 41.63 21.35
CA ALA B 1003 19.03 41.91 21.78
C ALA B 1003 18.86 41.79 23.29
N GLY B 1004 19.75 41.07 23.96
CA GLY B 1004 19.64 40.79 25.37
C GLY B 1004 19.49 39.32 25.70
N TYR B 1005 19.09 38.50 24.72
CA TYR B 1005 18.97 37.06 24.91
C TYR B 1005 20.34 36.41 24.72
N ASN B 1006 20.37 35.10 24.62
CA ASN B 1006 21.64 34.39 24.53
C ASN B 1006 21.94 33.92 23.12
N TYR B 1007 23.20 33.56 22.93
CA TYR B 1007 23.75 33.17 21.63
C TYR B 1007 23.17 31.87 21.11
N HIS B 1008 22.63 31.03 21.98
CA HIS B 1008 22.09 29.74 21.59
C HIS B 1008 20.58 29.73 21.56
N GLY B 1009 19.93 30.85 21.87
CA GLY B 1009 18.49 30.93 21.76
C GLY B 1009 17.72 30.22 22.84
N ASN B 1010 18.29 30.11 24.03
CA ASN B 1010 17.67 29.41 25.15
C ASN B 1010 17.16 30.40 26.18
N GLU B 1011 15.94 30.18 26.67
CA GLU B 1011 15.46 31.08 27.70
C GLU B 1011 15.21 30.32 29.00
N PRO B 1012 15.51 30.92 30.15
CA PRO B 1012 15.21 30.28 31.43
C PRO B 1012 13.71 30.30 31.67
N MET B 1013 13.08 29.13 31.63
CA MET B 1013 11.63 29.06 31.74
C MET B 1013 11.22 28.16 32.89
N TYR B 1014 10.06 28.47 33.44
CA TYR B 1014 9.57 27.92 34.70
C TYR B 1014 8.45 26.93 34.42
N SER B 1015 8.03 26.21 35.46
CA SER B 1015 6.94 25.27 35.32
C SER B 1015 5.63 25.95 35.65
N GLY B 1016 4.57 25.56 34.95
CA GLY B 1016 3.26 26.14 35.20
C GLY B 1016 2.53 25.51 36.36
N ALA B 1017 2.81 24.24 36.64
CA ALA B 1017 2.17 23.58 37.76
C ALA B 1017 2.90 23.86 39.06
N THR B 1018 4.16 23.44 39.14
CA THR B 1018 4.91 23.54 40.39
C THR B 1018 5.49 24.93 40.63
N GLY B 1019 5.71 25.70 39.57
CA GLY B 1019 6.34 27.00 39.74
C GLY B 1019 7.82 26.95 40.02
N GLU B 1020 8.47 25.84 39.67
CA GLU B 1020 9.88 25.65 39.95
C GLU B 1020 10.74 26.19 38.82
N GLU B 1021 12.04 26.23 39.07
CA GLU B 1021 13.03 26.46 38.04
C GLU B 1021 13.38 25.15 37.34
N LEU B 1022 13.25 25.15 36.02
CA LEU B 1022 13.64 24.00 35.22
C LEU B 1022 15.15 23.91 35.12
N ARG B 1023 15.65 22.72 34.78
CA ARG B 1023 17.09 22.47 34.74
C ARG B 1023 17.78 23.31 33.68
N ALA B 1024 17.48 23.05 32.43
CA ALA B 1024 18.13 23.73 31.32
C ALA B 1024 17.28 24.91 30.88
N ASP B 1025 17.96 25.95 30.42
CA ASP B 1025 17.29 27.04 29.72
C ASP B 1025 16.70 26.47 28.44
N ILE B 1026 15.37 26.46 28.34
CA ILE B 1026 14.74 25.71 27.29
C ILE B 1026 14.82 26.48 25.97
N TYR B 1027 14.64 25.75 24.89
CA TYR B 1027 14.89 26.25 23.54
C TYR B 1027 13.60 26.75 22.94
N VAL B 1028 13.51 28.08 22.72
CA VAL B 1028 12.29 28.69 22.21
C VAL B 1028 12.58 29.55 20.99
N GLY B 1029 11.57 30.24 20.52
CA GLY B 1029 11.66 31.06 19.32
C GLY B 1029 10.31 31.04 18.64
N VAL B 1030 10.21 31.77 17.54
CA VAL B 1030 8.99 31.77 16.74
C VAL B 1030 9.29 31.13 15.40
N VAL B 1031 8.39 30.25 14.97
CA VAL B 1031 8.45 29.69 13.62
C VAL B 1031 7.07 29.87 13.00
N TYR B 1032 7.01 29.72 11.70
CA TYR B 1032 5.81 29.99 10.92
C TYR B 1032 5.08 28.68 10.69
N TYR B 1033 4.08 28.40 11.52
CA TYR B 1033 3.31 27.19 11.32
C TYR B 1033 2.29 27.32 10.20
N GLN B 1034 1.52 26.26 10.04
CA GLN B 1034 0.51 26.10 9.01
C GLN B 1034 -0.60 25.26 9.63
N ARG B 1035 -1.84 25.53 9.24
CA ARG B 1035 -2.95 24.67 9.63
C ARG B 1035 -3.40 23.88 8.43
N LEU B 1036 -3.33 22.56 8.52
CA LEU B 1036 -3.71 21.73 7.41
C LEU B 1036 -5.22 21.55 7.38
N ARG B 1037 -5.72 21.05 6.26
CA ARG B 1037 -7.14 20.92 6.04
C ARG B 1037 -7.70 19.61 6.57
N HIS B 1038 -6.90 18.84 7.30
CA HIS B 1038 -7.34 17.53 7.77
C HIS B 1038 -7.87 17.65 9.19
N MET B 1039 -9.06 18.28 9.27
CA MET B 1039 -9.73 18.40 10.54
C MET B 1039 -10.38 17.08 10.94
N VAL B 1040 -10.74 16.98 12.22
CA VAL B 1040 -11.40 15.79 12.73
C VAL B 1040 -12.83 15.72 12.24
N ASN B 1041 -13.41 16.88 11.90
CA ASN B 1041 -14.83 16.95 11.59
C ASN B 1041 -15.17 16.26 10.28
N ASP B 1042 -14.17 15.98 9.46
CA ASP B 1042 -14.36 15.19 8.23
C ASP B 1042 -14.09 13.71 8.51
N LYS B 1043 -14.17 13.32 9.78
CA LYS B 1043 -13.92 11.96 10.27
C LYS B 1043 -14.93 11.62 11.36
N PHE B 1044 -14.52 10.74 12.27
CA PHE B 1044 -15.28 10.22 13.41
C PHE B 1044 -16.60 9.57 12.97
N GLN B 1045 -16.53 8.86 11.85
CA GLN B 1045 -17.67 8.06 11.42
C GLN B 1045 -17.97 6.96 12.42
N VAL B 1046 -19.25 6.83 12.75
CA VAL B 1046 -19.72 5.87 13.74
C VAL B 1046 -21.06 5.32 13.25
N ARG B 1047 -21.24 4.01 13.42
CA ARG B 1047 -22.49 3.38 13.03
C ARG B 1047 -22.90 2.40 14.12
N SER B 1048 -24.15 2.49 14.56
CA SER B 1048 -24.76 1.42 15.33
C SER B 1048 -25.63 0.55 14.44
N THR B 1049 -26.64 1.16 13.82
CA THR B 1049 -27.36 0.56 12.70
C THR B 1049 -27.47 1.62 11.61
N GLY B 1050 -28.22 1.34 10.55
CA GLY B 1050 -28.42 2.30 9.50
C GLY B 1050 -28.86 1.64 8.22
N PRO B 1051 -28.54 2.24 7.08
CA PRO B 1051 -28.90 1.64 5.80
C PRO B 1051 -28.02 0.44 5.51
N VAL B 1052 -28.62 -0.57 4.88
CA VAL B 1052 -27.91 -1.76 4.49
C VAL B 1052 -27.94 -1.87 2.98
N ASN B 1053 -27.03 -2.67 2.44
CA ASN B 1053 -26.99 -2.90 1.02
C ASN B 1053 -28.15 -3.80 0.60
N SER B 1054 -28.50 -3.76 -0.67
CA SER B 1054 -29.71 -4.42 -1.13
C SER B 1054 -29.51 -5.93 -1.28
N LEU B 1055 -28.53 -6.33 -2.10
CA LEU B 1055 -28.37 -7.73 -2.46
C LEU B 1055 -27.47 -8.51 -1.52
N THR B 1056 -26.88 -7.87 -0.51
CA THR B 1056 -26.11 -8.57 0.50
C THR B 1056 -26.63 -8.39 1.91
N MET B 1057 -27.45 -7.37 2.17
CA MET B 1057 -27.91 -6.95 3.51
C MET B 1057 -26.75 -6.67 4.44
N GLN B 1058 -25.65 -6.18 3.90
CA GLN B 1058 -24.47 -5.72 4.60
C GLN B 1058 -24.50 -4.21 4.71
N PRO B 1059 -23.78 -3.63 5.68
CA PRO B 1059 -23.70 -2.17 5.76
C PRO B 1059 -23.06 -1.53 4.54
N VAL B 1060 -23.32 -0.26 4.37
CA VAL B 1060 -23.03 0.50 3.15
C VAL B 1060 -21.65 1.12 3.26
N LYS B 1061 -20.94 1.21 2.14
CA LYS B 1061 -19.70 1.97 2.10
C LYS B 1061 -19.99 3.46 2.24
N GLY B 1062 -19.35 4.11 3.20
CA GLY B 1062 -19.41 5.56 3.26
C GLY B 1062 -19.56 6.18 4.63
N ARG B 1063 -18.91 7.33 4.82
CA ARG B 1063 -19.15 8.15 6.01
C ARG B 1063 -20.39 9.00 5.84
N LYS B 1064 -20.58 9.62 4.67
CA LYS B 1064 -21.73 10.48 4.45
C LYS B 1064 -23.00 9.69 4.22
N ARG B 1065 -22.91 8.42 3.82
CA ARG B 1065 -24.07 7.57 3.69
C ARG B 1065 -24.35 6.77 4.95
N HIS B 1066 -23.68 7.10 6.06
CA HIS B 1066 -23.91 6.54 7.40
C HIS B 1066 -23.74 5.02 7.41
N GLY B 1067 -22.57 4.56 6.98
CA GLY B 1067 -22.30 3.15 6.86
C GLY B 1067 -21.12 2.70 7.71
N GLY B 1068 -20.80 1.42 7.55
CA GLY B 1068 -19.84 0.76 8.42
C GLY B 1068 -18.45 0.66 7.83
N ILE B 1069 -17.51 0.37 8.71
CA ILE B 1069 -16.13 0.12 8.34
C ILE B 1069 -15.95 -1.38 8.11
N ARG B 1070 -14.92 -1.73 7.34
CA ARG B 1070 -14.78 -3.10 6.88
C ARG B 1070 -13.82 -3.88 7.77
N VAL B 1071 -14.15 -5.14 8.01
CA VAL B 1071 -13.22 -6.07 8.64
C VAL B 1071 -12.79 -7.05 7.55
N GLY B 1072 -11.73 -6.72 6.81
CA GLY B 1072 -11.35 -7.47 5.64
C GLY B 1072 -10.58 -8.74 5.96
N GLU B 1073 -9.86 -9.22 4.95
CA GLU B 1073 -9.15 -10.49 5.09
C GLU B 1073 -7.94 -10.36 6.01
N MET B 1074 -7.30 -9.20 6.02
CA MET B 1074 -6.11 -9.02 6.82
C MET B 1074 -6.44 -8.80 8.28
N GLU B 1075 -7.69 -8.45 8.59
CA GLU B 1075 -8.16 -8.35 9.97
C GLU B 1075 -8.80 -9.63 10.44
N ARG B 1076 -9.33 -10.42 9.50
CA ARG B 1076 -9.98 -11.68 9.82
C ARG B 1076 -8.99 -12.70 10.34
N ASP B 1077 -7.90 -12.90 9.62
CA ASP B 1077 -6.91 -13.89 10.03
C ASP B 1077 -6.16 -13.47 11.29
N ALA B 1078 -5.93 -12.18 11.48
CA ALA B 1078 -5.37 -11.72 12.74
C ALA B 1078 -6.37 -11.77 13.89
N LEU B 1079 -7.64 -12.05 13.61
CA LEU B 1079 -8.64 -12.36 14.61
C LEU B 1079 -8.79 -13.87 14.80
N ILE B 1080 -8.18 -14.66 13.91
CA ILE B 1080 -8.02 -16.10 14.15
C ILE B 1080 -6.79 -16.36 15.01
N GLY B 1081 -5.72 -15.59 14.80
CA GLY B 1081 -4.45 -15.82 15.49
C GLY B 1081 -4.49 -15.64 16.98
N HIS B 1082 -5.43 -14.82 17.48
CA HIS B 1082 -5.70 -14.81 18.91
C HIS B 1082 -6.33 -16.11 19.39
N GLY B 1083 -6.94 -16.86 18.48
CA GLY B 1083 -7.73 -18.01 18.86
C GLY B 1083 -9.14 -17.68 19.26
N THR B 1084 -9.48 -16.40 19.34
CA THR B 1084 -10.86 -16.04 19.60
C THR B 1084 -11.72 -16.35 18.38
N SER B 1085 -12.85 -16.99 18.62
CA SER B 1085 -13.71 -17.45 17.54
C SER B 1085 -15.11 -16.89 17.60
N PHE B 1086 -15.55 -16.42 18.76
CA PHE B 1086 -16.80 -15.68 18.85
C PHE B 1086 -16.64 -14.22 18.46
N LEU B 1087 -15.42 -13.68 18.54
CA LEU B 1087 -15.16 -12.35 17.97
C LEU B 1087 -15.16 -12.39 16.45
N LEU B 1088 -14.74 -13.51 15.86
CA LEU B 1088 -14.84 -13.64 14.42
C LEU B 1088 -16.29 -13.71 13.98
N GLN B 1089 -17.13 -14.41 14.73
CA GLN B 1089 -18.51 -14.53 14.32
C GLN B 1089 -19.31 -13.28 14.65
N ASP B 1090 -18.90 -12.54 15.69
CA ASP B 1090 -19.59 -11.30 16.02
C ASP B 1090 -19.30 -10.22 14.98
N ARG B 1091 -18.12 -10.23 14.41
CA ARG B 1091 -17.82 -9.27 13.35
C ARG B 1091 -18.33 -9.76 12.01
N LEU B 1092 -17.89 -10.94 11.59
CA LEU B 1092 -18.15 -11.37 10.22
C LEU B 1092 -19.54 -11.95 10.02
N LEU B 1093 -20.22 -12.39 11.08
CA LEU B 1093 -21.54 -12.98 10.89
C LEU B 1093 -22.63 -12.28 11.71
N ASN B 1094 -22.43 -12.10 13.01
CA ASN B 1094 -23.56 -11.74 13.88
C ASN B 1094 -24.01 -10.30 13.68
N SER B 1095 -23.07 -9.39 13.44
CA SER B 1095 -23.41 -7.98 13.38
C SER B 1095 -23.15 -7.38 12.00
N SER B 1096 -23.10 -8.19 10.95
CA SER B 1096 -23.00 -7.66 9.59
C SER B 1096 -24.20 -8.01 8.74
N ASP B 1097 -24.46 -9.30 8.53
CA ASP B 1097 -25.55 -9.74 7.66
C ASP B 1097 -26.22 -10.99 8.22
N TYR B 1098 -26.47 -11.01 9.52
CA TYR B 1098 -27.11 -12.15 10.15
C TYR B 1098 -28.56 -12.27 9.69
N THR B 1099 -28.95 -13.49 9.35
CA THR B 1099 -30.33 -13.75 9.00
C THR B 1099 -30.68 -15.18 9.40
N GLN B 1100 -31.93 -15.39 9.78
CA GLN B 1100 -32.46 -16.73 10.01
C GLN B 1100 -33.37 -17.06 8.85
N ALA B 1101 -32.94 -18.01 8.02
CA ALA B 1101 -33.65 -18.37 6.82
C ALA B 1101 -34.19 -19.78 6.95
N SER B 1102 -35.40 -20.00 6.45
CA SER B 1102 -35.98 -21.33 6.46
C SER B 1102 -35.28 -22.21 5.43
N VAL B 1103 -34.93 -23.43 5.85
CA VAL B 1103 -34.20 -24.39 5.03
C VAL B 1103 -34.96 -25.71 5.06
N CYS B 1104 -35.11 -26.33 3.88
CA CYS B 1104 -35.76 -27.63 3.79
C CYS B 1104 -34.79 -28.73 4.22
N ARG B 1105 -35.27 -29.65 5.07
CA ARG B 1105 -34.42 -30.75 5.52
C ARG B 1105 -34.09 -31.72 4.40
N GLU B 1106 -35.07 -32.07 3.57
CA GLU B 1106 -34.86 -33.10 2.56
C GLU B 1106 -34.36 -32.55 1.23
N CYS B 1107 -34.58 -31.27 0.94
CA CYS B 1107 -33.87 -30.65 -0.16
C CYS B 1107 -32.45 -30.27 0.23
N GLY B 1108 -32.33 -29.50 1.30
CA GLY B 1108 -31.09 -28.78 1.51
C GLY B 1108 -30.98 -27.67 0.50
N SER B 1109 -31.82 -26.65 0.62
CA SER B 1109 -31.80 -25.54 -0.33
C SER B 1109 -32.34 -24.30 0.35
N ILE B 1110 -31.60 -23.20 0.21
CA ILE B 1110 -31.93 -21.98 0.93
C ILE B 1110 -33.11 -21.27 0.26
N LEU B 1111 -33.04 -21.10 -1.05
CA LEU B 1111 -33.94 -20.26 -1.82
C LEU B 1111 -34.97 -21.06 -2.61
N THR B 1112 -35.48 -22.15 -2.01
CA THR B 1112 -36.58 -22.91 -2.58
C THR B 1112 -37.85 -22.79 -1.75
N THR B 1113 -37.75 -22.98 -0.44
CA THR B 1113 -38.94 -22.93 0.40
C THR B 1113 -39.42 -21.50 0.56
N GLN B 1114 -40.72 -21.35 0.79
CA GLN B 1114 -41.38 -20.06 0.73
C GLN B 1114 -42.71 -20.15 1.48
N GLN B 1115 -43.34 -18.99 1.67
CA GLN B 1115 -44.54 -18.93 2.49
C GLN B 1115 -45.76 -19.48 1.77
N SER B 1116 -46.63 -20.14 2.52
CA SER B 1116 -47.91 -20.57 2.00
C SER B 1116 -48.95 -19.50 2.26
N VAL B 1117 -49.85 -19.33 1.31
CA VAL B 1117 -50.95 -18.38 1.46
C VAL B 1117 -52.08 -19.08 2.21
N PRO B 1118 -52.37 -18.69 3.45
CA PRO B 1118 -53.33 -19.45 4.26
C PRO B 1118 -54.76 -19.12 3.88
N ARG B 1119 -55.67 -19.88 4.46
CA ARG B 1119 -57.10 -19.62 4.32
C ARG B 1119 -57.52 -18.56 5.33
N ILE B 1120 -58.81 -18.26 5.38
CA ILE B 1120 -59.33 -17.34 6.38
C ILE B 1120 -59.41 -18.07 7.70
N GLY B 1121 -58.83 -17.48 8.75
CA GLY B 1121 -58.81 -18.09 10.06
C GLY B 1121 -57.70 -19.11 10.28
N SER B 1122 -56.99 -19.51 9.23
CA SER B 1122 -55.86 -20.42 9.37
C SER B 1122 -54.58 -19.65 9.64
N ILE B 1123 -53.53 -20.38 9.97
CA ILE B 1123 -52.21 -19.81 10.17
C ILE B 1123 -51.36 -20.20 8.96
N SER B 1124 -50.41 -19.33 8.62
CA SER B 1124 -49.55 -19.57 7.46
C SER B 1124 -48.34 -20.39 7.87
N THR B 1125 -47.94 -21.31 7.00
CA THR B 1125 -46.80 -22.17 7.27
C THR B 1125 -45.77 -22.03 6.14
N VAL B 1126 -44.57 -22.51 6.43
CA VAL B 1126 -43.45 -22.45 5.49
C VAL B 1126 -43.40 -23.78 4.76
N CYS B 1127 -43.23 -23.73 3.44
CA CYS B 1127 -43.42 -24.91 2.61
C CYS B 1127 -42.47 -24.86 1.42
N CYS B 1128 -42.07 -26.04 0.98
CA CYS B 1128 -41.00 -26.20 0.00
C CYS B 1128 -41.57 -26.44 -1.39
N ARG B 1129 -40.89 -25.91 -2.40
CA ARG B 1129 -41.35 -26.02 -3.78
C ARG B 1129 -40.79 -27.25 -4.49
N ARG B 1130 -39.55 -27.60 -4.22
CA ARG B 1130 -38.89 -28.65 -5.00
C ARG B 1130 -39.38 -30.04 -4.62
N CYS B 1131 -39.46 -30.34 -3.32
CA CYS B 1131 -40.00 -31.61 -2.86
C CYS B 1131 -41.52 -31.61 -2.75
N SER B 1132 -42.19 -30.71 -3.46
CA SER B 1132 -43.64 -30.72 -3.55
C SER B 1132 -44.08 -31.56 -4.74
N MET B 1133 -45.39 -31.56 -4.97
CA MET B 1133 -45.99 -32.30 -6.08
C MET B 1133 -47.31 -31.64 -6.39
N ARG B 1134 -47.63 -31.50 -7.67
CA ARG B 1134 -48.87 -30.84 -8.06
C ARG B 1134 -50.07 -31.70 -7.68
N PHE B 1135 -51.11 -31.02 -7.16
CA PHE B 1135 -52.26 -31.73 -6.58
C PHE B 1135 -53.07 -32.45 -7.63
N GLU B 1136 -53.08 -31.95 -8.86
CA GLU B 1136 -53.70 -32.67 -9.96
C GLU B 1136 -52.91 -33.94 -10.31
N ASP B 1137 -51.62 -33.97 -10.00
CA ASP B 1137 -50.82 -35.17 -10.25
C ASP B 1137 -50.97 -36.18 -9.13
N ALA B 1138 -50.80 -35.75 -7.89
CA ALA B 1138 -50.81 -36.65 -6.73
C ALA B 1138 -52.23 -36.87 -6.19
N LYS B 1139 -53.12 -37.31 -7.08
CA LYS B 1139 -54.51 -37.69 -6.77
C LYS B 1139 -55.31 -36.57 -6.11
N ILE B 1153 -54.76 -37.87 0.58
CA ILE B 1153 -54.53 -36.53 1.09
C ILE B 1153 -55.03 -36.46 2.52
N ASP B 1154 -54.42 -35.59 3.33
CA ASP B 1154 -54.65 -35.58 4.77
C ASP B 1154 -54.83 -34.16 5.29
N ASP B 1155 -55.43 -33.29 4.49
CA ASP B 1155 -56.09 -32.05 4.91
C ASP B 1155 -55.13 -30.97 5.45
N SER B 1156 -53.85 -31.29 5.59
CA SER B 1156 -52.88 -30.35 6.13
C SER B 1156 -51.59 -30.27 5.31
N GLN B 1157 -51.27 -31.27 4.51
CA GLN B 1157 -50.14 -31.15 3.60
C GLN B 1157 -50.49 -30.40 2.32
N ILE B 1158 -51.77 -30.05 2.13
CA ILE B 1158 -52.21 -29.28 0.97
C ILE B 1158 -52.08 -27.81 1.29
N TRP B 1159 -51.42 -27.06 0.41
CA TRP B 1159 -51.32 -25.62 0.54
C TRP B 1159 -51.40 -24.99 -0.84
N GLU B 1160 -51.35 -23.67 -0.90
CA GLU B 1160 -51.68 -22.94 -2.11
C GLU B 1160 -50.75 -21.74 -2.26
N ASP B 1161 -50.49 -21.35 -3.51
CA ASP B 1161 -49.76 -20.14 -3.81
C ASP B 1161 -50.69 -18.93 -3.73
N GLY B 1162 -50.20 -17.79 -4.22
CA GLY B 1162 -51.06 -16.64 -4.46
C GLY B 1162 -51.52 -16.65 -5.91
N GLN B 1163 -50.88 -17.49 -6.72
CA GLN B 1163 -51.33 -17.71 -8.09
C GLN B 1163 -52.72 -18.35 -8.14
N GLY B 1164 -53.01 -19.19 -7.16
CA GLY B 1164 -54.19 -20.03 -7.21
C GLY B 1164 -53.90 -21.48 -7.52
N ASN B 1165 -52.65 -21.80 -7.88
CA ASN B 1165 -52.23 -23.16 -8.10
C ASN B 1165 -52.06 -23.82 -6.75
N LYS B 1166 -53.07 -24.58 -6.33
CA LYS B 1166 -53.06 -25.28 -5.05
C LYS B 1166 -52.42 -26.64 -5.21
N PHE B 1167 -51.45 -26.96 -4.37
CA PHE B 1167 -50.81 -28.26 -4.48
C PHE B 1167 -50.19 -28.70 -3.17
N VAL B 1168 -50.15 -30.03 -2.99
CA VAL B 1168 -49.57 -30.66 -1.81
C VAL B 1168 -48.06 -30.47 -1.83
N GLY B 1169 -47.44 -30.48 -0.66
CA GLY B 1169 -46.01 -30.24 -0.63
C GLY B 1169 -45.35 -30.72 0.63
N GLY B 1170 -44.02 -30.70 0.59
CA GLY B 1170 -43.21 -31.09 1.72
C GLY B 1170 -43.11 -29.99 2.76
N ASN B 1171 -43.57 -30.30 3.97
CA ASN B 1171 -43.48 -29.38 5.11
C ASN B 1171 -42.28 -29.74 5.98
N GLU B 1172 -41.20 -30.17 5.34
CA GLU B 1172 -39.99 -30.62 6.01
C GLU B 1172 -38.96 -29.50 6.09
N THR B 1173 -39.33 -28.38 6.70
CA THR B 1173 -38.47 -27.20 6.68
C THR B 1173 -38.33 -26.61 8.07
N THR B 1174 -37.24 -25.86 8.25
CA THR B 1174 -36.89 -25.29 9.54
C THR B 1174 -35.90 -24.14 9.30
N THR B 1175 -35.68 -23.34 10.35
CA THR B 1175 -34.83 -22.16 10.25
C THR B 1175 -33.39 -22.52 10.54
N VAL B 1176 -32.47 -21.91 9.78
CA VAL B 1176 -31.04 -22.03 9.98
C VAL B 1176 -30.42 -20.63 9.91
N ALA B 1177 -29.59 -20.29 10.89
CA ALA B 1177 -28.93 -18.98 10.92
C ALA B 1177 -27.74 -19.00 9.97
N ILE B 1178 -27.88 -18.32 8.84
CA ILE B 1178 -26.84 -18.26 7.81
C ILE B 1178 -26.45 -16.80 7.60
N PRO B 1179 -25.35 -16.49 6.91
CA PRO B 1179 -25.21 -15.13 6.37
C PRO B 1179 -26.14 -14.94 5.19
N PHE B 1180 -26.52 -13.68 4.96
CA PHE B 1180 -27.43 -13.41 3.85
C PHE B 1180 -26.74 -13.54 2.50
N VAL B 1181 -25.41 -13.35 2.47
CA VAL B 1181 -24.68 -13.46 1.22
C VAL B 1181 -24.59 -14.92 0.77
N LEU B 1182 -24.81 -15.88 1.67
CA LEU B 1182 -24.98 -17.26 1.25
C LEU B 1182 -26.24 -17.44 0.42
N LYS B 1183 -27.30 -16.69 0.74
CA LYS B 1183 -28.51 -16.74 -0.06
C LYS B 1183 -28.29 -16.09 -1.42
N TYR B 1184 -27.45 -15.07 -1.48
CA TYR B 1184 -27.03 -14.49 -2.75
C TYR B 1184 -26.02 -15.36 -3.47
N LEU B 1185 -25.30 -16.21 -2.73
CA LEU B 1185 -24.36 -17.11 -3.39
C LEU B 1185 -25.08 -18.17 -4.20
N ASP B 1186 -26.16 -18.74 -3.65
CA ASP B 1186 -26.90 -19.77 -4.37
C ASP B 1186 -27.64 -19.19 -5.56
N SER B 1187 -28.04 -17.92 -5.49
CA SER B 1187 -28.79 -17.33 -6.58
C SER B 1187 -27.92 -17.09 -7.80
N GLU B 1188 -26.66 -16.75 -7.60
CA GLU B 1188 -25.73 -16.62 -8.71
C GLU B 1188 -24.99 -17.92 -9.00
N LEU B 1189 -25.30 -19.00 -8.29
CA LEU B 1189 -24.72 -20.29 -8.58
C LEU B 1189 -25.74 -21.27 -9.12
N SER B 1190 -27.03 -21.05 -8.88
CA SER B 1190 -28.05 -21.80 -9.59
C SER B 1190 -28.20 -21.30 -11.02
N ALA B 1191 -27.87 -20.02 -11.26
CA ALA B 1191 -27.87 -19.49 -12.62
C ALA B 1191 -26.77 -20.14 -13.46
N MET B 1192 -25.70 -20.58 -12.83
CA MET B 1192 -24.69 -21.39 -13.50
C MET B 1192 -25.14 -22.82 -13.73
N GLY B 1193 -26.24 -23.25 -13.12
CA GLY B 1193 -26.64 -24.63 -13.19
C GLY B 1193 -26.01 -25.51 -12.15
N ILE B 1194 -25.44 -24.92 -11.10
CA ILE B 1194 -24.84 -25.65 -9.99
C ILE B 1194 -25.85 -25.68 -8.86
N ARG B 1195 -25.91 -26.79 -8.12
CA ARG B 1195 -26.89 -26.97 -7.05
C ARG B 1195 -26.14 -27.25 -5.76
N LEU B 1196 -26.16 -26.28 -4.84
CA LEU B 1196 -25.66 -26.52 -3.50
C LEU B 1196 -26.74 -27.16 -2.64
N ARG B 1197 -26.33 -28.13 -1.84
CA ARG B 1197 -27.24 -28.93 -1.02
C ARG B 1197 -26.80 -28.85 0.42
N TYR B 1198 -27.69 -28.38 1.29
CA TYR B 1198 -27.37 -28.00 2.67
C TYR B 1198 -28.04 -28.97 3.61
N ASN B 1199 -27.40 -30.11 3.86
CA ASN B 1199 -27.99 -31.12 4.73
C ASN B 1199 -27.83 -30.70 6.20
N VAL B 1200 -28.95 -30.30 6.81
CA VAL B 1200 -28.92 -29.86 8.20
C VAL B 1200 -28.82 -31.09 9.11
N GLU B 1201 -28.40 -30.84 10.35
CA GLU B 1201 -28.11 -31.97 11.23
C GLU B 1201 -29.34 -32.61 11.90
N PRO B 1202 -30.28 -31.88 12.57
CA PRO B 1202 -31.38 -32.61 13.21
C PRO B 1202 -32.43 -33.06 12.20
N LYS B 1203 -32.48 -34.36 11.93
CA LYS B 1203 -33.42 -34.91 10.98
C LYS B 1203 -34.41 -35.86 11.67
N GLU C 30 11.13 24.62 62.65
CA GLU C 30 9.68 24.49 62.62
C GLU C 30 9.04 25.75 62.03
N TRP C 31 8.02 25.57 61.20
CA TRP C 31 7.36 26.68 60.52
C TRP C 31 6.10 27.08 61.28
N ASN C 32 5.83 28.38 61.29
CA ASN C 32 4.68 28.94 62.00
C ASN C 32 4.31 30.25 61.34
N VAL C 33 3.05 30.64 61.47
CA VAL C 33 2.61 31.92 60.91
C VAL C 33 3.10 33.10 61.73
N GLU C 34 3.51 32.88 62.99
CA GLU C 34 4.27 33.90 63.68
C GLU C 34 5.73 33.92 63.27
N LYS C 35 6.20 32.86 62.62
CA LYS C 35 7.56 32.81 62.10
C LYS C 35 7.62 33.27 60.64
N PHE C 36 6.56 33.03 59.87
CA PHE C 36 6.53 33.52 58.50
C PHE C 36 6.38 35.02 58.44
N LYS C 37 5.66 35.61 59.42
CA LYS C 37 5.49 37.06 59.48
C LYS C 37 6.80 37.77 59.79
N LYS C 38 7.74 37.09 60.45
CA LYS C 38 9.01 37.70 60.78
C LYS C 38 9.90 37.84 59.55
N ASP C 39 9.79 36.93 58.58
CA ASP C 39 10.74 36.86 57.48
C ASP C 39 10.16 37.24 56.13
N PHE C 40 8.84 37.34 56.00
CA PHE C 40 8.22 37.81 54.76
C PHE C 40 8.22 39.32 54.72
N GLU C 41 8.53 39.89 53.56
CA GLU C 41 8.29 41.30 53.32
C GLU C 41 8.05 41.53 51.83
N VAL C 42 7.63 42.75 51.51
CA VAL C 42 7.24 43.14 50.15
C VAL C 42 8.01 44.39 49.79
N ASN C 43 8.70 44.36 48.65
CA ASN C 43 9.46 45.49 48.16
C ASN C 43 8.89 45.89 46.81
N ILE C 44 8.37 47.10 46.71
CA ILE C 44 7.67 47.56 45.51
C ILE C 44 8.63 48.36 44.65
N SER C 45 8.82 47.94 43.41
CA SER C 45 9.69 48.66 42.48
C SER C 45 9.03 49.92 41.96
N SER C 46 7.83 49.81 41.38
CA SER C 46 7.19 50.95 40.75
C SER C 46 5.68 50.73 40.72
N LEU C 47 4.97 51.80 40.37
CA LEU C 47 3.54 51.73 40.08
C LEU C 47 3.27 52.40 38.74
N ASP C 48 2.04 52.22 38.28
CA ASP C 48 1.53 52.77 37.04
C ASP C 48 0.02 52.57 37.08
N ALA C 49 -0.68 53.17 36.11
CA ALA C 49 -2.10 52.89 35.96
C ALA C 49 -2.33 51.47 35.45
N ARG C 50 -1.35 50.90 34.74
CA ARG C 50 -1.46 49.57 34.19
C ARG C 50 -0.47 48.57 34.76
N GLU C 51 0.72 49.01 35.15
CA GLU C 51 1.78 48.10 35.55
C GLU C 51 2.07 48.23 37.05
N ALA C 52 2.36 47.10 37.69
CA ALA C 52 2.83 47.10 39.07
C ALA C 52 3.97 46.10 39.19
N ASN C 53 5.19 46.60 39.31
CA ASN C 53 6.33 45.77 39.66
C ASN C 53 6.55 45.84 41.17
N PHE C 54 6.74 44.68 41.78
CA PHE C 54 6.84 44.54 43.23
C PHE C 54 7.40 43.16 43.53
N ASP C 55 7.82 42.96 44.78
CA ASP C 55 8.52 41.75 45.15
C ASP C 55 7.85 41.08 46.33
N LEU C 56 8.07 39.78 46.45
CA LEU C 56 7.66 39.00 47.61
C LEU C 56 8.87 38.23 48.09
N ILE C 57 9.25 38.42 49.35
CA ILE C 57 10.53 37.95 49.87
C ILE C 57 10.25 36.80 50.84
N ASN C 58 10.99 35.70 50.68
CA ASN C 58 10.95 34.51 51.54
C ASN C 58 9.60 33.80 51.55
N ILE C 59 8.79 33.98 50.52
CA ILE C 59 7.60 33.16 50.33
C ILE C 59 7.97 31.97 49.46
N ASP C 60 7.18 30.89 49.55
CA ASP C 60 7.48 29.67 48.83
C ASP C 60 7.22 29.83 47.33
N THR C 61 7.88 28.96 46.54
CA THR C 61 7.55 28.82 45.13
C THR C 61 6.19 28.19 44.90
N SER C 62 5.61 27.54 45.92
CA SER C 62 4.29 26.97 45.78
C SER C 62 3.20 28.01 45.98
N ILE C 63 3.40 28.94 46.91
CA ILE C 63 2.39 29.96 47.15
C ILE C 63 2.46 31.04 46.09
N ALA C 64 3.66 31.47 45.73
CA ALA C 64 3.82 32.54 44.75
C ALA C 64 3.44 32.10 43.35
N ASN C 65 3.43 30.80 43.07
CA ASN C 65 2.82 30.31 41.85
C ASN C 65 1.31 30.50 41.89
N ALA C 66 0.70 30.27 43.06
CA ALA C 66 -0.75 30.38 43.18
C ALA C 66 -1.23 31.81 43.08
N PHE C 67 -0.36 32.80 43.29
CA PHE C 67 -0.74 34.18 43.00
C PHE C 67 -0.66 34.45 41.51
N ARG C 68 0.32 33.83 40.85
CA ARG C 68 0.47 33.96 39.41
C ARG C 68 -0.65 33.25 38.67
N ARG C 69 -1.21 32.19 39.25
CA ARG C 69 -2.25 31.40 38.60
C ARG C 69 -3.65 31.93 38.84
N ILE C 70 -3.87 32.65 39.94
CA ILE C 70 -5.18 33.21 40.22
C ILE C 70 -5.37 34.57 39.54
N MET C 71 -4.29 35.38 39.46
CA MET C 71 -4.37 36.66 38.77
C MET C 71 -4.66 36.49 37.28
N ILE C 72 -4.11 35.45 36.65
CA ILE C 72 -4.38 35.23 35.25
C ILE C 72 -5.77 34.64 35.05
N SER C 73 -6.11 33.62 35.82
CA SER C 73 -7.22 32.74 35.47
C SER C 73 -8.49 32.94 36.28
N GLU C 74 -8.44 33.50 37.49
CA GLU C 74 -9.61 33.46 38.35
C GLU C 74 -10.08 34.80 38.90
N VAL C 75 -9.34 35.88 38.72
CA VAL C 75 -9.87 37.20 39.12
C VAL C 75 -10.95 37.61 38.12
N PRO C 76 -12.15 37.95 38.57
CA PRO C 76 -13.26 38.18 37.64
C PRO C 76 -13.12 39.47 36.86
N SER C 77 -13.47 39.40 35.58
CA SER C 77 -13.46 40.54 34.68
C SER C 77 -14.77 40.55 33.89
N VAL C 78 -15.00 41.65 33.18
CA VAL C 78 -16.23 41.86 32.43
C VAL C 78 -15.87 42.04 30.96
N ALA C 79 -16.41 41.17 30.11
CA ALA C 79 -16.26 41.30 28.67
C ALA C 79 -17.51 40.74 28.01
N ALA C 80 -17.68 41.06 26.73
CA ALA C 80 -18.89 40.71 26.02
C ALA C 80 -18.96 39.21 25.73
N GLU C 81 -20.10 38.61 26.00
CA GLU C 81 -20.27 37.19 25.77
C GLU C 81 -21.44 36.86 24.85
N TYR C 82 -22.56 37.55 24.98
CA TYR C 82 -23.70 37.32 24.10
C TYR C 82 -23.90 38.56 23.23
N VAL C 83 -23.68 38.40 21.93
CA VAL C 83 -23.87 39.47 20.95
C VAL C 83 -25.09 39.11 20.12
N TYR C 84 -26.00 40.07 19.98
CA TYR C 84 -27.26 39.86 19.28
C TYR C 84 -27.23 40.70 18.01
N PHE C 85 -26.90 40.06 16.89
CA PHE C 85 -26.84 40.76 15.61
C PHE C 85 -28.25 40.99 15.05
N PHE C 86 -28.43 42.16 14.44
CA PHE C 86 -29.64 42.48 13.70
C PHE C 86 -29.39 42.64 12.20
N ASN C 87 -28.33 43.33 11.82
CA ASN C 87 -27.99 43.49 10.41
C ASN C 87 -26.49 43.64 10.30
N ASN C 88 -25.85 42.71 9.59
CA ASN C 88 -24.42 42.77 9.32
C ASN C 88 -24.21 42.46 7.85
N THR C 89 -23.90 43.49 7.08
CA THR C 89 -23.64 43.35 5.65
C THR C 89 -22.21 43.71 5.28
N SER C 90 -21.31 43.80 6.24
CA SER C 90 -19.91 44.05 5.95
C SER C 90 -19.22 42.76 5.54
N VAL C 91 -17.90 42.84 5.36
CA VAL C 91 -17.15 41.69 4.86
C VAL C 91 -16.84 40.70 5.97
N ILE C 92 -16.42 41.21 7.12
CA ILE C 92 -16.12 40.37 8.29
C ILE C 92 -17.39 39.69 8.78
N GLN C 93 -17.37 38.36 8.85
CA GLN C 93 -18.58 37.65 9.21
C GLN C 93 -18.83 37.73 10.70
N ASP C 94 -19.98 37.21 11.11
CA ASP C 94 -20.56 37.59 12.39
C ASP C 94 -19.87 36.88 13.54
N GLU C 95 -19.56 35.60 13.40
CA GLU C 95 -18.89 34.86 14.46
C GLU C 95 -17.47 35.34 14.69
N VAL C 96 -16.84 35.96 13.70
CA VAL C 96 -15.57 36.63 13.91
C VAL C 96 -15.79 37.99 14.56
N LEU C 97 -16.81 38.71 14.11
CA LEU C 97 -17.04 40.06 14.60
C LEU C 97 -17.63 40.05 16.01
N ALA C 98 -18.36 39.00 16.38
CA ALA C 98 -18.76 38.86 17.78
C ALA C 98 -17.57 38.48 18.65
N HIS C 99 -16.61 37.75 18.09
CA HIS C 99 -15.44 37.33 18.86
C HIS C 99 -14.50 38.50 19.12
N ARG C 100 -14.49 39.50 18.23
CA ARG C 100 -13.67 40.68 18.44
C ARG C 100 -14.30 41.64 19.43
N ILE C 101 -15.63 41.68 19.51
CA ILE C 101 -16.29 42.42 20.57
C ILE C 101 -16.17 41.68 21.89
N GLY C 102 -15.99 40.36 21.85
CA GLY C 102 -15.68 39.63 23.05
C GLY C 102 -14.32 39.97 23.63
N LEU C 103 -13.34 40.23 22.76
CA LEU C 103 -11.98 40.45 23.22
C LEU C 103 -11.66 41.90 23.56
N VAL C 104 -12.63 42.81 23.49
CA VAL C 104 -12.37 44.19 23.87
C VAL C 104 -12.37 44.23 25.39
N PRO C 105 -11.51 45.03 26.03
CA PRO C 105 -11.62 45.22 27.47
C PRO C 105 -12.58 46.34 27.82
N LEU C 106 -13.31 46.12 28.91
CA LEU C 106 -14.36 47.04 29.33
C LEU C 106 -13.95 47.71 30.63
N LYS C 107 -13.82 49.03 30.59
CA LYS C 107 -13.49 49.77 31.79
C LYS C 107 -14.72 49.84 32.69
N VAL C 108 -14.86 48.86 33.57
CA VAL C 108 -15.94 48.83 34.54
C VAL C 108 -15.43 48.08 35.76
N ASP C 109 -15.86 48.53 36.93
CA ASP C 109 -15.54 47.85 38.17
C ASP C 109 -16.26 46.52 38.20
N PRO C 110 -15.56 45.39 38.39
CA PRO C 110 -16.25 44.09 38.47
C PRO C 110 -17.05 43.89 39.75
N ASP C 111 -17.06 44.84 40.67
CA ASP C 111 -17.81 44.74 41.90
C ASP C 111 -19.18 45.41 41.82
N MET C 112 -19.49 46.09 40.72
CA MET C 112 -20.74 46.82 40.57
C MET C 112 -21.84 45.98 39.94
N LEU C 113 -21.59 44.70 39.66
CA LEU C 113 -22.61 43.83 39.10
C LEU C 113 -22.27 42.39 39.44
N THR C 114 -23.31 41.60 39.71
CA THR C 114 -23.15 40.25 40.25
C THR C 114 -23.11 39.22 39.13
N TRP C 115 -23.23 37.95 39.50
CA TRP C 115 -23.08 36.82 38.59
C TRP C 115 -24.42 36.39 38.00
N VAL C 116 -24.35 35.54 36.99
CA VAL C 116 -25.54 34.96 36.39
C VAL C 116 -25.72 33.55 36.93
N ASP C 117 -26.89 32.97 36.68
CA ASP C 117 -27.14 31.55 36.87
C ASP C 117 -27.56 30.99 35.53
N SER C 118 -26.70 30.17 34.92
CA SER C 118 -26.95 29.73 33.56
C SER C 118 -28.03 28.66 33.47
N ASN C 119 -28.48 28.10 34.59
CA ASN C 119 -29.62 27.20 34.58
C ASN C 119 -30.96 27.92 34.49
N LEU C 120 -30.98 29.25 34.68
CA LEU C 120 -32.16 30.06 34.50
C LEU C 120 -32.45 30.26 33.01
N PRO C 121 -33.73 30.40 32.63
CA PRO C 121 -34.05 30.68 31.23
C PRO C 121 -33.64 32.10 30.84
N ASP C 122 -33.66 32.34 29.53
CA ASP C 122 -33.10 33.58 28.98
C ASP C 122 -33.92 34.81 29.32
N ASP C 123 -35.18 34.64 29.74
CA ASP C 123 -35.99 35.79 30.11
C ASP C 123 -35.59 36.34 31.47
N GLU C 124 -35.36 35.46 32.44
CA GLU C 124 -35.09 35.86 33.81
C GLU C 124 -33.64 35.64 34.22
N LYS C 125 -32.71 35.70 33.27
CA LYS C 125 -31.30 35.55 33.60
C LYS C 125 -30.54 36.87 33.54
N PHE C 126 -30.75 37.65 32.48
CA PHE C 126 -30.00 38.90 32.28
C PHE C 126 -30.78 40.03 32.92
N THR C 127 -30.58 40.23 34.22
CA THR C 127 -31.23 41.33 34.92
C THR C 127 -30.38 42.60 34.77
N ASP C 128 -30.74 43.65 35.49
CA ASP C 128 -29.98 44.89 35.42
C ASP C 128 -28.80 44.93 36.38
N GLU C 129 -28.73 44.01 37.33
CA GLU C 129 -27.59 43.90 38.23
C GLU C 129 -26.62 42.82 37.77
N ASN C 130 -26.82 42.25 36.59
CA ASN C 130 -25.96 41.20 36.07
C ASN C 130 -25.46 41.46 34.66
N THR C 131 -25.98 42.48 33.98
CA THR C 131 -25.72 42.63 32.55
C THR C 131 -25.63 44.10 32.19
N ILE C 132 -24.52 44.49 31.58
CA ILE C 132 -24.37 45.80 30.97
C ILE C 132 -24.58 45.64 29.47
N VAL C 133 -25.49 46.42 28.91
CA VAL C 133 -25.89 46.27 27.51
C VAL C 133 -25.18 47.33 26.68
N LEU C 134 -24.36 46.89 25.73
CA LEU C 134 -23.68 47.76 24.81
C LEU C 134 -24.32 47.67 23.44
N SER C 135 -24.32 48.79 22.72
CA SER C 135 -25.01 48.89 21.44
C SER C 135 -24.08 49.42 20.37
N LEU C 136 -24.23 48.89 19.17
CA LEU C 136 -23.46 49.32 18.00
C LEU C 136 -24.42 49.52 16.84
N ASN C 137 -24.40 50.73 16.27
CA ASN C 137 -25.23 51.07 15.12
C ASN C 137 -24.41 52.01 14.25
N VAL C 138 -23.84 51.46 13.18
CA VAL C 138 -22.99 52.21 12.28
C VAL C 138 -23.46 51.95 10.85
N LYS C 139 -23.42 52.99 10.02
CA LYS C 139 -23.82 52.90 8.62
C LYS C 139 -22.77 53.60 7.79
N CYS C 140 -22.15 52.88 6.86
CA CYS C 140 -21.17 53.49 6.00
C CYS C 140 -21.85 54.05 4.77
N THR C 141 -21.40 55.22 4.33
CA THR C 141 -21.93 55.86 3.15
C THR C 141 -20.82 56.68 2.50
N ARG C 142 -20.93 56.85 1.19
CA ARG C 142 -19.89 57.55 0.44
C ARG C 142 -19.99 59.06 0.67
N ASN C 143 -18.89 59.67 1.07
CA ASN C 143 -18.84 61.10 1.29
C ASN C 143 -18.71 61.81 -0.04
N PRO C 144 -19.69 62.63 -0.45
CA PRO C 144 -19.59 63.30 -1.76
C PRO C 144 -18.62 64.47 -1.77
N ASP C 145 -18.24 64.99 -0.61
CA ASP C 145 -17.35 66.14 -0.52
C ASP C 145 -15.88 65.73 -0.43
N ALA C 146 -15.56 64.47 -0.73
CA ALA C 146 -14.18 64.02 -0.70
C ALA C 146 -13.41 64.62 -1.87
N PRO C 147 -12.14 64.97 -1.68
CA PRO C 147 -11.36 65.56 -2.78
C PRO C 147 -11.01 64.52 -3.83
N LYS C 148 -10.62 65.02 -4.99
CA LYS C 148 -10.31 64.15 -6.12
C LYS C 148 -8.97 63.46 -5.93
N GLY C 149 -8.88 62.24 -6.43
CA GLY C 149 -7.67 61.45 -6.29
C GLY C 149 -7.35 61.03 -4.88
N SER C 150 -8.34 60.96 -4.01
CA SER C 150 -8.10 60.65 -2.60
C SER C 150 -7.84 59.16 -2.43
N THR C 151 -6.86 58.85 -1.59
CA THR C 151 -6.51 57.48 -1.23
C THR C 151 -7.03 57.09 0.14
N ASP C 152 -7.04 58.06 1.06
CA ASP C 152 -7.44 57.86 2.45
C ASP C 152 -8.92 57.50 2.54
N PRO C 153 -9.27 56.31 3.02
CA PRO C 153 -10.69 55.96 3.15
C PRO C 153 -11.42 56.69 4.27
N LYS C 154 -10.69 57.39 5.14
CA LYS C 154 -11.35 58.23 6.13
C LYS C 154 -11.97 59.46 5.47
N GLU C 155 -11.25 60.08 4.54
CA GLU C 155 -11.83 61.19 3.80
C GLU C 155 -12.77 60.71 2.69
N LEU C 156 -12.50 59.55 2.11
CA LEU C 156 -13.27 59.09 0.96
C LEU C 156 -14.64 58.54 1.35
N TYR C 157 -14.83 58.12 2.60
CA TYR C 157 -16.08 57.52 3.02
C TYR C 157 -16.47 58.05 4.39
N ASN C 158 -17.76 57.95 4.70
CA ASN C 158 -18.27 58.30 6.02
C ASN C 158 -18.50 57.03 6.83
N ASN C 159 -18.02 57.03 8.08
CA ASN C 159 -18.12 55.90 9.01
C ASN C 159 -17.51 54.63 8.43
N ALA C 160 -16.27 54.74 7.96
CA ALA C 160 -15.62 53.60 7.34
C ALA C 160 -14.96 52.69 8.36
N HIS C 161 -14.32 53.25 9.38
CA HIS C 161 -13.63 52.47 10.39
C HIS C 161 -14.46 52.46 11.66
N VAL C 162 -14.69 51.26 12.19
CA VAL C 162 -15.54 51.07 13.36
C VAL C 162 -14.64 50.73 14.54
N TYR C 163 -14.52 51.66 15.48
CA TYR C 163 -13.61 51.49 16.60
C TYR C 163 -14.39 51.02 17.81
N ALA C 164 -13.71 50.96 18.96
CA ALA C 164 -14.38 50.60 20.21
C ALA C 164 -15.12 51.78 20.83
N ARG C 165 -14.93 52.99 20.31
CA ARG C 165 -15.70 54.13 20.78
C ARG C 165 -17.17 53.99 20.40
N ASP C 166 -17.45 53.24 19.34
CA ASP C 166 -18.78 53.14 18.79
C ASP C 166 -19.68 52.21 19.59
N LEU C 167 -19.16 51.48 20.56
CA LEU C 167 -19.98 50.74 21.51
C LEU C 167 -20.55 51.73 22.51
N LYS C 168 -21.82 52.07 22.37
CA LYS C 168 -22.46 53.05 23.23
C LYS C 168 -23.16 52.36 24.40
N PHE C 169 -22.85 52.82 25.61
CA PHE C 169 -23.45 52.24 26.80
C PHE C 169 -24.90 52.67 26.93
N GLU C 170 -25.80 51.69 27.05
CA GLU C 170 -27.21 51.95 27.28
C GLU C 170 -27.57 51.56 28.71
N PRO C 171 -27.73 52.52 29.61
CA PRO C 171 -28.16 52.18 30.98
C PRO C 171 -29.61 51.74 30.99
N GLN C 172 -29.87 50.60 31.61
CA GLN C 172 -31.18 49.96 31.57
C GLN C 172 -31.61 49.60 32.98
N GLY C 173 -32.67 50.23 33.44
CA GLY C 173 -33.23 49.91 34.75
C GLY C 173 -32.63 50.79 35.82
N ARG C 174 -32.26 50.19 36.94
CA ARG C 174 -31.74 50.93 38.08
C ARG C 174 -30.30 51.38 37.89
N GLN C 175 -29.62 50.92 36.84
CA GLN C 175 -28.21 51.20 36.66
C GLN C 175 -27.95 52.52 35.97
N SER C 176 -28.98 53.34 35.75
CA SER C 176 -28.79 54.70 35.25
C SER C 176 -28.38 55.67 36.35
N THR C 177 -28.34 55.23 37.60
CA THR C 177 -27.82 56.02 38.71
C THR C 177 -26.41 55.59 39.11
N THR C 178 -26.18 54.29 39.26
CA THR C 178 -24.89 53.78 39.70
C THR C 178 -23.85 53.77 38.60
N PHE C 179 -24.22 54.08 37.36
CA PHE C 179 -23.28 54.31 36.27
C PHE C 179 -23.32 55.75 35.77
N ALA C 180 -23.75 56.68 36.62
CA ALA C 180 -23.73 58.08 36.23
C ALA C 180 -22.32 58.65 36.28
N ASP C 181 -21.58 58.36 37.36
CA ASP C 181 -20.23 58.86 37.50
C ASP C 181 -19.24 58.08 36.64
N CYS C 182 -19.53 56.83 36.31
CA CYS C 182 -18.64 56.00 35.51
C CYS C 182 -19.43 55.23 34.46
N PRO C 183 -19.66 55.85 33.30
CA PRO C 183 -20.27 55.13 32.18
C PRO C 183 -19.30 54.14 31.59
N VAL C 184 -19.85 53.07 31.00
CA VAL C 184 -19.02 51.97 30.54
C VAL C 184 -18.41 52.34 29.20
N VAL C 185 -17.24 52.96 29.24
CA VAL C 185 -16.42 53.19 28.06
C VAL C 185 -15.52 51.97 28.01
N PRO C 186 -15.01 51.55 26.86
CA PRO C 186 -13.99 50.48 26.87
C PRO C 186 -12.67 50.99 27.42
N ALA C 187 -11.82 50.03 27.81
CA ALA C 187 -10.54 50.38 28.39
C ALA C 187 -9.58 50.97 27.37
N ASP C 188 -9.66 50.51 26.13
CA ASP C 188 -8.83 51.04 25.04
C ASP C 188 -9.77 51.44 23.91
N PRO C 189 -10.04 52.73 23.74
CA PRO C 189 -11.14 53.12 22.85
C PRO C 189 -10.82 53.07 21.36
N ASP C 190 -9.55 53.05 20.97
CA ASP C 190 -9.19 53.08 19.56
C ASP C 190 -9.03 51.70 18.93
N ILE C 191 -9.62 50.67 19.54
CA ILE C 191 -9.48 49.30 19.02
C ILE C 191 -10.33 49.16 17.77
N LEU C 192 -9.69 48.84 16.65
CA LEU C 192 -10.36 48.75 15.36
C LEU C 192 -11.14 47.44 15.29
N LEU C 193 -12.47 47.51 15.47
CA LEU C 193 -13.29 46.30 15.40
C LEU C 193 -13.43 45.83 13.96
N ALA C 194 -13.93 46.69 13.08
CA ALA C 194 -14.22 46.27 11.72
C ALA C 194 -14.13 47.48 10.79
N LYS C 195 -14.05 47.20 9.50
CA LYS C 195 -14.00 48.22 8.47
C LYS C 195 -15.20 48.05 7.55
N LEU C 196 -15.68 49.16 7.00
CA LEU C 196 -16.87 49.13 6.16
C LEU C 196 -16.63 49.88 4.85
N ARG C 197 -17.55 49.66 3.93
CA ARG C 197 -17.64 50.30 2.62
C ARG C 197 -19.09 50.70 2.43
N PRO C 198 -19.38 51.72 1.60
CA PRO C 198 -20.73 52.30 1.58
C PRO C 198 -21.80 51.34 1.08
N GLY C 199 -22.95 51.39 1.75
CA GLY C 199 -24.00 50.42 1.61
C GLY C 199 -24.01 49.39 2.72
N GLN C 200 -22.86 49.10 3.30
CA GLN C 200 -22.74 48.10 4.34
C GLN C 200 -23.03 48.72 5.69
N GLU C 201 -23.48 47.90 6.63
CA GLU C 201 -23.83 48.39 7.95
C GLU C 201 -23.73 47.26 8.96
N ILE C 202 -23.49 47.64 10.22
CA ILE C 202 -23.43 46.71 11.34
C ILE C 202 -24.36 47.24 12.43
N SER C 203 -25.31 46.41 12.84
CA SER C 203 -26.22 46.76 13.94
C SER C 203 -26.32 45.57 14.88
N LEU C 204 -26.04 45.79 16.16
CA LEU C 204 -26.03 44.71 17.12
C LEU C 204 -26.30 45.23 18.52
N LYS C 205 -26.57 44.30 19.42
CA LYS C 205 -26.66 44.54 20.86
C LYS C 205 -25.82 43.47 21.53
N ALA C 206 -25.01 43.86 22.51
CA ALA C 206 -24.07 42.95 23.15
C ALA C 206 -24.28 42.97 24.66
N HIS C 207 -24.36 41.78 25.25
CA HIS C 207 -24.48 41.62 26.69
C HIS C 207 -23.15 41.17 27.26
N CYS C 208 -22.72 41.81 28.34
CA CYS C 208 -21.44 41.47 28.98
C CYS C 208 -21.66 41.19 30.45
N ILE C 209 -21.14 40.06 30.92
CA ILE C 209 -21.29 39.60 32.28
C ILE C 209 -19.92 39.30 32.85
N LEU C 210 -19.88 38.79 34.08
CA LEU C 210 -18.63 38.40 34.68
C LEU C 210 -18.21 37.01 34.22
N GLY C 211 -17.01 36.62 34.64
CA GLY C 211 -16.46 35.33 34.33
C GLY C 211 -15.02 35.28 34.77
N ILE C 212 -14.44 34.10 34.67
CA ILE C 212 -13.05 33.90 35.06
C ILE C 212 -12.24 33.59 33.81
N GLY C 213 -10.93 33.85 33.90
CA GLY C 213 -10.04 33.65 32.77
C GLY C 213 -9.84 32.20 32.37
N GLY C 214 -10.18 31.27 33.26
CA GLY C 214 -10.18 29.86 32.92
C GLY C 214 -11.38 29.39 32.14
N ASP C 215 -12.32 30.28 31.86
CA ASP C 215 -13.44 29.99 30.97
C ASP C 215 -13.12 30.43 29.55
N HIS C 216 -12.81 31.72 29.38
CA HIS C 216 -12.30 32.25 28.12
C HIS C 216 -11.20 33.23 28.49
N ALA C 217 -10.36 33.56 27.52
CA ALA C 217 -9.25 34.47 27.80
C ALA C 217 -9.69 35.92 27.93
N LYS C 218 -10.89 36.25 27.46
CA LYS C 218 -11.38 37.62 27.54
C LYS C 218 -11.74 38.03 28.95
N PHE C 219 -11.96 37.07 29.85
CA PHE C 219 -12.23 37.36 31.25
C PHE C 219 -10.95 37.43 32.08
N SER C 220 -9.78 37.44 31.46
CA SER C 220 -8.53 37.58 32.19
C SER C 220 -8.18 39.06 32.31
N PRO C 221 -8.17 39.63 33.50
CA PRO C 221 -7.96 41.08 33.64
C PRO C 221 -6.51 41.51 33.55
N VAL C 222 -5.60 40.63 33.15
CA VAL C 222 -4.16 40.88 33.19
C VAL C 222 -3.62 40.65 31.79
N SER C 223 -2.74 41.55 31.33
CA SER C 223 -1.98 41.33 30.11
C SER C 223 -1.13 40.09 30.23
N THR C 224 -0.16 40.10 31.15
CA THR C 224 0.45 38.86 31.63
C THR C 224 0.95 39.10 33.05
N ALA C 225 0.66 38.13 33.92
CA ALA C 225 1.14 38.14 35.29
C ALA C 225 2.18 37.03 35.40
N SER C 226 3.40 37.40 35.72
CA SER C 226 4.48 36.43 35.73
C SER C 226 5.46 36.79 36.83
N TYR C 227 6.50 35.97 36.96
CA TYR C 227 7.60 36.30 37.85
C TYR C 227 8.89 35.73 37.31
N ARG C 228 9.98 36.29 37.79
CA ARG C 228 11.30 35.73 37.66
C ARG C 228 11.93 35.71 39.05
N LEU C 229 12.63 34.63 39.34
CA LEU C 229 13.37 34.58 40.59
C LEU C 229 14.60 35.47 40.47
N LEU C 230 15.00 36.06 41.58
CA LEU C 230 16.10 37.03 41.57
C LEU C 230 17.42 36.34 41.24
N PRO C 231 18.13 36.79 40.20
CA PRO C 231 19.38 36.13 39.84
C PRO C 231 20.47 36.40 40.87
N GLN C 232 21.14 35.33 41.28
CA GLN C 232 22.27 35.43 42.19
C GLN C 232 23.55 35.28 41.37
N ILE C 233 24.38 36.31 41.39
CA ILE C 233 25.64 36.32 40.65
C ILE C 233 26.76 36.21 41.68
N ASN C 234 27.32 35.01 41.81
CA ASN C 234 28.40 34.75 42.76
C ASN C 234 29.73 34.84 42.04
N ILE C 235 30.48 35.91 42.31
CA ILE C 235 31.83 36.06 41.79
C ILE C 235 32.77 35.41 42.80
N LEU C 236 33.36 34.28 42.43
CA LEU C 236 34.18 33.52 43.36
C LEU C 236 35.59 34.09 43.45
N GLN C 237 36.31 34.08 42.36
CA GLN C 237 37.66 34.63 42.32
C GLN C 237 37.62 36.07 41.83
N PRO C 238 38.54 36.92 42.30
CA PRO C 238 38.54 38.32 41.84
C PRO C 238 38.93 38.44 40.37
N ILE C 239 38.25 39.36 39.68
CA ILE C 239 38.36 39.52 38.24
C ILE C 239 38.99 40.90 38.03
N LYS C 240 39.96 41.21 38.89
CA LYS C 240 40.72 42.44 38.81
C LYS C 240 41.43 42.59 37.46
N GLY C 241 41.59 43.84 37.02
CA GLY C 241 42.33 44.15 35.83
C GLY C 241 41.43 44.49 34.65
N GLU C 242 42.02 44.39 33.46
CA GLU C 242 41.31 44.64 32.21
C GLU C 242 40.46 43.46 31.76
N SER C 243 40.33 42.43 32.59
CA SER C 243 39.32 41.41 32.41
C SER C 243 37.96 41.84 32.94
N ALA C 244 37.86 43.05 33.49
CA ALA C 244 36.60 43.57 34.00
C ALA C 244 35.89 44.51 33.05
N ARG C 245 36.63 45.17 32.14
CA ARG C 245 35.99 45.95 31.10
C ARG C 245 35.28 45.07 30.08
N ARG C 246 35.71 43.81 29.95
CA ARG C 246 35.04 42.83 29.11
C ARG C 246 34.07 41.95 29.88
N PHE C 247 34.25 41.83 31.20
CA PHE C 247 33.24 41.20 32.04
C PHE C 247 32.00 42.06 32.15
N GLN C 248 32.19 43.39 32.14
CA GLN C 248 31.08 44.31 32.22
C GLN C 248 30.26 44.29 30.93
N LYS C 249 30.91 44.04 29.79
CA LYS C 249 30.24 44.01 28.50
C LYS C 249 29.36 42.77 28.32
N CYS C 250 29.55 41.74 29.15
CA CYS C 250 28.80 40.49 29.06
C CYS C 250 27.66 40.44 30.06
N PHE C 251 27.11 41.60 30.41
CA PHE C 251 25.95 41.70 31.29
C PHE C 251 25.12 42.88 30.82
N PRO C 252 23.90 43.02 31.31
CA PRO C 252 23.21 44.30 31.17
C PRO C 252 23.96 45.40 31.90
N PRO C 253 23.85 46.65 31.45
CA PRO C 253 24.82 47.68 31.88
C PRO C 253 24.71 48.07 33.35
N GLY C 254 23.53 48.00 33.95
CA GLY C 254 23.42 48.35 35.35
C GLY C 254 23.71 47.24 36.32
N VAL C 255 24.28 46.12 35.87
CA VAL C 255 24.48 44.96 36.73
C VAL C 255 25.86 45.04 37.37
N ILE C 256 26.89 45.02 36.54
CA ILE C 256 28.27 44.92 37.00
C ILE C 256 28.91 46.30 36.92
N GLY C 257 29.28 46.85 38.08
CA GLY C 257 30.11 48.03 38.16
C GLY C 257 31.45 47.65 38.72
N ILE C 258 32.47 48.43 38.37
CA ILE C 258 33.84 48.20 38.85
C ILE C 258 34.09 49.09 40.05
N ASP C 259 34.85 48.58 41.02
CA ASP C 259 35.16 49.33 42.22
C ASP C 259 36.24 50.38 41.92
N GLU C 260 36.14 51.53 42.59
CA GLU C 260 37.00 52.65 42.27
C GLU C 260 38.37 52.53 42.94
N GLY C 261 38.41 52.11 44.20
CA GLY C 261 39.65 52.04 44.95
C GLY C 261 40.60 50.99 44.40
N SER C 262 40.20 49.73 44.50
CA SER C 262 40.85 48.65 43.79
C SER C 262 40.00 48.32 42.57
N ASP C 263 40.67 48.08 41.44
CA ASP C 263 39.95 47.70 40.22
C ASP C 263 39.40 46.30 40.44
N GLU C 264 38.09 46.20 40.70
CA GLU C 264 37.51 44.96 41.19
C GLU C 264 36.03 44.96 40.83
N ALA C 265 35.62 44.04 39.96
CA ALA C 265 34.23 43.96 39.55
C ALA C 265 33.36 43.42 40.68
N TYR C 266 32.15 43.98 40.79
CA TYR C 266 31.18 43.55 41.78
C TYR C 266 29.80 43.61 41.16
N VAL C 267 28.78 43.31 41.95
CA VAL C 267 27.39 43.42 41.52
C VAL C 267 26.79 44.70 42.11
N LYS C 268 26.23 45.53 41.23
CA LYS C 268 25.50 46.70 41.69
C LYS C 268 24.07 46.34 42.05
N ASP C 269 23.31 45.88 41.06
CA ASP C 269 21.92 45.52 41.23
C ASP C 269 21.70 44.20 40.51
N ALA C 270 21.38 43.15 41.27
CA ALA C 270 21.13 41.84 40.68
C ALA C 270 19.72 41.69 40.15
N ARG C 271 18.96 42.78 40.04
CA ARG C 271 17.61 42.74 39.51
C ARG C 271 17.54 42.99 38.01
N LYS C 272 18.54 43.66 37.45
CA LYS C 272 18.42 44.19 36.09
C LYS C 272 18.76 43.17 35.02
N ASP C 273 19.31 42.03 35.38
CA ASP C 273 19.88 41.11 34.41
C ASP C 273 18.85 40.11 33.91
N THR C 274 18.56 40.18 32.61
CA THR C 274 18.08 39.00 31.91
C THR C 274 19.20 37.97 31.88
N VAL C 275 18.86 36.72 32.18
CA VAL C 275 19.90 35.74 32.46
C VAL C 275 20.43 35.22 31.14
N SER C 276 21.44 35.90 30.61
CA SER C 276 21.97 35.56 29.29
C SER C 276 22.96 34.42 29.34
N ARG C 277 23.66 34.26 30.48
CA ARG C 277 24.77 33.30 30.65
C ARG C 277 25.83 33.49 29.57
N GLU C 278 26.11 34.75 29.25
CA GLU C 278 27.09 35.06 28.22
C GLU C 278 28.52 34.85 28.73
N VAL C 279 28.73 35.01 30.03
CA VAL C 279 30.05 34.71 30.60
C VAL C 279 30.32 33.23 30.67
N LEU C 280 29.29 32.39 30.56
CA LEU C 280 29.49 30.96 30.43
C LEU C 280 30.04 30.56 29.07
N ARG C 281 29.98 31.46 28.08
CA ARG C 281 30.49 31.16 26.76
C ARG C 281 31.98 31.46 26.61
N TYR C 282 32.56 32.21 27.53
CA TYR C 282 33.97 32.59 27.44
C TYR C 282 34.79 31.79 28.43
N GLU C 283 35.94 31.30 27.97
CA GLU C 283 36.84 30.50 28.80
C GLU C 283 37.56 31.33 29.85
N GLU C 284 37.57 32.66 29.71
CA GLU C 284 38.23 33.51 30.69
C GLU C 284 37.42 33.59 31.97
N PHE C 285 36.11 33.37 31.91
CA PHE C 285 35.22 33.60 33.04
C PHE C 285 34.53 32.34 33.53
N ALA C 286 34.85 31.17 32.97
CA ALA C 286 34.17 29.94 33.36
C ALA C 286 34.60 29.41 34.72
N ASP C 287 35.65 29.96 35.31
CA ASP C 287 36.12 29.54 36.62
C ASP C 287 35.75 30.53 37.72
N LYS C 288 35.74 31.82 37.41
CA LYS C 288 35.68 32.85 38.44
C LYS C 288 34.27 33.21 38.87
N VAL C 289 33.24 32.80 38.12
CA VAL C 289 31.88 33.21 38.41
C VAL C 289 30.93 32.05 38.12
N LYS C 290 29.86 31.97 38.89
CA LYS C 290 28.74 31.09 38.62
C LYS C 290 27.47 31.91 38.61
N LEU C 291 26.44 31.39 37.96
CA LEU C 291 25.18 32.10 37.81
C LEU C 291 24.09 31.30 38.49
N GLY C 292 23.93 31.52 39.79
CA GLY C 292 22.88 30.88 40.57
C GLY C 292 21.57 31.61 40.45
N ARG C 293 20.74 31.46 41.48
CA ARG C 293 19.39 32.01 41.50
C ARG C 293 18.87 31.99 42.93
N VAL C 294 18.31 33.10 43.41
CA VAL C 294 17.79 33.15 44.77
C VAL C 294 16.40 32.50 44.78
N ARG C 295 16.24 31.46 45.59
CA ARG C 295 15.08 30.59 45.47
C ARG C 295 13.81 31.15 46.08
N ASN C 296 13.87 32.28 46.78
CA ASN C 296 12.72 32.79 47.51
C ASN C 296 12.52 34.29 47.33
N HIS C 297 12.86 34.82 46.17
CA HIS C 297 12.84 36.26 45.92
C HIS C 297 12.14 36.45 44.57
N PHE C 298 10.83 36.63 44.60
CA PHE C 298 10.04 36.70 43.38
C PHE C 298 9.85 38.15 42.97
N ILE C 299 9.86 38.38 41.66
CA ILE C 299 9.68 39.72 41.13
C ILE C 299 8.46 39.67 40.22
N PHE C 300 7.32 40.12 40.74
CA PHE C 300 6.08 40.07 39.96
C PHE C 300 6.01 41.26 39.02
N ASN C 301 5.53 41.03 37.80
CA ASN C 301 5.26 42.09 36.85
C ASN C 301 3.81 41.92 36.40
N VAL C 302 2.91 42.68 37.00
CA VAL C 302 1.47 42.54 36.78
C VAL C 302 1.02 43.72 35.93
N GLU C 303 0.73 43.44 34.66
CA GLU C 303 0.26 44.45 33.73
C GLU C 303 -1.26 44.37 33.63
N SER C 304 -1.94 45.46 33.97
CA SER C 304 -3.39 45.47 33.93
C SER C 304 -3.89 45.53 32.48
N ALA C 305 -5.11 45.05 32.29
CA ALA C 305 -5.76 45.09 30.98
C ALA C 305 -6.56 46.35 30.77
N GLY C 306 -6.71 47.18 31.80
CA GLY C 306 -7.43 48.43 31.71
C GLY C 306 -8.65 48.52 32.61
N ALA C 307 -9.20 47.37 33.03
CA ALA C 307 -10.42 47.39 33.83
C ALA C 307 -10.14 47.78 35.27
N MET C 308 -9.06 47.27 35.85
CA MET C 308 -8.71 47.51 37.23
C MET C 308 -7.27 47.96 37.33
N THR C 309 -6.90 48.51 38.48
CA THR C 309 -5.50 48.76 38.75
C THR C 309 -4.82 47.44 39.10
N PRO C 310 -3.54 47.28 38.76
CA PRO C 310 -2.82 46.06 39.17
C PRO C 310 -2.55 45.99 40.65
N GLU C 311 -2.62 47.13 41.35
CA GLU C 311 -2.74 47.14 42.80
C GLU C 311 -3.93 46.33 43.27
N GLU C 312 -5.06 46.46 42.58
CA GLU C 312 -6.29 45.80 42.99
C GLU C 312 -6.34 44.35 42.51
N ILE C 313 -5.70 44.05 41.38
CA ILE C 313 -5.75 42.69 40.83
C ILE C 313 -4.94 41.73 41.71
N PHE C 314 -3.76 42.14 42.14
CA PHE C 314 -3.00 41.32 43.08
C PHE C 314 -3.68 41.25 44.43
N PHE C 315 -4.37 42.31 44.83
CA PHE C 315 -5.10 42.30 46.09
C PHE C 315 -6.29 41.35 46.05
N LYS C 316 -6.86 41.13 44.87
CA LYS C 316 -7.95 40.16 44.77
C LYS C 316 -7.44 38.73 44.77
N SER C 317 -6.20 38.52 44.30
CA SER C 317 -5.65 37.17 44.24
C SER C 317 -5.41 36.59 45.62
N VAL C 318 -4.92 37.41 46.55
CA VAL C 318 -4.77 36.94 47.92
C VAL C 318 -6.12 36.87 48.63
N ARG C 319 -7.14 37.55 48.10
CA ARG C 319 -8.47 37.45 48.68
C ARG C 319 -9.23 36.24 48.12
N ILE C 320 -8.99 35.89 46.85
CA ILE C 320 -9.58 34.68 46.29
C ILE C 320 -9.00 33.45 46.96
N LEU C 321 -7.68 33.40 47.13
CA LEU C 321 -7.02 32.23 47.70
C LEU C 321 -7.37 32.05 49.18
N LYS C 322 -7.64 33.14 49.89
CA LYS C 322 -8.14 32.99 51.25
C LYS C 322 -9.59 32.50 51.24
N ASN C 323 -10.41 33.05 50.35
CA ASN C 323 -11.80 32.61 50.25
C ASN C 323 -11.90 31.19 49.68
N LYS C 324 -10.95 30.80 48.83
CA LYS C 324 -10.92 29.45 48.32
C LYS C 324 -10.56 28.45 49.41
N ALA C 325 -9.64 28.81 50.30
CA ALA C 325 -9.33 27.96 51.43
C ALA C 325 -10.44 27.99 52.47
N GLU C 326 -11.16 29.10 52.57
CA GLU C 326 -12.22 29.20 53.56
C GLU C 326 -13.44 28.39 53.15
N TYR C 327 -13.64 28.18 51.85
CA TYR C 327 -14.80 27.45 51.39
C TYR C 327 -14.65 25.95 51.66
N LEU C 328 -13.44 25.41 51.49
CA LEU C 328 -13.22 24.01 51.85
C LEU C 328 -13.23 23.80 53.35
N LYS C 329 -12.88 24.83 54.12
CA LYS C 329 -12.80 24.69 55.55
C LYS C 329 -14.19 24.59 56.18
N ASN C 330 -15.20 25.21 55.55
CA ASN C 330 -16.54 25.21 56.11
C ASN C 330 -17.47 24.19 55.49
N CYS C 331 -17.18 23.69 54.30
CA CYS C 331 -18.04 22.68 53.69
C CYS C 331 -17.82 21.33 54.36
N PRO C 332 -18.87 20.57 54.65
CA PRO C 332 -18.68 19.26 55.26
C PRO C 332 -18.09 18.28 54.25
N ILE C 333 -17.34 17.32 54.79
CA ILE C 333 -16.50 16.48 53.95
C ILE C 333 -17.31 15.31 53.40
N THR D 12 -45.84 -15.80 17.76
CA THR D 12 -46.19 -17.21 17.98
C THR D 12 -45.42 -18.11 17.03
N ALA D 13 -45.44 -19.41 17.35
CA ALA D 13 -44.82 -20.49 16.55
C ALA D 13 -43.32 -20.25 16.35
N THR D 14 -42.62 -20.14 17.47
CA THR D 14 -41.17 -20.01 17.47
C THR D 14 -40.55 -21.30 18.00
N THR D 15 -39.22 -21.29 18.17
CA THR D 15 -38.52 -22.44 18.72
C THR D 15 -38.60 -22.54 20.23
N LEU D 16 -39.16 -21.53 20.89
CA LEU D 16 -39.42 -21.59 22.32
C LEU D 16 -40.84 -22.02 22.65
N ASN D 17 -41.67 -22.21 21.63
CA ASN D 17 -43.02 -22.75 21.81
C ASN D 17 -43.15 -24.14 21.23
N THR D 18 -42.42 -24.44 20.17
CA THR D 18 -42.58 -25.66 19.42
C THR D 18 -41.31 -26.50 19.50
N PRO D 19 -41.42 -27.82 19.35
CA PRO D 19 -40.23 -28.62 19.10
C PRO D 19 -39.64 -28.29 17.73
N VAL D 20 -38.32 -28.43 17.64
CA VAL D 20 -37.64 -28.18 16.37
C VAL D 20 -37.94 -29.31 15.40
N VAL D 21 -37.61 -30.53 15.78
CA VAL D 21 -37.85 -31.72 14.98
C VAL D 21 -38.72 -32.65 15.82
N ILE D 22 -39.68 -33.30 15.18
CA ILE D 22 -40.61 -34.20 15.86
C ILE D 22 -40.86 -35.41 14.96
N HIS D 23 -40.75 -36.60 15.54
CA HIS D 23 -40.95 -37.85 14.79
C HIS D 23 -41.68 -38.84 15.68
N ALA D 24 -41.68 -40.10 15.27
CA ALA D 24 -42.39 -41.17 15.95
C ALA D 24 -41.42 -42.28 16.31
N THR D 25 -41.44 -42.70 17.57
CA THR D 25 -40.57 -43.78 18.02
C THR D 25 -41.05 -45.13 17.49
N GLN D 26 -42.35 -45.38 17.56
CA GLN D 26 -42.92 -46.68 17.26
C GLN D 26 -44.32 -46.45 16.70
N LEU D 27 -44.87 -47.47 16.05
CA LEU D 27 -46.18 -47.37 15.45
C LEU D 27 -47.26 -47.22 16.54
N PRO D 28 -48.30 -46.44 16.27
CA PRO D 28 -49.34 -46.26 17.29
C PRO D 28 -50.21 -47.49 17.45
N GLN D 29 -50.49 -47.84 18.70
CA GLN D 29 -51.35 -48.98 19.01
C GLN D 29 -52.50 -48.50 19.90
N HIS D 30 -53.66 -49.11 19.70
CA HIS D 30 -54.89 -48.60 20.30
C HIS D 30 -54.96 -48.92 21.78
N VAL D 31 -55.73 -48.10 22.49
CA VAL D 31 -55.97 -48.26 23.92
C VAL D 31 -57.47 -48.36 24.14
N SER D 32 -57.85 -48.77 25.35
CA SER D 32 -59.23 -48.90 25.75
C SER D 32 -59.61 -47.78 26.70
N THR D 33 -60.82 -47.87 27.25
CA THR D 33 -61.33 -46.84 28.17
C THR D 33 -60.55 -46.87 29.49
N ASP D 34 -60.01 -48.03 29.87
CA ASP D 34 -59.23 -48.14 31.09
C ASP D 34 -57.92 -47.36 31.00
N GLU D 35 -57.22 -47.45 29.86
CA GLU D 35 -55.99 -46.69 29.70
C GLU D 35 -56.25 -45.20 29.55
N VAL D 36 -57.44 -44.82 29.11
CA VAL D 36 -57.79 -43.40 29.05
C VAL D 36 -58.12 -42.88 30.45
N LEU D 37 -58.88 -43.64 31.23
CA LEU D 37 -59.27 -43.16 32.55
C LEU D 37 -58.18 -43.31 33.59
N GLN D 38 -57.24 -44.24 33.41
CA GLN D 38 -56.07 -44.28 34.28
C GLN D 38 -55.11 -43.14 33.95
N PHE D 39 -55.14 -42.67 32.71
CA PHE D 39 -54.39 -41.47 32.36
C PHE D 39 -54.97 -40.24 33.02
N LEU D 40 -56.30 -40.09 32.97
CA LEU D 40 -56.95 -38.88 33.45
C LEU D 40 -57.03 -38.82 34.97
N GLU D 41 -56.81 -39.91 35.68
CA GLU D 41 -56.63 -39.86 37.11
C GLU D 41 -55.19 -39.61 37.51
N SER D 42 -54.29 -39.51 36.53
CA SER D 42 -52.89 -39.21 36.75
C SER D 42 -52.45 -37.94 36.06
N PHE D 43 -52.96 -37.64 34.86
CA PHE D 43 -52.55 -36.43 34.17
C PHE D 43 -53.20 -35.20 34.78
N ILE D 44 -54.40 -35.34 35.34
CA ILE D 44 -54.99 -34.27 36.13
C ILE D 44 -54.33 -34.20 37.50
N ASP D 45 -53.93 -35.37 38.03
CA ASP D 45 -53.23 -35.42 39.31
C ASP D 45 -51.87 -34.74 39.23
N GLU D 46 -51.11 -35.03 38.19
CA GLU D 46 -49.77 -34.48 38.03
C GLU D 46 -49.74 -33.12 37.37
N LYS D 47 -50.86 -32.40 37.32
CA LYS D 47 -50.89 -31.08 36.73
C LYS D 47 -51.15 -30.00 37.77
N GLU D 48 -52.25 -30.11 38.51
CA GLU D 48 -52.50 -29.14 39.59
C GLU D 48 -51.69 -29.48 40.83
N ASN D 49 -51.57 -30.76 41.16
CA ASN D 49 -50.87 -31.19 42.35
C ASN D 49 -49.44 -31.63 42.02
N THR D 80 -48.48 -22.22 33.30
CA THR D 80 -49.60 -22.94 33.87
C THR D 80 -50.92 -22.36 33.41
N ASN D 81 -50.90 -21.71 32.24
CA ASN D 81 -52.11 -21.13 31.66
C ASN D 81 -52.77 -22.09 30.67
N LEU D 82 -52.59 -23.39 30.85
CA LEU D 82 -53.22 -24.42 30.05
C LEU D 82 -54.57 -24.86 30.62
N SER D 83 -55.16 -24.05 31.51
CA SER D 83 -56.40 -24.42 32.18
C SER D 83 -57.58 -24.46 31.21
N SER D 84 -57.50 -23.74 30.09
CA SER D 84 -58.51 -23.89 29.03
C SER D 84 -58.42 -25.24 28.35
N SER D 85 -57.25 -25.89 28.38
CA SER D 85 -57.16 -27.28 27.96
C SER D 85 -57.53 -28.23 29.08
N ILE D 86 -57.30 -27.83 30.34
CA ILE D 86 -57.61 -28.69 31.48
C ILE D 86 -59.12 -28.82 31.67
N SER D 87 -59.85 -27.73 31.49
CA SER D 87 -61.32 -27.78 31.59
C SER D 87 -61.92 -28.63 30.47
N GLN D 88 -61.27 -28.66 29.31
CA GLN D 88 -61.68 -29.57 28.24
C GLN D 88 -61.23 -31.00 28.46
N LEU D 89 -60.32 -31.24 29.42
CA LEU D 89 -59.99 -32.60 29.81
C LEU D 89 -61.04 -33.20 30.73
N LYS D 90 -61.55 -32.39 31.67
CA LYS D 90 -62.59 -32.86 32.58
C LYS D 90 -63.94 -33.03 31.90
N ARG D 91 -64.11 -32.52 30.69
CA ARG D 91 -65.27 -32.86 29.87
C ARG D 91 -65.08 -34.16 29.11
N ILE D 92 -63.93 -34.82 29.28
CA ILE D 92 -63.70 -36.15 28.72
C ILE D 92 -63.52 -37.11 29.89
N GLN D 93 -63.02 -36.59 31.01
CA GLN D 93 -62.93 -37.40 32.23
C GLN D 93 -64.30 -37.67 32.80
N ARG D 94 -65.19 -36.67 32.78
CA ARG D 94 -66.58 -36.85 33.17
C ARG D 94 -67.46 -37.24 31.99
N ASP D 95 -66.86 -37.62 30.85
CA ASP D 95 -67.63 -38.23 29.79
C ASP D 95 -67.79 -39.72 30.05
N PHE D 96 -66.70 -40.41 30.34
CA PHE D 96 -66.74 -41.85 30.57
C PHE D 96 -67.21 -42.18 31.98
N LYS D 97 -67.31 -41.21 32.87
CA LYS D 97 -67.83 -41.40 34.22
C LYS D 97 -69.19 -40.77 34.45
N GLY D 98 -69.39 -39.53 34.03
CA GLY D 98 -70.64 -38.84 34.30
C GLY D 98 -71.46 -38.50 33.06
N LEU D 99 -71.90 -37.25 32.98
CA LEU D 99 -72.80 -36.78 31.94
C LEU D 99 -72.78 -35.25 31.94
N PRO D 100 -72.82 -34.58 30.78
CA PRO D 100 -72.87 -33.12 30.76
C PRO D 100 -74.20 -32.56 31.25
N ASP E 2 47.54 -49.21 -16.18
CA ASP E 2 46.23 -48.75 -15.74
C ASP E 2 46.28 -47.28 -15.32
N GLN E 3 45.36 -46.48 -15.86
CA GLN E 3 45.30 -45.06 -15.54
C GLN E 3 43.91 -44.68 -15.05
N GLU E 4 42.88 -45.36 -15.53
CA GLU E 4 41.52 -45.18 -15.05
C GLU E 4 40.88 -46.49 -14.64
N ASN E 5 41.59 -47.62 -14.79
CA ASN E 5 41.11 -48.88 -14.25
C ASN E 5 41.13 -48.86 -12.73
N GLU E 6 42.19 -48.32 -12.13
CA GLU E 6 42.29 -48.24 -10.68
C GLU E 6 41.28 -47.24 -10.10
N ARG E 7 40.81 -46.30 -10.90
CA ARG E 7 39.71 -45.44 -10.45
C ARG E 7 38.38 -46.19 -10.50
N ASN E 8 38.17 -47.00 -11.54
CA ASN E 8 36.93 -47.74 -11.65
C ASN E 8 36.86 -48.90 -10.66
N ILE E 9 38.00 -49.43 -10.25
CA ILE E 9 38.02 -50.36 -9.13
C ILE E 9 37.61 -49.65 -7.84
N SER E 10 38.10 -48.42 -7.65
CA SER E 10 37.73 -47.66 -6.46
C SER E 10 36.28 -47.22 -6.50
N ARG E 11 35.75 -46.91 -7.69
CA ARG E 11 34.34 -46.54 -7.78
C ARG E 11 33.44 -47.75 -7.59
N LEU E 12 33.91 -48.94 -7.98
CA LEU E 12 33.15 -50.15 -7.70
C LEU E 12 33.29 -50.54 -6.23
N TRP E 13 34.42 -50.18 -5.60
CA TRP E 13 34.60 -50.49 -4.19
C TRP E 13 33.69 -49.66 -3.30
N ARG E 14 33.53 -48.38 -3.63
CA ARG E 14 32.61 -47.53 -2.87
C ARG E 14 31.17 -47.95 -3.11
N ALA E 15 30.84 -48.34 -4.33
CA ALA E 15 29.50 -48.82 -4.67
C ALA E 15 29.28 -50.26 -4.27
N PHE E 16 30.24 -50.90 -3.63
CA PHE E 16 30.04 -52.18 -2.97
C PHE E 16 29.92 -52.03 -1.45
N ARG E 17 30.62 -51.05 -0.89
CA ARG E 17 30.57 -50.81 0.55
C ARG E 17 29.23 -50.26 0.98
N THR E 18 28.61 -49.42 0.15
CA THR E 18 27.30 -48.88 0.49
C THR E 18 26.21 -49.93 0.38
N VAL E 19 26.42 -50.96 -0.46
CA VAL E 19 25.49 -52.07 -0.51
C VAL E 19 25.59 -52.91 0.75
N LYS E 20 26.81 -53.07 1.27
CA LYS E 20 27.00 -53.68 2.59
C LYS E 20 26.32 -52.86 3.66
N GLU E 21 26.34 -51.53 3.52
CA GLU E 21 25.69 -50.66 4.49
C GLU E 21 24.19 -50.65 4.32
N MET E 22 23.70 -50.80 3.09
CA MET E 22 22.26 -50.74 2.85
C MET E 22 21.56 -52.00 3.35
N VAL E 23 22.17 -53.16 3.12
CA VAL E 23 21.56 -54.43 3.52
C VAL E 23 21.59 -54.59 5.04
N LYS E 24 22.63 -54.06 5.69
CA LYS E 24 22.68 -54.08 7.15
C LYS E 24 21.62 -53.15 7.74
N ASP E 25 21.36 -52.01 7.08
CA ASP E 25 20.33 -51.09 7.57
C ASP E 25 18.93 -51.64 7.39
N ARG E 26 18.72 -52.47 6.37
CA ARG E 26 17.43 -53.11 6.16
C ARG E 26 17.12 -54.13 7.25
N GLY E 27 18.13 -54.70 7.89
CA GLY E 27 17.91 -55.59 9.02
C GLY E 27 18.57 -56.94 8.85
N TYR E 28 19.30 -57.13 7.76
CA TYR E 28 19.91 -58.41 7.45
C TYR E 28 21.28 -58.52 8.11
N PHE E 29 21.93 -59.66 7.92
CA PHE E 29 23.17 -59.99 8.63
C PHE E 29 24.36 -59.69 7.73
N ILE E 30 24.82 -58.45 7.78
CA ILE E 30 26.10 -58.05 7.20
C ILE E 30 27.00 -57.62 8.36
N THR E 31 28.13 -58.29 8.50
CA THR E 31 28.99 -58.05 9.65
C THR E 31 29.78 -56.74 9.46
N GLN E 32 30.49 -56.36 10.52
CA GLN E 32 31.25 -55.13 10.50
C GLN E 32 32.47 -55.22 9.60
N GLU E 33 33.03 -56.43 9.46
CA GLU E 33 34.24 -56.60 8.66
C GLU E 33 33.94 -56.56 7.17
N GLU E 34 32.80 -57.10 6.75
CA GLU E 34 32.44 -57.06 5.33
C GLU E 34 32.03 -55.66 4.90
N VAL E 35 31.55 -54.84 5.82
CA VAL E 35 31.35 -53.42 5.52
C VAL E 35 32.70 -52.73 5.37
N GLU E 36 33.59 -52.95 6.32
CA GLU E 36 34.90 -52.30 6.33
C GLU E 36 35.94 -53.11 5.55
N LEU E 37 35.62 -53.46 4.31
CA LEU E 37 36.57 -54.16 3.47
C LEU E 37 37.49 -53.14 2.80
N PRO E 38 38.81 -53.22 3.00
CA PRO E 38 39.71 -52.20 2.47
C PRO E 38 39.81 -52.26 0.95
N LEU E 39 40.41 -51.20 0.38
CA LEU E 39 40.50 -51.06 -1.06
C LEU E 39 41.47 -52.06 -1.67
N GLU E 40 42.66 -52.18 -1.09
CA GLU E 40 43.63 -53.14 -1.61
C GLU E 40 43.23 -54.57 -1.30
N ASP E 41 42.46 -54.78 -0.23
CA ASP E 41 41.91 -56.11 0.04
C ASP E 41 40.80 -56.44 -0.95
N PHE E 42 40.08 -55.42 -1.42
CA PHE E 42 39.06 -55.63 -2.45
C PHE E 42 39.68 -56.04 -3.77
N LYS E 43 40.90 -55.56 -4.05
CA LYS E 43 41.62 -55.96 -5.26
C LYS E 43 42.17 -57.37 -5.20
N ALA E 44 42.11 -58.03 -4.04
CA ALA E 44 42.55 -59.41 -3.91
C ALA E 44 41.40 -60.39 -4.10
N LYS E 45 40.27 -60.13 -3.46
CA LYS E 45 39.17 -61.10 -3.45
C LYS E 45 38.35 -61.02 -4.73
N TYR E 46 37.75 -59.87 -5.00
CA TYR E 46 36.87 -59.72 -6.15
C TYR E 46 37.60 -59.21 -7.39
N CYS E 47 38.93 -59.20 -7.35
CA CYS E 47 39.74 -58.90 -8.52
C CYS E 47 40.85 -59.92 -8.60
N ASP E 48 41.03 -60.52 -9.78
CA ASP E 48 42.03 -61.55 -9.98
C ASP E 48 43.42 -60.96 -10.20
N SER E 49 44.37 -61.79 -10.66
CA SER E 49 45.72 -61.32 -10.94
C SER E 49 45.82 -60.47 -12.19
N MET E 50 44.77 -60.44 -13.02
CA MET E 50 44.79 -59.63 -14.24
C MET E 50 44.66 -58.14 -13.96
N GLY E 51 44.24 -57.75 -12.77
CA GLY E 51 43.91 -56.36 -12.52
C GLY E 51 42.56 -55.97 -13.09
N ARG E 52 41.65 -56.92 -13.22
CA ARG E 52 40.31 -56.68 -13.75
C ARG E 52 39.29 -57.09 -12.69
N PRO E 53 38.44 -56.19 -12.21
CA PRO E 53 37.45 -56.56 -11.19
C PRO E 53 36.30 -57.35 -11.81
N GLN E 54 36.19 -58.62 -11.42
CA GLN E 54 35.07 -59.44 -11.84
C GLN E 54 33.91 -59.24 -10.87
N ARG E 55 32.70 -59.25 -11.42
CA ARG E 55 31.52 -58.89 -10.63
C ARG E 55 30.62 -60.07 -10.35
N LYS E 56 30.82 -61.21 -10.99
CA LYS E 56 30.02 -62.39 -10.70
C LYS E 56 30.37 -62.98 -9.34
N MET E 57 31.58 -62.75 -8.84
CA MET E 57 31.89 -63.14 -7.47
C MET E 57 31.25 -62.20 -6.46
N MET E 58 30.98 -60.96 -6.87
CA MET E 58 30.40 -59.96 -5.97
C MET E 58 28.95 -60.25 -5.62
N SER E 59 28.27 -61.10 -6.39
CA SER E 59 26.86 -61.41 -6.17
C SER E 59 26.72 -62.28 -4.93
N PHE E 60 26.45 -61.65 -3.79
CA PHE E 60 26.37 -62.34 -2.51
C PHE E 60 24.92 -62.60 -2.14
N GLN E 61 24.72 -63.14 -0.94
CA GLN E 61 23.40 -63.52 -0.45
C GLN E 61 23.28 -63.12 1.01
N ALA E 62 22.10 -62.62 1.38
CA ALA E 62 21.89 -62.06 2.70
C ALA E 62 20.78 -62.80 3.45
N ASN E 63 20.85 -62.75 4.77
CA ASN E 63 19.94 -63.43 5.68
C ASN E 63 19.61 -62.49 6.83
N PRO E 64 18.41 -62.59 7.40
CA PRO E 64 18.04 -61.67 8.49
C PRO E 64 18.78 -61.97 9.79
N THR E 65 18.81 -60.97 10.66
CA THR E 65 19.40 -61.12 11.98
C THR E 65 18.39 -61.74 12.94
N GLU E 66 18.80 -61.87 14.20
CA GLU E 66 17.91 -62.44 15.20
C GLU E 66 16.81 -61.48 15.60
N GLU E 67 17.15 -60.21 15.80
CA GLU E 67 16.16 -59.22 16.23
C GLU E 67 15.23 -58.84 15.10
N SER E 68 15.69 -58.93 13.86
CA SER E 68 14.83 -58.62 12.72
C SER E 68 13.73 -59.66 12.53
N ILE E 69 13.95 -60.90 12.96
CA ILE E 69 12.91 -61.92 12.85
C ILE E 69 11.80 -61.67 13.86
N SER E 70 12.17 -61.33 15.11
CA SER E 70 11.17 -61.06 16.13
C SER E 70 10.42 -59.76 15.85
N LYS E 71 11.04 -58.84 15.12
CA LYS E 71 10.37 -57.59 14.73
C LYS E 71 9.63 -57.74 13.41
N PHE E 72 10.17 -58.53 12.48
CA PHE E 72 9.56 -58.74 11.17
C PHE E 72 9.61 -60.23 10.86
N PRO E 73 8.53 -60.99 11.10
CA PRO E 73 8.52 -62.39 10.67
C PRO E 73 8.37 -62.58 9.17
N ASP E 74 8.09 -61.52 8.41
CA ASP E 74 7.93 -61.62 6.96
C ASP E 74 9.27 -61.75 6.25
N MET E 75 10.37 -61.37 6.89
CA MET E 75 11.64 -61.22 6.20
C MET E 75 12.22 -62.57 5.77
N GLY E 76 12.55 -62.67 4.49
CA GLY E 76 13.21 -63.85 3.94
C GLY E 76 14.64 -63.55 3.54
N SER E 77 15.11 -64.18 2.47
CA SER E 77 16.48 -63.99 2.03
C SER E 77 16.60 -62.78 1.10
N LEU E 78 17.81 -62.56 0.60
CA LEU E 78 18.09 -61.45 -0.31
C LEU E 78 19.22 -61.85 -1.24
N TRP E 79 19.07 -61.57 -2.53
CA TRP E 79 20.10 -61.85 -3.53
C TRP E 79 20.49 -60.56 -4.22
N VAL E 80 21.77 -60.22 -4.16
CA VAL E 80 22.33 -59.03 -4.76
C VAL E 80 23.12 -59.46 -6.00
N GLU E 81 23.02 -58.67 -7.08
CA GLU E 81 23.75 -58.96 -8.30
C GLU E 81 24.56 -57.76 -8.77
N PHE E 82 25.60 -58.07 -9.54
CA PHE E 82 26.42 -57.08 -10.22
C PHE E 82 26.72 -57.64 -11.60
N CYS E 83 26.07 -57.11 -12.63
CA CYS E 83 26.22 -57.65 -13.97
C CYS E 83 27.42 -57.05 -14.67
N ASP E 84 28.01 -57.84 -15.57
CA ASP E 84 29.12 -57.37 -16.40
C ASP E 84 28.60 -56.53 -17.56
N GLU E 85 27.48 -56.94 -18.16
CA GLU E 85 26.95 -56.34 -19.37
C GLU E 85 26.48 -54.92 -19.10
N PRO E 86 27.07 -53.90 -19.76
CA PRO E 86 26.66 -52.51 -19.48
C PRO E 86 25.25 -52.17 -19.95
N SER E 87 24.68 -52.96 -20.85
CA SER E 87 23.27 -52.85 -21.21
C SER E 87 22.60 -54.16 -20.86
N VAL E 88 21.55 -54.09 -20.05
CA VAL E 88 20.86 -55.28 -19.56
C VAL E 88 19.70 -55.58 -20.51
N GLY E 89 19.71 -56.79 -21.09
CA GLY E 89 18.67 -57.20 -22.00
C GLY E 89 17.67 -58.14 -21.34
N VAL E 90 16.66 -58.53 -22.13
CA VAL E 90 15.61 -59.39 -21.60
C VAL E 90 16.11 -60.81 -21.39
N LYS E 91 17.13 -61.24 -22.12
CA LYS E 91 17.70 -62.56 -21.89
C LYS E 91 18.70 -62.55 -20.74
N THR E 92 19.27 -61.38 -20.42
CA THR E 92 20.08 -61.26 -19.21
C THR E 92 19.22 -61.02 -17.99
N MET E 93 18.02 -60.48 -18.18
CA MET E 93 17.12 -60.22 -17.06
C MET E 93 16.54 -61.52 -16.51
N LYS E 94 16.15 -62.44 -17.40
CA LYS E 94 15.46 -63.66 -16.96
C LYS E 94 16.36 -64.63 -16.22
N THR E 95 17.68 -64.48 -16.33
CA THR E 95 18.56 -65.26 -15.48
C THR E 95 18.41 -64.87 -14.02
N PHE E 96 18.31 -63.56 -13.74
CA PHE E 96 18.17 -63.09 -12.37
C PHE E 96 16.78 -63.37 -11.81
N VAL E 97 15.75 -63.23 -12.64
CA VAL E 97 14.38 -63.31 -12.13
C VAL E 97 14.01 -64.75 -11.77
N ILE E 98 14.37 -65.70 -12.63
CA ILE E 98 14.07 -67.10 -12.35
C ILE E 98 14.99 -67.65 -11.26
N HIS E 99 16.14 -67.02 -11.04
CA HIS E 99 16.98 -67.34 -9.88
C HIS E 99 16.26 -67.06 -8.57
N ILE E 100 15.41 -66.05 -8.54
CA ILE E 100 14.57 -65.79 -7.38
C ILE E 100 13.44 -66.81 -7.28
N GLN E 101 12.94 -67.26 -8.45
CA GLN E 101 11.78 -68.15 -8.48
C GLN E 101 12.09 -69.53 -7.91
N GLU E 102 13.28 -70.05 -8.15
CA GLU E 102 13.61 -71.41 -7.72
C GLU E 102 14.23 -71.44 -6.33
N LYS E 103 15.07 -70.46 -5.98
CA LYS E 103 15.67 -70.38 -4.67
C LYS E 103 14.88 -69.48 -3.72
N ASN E 104 13.59 -69.27 -4.03
CA ASN E 104 12.52 -68.62 -3.23
C ASN E 104 13.00 -67.45 -2.36
N PHE E 105 13.71 -66.51 -2.99
CA PHE E 105 14.13 -65.30 -2.32
C PHE E 105 12.94 -64.39 -2.04
N GLN E 106 13.14 -63.45 -1.12
CA GLN E 106 12.12 -62.47 -0.78
C GLN E 106 12.33 -61.14 -1.51
N THR E 107 13.58 -60.74 -1.71
CA THR E 107 13.92 -59.48 -2.35
C THR E 107 15.15 -59.72 -3.22
N GLY E 108 15.22 -59.04 -4.35
CA GLY E 108 16.44 -59.05 -5.13
C GLY E 108 16.80 -57.71 -5.73
N ILE E 109 17.97 -57.17 -5.39
CA ILE E 109 18.40 -55.92 -5.99
C ILE E 109 19.33 -56.26 -7.15
N PHE E 110 19.47 -55.32 -8.08
CA PHE E 110 20.04 -55.65 -9.39
C PHE E 110 20.84 -54.45 -9.88
N VAL E 111 22.14 -54.49 -9.64
CA VAL E 111 23.02 -53.37 -9.95
C VAL E 111 23.60 -53.57 -11.34
N TYR E 112 23.56 -52.51 -12.15
CA TYR E 112 24.03 -52.54 -13.53
C TYR E 112 24.99 -51.37 -13.76
N GLN E 113 25.72 -51.43 -14.88
CA GLN E 113 26.65 -50.35 -15.20
C GLN E 113 25.92 -49.11 -15.68
N ASN E 114 25.28 -49.19 -16.84
CA ASN E 114 24.83 -47.99 -17.54
C ASN E 114 23.32 -47.93 -17.71
N ASN E 115 22.69 -48.91 -18.36
CA ASN E 115 21.28 -48.80 -18.66
C ASN E 115 20.62 -50.17 -18.73
N ILE E 116 19.36 -50.23 -18.32
CA ILE E 116 18.50 -51.38 -18.56
C ILE E 116 17.58 -51.03 -19.72
N THR E 117 17.47 -51.95 -20.68
CA THR E 117 16.54 -51.81 -21.78
C THR E 117 15.11 -51.66 -21.24
N PRO E 118 14.32 -50.73 -21.78
CA PRO E 118 12.95 -50.53 -21.28
C PRO E 118 12.03 -51.72 -21.48
N SER E 119 12.34 -52.63 -22.42
CA SER E 119 11.61 -53.88 -22.49
C SER E 119 11.99 -54.81 -21.35
N ALA E 120 13.23 -54.71 -20.84
CA ALA E 120 13.63 -55.53 -19.71
C ALA E 120 13.03 -55.04 -18.40
N MET E 121 12.65 -53.76 -18.33
CA MET E 121 11.97 -53.24 -17.15
C MET E 121 10.52 -53.69 -17.04
N LYS E 122 9.99 -54.37 -18.07
CA LYS E 122 8.67 -54.98 -17.97
C LYS E 122 8.67 -56.20 -17.06
N LEU E 123 9.82 -56.83 -16.86
CA LEU E 123 9.91 -58.07 -16.12
C LEU E 123 10.12 -57.85 -14.63
N VAL E 124 10.75 -56.76 -14.24
CA VAL E 124 11.06 -56.52 -12.83
C VAL E 124 9.87 -56.24 -11.90
N PRO E 125 8.70 -55.73 -12.32
CA PRO E 125 7.55 -55.78 -11.40
C PRO E 125 6.61 -56.96 -11.65
N SER E 126 6.99 -57.91 -12.50
CA SER E 126 6.04 -58.93 -12.94
C SER E 126 5.74 -59.94 -11.84
N ILE E 127 6.76 -60.49 -11.20
CA ILE E 127 6.57 -61.64 -10.33
C ILE E 127 6.01 -61.23 -8.98
N PRO E 128 5.00 -61.93 -8.48
CA PRO E 128 4.61 -61.78 -7.08
C PRO E 128 5.23 -62.87 -6.23
N PRO E 129 5.42 -62.63 -4.93
CA PRO E 129 5.35 -61.32 -4.26
C PRO E 129 6.75 -60.74 -4.10
N ALA E 130 7.74 -61.43 -4.64
CA ALA E 130 9.14 -61.07 -4.45
C ALA E 130 9.46 -59.80 -5.24
N THR E 131 9.74 -58.72 -4.52
CA THR E 131 10.06 -57.46 -5.17
C THR E 131 11.47 -57.50 -5.73
N ILE E 132 11.66 -56.78 -6.85
CA ILE E 132 12.94 -56.70 -7.53
C ILE E 132 13.32 -55.22 -7.60
N GLU E 133 14.37 -54.86 -6.88
CA GLU E 133 14.83 -53.48 -6.85
C GLU E 133 15.98 -53.30 -7.83
N THR E 134 16.30 -52.03 -8.11
CA THR E 134 17.17 -51.67 -9.22
C THR E 134 18.01 -50.46 -8.83
N PHE E 135 19.31 -50.53 -9.07
CA PHE E 135 20.21 -49.45 -8.69
C PHE E 135 21.30 -49.29 -9.73
N ASN E 136 21.87 -48.08 -9.78
CA ASN E 136 23.07 -47.81 -10.56
C ASN E 136 24.30 -48.21 -9.77
N GLU E 137 25.40 -48.41 -10.48
CA GLU E 137 26.70 -48.49 -9.81
C GLU E 137 27.32 -47.11 -9.61
N ALA E 138 26.70 -46.07 -10.16
CA ALA E 138 27.17 -44.70 -9.97
C ALA E 138 26.37 -43.94 -8.93
N ALA E 139 25.12 -44.32 -8.70
CA ALA E 139 24.33 -43.69 -7.65
C ALA E 139 24.71 -44.19 -6.27
N LEU E 140 25.24 -45.41 -6.18
CA LEU E 140 25.58 -46.03 -4.90
C LEU E 140 27.00 -45.70 -4.44
N VAL E 141 27.62 -44.68 -5.02
CA VAL E 141 29.00 -44.35 -4.67
C VAL E 141 29.05 -43.76 -3.26
N VAL E 142 28.28 -42.71 -3.02
CA VAL E 142 28.15 -42.14 -1.69
C VAL E 142 26.82 -42.57 -1.11
N ASN E 143 26.86 -43.22 0.05
CA ASN E 143 25.64 -43.54 0.77
C ASN E 143 25.02 -42.24 1.28
N ILE E 144 23.79 -41.96 0.85
CA ILE E 144 23.19 -40.67 1.16
C ILE E 144 22.74 -40.59 2.60
N THR E 145 22.55 -41.72 3.29
CA THR E 145 22.17 -41.68 4.69
C THR E 145 23.31 -41.25 5.60
N HIS E 146 24.53 -41.21 5.08
CA HIS E 146 25.69 -40.67 5.77
C HIS E 146 25.77 -39.16 5.70
N HIS E 147 24.86 -38.51 4.96
CA HIS E 147 24.90 -37.06 4.85
C HIS E 147 24.42 -36.43 6.15
N GLU E 148 24.90 -35.22 6.42
CA GLU E 148 24.64 -34.55 7.70
C GLU E 148 23.18 -34.11 7.81
N LEU E 149 22.54 -33.79 6.69
CA LEU E 149 21.20 -33.23 6.73
C LEU E 149 20.13 -34.30 6.99
N VAL E 150 20.30 -35.49 6.43
CA VAL E 150 19.25 -36.51 6.54
C VAL E 150 19.29 -37.11 7.95
N PRO E 151 18.15 -37.35 8.57
CA PRO E 151 18.12 -38.05 9.84
C PRO E 151 18.06 -39.56 9.64
N LYS E 152 18.10 -40.27 10.75
CA LYS E 152 18.08 -41.74 10.74
C LYS E 152 16.66 -42.21 10.45
N HIS E 153 16.44 -42.69 9.23
CA HIS E 153 15.13 -43.25 8.88
C HIS E 153 15.05 -44.69 9.33
N ILE E 154 14.02 -45.00 10.13
CA ILE E 154 13.82 -46.33 10.69
C ILE E 154 12.41 -46.79 10.36
N ARG E 155 12.30 -47.91 9.66
CA ARG E 155 10.99 -48.44 9.33
C ARG E 155 10.39 -49.16 10.54
N LEU E 156 9.08 -49.05 10.67
CA LEU E 156 8.35 -49.58 11.81
C LEU E 156 7.74 -50.93 11.46
N SER E 157 7.49 -51.73 12.48
CA SER E 157 6.81 -52.99 12.29
C SER E 157 5.30 -52.76 12.22
N SER E 158 4.56 -53.83 11.95
CA SER E 158 3.10 -53.74 11.95
C SER E 158 2.56 -53.50 13.36
N ASP E 159 3.17 -54.15 14.35
CA ASP E 159 2.76 -53.94 15.73
C ASP E 159 3.17 -52.56 16.25
N GLU E 160 4.20 -51.95 15.67
CA GLU E 160 4.55 -50.57 15.99
C GLU E 160 3.81 -49.59 15.10
N LYS E 161 2.96 -50.07 14.19
CA LYS E 161 2.13 -49.20 13.37
C LYS E 161 0.74 -49.05 13.98
N ARG E 162 0.22 -50.10 14.60
CA ARG E 162 -1.05 -49.99 15.31
C ARG E 162 -0.91 -49.14 16.56
N GLU E 163 0.26 -49.17 17.21
CA GLU E 163 0.49 -48.32 18.37
C GLU E 163 0.55 -46.85 17.99
N LEU E 164 1.01 -46.55 16.78
CA LEU E 164 1.11 -45.17 16.33
C LEU E 164 -0.24 -44.65 15.85
N LEU E 165 -1.00 -45.47 15.13
CA LEU E 165 -2.32 -45.04 14.67
C LEU E 165 -3.32 -44.93 15.81
N LYS E 166 -3.16 -45.75 16.85
CA LYS E 166 -4.06 -45.66 18.00
C LYS E 166 -3.76 -44.45 18.88
N ARG E 167 -2.48 -44.06 18.96
CA ARG E 167 -2.11 -42.99 19.89
C ARG E 167 -2.60 -41.64 19.40
N TYR E 168 -2.43 -41.35 18.12
CA TYR E 168 -2.84 -40.06 17.57
C TYR E 168 -4.18 -40.13 16.87
N ARG E 169 -4.84 -41.30 16.89
CA ARG E 169 -6.17 -41.54 16.31
C ARG E 169 -6.23 -41.15 14.84
N LEU E 170 -5.29 -41.69 14.08
CA LEU E 170 -5.11 -41.35 12.68
C LEU E 170 -5.75 -42.39 11.78
N LYS E 171 -5.95 -41.99 10.54
CA LYS E 171 -6.14 -42.93 9.46
C LYS E 171 -4.78 -43.27 8.88
N GLU E 172 -4.75 -44.15 7.89
CA GLU E 172 -3.49 -44.46 7.23
C GLU E 172 -3.03 -43.31 6.35
N SER E 173 -3.95 -42.48 5.89
CA SER E 173 -3.68 -41.47 4.87
C SER E 173 -3.64 -40.06 5.42
N GLN E 174 -3.41 -39.88 6.72
CA GLN E 174 -3.33 -38.56 7.31
C GLN E 174 -1.93 -38.20 7.78
N LEU E 175 -0.98 -39.13 7.73
CA LEU E 175 0.37 -38.87 8.15
C LEU E 175 1.09 -38.01 7.11
N PRO E 176 2.21 -37.39 7.46
CA PRO E 176 3.06 -36.78 6.44
C PRO E 176 3.60 -37.85 5.50
N ARG E 177 3.46 -37.61 4.21
CA ARG E 177 3.81 -38.59 3.21
C ARG E 177 5.28 -38.50 2.85
N ILE E 178 5.94 -39.65 2.78
CA ILE E 178 7.22 -39.75 2.11
C ILE E 178 6.96 -40.43 0.77
N GLN E 179 7.72 -40.04 -0.25
CA GLN E 179 7.49 -40.61 -1.57
C GLN E 179 8.12 -42.00 -1.66
N ARG E 180 7.89 -42.67 -2.78
CA ARG E 180 8.52 -43.94 -3.05
C ARG E 180 9.75 -43.81 -3.95
N ALA E 181 9.78 -42.81 -4.82
CA ALA E 181 10.87 -42.62 -5.76
C ALA E 181 11.99 -41.76 -5.22
N ASP E 182 11.89 -41.27 -3.98
CA ASP E 182 13.02 -40.54 -3.41
C ASP E 182 14.10 -41.53 -3.00
N PRO E 183 15.37 -41.11 -2.99
CA PRO E 183 16.46 -42.08 -2.74
C PRO E 183 16.58 -42.55 -1.30
N VAL E 184 15.69 -42.15 -0.40
CA VAL E 184 15.68 -42.74 0.94
C VAL E 184 14.73 -43.93 1.01
N ALA E 185 13.56 -43.84 0.38
CA ALA E 185 12.69 -45.01 0.33
C ALA E 185 13.14 -46.03 -0.71
N LEU E 186 13.96 -45.61 -1.67
CA LEU E 186 14.68 -46.58 -2.48
C LEU E 186 15.72 -47.31 -1.67
N TYR E 187 16.30 -46.62 -0.67
CA TYR E 187 17.39 -47.18 0.12
C TYR E 187 16.88 -48.30 1.03
N LEU E 188 15.94 -47.97 1.92
CA LEU E 188 15.48 -48.92 2.93
C LEU E 188 14.54 -49.98 2.36
N GLY E 189 14.08 -49.84 1.13
CA GLY E 189 13.19 -50.82 0.53
C GLY E 189 11.82 -50.80 1.15
N LEU E 190 11.10 -49.71 0.94
CA LEU E 190 9.79 -49.50 1.56
C LEU E 190 8.70 -49.87 0.56
N LYS E 191 8.02 -50.98 0.81
CA LYS E 191 6.76 -51.24 0.13
C LYS E 191 5.73 -50.22 0.59
N ARG E 192 4.72 -49.99 -0.25
CA ARG E 192 3.73 -48.96 0.03
C ARG E 192 2.89 -49.30 1.26
N GLY E 193 2.64 -48.29 2.09
CA GLY E 193 1.78 -48.45 3.23
C GLY E 193 2.46 -48.76 4.55
N GLU E 194 3.78 -48.70 4.63
CA GLU E 194 4.47 -48.91 5.89
C GLU E 194 5.17 -47.64 6.32
N VAL E 195 5.24 -47.44 7.63
CA VAL E 195 5.54 -46.15 8.25
C VAL E 195 7.01 -46.11 8.60
N VAL E 196 7.63 -44.93 8.41
CA VAL E 196 9.02 -44.71 8.78
C VAL E 196 9.02 -43.95 10.10
N LYS E 197 10.09 -44.09 10.86
CA LYS E 197 10.34 -43.29 12.05
C LYS E 197 11.58 -42.45 11.83
N ILE E 198 11.44 -41.14 11.98
CA ILE E 198 12.51 -40.18 11.72
C ILE E 198 12.92 -39.55 13.04
N ILE E 199 14.19 -39.67 13.38
CA ILE E 199 14.72 -39.11 14.62
C ILE E 199 15.56 -37.90 14.23
N ARG E 200 15.00 -36.72 14.46
CA ARG E 200 15.41 -35.50 13.78
C ARG E 200 16.00 -34.54 14.80
N LYS E 201 17.26 -34.15 14.59
CA LYS E 201 17.93 -33.23 15.50
C LYS E 201 17.38 -31.82 15.32
N SER E 202 16.77 -31.28 16.36
CA SER E 202 16.29 -29.91 16.34
C SER E 202 17.35 -28.97 16.90
N GLU E 203 17.32 -27.73 16.42
CA GLU E 203 18.24 -26.71 16.92
C GLU E 203 17.85 -26.28 18.34
N THR E 204 16.57 -26.37 18.67
CA THR E 204 16.05 -25.92 19.96
C THR E 204 15.79 -27.06 20.93
N SER E 205 15.30 -28.20 20.45
CA SER E 205 14.82 -29.27 21.34
C SER E 205 15.55 -30.59 21.14
N GLY E 206 16.63 -30.63 20.35
CA GLY E 206 17.41 -31.85 20.25
C GLY E 206 16.71 -32.91 19.42
N ARG E 207 16.80 -34.16 19.89
CA ARG E 207 16.14 -35.27 19.22
C ARG E 207 14.63 -35.18 19.43
N TYR E 208 13.87 -35.34 18.34
CA TYR E 208 12.44 -35.58 18.47
C TYR E 208 12.01 -36.48 17.34
N ALA E 209 11.14 -37.43 17.67
CA ALA E 209 10.77 -38.52 16.76
C ALA E 209 9.54 -38.13 15.98
N SER E 210 9.71 -37.90 14.68
CA SER E 210 8.59 -37.71 13.77
C SER E 210 8.39 -38.99 12.96
N TYR E 211 7.38 -38.98 12.09
CA TYR E 211 7.05 -40.18 11.34
C TYR E 211 6.60 -39.79 9.94
N ARG E 212 6.87 -40.67 8.98
CA ARG E 212 6.34 -40.52 7.64
C ARG E 212 5.85 -41.87 7.14
N ILE E 213 4.88 -41.82 6.23
CA ILE E 213 4.34 -43.01 5.60
C ILE E 213 4.59 -42.89 4.11
N CYS E 214 4.77 -44.03 3.44
CA CYS E 214 4.99 -44.05 1.99
C CYS E 214 3.77 -44.59 1.28
N MET E 215 3.36 -43.89 0.23
CA MET E 215 2.21 -44.30 -0.57
C MET E 215 2.66 -44.69 -1.96
N PRO F 55 -41.17 -44.53 11.85
CA PRO F 55 -41.37 -45.31 13.08
C PRO F 55 -40.38 -46.44 13.20
N GLU F 56 -40.40 -47.36 12.23
CA GLU F 56 -39.39 -48.40 12.15
C GLU F 56 -38.18 -47.93 11.36
N ASP F 57 -38.39 -47.00 10.42
CA ASP F 57 -37.30 -46.44 9.65
C ASP F 57 -36.56 -45.36 10.45
N PHE F 58 -37.27 -44.61 11.28
CA PHE F 58 -36.62 -43.60 12.12
C PHE F 58 -35.87 -44.25 13.28
N GLN F 59 -36.32 -45.41 13.73
CA GLN F 59 -35.70 -46.06 14.88
C GLN F 59 -34.31 -46.56 14.54
N GLN F 60 -34.11 -47.05 13.32
CA GLN F 60 -32.77 -47.42 12.88
C GLN F 60 -31.90 -46.19 12.67
N HIS F 61 -32.49 -45.07 12.26
CA HIS F 61 -31.73 -43.84 12.13
C HIS F 61 -31.36 -43.25 13.49
N GLU F 62 -32.10 -43.59 14.54
CA GLU F 62 -31.74 -43.14 15.87
C GLU F 62 -30.73 -44.06 16.52
N GLN F 63 -30.93 -45.37 16.42
CA GLN F 63 -30.05 -46.31 17.11
C GLN F 63 -28.69 -46.43 16.46
N ILE F 64 -28.56 -46.05 15.19
CA ILE F 64 -27.22 -45.91 14.62
C ILE F 64 -26.58 -44.61 15.12
N ARG F 65 -27.39 -43.57 15.33
CA ARG F 65 -26.85 -42.29 15.78
C ARG F 65 -26.36 -42.35 17.21
N ARG F 66 -27.10 -43.01 18.10
CA ARG F 66 -26.72 -43.07 19.51
C ARG F 66 -25.64 -44.11 19.79
N LYS F 67 -25.37 -45.01 18.85
CA LYS F 67 -24.35 -46.03 19.07
C LYS F 67 -22.98 -45.61 18.57
N THR F 68 -22.92 -44.91 17.43
CA THR F 68 -21.66 -44.35 16.97
C THR F 68 -21.20 -43.24 17.90
N LEU F 69 -22.14 -42.46 18.44
CA LEU F 69 -21.81 -41.43 19.40
C LEU F 69 -21.41 -42.03 20.74
N LYS F 70 -21.78 -43.29 21.01
CA LYS F 70 -21.27 -44.01 22.16
C LYS F 70 -19.85 -44.53 21.91
N GLU F 71 -19.52 -44.82 20.65
CA GLU F 71 -18.17 -45.23 20.30
C GLU F 71 -17.18 -44.08 20.46
N LYS F 72 -17.64 -42.85 20.20
CA LYS F 72 -16.77 -41.69 20.33
C LYS F 72 -16.46 -41.34 21.77
N ALA F 73 -17.26 -41.82 22.73
CA ALA F 73 -17.09 -41.46 24.13
C ALA F 73 -15.90 -42.21 24.71
N ILE F 74 -14.81 -41.49 24.95
CA ILE F 74 -13.68 -42.07 25.70
C ILE F 74 -14.08 -42.18 27.17
N PRO F 75 -13.85 -43.32 27.82
CA PRO F 75 -14.21 -43.45 29.23
C PRO F 75 -13.37 -42.55 30.14
N LYS F 76 -13.93 -42.29 31.32
CA LYS F 76 -13.40 -41.28 32.24
C LYS F 76 -12.03 -41.64 32.78
N ASP F 77 -11.68 -42.92 32.81
CA ASP F 77 -10.36 -43.32 33.26
C ASP F 77 -9.33 -43.28 32.13
N GLN F 78 -9.77 -43.43 30.88
CA GLN F 78 -8.86 -43.54 29.74
C GLN F 78 -8.71 -42.24 28.99
N ARG F 79 -9.02 -41.11 29.63
CA ARG F 79 -8.82 -39.81 29.01
C ARG F 79 -7.39 -39.36 29.26
N ALA F 80 -6.73 -38.84 28.22
CA ALA F 80 -5.30 -38.60 28.25
C ALA F 80 -4.92 -37.21 27.77
N THR F 81 -5.86 -36.28 27.71
CA THR F 81 -5.53 -34.90 27.41
C THR F 81 -5.06 -34.19 28.67
N THR F 82 -4.80 -32.89 28.56
CA THR F 82 -4.20 -32.15 29.66
C THR F 82 -5.21 -31.87 30.77
N PRO F 83 -4.78 -31.93 32.03
CA PRO F 83 -5.68 -31.60 33.14
C PRO F 83 -5.79 -30.11 33.42
N TYR F 84 -5.11 -29.27 32.66
CA TYR F 84 -5.14 -27.83 32.85
C TYR F 84 -6.13 -27.19 31.89
N MET F 85 -7.04 -26.39 32.44
CA MET F 85 -8.01 -25.69 31.60
C MET F 85 -7.29 -24.59 30.85
N THR F 86 -7.42 -24.61 29.52
CA THR F 86 -6.63 -23.76 28.66
C THR F 86 -7.12 -22.31 28.73
N LYS F 87 -6.39 -21.42 28.05
CA LYS F 87 -6.82 -20.04 27.93
C LYS F 87 -8.05 -19.89 27.07
N TYR F 88 -8.32 -20.87 26.20
CA TYR F 88 -9.50 -20.84 25.35
C TYR F 88 -10.73 -21.39 26.03
N GLU F 89 -10.56 -22.38 26.91
CA GLU F 89 -11.70 -22.94 27.61
C GLU F 89 -12.19 -22.01 28.71
N ARG F 90 -11.26 -21.30 29.37
CA ARG F 90 -11.64 -20.33 30.38
C ARG F 90 -12.43 -19.18 29.77
N ALA F 91 -12.04 -18.75 28.58
CA ALA F 91 -12.69 -17.60 27.93
C ALA F 91 -14.08 -17.93 27.41
N ARG F 92 -14.50 -19.19 27.43
CA ARG F 92 -15.85 -19.56 27.04
C ARG F 92 -16.69 -20.03 28.22
N ILE F 93 -16.06 -20.66 29.22
CA ILE F 93 -16.75 -20.97 30.47
C ILE F 93 -17.19 -19.69 31.17
N LEU F 94 -16.34 -18.67 31.14
CA LEU F 94 -16.79 -17.36 31.61
C LEU F 94 -17.78 -16.74 30.64
N GLY F 95 -17.63 -17.02 29.34
CA GLY F 95 -18.48 -16.38 28.35
C GLY F 95 -19.88 -16.97 28.31
N THR F 96 -19.99 -18.29 28.24
CA THR F 96 -21.29 -18.92 28.07
C THR F 96 -22.11 -18.86 29.35
N ARG F 97 -21.45 -18.92 30.50
CA ARG F 97 -22.16 -18.74 31.76
C ARG F 97 -22.67 -17.32 31.92
N ALA F 98 -21.94 -16.33 31.40
CA ALA F 98 -22.37 -14.94 31.50
C ALA F 98 -23.61 -14.69 30.65
N LEU F 99 -23.77 -15.40 29.54
CA LEU F 99 -25.01 -15.31 28.78
C LEU F 99 -26.16 -15.95 29.52
N GLN F 100 -25.88 -16.95 30.36
CA GLN F 100 -26.96 -17.62 31.09
C GLN F 100 -27.50 -16.75 32.22
N ILE F 101 -26.61 -16.07 32.95
CA ILE F 101 -27.02 -15.25 34.10
C ILE F 101 -27.88 -14.08 33.64
N SER F 102 -27.55 -13.51 32.48
CA SER F 102 -28.34 -12.42 31.94
C SER F 102 -29.68 -12.89 31.39
N MET F 103 -29.82 -14.18 31.09
CA MET F 103 -31.10 -14.76 30.71
C MET F 103 -31.74 -15.50 31.88
N ASN F 104 -31.51 -15.00 33.11
CA ASN F 104 -32.18 -15.44 34.34
C ASN F 104 -31.89 -16.89 34.71
N ALA F 105 -30.61 -17.26 34.69
CA ALA F 105 -30.23 -18.54 35.25
C ALA F 105 -30.14 -18.44 36.76
N PRO F 106 -30.29 -19.54 37.49
CA PRO F 106 -30.03 -19.51 38.92
C PRO F 106 -28.54 -19.35 39.20
N VAL F 107 -28.22 -18.44 40.12
CA VAL F 107 -26.84 -18.08 40.46
C VAL F 107 -26.49 -18.75 41.78
N PHE F 108 -25.34 -19.42 41.81
CA PHE F 108 -24.91 -20.18 42.99
C PHE F 108 -23.95 -19.41 43.88
N VAL F 109 -23.67 -18.14 43.56
CA VAL F 109 -22.72 -17.35 44.34
C VAL F 109 -23.47 -16.14 44.90
N ASP F 110 -22.98 -15.63 46.01
CA ASP F 110 -23.63 -14.48 46.67
C ASP F 110 -23.20 -13.20 45.98
N LEU F 111 -24.17 -12.42 45.52
CA LEU F 111 -23.90 -11.23 44.73
C LEU F 111 -23.55 -10.08 45.66
N GLU F 112 -22.31 -9.59 45.57
CA GLU F 112 -21.90 -8.44 46.37
C GLU F 112 -22.13 -7.13 45.62
N GLY F 113 -23.35 -6.93 45.13
CA GLY F 113 -23.67 -5.74 44.38
C GLY F 113 -23.09 -5.66 43.00
N GLU F 114 -22.52 -6.75 42.48
CA GLU F 114 -22.01 -6.75 41.12
C GLU F 114 -23.17 -6.86 40.14
N THR F 115 -23.17 -6.00 39.12
CA THR F 115 -24.23 -5.99 38.12
C THR F 115 -23.76 -6.42 36.75
N ASP F 116 -22.47 -6.49 36.51
CA ASP F 116 -21.95 -7.03 35.27
C ASP F 116 -22.07 -8.54 35.30
N PRO F 117 -22.79 -9.17 34.36
CA PRO F 117 -22.94 -10.64 34.41
C PRO F 117 -21.65 -11.39 34.21
N LEU F 118 -20.68 -10.80 33.51
CA LEU F 118 -19.41 -11.46 33.33
C LEU F 118 -18.58 -11.48 34.61
N ARG F 119 -18.74 -10.45 35.46
CA ARG F 119 -18.10 -10.48 36.77
C ARG F 119 -18.71 -11.53 37.67
N ILE F 120 -19.98 -11.89 37.44
CA ILE F 120 -20.60 -12.95 38.20
C ILE F 120 -20.01 -14.29 37.82
N ALA F 121 -19.81 -14.52 36.52
CA ALA F 121 -19.23 -15.77 36.06
C ALA F 121 -17.77 -15.89 36.45
N MET F 122 -17.04 -14.76 36.48
CA MET F 122 -15.68 -14.76 36.99
C MET F 122 -15.66 -15.06 38.48
N LYS F 123 -16.69 -14.66 39.21
CA LYS F 123 -16.76 -14.98 40.63
C LYS F 123 -17.12 -16.46 40.81
N GLU F 124 -18.02 -17.00 39.98
CA GLU F 124 -18.42 -18.39 40.11
C GLU F 124 -17.30 -19.35 39.76
N LEU F 125 -16.34 -18.93 38.94
CA LEU F 125 -15.23 -19.80 38.61
C LEU F 125 -14.26 -19.93 39.78
N ALA F 126 -14.22 -18.93 40.66
CA ALA F 126 -13.27 -18.94 41.76
C ALA F 126 -13.64 -19.97 42.83
N GLU F 127 -14.93 -20.19 43.05
CA GLU F 127 -15.37 -21.20 44.02
C GLU F 127 -15.92 -22.46 43.36
N LYS F 128 -15.61 -22.67 42.07
CA LYS F 128 -15.93 -23.89 41.32
C LYS F 128 -17.44 -24.15 41.26
N LYS F 129 -18.22 -23.10 41.04
CA LYS F 129 -19.67 -23.19 41.12
C LYS F 129 -20.34 -23.12 39.76
N ILE F 130 -19.63 -23.43 38.69
CA ILE F 130 -20.15 -23.33 37.33
C ILE F 130 -20.56 -24.73 36.87
N PRO F 131 -21.82 -24.95 36.50
CA PRO F 131 -22.27 -26.28 36.06
C PRO F 131 -22.15 -26.49 34.54
N LEU F 132 -20.92 -26.42 34.04
CA LEU F 132 -20.66 -26.64 32.63
C LEU F 132 -19.63 -27.75 32.47
N VAL F 133 -19.63 -28.38 31.30
CA VAL F 133 -18.74 -29.49 30.99
C VAL F 133 -18.08 -29.24 29.64
N ILE F 134 -16.76 -29.30 29.59
CA ILE F 134 -16.02 -29.17 28.35
C ILE F 134 -16.02 -30.50 27.62
N ARG F 135 -16.42 -30.49 26.35
CA ARG F 135 -16.38 -31.68 25.52
C ARG F 135 -15.21 -31.51 24.55
N ARG F 136 -14.05 -31.98 24.96
CA ARG F 136 -12.81 -31.83 24.19
C ARG F 136 -12.82 -32.81 23.04
N TYR F 137 -13.15 -32.33 21.85
CA TYR F 137 -13.15 -33.19 20.67
C TYR F 137 -11.74 -33.53 20.23
N LEU F 138 -11.61 -34.70 19.63
CA LEU F 138 -10.38 -35.21 19.07
C LEU F 138 -10.47 -35.18 17.55
N PRO F 139 -9.34 -35.25 16.81
CA PRO F 139 -9.42 -35.19 15.35
C PRO F 139 -10.11 -36.35 14.68
N ASP F 140 -10.21 -37.50 15.34
CA ASP F 140 -10.96 -38.62 14.79
C ASP F 140 -12.46 -38.42 14.90
N GLY F 141 -12.90 -37.48 15.75
CA GLY F 141 -14.30 -37.29 16.05
C GLY F 141 -14.66 -37.69 17.46
N SER F 142 -13.78 -38.42 18.14
CA SER F 142 -14.03 -38.84 19.51
C SER F 142 -13.87 -37.66 20.45
N PHE F 143 -14.31 -37.84 21.69
CA PHE F 143 -14.29 -36.73 22.63
C PHE F 143 -13.94 -37.22 24.02
N GLU F 144 -13.70 -36.25 24.90
CA GLU F 144 -13.54 -36.45 26.34
C GLU F 144 -14.40 -35.43 27.05
N ASP F 145 -14.99 -35.81 28.17
CA ASP F 145 -15.87 -34.92 28.91
C ASP F 145 -15.23 -34.56 30.23
N TRP F 146 -14.76 -33.32 30.34
CA TRP F 146 -14.13 -32.78 31.54
C TRP F 146 -15.06 -31.74 32.15
N SER F 147 -15.44 -31.93 33.41
CA SER F 147 -16.19 -30.88 34.06
C SER F 147 -15.25 -29.78 34.52
N VAL F 148 -15.83 -28.62 34.84
CA VAL F 148 -15.03 -27.45 35.19
C VAL F 148 -14.38 -27.63 36.56
N GLU F 149 -15.06 -28.28 37.50
CA GLU F 149 -14.47 -28.55 38.81
C GLU F 149 -13.31 -29.52 38.76
N GLU F 150 -13.23 -30.36 37.73
CA GLU F 150 -12.09 -31.25 37.58
C GLU F 150 -10.87 -30.50 37.04
N LEU F 151 -11.08 -29.58 36.10
CA LEU F 151 -9.97 -28.86 35.50
C LEU F 151 -9.37 -27.86 36.49
N ILE F 152 -8.05 -27.79 36.51
CA ILE F 152 -7.33 -26.88 37.38
C ILE F 152 -6.80 -25.72 36.54
N VAL F 153 -6.83 -24.53 37.12
CA VAL F 153 -6.60 -23.31 36.37
C VAL F 153 -5.14 -22.89 36.50
N ASP F 154 -4.58 -22.41 35.39
CA ASP F 154 -3.29 -21.71 35.32
C ASP F 154 -2.10 -22.51 35.84
N CYS G 37 -61.59 -43.63 19.98
CA CYS G 37 -60.51 -43.90 19.02
C CYS G 37 -59.20 -43.28 19.49
N ILE G 38 -59.02 -43.24 20.81
CA ILE G 38 -57.77 -42.73 21.38
C ILE G 38 -56.67 -43.76 21.16
N VAL G 39 -55.51 -43.28 20.70
CA VAL G 39 -54.38 -44.13 20.37
C VAL G 39 -53.16 -43.57 21.09
N ARG G 40 -52.15 -44.43 21.29
CA ARG G 40 -50.95 -44.07 22.04
C ARG G 40 -49.77 -43.92 21.08
N VAL G 41 -49.02 -42.83 21.23
CA VAL G 41 -47.84 -42.62 20.39
C VAL G 41 -46.59 -42.38 21.25
N PRO G 42 -45.55 -43.17 21.07
CA PRO G 42 -44.24 -42.77 21.59
C PRO G 42 -43.49 -41.93 20.56
N ILE G 43 -42.94 -40.79 20.97
CA ILE G 43 -42.33 -39.85 20.04
C ILE G 43 -40.91 -39.53 20.46
N ALA G 44 -40.15 -39.00 19.51
CA ALA G 44 -38.81 -38.47 19.75
C ALA G 44 -38.79 -37.05 19.21
N LEU G 45 -38.56 -36.09 20.09
CA LEU G 45 -38.54 -34.68 19.76
C LEU G 45 -37.20 -34.05 20.08
N TYR G 46 -36.97 -32.87 19.51
CA TYR G 46 -35.73 -32.12 19.70
C TYR G 46 -36.12 -30.72 20.14
N VAL G 47 -36.04 -30.45 21.44
CA VAL G 47 -36.57 -29.22 22.01
C VAL G 47 -35.44 -28.41 22.63
N SER G 48 -35.75 -27.17 22.95
CA SER G 48 -34.83 -26.22 23.55
C SER G 48 -35.11 -26.08 25.05
N LEU G 49 -34.08 -25.71 25.79
CA LEU G 49 -34.21 -25.49 27.22
C LEU G 49 -33.54 -24.17 27.57
N ALA G 50 -34.24 -23.36 28.31
CA ALA G 50 -34.01 -22.00 28.79
C ALA G 50 -33.16 -22.00 30.05
N PRO G 51 -32.39 -20.94 30.31
CA PRO G 51 -31.58 -20.90 31.53
C PRO G 51 -32.38 -20.78 32.80
N MET G 52 -33.63 -20.35 32.73
CA MET G 52 -34.43 -20.27 33.93
C MET G 52 -34.85 -21.64 34.43
N TYR G 53 -34.80 -22.66 33.58
CA TYR G 53 -35.07 -24.04 33.99
C TYR G 53 -33.81 -24.89 33.99
N LEU G 54 -32.65 -24.27 34.22
CA LEU G 54 -31.41 -24.99 34.48
C LEU G 54 -31.36 -25.62 35.86
N GLU G 55 -32.35 -25.37 36.71
CA GLU G 55 -32.50 -26.11 37.94
C GLU G 55 -33.58 -27.18 37.86
N ASN G 56 -34.47 -27.09 36.87
CA ASN G 56 -35.53 -28.07 36.67
C ASN G 56 -35.64 -28.36 35.18
N PRO G 57 -34.82 -29.29 34.68
CA PRO G 57 -34.85 -29.59 33.24
C PRO G 57 -36.10 -30.32 32.79
N LEU G 58 -36.83 -30.97 33.70
CA LEU G 58 -38.02 -31.71 33.30
C LEU G 58 -39.18 -30.77 32.99
N GLN G 59 -39.59 -29.96 33.98
CA GLN G 59 -40.74 -29.09 33.79
C GLN G 59 -40.45 -27.90 32.88
N GLY G 60 -39.18 -27.65 32.55
CA GLY G 60 -38.88 -26.66 31.53
C GLY G 60 -39.28 -27.13 30.15
N VAL G 61 -39.15 -28.43 29.89
CA VAL G 61 -39.65 -28.99 28.64
C VAL G 61 -41.17 -29.02 28.67
N MET G 62 -41.75 -29.17 29.87
CA MET G 62 -43.21 -29.23 29.98
C MET G 62 -43.85 -27.88 29.69
N LYS G 63 -43.37 -26.82 30.34
CA LYS G 63 -44.01 -25.51 30.24
C LYS G 63 -43.71 -24.78 28.94
N GLN G 64 -42.90 -25.34 28.05
CA GLN G 64 -42.60 -24.69 26.78
C GLN G 64 -43.15 -25.46 25.59
N HIS G 65 -42.96 -26.78 25.56
CA HIS G 65 -43.18 -27.55 24.36
C HIS G 65 -44.30 -28.58 24.47
N LEU G 66 -44.71 -28.92 25.69
CA LEU G 66 -45.74 -29.92 25.94
C LEU G 66 -47.04 -29.33 26.43
N ASN G 67 -46.99 -28.39 27.37
CA ASN G 67 -48.21 -27.76 27.85
C ASN G 67 -48.85 -26.80 26.84
N PRO G 68 -48.13 -26.07 25.97
CA PRO G 68 -48.79 -25.44 24.82
C PRO G 68 -49.13 -26.39 23.68
N LEU G 69 -49.03 -27.70 23.87
CA LEU G 69 -49.34 -28.66 22.82
C LEU G 69 -50.64 -29.41 23.06
N VAL G 70 -51.13 -29.47 24.29
CA VAL G 70 -52.33 -30.25 24.61
C VAL G 70 -53.57 -29.51 24.11
N MET G 71 -54.58 -30.32 23.73
CA MET G 71 -55.85 -29.87 23.14
C MET G 71 -55.65 -29.03 21.87
N LYS G 72 -54.62 -29.38 21.11
CA LYS G 72 -54.41 -28.82 19.78
C LYS G 72 -54.14 -29.96 18.81
N TYR G 73 -54.50 -29.74 17.55
CA TYR G 73 -54.16 -30.70 16.51
C TYR G 73 -52.68 -30.62 16.17
N ASN G 74 -52.10 -31.77 15.83
CA ASN G 74 -50.69 -31.85 15.48
C ASN G 74 -50.55 -32.74 14.26
N ASN G 75 -49.85 -32.25 13.24
CA ASN G 75 -49.74 -32.97 11.98
C ASN G 75 -48.81 -34.17 12.10
N LYS G 76 -47.66 -33.99 12.76
CA LYS G 76 -46.67 -35.05 12.84
C LYS G 76 -47.07 -36.19 13.78
N VAL G 77 -48.12 -36.02 14.57
CA VAL G 77 -48.59 -37.03 15.49
C VAL G 77 -49.84 -37.73 14.95
N GLY G 78 -50.83 -36.94 14.53
CA GLY G 78 -51.98 -37.51 13.86
C GLY G 78 -53.33 -36.93 14.21
N GLY G 79 -53.51 -36.46 15.44
CA GLY G 79 -54.80 -35.95 15.88
C GLY G 79 -54.64 -34.85 16.88
N VAL G 80 -55.49 -34.85 17.91
CA VAL G 80 -55.47 -33.83 18.95
C VAL G 80 -54.81 -34.42 20.18
N VAL G 81 -53.80 -33.73 20.70
CA VAL G 81 -53.04 -34.22 21.84
C VAL G 81 -53.88 -34.06 23.10
N LEU G 82 -54.18 -35.18 23.73
CA LEU G 82 -54.88 -35.16 25.01
C LEU G 82 -53.93 -34.96 26.19
N GLY G 83 -52.69 -35.39 26.05
CA GLY G 83 -51.71 -35.19 27.10
C GLY G 83 -50.47 -36.01 26.85
N TYR G 84 -49.58 -36.01 27.84
CA TYR G 84 -48.30 -36.68 27.76
C TYR G 84 -48.09 -37.50 29.03
N GLU G 85 -47.12 -38.40 28.97
CA GLU G 85 -46.90 -39.36 30.05
C GLU G 85 -45.48 -39.87 29.97
N GLY G 86 -44.68 -39.63 31.01
CA GLY G 86 -43.35 -40.20 31.10
C GLY G 86 -42.29 -39.51 30.27
N LEU G 87 -42.02 -38.25 30.58
CA LEU G 87 -40.95 -37.53 29.88
C LEU G 87 -39.59 -38.02 30.35
N LYS G 88 -38.70 -38.28 29.39
CA LYS G 88 -37.35 -38.73 29.69
C LYS G 88 -36.38 -38.00 28.78
N ILE G 89 -35.40 -37.32 29.38
CA ILE G 89 -34.41 -36.55 28.63
C ILE G 89 -33.27 -37.48 28.25
N LEU G 90 -32.95 -37.53 26.95
CA LEU G 90 -31.81 -38.30 26.49
C LEU G 90 -30.54 -37.57 26.86
N ASP G 91 -29.75 -38.17 27.75
CA ASP G 91 -28.54 -37.54 28.24
C ASP G 91 -27.48 -37.53 27.16
N ALA G 92 -26.62 -36.52 27.19
CA ALA G 92 -25.69 -36.31 26.09
C ALA G 92 -24.51 -37.27 26.16
N ASP G 93 -24.00 -37.56 27.36
CA ASP G 93 -22.93 -38.53 27.44
C ASP G 93 -23.51 -39.94 27.40
N PRO G 94 -22.93 -40.83 26.57
CA PRO G 94 -23.41 -42.22 26.54
C PRO G 94 -22.77 -43.13 27.57
N LEU G 95 -22.10 -42.57 28.57
CA LEU G 95 -21.44 -43.38 29.59
C LEU G 95 -22.19 -43.36 30.92
N SER G 96 -23.05 -42.37 31.15
CA SER G 96 -23.84 -42.35 32.36
C SER G 96 -25.09 -43.20 32.17
N LYS G 97 -25.42 -43.97 33.20
CA LYS G 97 -26.60 -44.81 33.19
C LYS G 97 -27.86 -43.95 33.25
N GLU G 98 -28.99 -44.54 32.84
CA GLU G 98 -30.24 -43.80 32.83
C GLU G 98 -30.85 -43.61 34.21
N ASP G 99 -30.27 -44.23 35.24
CA ASP G 99 -30.72 -43.99 36.61
C ASP G 99 -30.24 -42.65 37.14
N THR G 100 -29.17 -42.11 36.59
CA THR G 100 -28.52 -40.94 37.17
C THR G 100 -29.36 -39.67 36.97
N SER G 101 -29.22 -38.76 37.93
CA SER G 101 -29.99 -37.52 37.92
C SER G 101 -29.27 -36.41 37.17
N GLU G 102 -27.95 -36.29 37.34
CA GLU G 102 -27.19 -35.21 36.71
C GLU G 102 -27.00 -35.53 35.23
N LYS G 103 -27.97 -35.15 34.42
CA LYS G 103 -27.80 -35.18 32.98
C LYS G 103 -27.16 -33.89 32.51
N LEU G 104 -26.90 -33.79 31.21
CA LEU G 104 -26.20 -32.64 30.68
C LEU G 104 -26.65 -32.34 29.25
N ILE G 105 -26.80 -31.06 28.96
CA ILE G 105 -27.45 -30.56 27.76
C ILE G 105 -26.42 -29.75 26.97
N LYS G 106 -26.38 -29.96 25.65
CA LYS G 106 -25.48 -29.21 24.80
C LYS G 106 -25.99 -27.80 24.62
N ILE G 107 -25.11 -26.82 24.77
CA ILE G 107 -25.46 -25.41 24.65
C ILE G 107 -25.11 -24.93 23.25
N THR G 108 -26.03 -24.19 22.64
CA THR G 108 -25.78 -23.52 21.37
C THR G 108 -24.62 -22.52 21.55
N PRO G 109 -23.73 -22.39 20.57
CA PRO G 109 -22.63 -21.42 20.72
C PRO G 109 -23.08 -19.97 20.80
N ASP G 110 -24.06 -19.56 20.00
CA ASP G 110 -24.50 -18.17 20.03
C ASP G 110 -25.31 -17.87 21.28
N THR G 111 -26.41 -18.56 21.44
CA THR G 111 -27.40 -18.30 22.47
C THR G 111 -27.19 -19.22 23.67
N PRO G 112 -27.59 -18.79 24.87
CA PRO G 112 -27.37 -19.64 26.05
C PRO G 112 -28.41 -20.74 26.25
N PHE G 113 -29.20 -21.04 25.23
CA PHE G 113 -30.29 -22.00 25.38
C PHE G 113 -29.76 -23.37 24.95
N GLY G 114 -30.17 -24.41 25.68
CA GLY G 114 -29.68 -25.74 25.43
C GLY G 114 -30.69 -26.60 24.69
N PHE G 115 -30.21 -27.37 23.72
CA PHE G 115 -31.03 -28.25 22.90
C PHE G 115 -30.77 -29.70 23.25
N THR G 116 -31.84 -30.50 23.23
CA THR G 116 -31.73 -31.89 23.66
C THR G 116 -32.81 -32.73 23.01
N TRP G 117 -32.55 -34.02 22.92
CA TRP G 117 -33.55 -35.01 22.52
C TRP G 117 -34.27 -35.54 23.76
N CYS G 118 -35.57 -35.79 23.62
CA CYS G 118 -36.36 -36.32 24.72
C CYS G 118 -37.36 -37.34 24.20
N HIS G 119 -37.75 -38.26 25.08
CA HIS G 119 -38.80 -39.23 24.81
C HIS G 119 -39.97 -38.97 25.75
N VAL G 120 -41.18 -39.05 25.19
CA VAL G 120 -42.40 -38.93 25.99
C VAL G 120 -43.51 -39.67 25.24
N ASN G 121 -44.47 -40.20 25.99
CA ASN G 121 -45.60 -40.91 25.42
C ASN G 121 -46.80 -39.96 25.39
N LEU G 122 -47.16 -39.52 24.20
CA LEU G 122 -48.38 -38.74 24.04
C LEU G 122 -49.57 -39.67 23.92
N TYR G 123 -50.71 -39.24 24.43
CA TYR G 123 -51.98 -39.88 24.12
C TYR G 123 -52.76 -38.94 23.21
N VAL G 124 -53.01 -39.39 21.99
CA VAL G 124 -53.59 -38.53 20.96
C VAL G 124 -54.89 -39.16 20.47
N TRP G 125 -55.84 -38.30 20.11
CA TRP G 125 -57.16 -38.71 19.65
C TRP G 125 -57.25 -38.42 18.16
N GLN G 126 -57.17 -39.45 17.34
CA GLN G 126 -57.24 -39.25 15.90
C GLN G 126 -58.49 -39.90 15.30
N PRO G 127 -59.41 -39.11 14.74
CA PRO G 127 -60.52 -39.70 13.98
C PRO G 127 -60.15 -39.94 12.53
N GLN G 128 -60.56 -41.10 12.03
CA GLN G 128 -60.25 -41.52 10.67
C GLN G 128 -61.55 -41.87 9.96
N VAL G 129 -61.47 -41.91 8.61
CA VAL G 129 -62.65 -42.23 7.82
C VAL G 129 -63.02 -43.70 7.98
N GLY G 130 -64.29 -44.00 7.76
CA GLY G 130 -64.81 -45.34 7.91
C GLY G 130 -65.30 -45.66 9.31
N ASP G 131 -64.68 -45.09 10.34
CA ASP G 131 -65.07 -45.35 11.71
C ASP G 131 -66.39 -44.66 12.03
N VAL G 132 -67.04 -45.16 13.09
CA VAL G 132 -68.32 -44.64 13.55
C VAL G 132 -68.06 -43.87 14.85
N LEU G 133 -68.60 -42.66 14.94
CA LEU G 133 -68.40 -41.79 16.09
C LEU G 133 -69.74 -41.48 16.75
N GLU G 134 -69.76 -41.55 18.07
CA GLU G 134 -70.91 -41.08 18.83
C GLU G 134 -70.97 -39.55 18.77
N GLY G 135 -72.12 -39.02 18.38
CA GLY G 135 -72.26 -37.59 18.23
C GLY G 135 -73.34 -36.97 19.09
N TYR G 136 -72.94 -36.12 20.03
CA TYR G 136 -73.85 -35.52 21.00
C TYR G 136 -74.18 -34.09 20.60
N ILE G 137 -75.47 -33.78 20.49
CA ILE G 137 -75.96 -32.56 19.85
C ILE G 137 -75.61 -31.33 20.68
N PHE G 138 -75.07 -30.31 20.01
CA PHE G 138 -74.74 -29.03 20.63
C PHE G 138 -75.50 -27.85 20.03
N ILE G 139 -75.62 -27.78 18.71
CA ILE G 139 -76.31 -26.68 18.04
C ILE G 139 -77.29 -27.26 17.03
N GLN G 140 -78.56 -26.83 17.13
CA GLN G 140 -79.62 -27.20 16.19
C GLN G 140 -79.84 -26.04 15.22
N SER G 141 -79.03 -26.02 14.16
CA SER G 141 -79.21 -25.06 13.08
C SER G 141 -79.99 -25.69 11.93
N ALA G 142 -80.59 -24.84 11.11
CA ALA G 142 -81.40 -25.30 9.99
C ALA G 142 -80.58 -25.79 8.82
N SER G 143 -79.28 -25.48 8.77
CA SER G 143 -78.42 -25.89 7.67
C SER G 143 -77.39 -26.95 8.07
N HIS G 144 -77.13 -27.12 9.36
CA HIS G 144 -76.11 -28.04 9.84
C HIS G 144 -76.51 -28.59 11.20
N ILE G 145 -76.05 -29.79 11.49
CA ILE G 145 -76.07 -30.32 12.86
C ILE G 145 -74.63 -30.17 13.35
N GLY G 146 -74.34 -29.02 13.95
CA GLY G 146 -73.02 -28.74 14.48
C GLY G 146 -72.92 -29.12 15.93
N LEU G 147 -72.35 -30.28 16.20
CA LEU G 147 -72.45 -30.93 17.51
C LEU G 147 -71.07 -31.06 18.16
N LEU G 148 -71.05 -31.64 19.35
CA LEU G 148 -69.83 -31.93 20.09
C LEU G 148 -69.57 -33.43 20.09
N ILE G 149 -68.28 -33.80 20.05
CA ILE G 149 -67.84 -35.17 20.24
C ILE G 149 -67.05 -35.21 21.53
N HIS G 150 -67.51 -36.04 22.48
CA HIS G 150 -66.90 -36.24 23.80
C HIS G 150 -66.82 -34.93 24.59
N ASP G 151 -67.81 -34.05 24.38
CA ASP G 151 -67.99 -32.74 25.02
C ASP G 151 -66.84 -31.76 24.77
N ALA G 152 -65.94 -32.07 23.85
CA ALA G 152 -64.82 -31.18 23.56
C ALA G 152 -64.64 -30.91 22.07
N PHE G 153 -64.90 -31.89 21.22
CA PHE G 153 -64.50 -31.84 19.82
C PHE G 153 -65.72 -31.51 18.96
N ASN G 154 -65.64 -30.41 18.22
CA ASN G 154 -66.74 -30.00 17.36
C ASN G 154 -66.84 -30.93 16.15
N ALA G 155 -68.03 -31.00 15.59
CA ALA G 155 -68.27 -31.81 14.40
C ALA G 155 -69.34 -31.15 13.55
N SER G 156 -69.43 -31.59 12.30
CA SER G 156 -70.36 -30.99 11.35
C SER G 156 -71.01 -32.09 10.52
N ILE G 157 -72.34 -31.99 10.39
CA ILE G 157 -73.11 -32.82 9.47
C ILE G 157 -73.89 -31.85 8.60
N LYS G 158 -73.52 -31.75 7.33
CA LYS G 158 -74.16 -30.80 6.44
C LYS G 158 -75.56 -31.27 6.05
N LYS G 159 -76.33 -30.34 5.49
CA LYS G 159 -77.70 -30.64 5.10
C LYS G 159 -77.77 -31.59 3.91
N ASN G 160 -76.81 -31.49 2.99
CA ASN G 160 -76.81 -32.40 1.84
C ASN G 160 -76.34 -33.80 2.22
N ASN G 161 -75.60 -33.94 3.33
CA ASN G 161 -75.30 -35.27 3.84
C ASN G 161 -76.52 -35.89 4.52
N ILE G 162 -77.40 -35.05 5.05
CA ILE G 162 -78.71 -35.52 5.54
C ILE G 162 -79.56 -35.89 4.33
N PRO G 163 -80.16 -37.08 4.30
CA PRO G 163 -80.94 -37.48 3.13
C PRO G 163 -82.24 -36.68 3.02
N VAL G 164 -82.83 -36.75 1.82
CA VAL G 164 -83.93 -35.87 1.45
C VAL G 164 -85.23 -36.29 2.16
N ASP G 165 -85.35 -37.56 2.51
CA ASP G 165 -86.56 -38.10 3.14
C ASP G 165 -86.71 -37.71 4.64
N TRP G 166 -85.91 -36.79 5.18
CA TRP G 166 -86.09 -36.26 6.52
C TRP G 166 -86.49 -34.80 6.42
N THR G 167 -87.27 -34.33 7.39
CA THR G 167 -87.81 -32.98 7.35
C THR G 167 -87.35 -32.18 8.56
N PHE G 168 -87.66 -30.88 8.54
CA PHE G 168 -87.30 -29.95 9.60
C PHE G 168 -88.42 -28.93 9.73
N VAL G 169 -89.03 -28.86 10.91
CA VAL G 169 -90.10 -27.90 11.14
C VAL G 169 -89.48 -26.53 11.43
N HIS G 170 -90.24 -25.48 11.11
CA HIS G 170 -89.77 -24.13 11.33
C HIS G 170 -89.93 -23.74 12.80
N ASN G 171 -89.44 -22.56 13.15
CA ASN G 171 -89.45 -22.12 14.54
C ASN G 171 -89.64 -20.60 14.52
N ASP G 172 -90.88 -20.16 14.76
CA ASP G 172 -91.24 -18.75 14.62
C ASP G 172 -91.08 -17.96 15.91
N VAL G 173 -91.31 -18.59 17.07
CA VAL G 173 -91.18 -17.89 18.34
C VAL G 173 -89.71 -17.64 18.67
N GLU G 174 -88.92 -18.71 18.74
CA GLU G 174 -87.49 -18.59 18.97
C GLU G 174 -86.72 -19.76 18.37
N LEU G 214 -84.17 -23.46 14.37
CA LEU G 214 -83.69 -23.60 15.75
C LEU G 214 -84.61 -24.51 16.56
N GLY G 215 -85.34 -25.37 15.86
CA GLY G 215 -86.22 -26.33 16.50
C GLY G 215 -85.62 -27.70 16.61
N HIS G 216 -86.08 -28.63 15.78
CA HIS G 216 -85.54 -29.98 15.78
C HIS G 216 -85.76 -30.61 14.41
N TRP G 217 -84.79 -31.43 13.99
CA TRP G 217 -84.92 -32.18 12.76
C TRP G 217 -85.85 -33.37 12.96
N VAL G 218 -86.61 -33.68 11.93
CA VAL G 218 -87.57 -34.79 11.95
C VAL G 218 -87.07 -35.84 10.97
N ASP G 219 -86.64 -36.98 11.51
CA ASP G 219 -86.13 -38.09 10.70
C ASP G 219 -87.26 -38.94 10.11
N SER G 220 -86.91 -40.13 9.62
CA SER G 220 -87.93 -41.08 9.16
C SER G 220 -88.70 -41.71 10.31
N ASN G 221 -88.21 -41.58 11.55
CA ASN G 221 -88.95 -42.04 12.71
C ASN G 221 -90.09 -41.09 13.07
N GLY G 222 -90.04 -39.84 12.58
CA GLY G 222 -91.05 -38.86 12.93
C GLY G 222 -90.93 -38.32 14.34
N GLU G 223 -89.76 -38.43 14.95
CA GLU G 223 -89.54 -38.02 16.32
C GLU G 223 -88.52 -36.88 16.36
N PRO G 224 -88.59 -36.01 17.37
CA PRO G 224 -87.54 -34.99 17.51
C PRO G 224 -86.23 -35.61 17.96
N ILE G 225 -85.15 -35.17 17.32
CA ILE G 225 -83.83 -35.69 17.66
C ILE G 225 -83.35 -35.10 18.98
N ASP G 226 -82.44 -35.83 19.63
CA ASP G 226 -81.94 -35.44 20.94
C ASP G 226 -80.63 -36.17 21.21
N GLY G 227 -79.56 -35.41 21.46
CA GLY G 227 -78.33 -35.95 21.97
C GLY G 227 -77.54 -36.86 21.05
N LYS G 228 -77.50 -38.14 21.39
CA LYS G 228 -76.54 -39.07 20.81
C LYS G 228 -76.90 -39.47 19.38
N LEU G 229 -75.87 -39.80 18.61
CA LEU G 229 -76.01 -40.31 17.25
C LEU G 229 -74.72 -40.99 16.85
N ARG G 230 -74.83 -42.22 16.36
CA ARG G 230 -73.68 -42.98 15.86
C ARG G 230 -73.66 -42.86 14.34
N PHE G 231 -72.69 -42.13 13.80
CA PHE G 231 -72.62 -41.86 12.37
C PHE G 231 -71.17 -42.02 11.90
N THR G 232 -71.02 -42.19 10.59
CA THR G 232 -69.72 -42.46 10.00
C THR G 232 -68.93 -41.17 9.79
N VAL G 233 -67.68 -41.33 9.37
CA VAL G 233 -66.76 -40.22 9.17
C VAL G 233 -66.59 -39.99 7.68
N ARG G 234 -66.89 -38.76 7.23
CA ARG G 234 -66.72 -38.38 5.83
C ARG G 234 -65.42 -37.65 5.59
N ASN G 235 -65.09 -36.67 6.44
CA ASN G 235 -63.87 -35.89 6.30
C ASN G 235 -63.51 -35.33 7.67
N VAL G 236 -62.24 -34.99 7.83
CA VAL G 236 -61.73 -34.38 9.06
C VAL G 236 -61.02 -33.09 8.67
N HIS G 237 -61.58 -31.95 9.06
CA HIS G 237 -61.01 -30.64 8.77
C HIS G 237 -60.20 -30.16 9.97
N THR G 238 -58.90 -29.91 9.75
CA THR G 238 -58.00 -29.57 10.84
C THR G 238 -57.25 -28.25 10.64
N THR G 239 -57.45 -27.57 9.51
CA THR G 239 -56.59 -26.47 9.12
C THR G 239 -56.86 -25.22 9.97
N GLY G 240 -58.09 -25.02 10.42
CA GLY G 240 -58.46 -23.83 11.14
C GLY G 240 -58.03 -23.77 12.58
N ARG G 241 -58.89 -23.19 13.44
CA ARG G 241 -58.54 -23.01 14.84
C ARG G 241 -58.61 -24.32 15.61
N VAL G 242 -59.77 -24.95 15.63
CA VAL G 242 -59.96 -26.22 16.31
C VAL G 242 -60.30 -27.28 15.27
N VAL G 243 -60.28 -28.53 15.70
CA VAL G 243 -60.58 -29.64 14.81
C VAL G 243 -62.09 -29.74 14.60
N SER G 244 -62.49 -30.30 13.46
CA SER G 244 -63.89 -30.61 13.21
C SER G 244 -63.97 -31.88 12.37
N VAL G 245 -65.05 -32.61 12.54
CA VAL G 245 -65.25 -33.91 11.90
C VAL G 245 -66.50 -33.83 11.03
N ASP G 246 -66.30 -33.95 9.71
CA ASP G 246 -67.43 -33.98 8.77
C ASP G 246 -67.98 -35.40 8.70
N GLY G 247 -69.28 -35.53 8.91
CA GLY G 247 -69.94 -36.83 8.93
C GLY G 247 -71.04 -36.94 7.89
N THR G 248 -71.11 -38.09 7.24
CA THR G 248 -72.18 -38.41 6.29
C THR G 248 -73.13 -39.42 6.90
N LEU G 249 -74.26 -39.63 6.23
CA LEU G 249 -75.32 -40.47 6.76
C LEU G 249 -75.67 -41.64 5.84
N ILE G 250 -74.81 -41.96 4.88
CA ILE G 250 -74.94 -43.17 4.09
C ILE G 250 -73.98 -44.22 4.64
N SER G 251 -74.44 -45.47 4.68
CA SER G 251 -73.64 -46.55 5.26
C SER G 251 -74.09 -47.90 4.73
N ASN H 3 25.29 -0.41 67.12
CA ASN H 3 26.67 -0.79 67.41
C ASN H 3 27.58 -0.36 66.27
N THR H 4 28.83 -0.04 66.62
CA THR H 4 29.80 0.43 65.64
C THR H 4 30.47 -0.77 64.98
N LEU H 5 30.31 -0.89 63.66
CA LEU H 5 30.92 -1.99 62.92
C LEU H 5 32.32 -1.68 62.44
N PHE H 6 32.69 -0.41 62.34
CA PHE H 6 33.93 -0.03 61.67
C PHE H 6 34.34 1.40 62.05
N ASP H 7 35.60 1.59 62.42
CA ASP H 7 36.16 2.90 62.69
C ASP H 7 37.54 2.99 62.05
N ASP H 8 37.74 4.00 61.21
CA ASP H 8 39.04 4.24 60.60
C ASP H 8 39.09 5.68 60.11
N ILE H 9 40.30 6.17 59.92
CA ILE H 9 40.56 7.50 59.36
C ILE H 9 41.23 7.31 58.01
N PHE H 10 40.58 7.82 56.96
CA PHE H 10 41.07 7.73 55.60
C PHE H 10 41.57 9.08 55.13
N GLN H 11 42.42 9.06 54.10
CA GLN H 11 42.98 10.27 53.54
C GLN H 11 42.73 10.28 52.05
N VAL H 12 42.11 11.35 51.55
CA VAL H 12 41.60 11.39 50.19
C VAL H 12 42.74 11.58 49.21
N SER H 13 42.89 10.62 48.29
CA SER H 13 43.95 10.72 47.28
C SER H 13 43.53 11.60 46.12
N GLU H 14 42.27 11.49 45.69
CA GLU H 14 41.78 12.30 44.58
C GLU H 14 40.26 12.43 44.67
N VAL H 15 39.75 13.51 44.10
CA VAL H 15 38.32 13.77 44.01
C VAL H 15 37.99 13.89 42.53
N ASP H 16 37.18 12.97 42.02
CA ASP H 16 36.85 12.95 40.60
C ASP H 16 35.39 13.32 40.42
N PRO H 17 35.09 14.49 39.84
CA PRO H 17 33.68 14.84 39.58
C PRO H 17 33.04 13.93 38.54
N GLY H 18 33.66 13.86 37.37
CA GLY H 18 33.20 13.01 36.29
C GLY H 18 31.83 13.35 35.75
N ARG H 19 31.69 14.57 35.21
CA ARG H 19 30.47 15.03 34.53
C ARG H 19 29.22 14.98 35.41
N TYR H 20 29.41 15.19 36.70
CA TYR H 20 28.30 15.40 37.61
C TYR H 20 28.43 16.80 38.20
N ASN H 21 27.30 17.46 38.41
CA ASN H 21 27.30 18.78 39.02
C ASN H 21 27.35 18.72 40.53
N LYS H 22 26.97 17.60 41.12
CA LYS H 22 26.74 17.54 42.56
C LYS H 22 27.47 16.43 43.28
N VAL H 23 27.77 15.31 42.63
CA VAL H 23 28.42 14.19 43.31
C VAL H 23 29.81 13.97 42.75
N CYS H 24 30.62 13.25 43.54
CA CYS H 24 31.99 12.91 43.18
C CYS H 24 32.30 11.53 43.74
N ARG H 25 33.34 10.91 43.20
CA ARG H 25 33.86 9.66 43.76
C ARG H 25 35.15 9.95 44.52
N ILE H 26 35.35 9.21 45.60
CA ILE H 26 36.41 9.50 46.56
C ILE H 26 37.31 8.28 46.65
N GLU H 27 38.49 8.37 46.05
CA GLU H 27 39.52 7.38 46.30
C GLU H 27 40.31 7.78 47.53
N ALA H 28 40.37 6.88 48.51
CA ALA H 28 41.06 7.16 49.76
C ALA H 28 41.78 5.90 50.22
N ALA H 29 42.67 6.08 51.18
CA ALA H 29 43.42 4.99 51.78
C ALA H 29 43.56 5.25 53.27
N SER H 30 43.71 4.17 54.03
CA SER H 30 43.84 4.29 55.48
C SER H 30 45.20 4.85 55.84
N THR H 31 45.23 5.65 56.90
CA THR H 31 46.48 6.19 57.42
C THR H 31 47.09 5.32 58.50
N THR H 32 46.39 4.25 58.92
CA THR H 32 46.94 3.29 59.88
C THR H 32 47.42 2.03 59.17
N GLN H 33 46.53 1.37 58.43
CA GLN H 33 46.91 0.22 57.63
C GLN H 33 47.20 0.66 56.20
N ASP H 34 47.77 -0.27 55.42
CA ASP H 34 48.07 -0.01 54.02
C ASP H 34 47.14 -0.69 53.04
N GLN H 35 46.63 -1.88 53.39
CA GLN H 35 45.76 -2.63 52.50
C GLN H 35 44.32 -2.14 52.51
N CYS H 36 43.97 -1.20 53.40
CA CYS H 36 42.59 -0.76 53.56
C CYS H 36 42.40 0.54 52.78
N LYS H 37 42.09 0.40 51.49
CA LYS H 37 41.79 1.53 50.64
C LYS H 37 40.28 1.68 50.47
N LEU H 38 39.86 2.78 49.86
CA LEU H 38 38.46 3.17 49.88
C LEU H 38 38.05 3.77 48.54
N THR H 39 36.84 3.41 48.11
CA THR H 39 36.15 4.05 46.99
C THR H 39 34.76 4.41 47.47
N LEU H 40 34.37 5.68 47.34
CA LEU H 40 33.12 6.15 47.91
C LEU H 40 32.53 7.26 47.06
N ASP H 41 31.22 7.18 46.83
CA ASP H 41 30.46 8.22 46.14
C ASP H 41 29.78 9.09 47.18
N ILE H 42 30.17 10.35 47.26
CA ILE H 42 29.48 11.34 48.07
C ILE H 42 29.05 12.49 47.16
N ASN H 43 28.17 13.34 47.68
CA ASN H 43 27.88 14.61 47.03
C ASN H 43 28.69 15.72 47.68
N VAL H 44 29.31 16.56 46.85
CA VAL H 44 30.21 17.58 47.36
C VAL H 44 29.57 18.96 47.39
N GLU H 45 28.36 19.11 46.89
CA GLU H 45 27.64 20.36 47.10
C GLU H 45 27.00 20.42 48.48
N LEU H 46 26.92 19.29 49.16
CA LEU H 46 26.39 19.21 50.50
C LEU H 46 27.44 18.78 51.52
N PHE H 47 28.56 18.22 51.07
CA PHE H 47 29.70 17.94 51.94
C PHE H 47 30.95 18.05 51.10
N PRO H 48 31.53 19.25 51.00
CA PRO H 48 32.66 19.45 50.10
C PRO H 48 33.94 18.84 50.66
N VAL H 49 34.71 18.22 49.75
CA VAL H 49 35.99 17.62 50.08
C VAL H 49 37.01 18.06 49.03
N ALA H 50 38.27 17.72 49.29
CA ALA H 50 39.34 18.00 48.35
C ALA H 50 40.39 16.91 48.51
N ALA H 51 41.51 17.08 47.81
CA ALA H 51 42.61 16.14 47.92
C ALA H 51 43.34 16.32 49.24
N GLN H 52 43.81 15.20 49.79
CA GLN H 52 44.55 15.12 51.05
C GLN H 52 43.75 15.70 52.22
N ASP H 53 42.62 15.06 52.50
CA ASP H 53 41.76 15.43 53.63
C ASP H 53 41.57 14.22 54.52
N SER H 54 41.71 14.43 55.83
CA SER H 54 41.64 13.34 56.80
C SER H 54 40.18 13.14 57.20
N LEU H 55 39.47 12.30 56.45
CA LEU H 55 38.09 11.96 56.76
C LEU H 55 38.05 10.81 57.76
N THR H 56 36.96 10.73 58.49
CA THR H 56 36.72 9.65 59.46
C THR H 56 35.51 8.87 58.99
N VAL H 57 35.76 7.70 58.41
CA VAL H 57 34.71 6.85 57.87
C VAL H 57 34.29 5.87 58.95
N THR H 58 33.00 5.86 59.27
CA THR H 58 32.45 5.02 60.33
C THR H 58 31.24 4.29 59.80
N ILE H 59 31.28 2.97 59.81
CA ILE H 59 30.15 2.15 59.40
C ILE H 59 29.48 1.61 60.67
N ALA H 60 28.20 1.93 60.84
CA ALA H 60 27.47 1.54 62.03
C ALA H 60 26.24 0.75 61.65
N SER H 61 25.71 0.01 62.63
CA SER H 61 24.52 -0.81 62.40
C SER H 61 23.24 -0.05 62.70
N SER H 62 23.24 0.75 63.76
CA SER H 62 22.09 1.57 64.11
C SER H 62 22.58 2.81 64.85
N LEU H 63 21.71 3.81 64.94
CA LEU H 63 22.06 5.10 65.52
C LEU H 63 21.52 5.17 66.95
N ASN H 64 22.23 4.51 67.87
CA ASN H 64 21.89 4.58 69.29
C ASN H 64 23.04 5.18 70.10
N SER H 78 9.30 3.21 61.73
CA SER H 78 10.34 3.47 60.74
C SER H 78 10.98 4.83 60.99
N TRP H 79 11.17 5.61 59.92
CA TRP H 79 11.89 6.87 59.99
C TRP H 79 10.94 8.03 60.21
N ARG H 80 11.31 8.92 61.14
CA ARG H 80 10.62 10.16 61.42
C ARG H 80 11.66 11.28 61.39
N PRO H 81 11.34 12.43 60.79
CA PRO H 81 12.33 13.50 60.71
C PRO H 81 12.64 14.08 62.08
N PRO H 82 13.86 14.61 62.28
CA PRO H 82 14.30 14.98 63.63
C PRO H 82 13.55 16.15 64.24
N GLN H 83 12.83 15.87 65.33
CA GLN H 83 12.17 16.90 66.10
C GLN H 83 13.12 17.43 67.17
N ALA H 84 12.58 18.23 68.09
CA ALA H 84 13.40 18.80 69.15
C ALA H 84 13.70 17.74 70.21
N GLY H 85 14.97 17.65 70.60
CA GLY H 85 15.37 16.75 71.66
C GLY H 85 15.43 15.29 71.26
N ASP H 86 16.33 14.96 70.34
CA ASP H 86 16.58 13.58 69.93
C ASP H 86 18.07 13.31 70.03
N ARG H 87 18.47 12.51 71.01
CA ARG H 87 19.85 12.05 71.05
C ARG H 87 20.10 11.03 69.95
N SER H 88 21.27 11.10 69.34
CA SER H 88 21.61 10.20 68.26
C SER H 88 23.12 10.05 68.17
N LEU H 89 23.54 8.99 67.51
CA LEU H 89 24.96 8.76 67.25
C LEU H 89 25.45 9.58 66.05
N ALA H 90 24.53 10.11 65.25
CA ALA H 90 24.89 10.94 64.11
C ALA H 90 25.29 12.36 64.49
N ASP H 91 25.10 12.76 65.76
CA ASP H 91 25.37 14.14 66.16
C ASP H 91 26.85 14.46 66.15
N ASP H 92 27.70 13.45 66.31
CA ASP H 92 29.14 13.66 66.35
C ASP H 92 29.77 13.72 64.96
N TYR H 93 28.99 13.55 63.91
CA TYR H 93 29.48 13.45 62.55
C TYR H 93 28.91 14.59 61.71
N ASP H 94 29.37 14.69 60.47
CA ASP H 94 28.96 15.78 59.59
C ASP H 94 28.15 15.35 58.38
N TYR H 95 28.25 14.09 57.99
CA TYR H 95 27.60 13.62 56.76
C TYR H 95 27.32 12.13 56.93
N VAL H 96 26.09 11.79 57.28
CA VAL H 96 25.72 10.41 57.60
C VAL H 96 24.71 9.92 56.57
N MET H 97 24.83 8.66 56.19
CA MET H 97 23.99 8.10 55.13
C MET H 97 23.43 6.74 55.55
N TYR H 98 22.59 6.19 54.69
CA TYR H 98 21.95 4.89 54.88
C TYR H 98 22.01 4.11 53.58
N GLY H 99 22.20 2.80 53.69
CA GLY H 99 22.32 2.00 52.50
C GLY H 99 22.30 0.52 52.82
N THR H 100 22.62 -0.28 51.81
CA THR H 100 22.46 -1.72 51.88
C THR H 100 23.64 -2.41 51.21
N ALA H 101 24.23 -3.39 51.90
CA ALA H 101 25.23 -4.24 51.29
C ALA H 101 24.60 -5.10 50.20
N TYR H 102 25.37 -5.35 49.14
CA TYR H 102 24.86 -6.19 48.07
C TYR H 102 25.84 -7.25 47.58
N LYS H 103 27.12 -7.17 47.96
CA LYS H 103 28.10 -8.09 47.38
C LYS H 103 29.33 -8.14 48.27
N PHE H 104 29.81 -9.35 48.53
CA PHE H 104 31.12 -9.60 49.11
C PHE H 104 31.97 -10.31 48.08
N GLU H 105 33.27 -10.04 48.07
CA GLU H 105 34.16 -10.82 47.21
C GLU H 105 35.49 -11.05 47.91
N GLU H 106 36.23 -12.00 47.39
CA GLU H 106 37.58 -12.34 47.84
C GLU H 106 38.53 -11.89 46.76
N VAL H 107 39.21 -10.76 47.00
CA VAL H 107 40.16 -10.24 46.01
C VAL H 107 41.36 -11.15 45.90
N SER H 108 42.00 -11.43 47.02
CA SER H 108 43.10 -12.37 47.08
C SER H 108 43.06 -13.02 48.46
N LYS H 109 44.14 -13.67 48.85
CA LYS H 109 44.27 -14.12 50.23
C LYS H 109 44.40 -12.91 51.14
N ASP H 110 43.79 -13.01 52.32
CA ASP H 110 43.87 -12.04 53.41
C ASP H 110 43.24 -10.68 53.04
N LEU H 111 42.35 -10.66 52.05
CA LEU H 111 41.70 -9.42 51.60
C LEU H 111 40.25 -9.68 51.22
N ILE H 112 39.35 -8.83 51.71
CA ILE H 112 37.93 -8.87 51.39
C ILE H 112 37.51 -7.49 50.93
N ALA H 113 36.84 -7.43 49.78
CA ALA H 113 36.21 -6.20 49.32
C ALA H 113 34.72 -6.25 49.58
N VAL H 114 34.21 -5.25 50.28
CA VAL H 114 32.82 -5.19 50.71
C VAL H 114 32.15 -4.05 49.96
N TYR H 115 31.08 -4.36 49.22
CA TYR H 115 30.43 -3.38 48.36
C TYR H 115 29.14 -2.92 49.00
N TYR H 116 28.97 -1.61 49.12
CA TYR H 116 27.70 -1.04 49.57
C TYR H 116 27.05 -0.25 48.45
N SER H 117 25.78 0.07 48.64
CA SER H 117 25.04 0.91 47.71
C SER H 117 24.11 1.80 48.52
N PHE H 118 24.42 3.09 48.57
CA PHE H 118 23.67 4.05 49.37
C PHE H 118 22.68 4.75 48.45
N GLY H 119 21.62 4.03 48.12
CA GLY H 119 20.61 4.53 47.20
C GLY H 119 21.13 4.80 45.80
N GLY H 120 22.12 4.02 45.35
CA GLY H 120 22.76 4.27 44.08
C GLY H 120 24.12 4.93 44.19
N LEU H 121 24.52 5.36 45.38
CA LEU H 121 25.85 5.92 45.61
C LEU H 121 26.75 4.80 46.09
N LEU H 122 27.58 4.30 45.18
CA LEU H 122 28.32 3.07 45.42
C LEU H 122 29.51 3.33 46.33
N MET H 123 29.76 2.39 47.25
CA MET H 123 30.96 2.43 48.07
C MET H 123 31.65 1.08 48.00
N ARG H 124 32.98 1.11 47.92
CA ARG H 124 33.81 -0.09 47.91
C ARG H 124 34.84 0.01 49.01
N LEU H 125 34.93 -1.03 49.84
CA LEU H 125 35.86 -1.04 50.97
C LEU H 125 36.64 -2.34 50.95
N GLU H 126 37.86 -2.30 50.42
CA GLU H 126 38.74 -3.45 50.35
C GLU H 126 39.74 -3.40 51.50
N GLY H 127 39.82 -4.48 52.26
CA GLY H 127 40.71 -4.51 53.39
C GLY H 127 40.83 -5.90 53.98
N ASN H 128 41.46 -5.95 55.14
CA ASN H 128 41.69 -7.22 55.83
C ASN H 128 40.38 -7.75 56.40
N TYR H 129 40.21 -9.09 56.34
CA TYR H 129 39.05 -9.70 56.94
C TYR H 129 39.12 -9.76 58.45
N ARG H 130 40.28 -9.45 59.03
CA ARG H 130 40.34 -9.28 60.47
C ARG H 130 39.78 -7.92 60.89
N ASN H 131 39.84 -6.94 60.00
CA ASN H 131 39.20 -5.65 60.22
C ASN H 131 37.75 -5.64 59.80
N LEU H 132 37.44 -6.28 58.67
CA LEU H 132 36.11 -6.21 58.06
C LEU H 132 35.26 -7.43 58.39
N ASN H 133 35.55 -8.12 59.51
CA ASN H 133 34.76 -9.28 59.89
C ASN H 133 33.38 -8.86 60.37
N ASN H 134 33.26 -7.66 60.93
CA ASN H 134 31.99 -7.21 61.48
C ASN H 134 30.97 -6.86 60.40
N LEU H 135 31.41 -6.62 59.17
CA LEU H 135 30.51 -6.14 58.12
C LEU H 135 29.76 -7.33 57.53
N LYS H 136 28.49 -7.46 57.90
CA LYS H 136 27.61 -8.48 57.37
C LYS H 136 26.78 -7.93 56.24
N GLN H 137 26.25 -8.82 55.41
CA GLN H 137 25.46 -8.41 54.26
C GLN H 137 24.07 -8.03 54.76
N GLU H 138 23.91 -6.75 55.05
CA GLU H 138 22.71 -6.20 55.66
C GLU H 138 22.67 -4.71 55.36
N ASN H 139 21.77 -3.99 56.02
CA ASN H 139 21.77 -2.55 55.90
C ASN H 139 22.88 -1.95 56.74
N ALA H 140 23.27 -0.72 56.39
CA ALA H 140 24.39 -0.09 57.05
C ALA H 140 24.22 1.42 57.05
N TYR H 141 24.85 2.05 58.04
CA TYR H 141 24.93 3.50 58.15
C TYR H 141 26.38 3.89 57.98
N LEU H 142 26.66 4.76 57.01
CA LEU H 142 28.00 5.28 56.81
C LEU H 142 28.05 6.72 57.33
N LEU H 143 29.06 7.01 58.14
CA LEU H 143 29.09 8.25 58.91
C LEU H 143 30.44 8.92 58.68
N ILE H 144 30.41 10.17 58.20
CA ILE H 144 31.61 10.91 57.84
C ILE H 144 31.78 12.07 58.82
N ARG H 145 33.02 12.26 59.29
CA ARG H 145 33.38 13.34 60.18
C ARG H 145 34.45 14.20 59.52
N ARG H 146 34.40 15.50 59.80
CA ARG H 146 35.36 16.54 59.37
C ARG H 146 35.40 16.80 57.87
N SER I 2 33.10 -1.43 -59.86
CA SER I 2 31.73 -1.53 -59.35
C SER I 2 31.57 -2.75 -58.47
N VAL I 3 32.66 -3.14 -57.80
CA VAL I 3 32.68 -4.32 -56.95
C VAL I 3 33.03 -3.85 -55.54
N VAL I 4 32.06 -3.92 -54.62
CA VAL I 4 32.27 -3.59 -53.23
C VAL I 4 31.77 -4.75 -52.37
N GLY I 5 32.66 -5.34 -51.59
CA GLY I 5 32.28 -6.46 -50.76
C GLY I 5 31.95 -7.70 -51.57
N SER I 6 30.88 -8.38 -51.16
CA SER I 6 30.40 -9.57 -51.86
C SER I 6 29.44 -9.26 -52.99
N LEU I 7 29.02 -8.01 -53.16
CA LEU I 7 28.06 -7.62 -54.17
C LEU I 7 28.70 -6.74 -55.24
N ILE I 8 28.02 -6.69 -56.39
CA ILE I 8 28.44 -5.89 -57.53
C ILE I 8 27.28 -5.00 -57.94
N PHE I 9 27.62 -3.88 -58.59
CA PHE I 9 26.62 -2.94 -59.08
C PHE I 9 26.83 -2.70 -60.56
N CYS I 10 25.85 -2.06 -61.18
CA CYS I 10 25.94 -1.67 -62.58
C CYS I 10 26.70 -0.37 -62.72
N LEU I 11 27.52 -0.27 -63.76
CA LEU I 11 28.29 0.93 -64.04
C LEU I 11 27.46 2.04 -64.65
N ASP I 12 26.21 1.76 -65.03
CA ASP I 12 25.43 2.70 -65.81
C ASP I 12 24.20 3.25 -65.09
N CYS I 13 23.62 2.50 -64.15
CA CYS I 13 22.53 3.05 -63.35
C CYS I 13 22.62 2.70 -61.88
N GLY I 14 23.64 1.97 -61.44
CA GLY I 14 23.79 1.65 -60.05
C GLY I 14 22.90 0.55 -59.53
N ASP I 15 22.28 -0.23 -60.40
CA ASP I 15 21.42 -1.31 -59.94
C ASP I 15 22.26 -2.47 -59.41
N LEU I 16 21.76 -3.09 -58.35
CA LEU I 16 22.39 -4.29 -57.78
C LEU I 16 22.23 -5.44 -58.74
N LEU I 17 23.34 -5.92 -59.30
CA LEU I 17 23.30 -6.98 -60.29
C LEU I 17 22.96 -8.32 -59.63
N GLU I 18 22.68 -9.31 -60.48
CA GLU I 18 22.31 -10.63 -60.01
C GLU I 18 23.52 -11.35 -59.43
N ASN I 19 23.25 -12.48 -58.80
CA ASN I 19 24.32 -13.33 -58.26
C ASN I 19 25.04 -13.99 -59.43
N PRO I 20 26.35 -13.75 -59.62
CA PRO I 20 27.02 -14.22 -60.85
C PRO I 20 27.24 -15.72 -60.92
N ASN I 21 26.90 -16.44 -59.86
CA ASN I 21 26.95 -17.90 -59.88
C ASN I 21 25.56 -18.53 -59.91
N ALA I 22 24.51 -17.73 -59.79
CA ALA I 22 23.14 -18.18 -60.04
C ALA I 22 22.69 -17.87 -61.45
N VAL I 23 23.56 -17.27 -62.28
CA VAL I 23 23.26 -16.91 -63.65
C VAL I 23 24.17 -17.72 -64.55
N LEU I 24 23.67 -18.11 -65.72
CA LEU I 24 24.36 -18.98 -66.67
C LEU I 24 25.61 -18.33 -67.27
N GLY I 25 26.27 -19.06 -68.17
CA GLY I 25 27.64 -18.73 -68.51
C GLY I 25 27.79 -17.48 -69.36
N SER I 26 28.91 -16.79 -69.11
CA SER I 26 29.50 -15.71 -69.90
C SER I 26 28.73 -14.39 -69.88
N ASN I 27 27.57 -14.32 -69.24
CA ASN I 27 26.74 -13.12 -69.29
C ASN I 27 26.03 -12.91 -67.98
N VAL I 28 26.02 -11.65 -67.51
CA VAL I 28 25.19 -11.22 -66.40
C VAL I 28 24.50 -9.92 -66.83
N GLU I 29 23.17 -9.95 -66.90
CA GLU I 29 22.40 -8.84 -67.42
C GLU I 29 21.83 -8.00 -66.28
N CYS I 30 21.93 -6.68 -66.41
CA CYS I 30 21.26 -5.77 -65.51
C CYS I 30 19.75 -5.86 -65.67
N SER I 31 19.03 -5.83 -64.57
CA SER I 31 17.58 -5.95 -64.60
C SER I 31 16.85 -4.64 -64.87
N GLN I 32 17.58 -3.53 -64.98
CA GLN I 32 16.97 -2.25 -65.35
C GLN I 32 17.55 -1.65 -66.61
N CYS I 33 18.88 -1.59 -66.73
CA CYS I 33 19.49 -1.09 -67.96
C CYS I 33 19.32 -2.06 -69.12
N LYS I 34 19.22 -3.37 -68.80
CA LYS I 34 19.38 -4.47 -69.76
C LYS I 34 20.69 -4.36 -70.52
N ALA I 35 21.74 -3.94 -69.80
CA ALA I 35 23.11 -4.05 -70.25
C ALA I 35 23.74 -5.28 -69.61
N ILE I 36 24.69 -5.88 -70.31
CA ILE I 36 25.18 -7.21 -69.98
C ILE I 36 26.68 -7.13 -69.72
N TYR I 37 27.11 -7.70 -68.59
CA TYR I 37 28.51 -7.81 -68.22
C TYR I 37 28.97 -9.25 -68.37
N PRO I 38 30.21 -9.49 -68.80
CA PRO I 38 30.72 -10.86 -68.88
C PRO I 38 30.95 -11.44 -67.50
N LYS I 39 31.04 -12.77 -67.46
CA LYS I 39 31.34 -13.45 -66.20
C LYS I 39 32.81 -13.31 -65.84
N SER I 40 33.68 -13.22 -66.84
CA SER I 40 35.02 -12.70 -66.63
C SER I 40 34.95 -11.23 -66.24
N GLN I 41 35.99 -10.77 -65.54
CA GLN I 41 36.18 -9.53 -64.76
C GLN I 41 35.40 -9.61 -63.44
N PHE I 42 34.60 -10.66 -63.22
CA PHE I 42 33.92 -10.94 -61.97
C PHE I 42 34.48 -12.22 -61.38
N SER I 43 35.81 -12.32 -61.34
CA SER I 43 36.51 -13.58 -61.16
C SER I 43 36.19 -14.25 -59.83
N ASN I 44 36.54 -13.60 -58.72
CA ASN I 44 36.23 -14.14 -57.41
C ASN I 44 35.80 -13.02 -56.46
N LEU I 45 34.84 -13.34 -55.61
CA LEU I 45 34.33 -12.44 -54.60
C LEU I 45 35.02 -12.78 -53.27
N LYS I 46 35.88 -11.89 -52.80
CA LYS I 46 36.68 -12.14 -51.62
C LYS I 46 36.32 -11.14 -50.54
N VAL I 47 36.04 -11.65 -49.33
CA VAL I 47 35.67 -10.79 -48.21
C VAL I 47 36.11 -11.40 -46.89
N VAL I 48 36.89 -10.66 -46.11
CA VAL I 48 37.33 -11.06 -44.79
C VAL I 48 36.47 -10.36 -43.75
N THR I 49 36.09 -11.07 -42.70
CA THR I 49 35.21 -10.51 -41.68
C THR I 49 35.65 -11.02 -40.31
N THR I 50 36.22 -10.13 -39.51
CA THR I 50 36.68 -10.46 -38.17
C THR I 50 35.51 -10.35 -37.19
N THR I 51 35.54 -11.19 -36.15
CA THR I 51 34.59 -11.07 -35.06
C THR I 51 34.82 -9.75 -34.29
N ALA I 52 33.80 -9.35 -33.53
CA ALA I 52 33.62 -7.96 -33.12
C ALA I 52 34.45 -7.53 -31.92
N ASP I 53 35.41 -8.36 -31.47
CA ASP I 53 36.38 -8.06 -30.38
C ASP I 53 35.69 -7.78 -29.04
N ASP I 54 34.42 -8.14 -28.92
CA ASP I 54 33.71 -8.15 -27.65
C ASP I 54 32.84 -9.39 -27.57
N ALA I 55 32.84 -10.22 -28.61
CA ALA I 55 31.94 -11.35 -28.72
C ALA I 55 32.32 -12.50 -27.81
N PHE I 56 33.55 -12.54 -27.31
CA PHE I 56 34.04 -13.64 -26.49
C PHE I 56 34.55 -13.10 -25.17
N PRO I 57 33.66 -12.84 -24.21
CA PRO I 57 34.13 -12.32 -22.91
C PRO I 57 34.71 -13.44 -22.05
N SER I 58 35.92 -13.21 -21.54
CA SER I 58 36.60 -14.23 -20.77
C SER I 58 37.50 -13.57 -19.74
N SER I 59 37.94 -14.39 -18.78
CA SER I 59 38.95 -13.95 -17.83
C SER I 59 40.29 -13.70 -18.49
N LEU I 60 40.58 -14.43 -19.57
CA LEU I 60 41.84 -14.27 -20.28
C LEU I 60 41.83 -13.07 -21.21
N ARG I 61 40.64 -12.63 -21.67
CA ARG I 61 40.54 -11.41 -22.45
C ARG I 61 40.79 -10.19 -21.58
N ALA I 62 40.39 -10.25 -20.30
CA ALA I 62 40.56 -9.12 -19.40
C ALA I 62 42.03 -8.87 -19.06
N LYS I 63 42.89 -9.87 -19.19
CA LYS I 63 44.31 -9.70 -18.96
C LYS I 63 45.06 -9.13 -20.15
N LYS I 64 44.35 -8.81 -21.25
CA LYS I 64 45.03 -8.33 -22.45
C LYS I 64 45.45 -6.87 -22.30
N SER I 65 44.54 -6.03 -21.79
CA SER I 65 44.85 -4.61 -21.66
C SER I 65 45.52 -4.28 -20.33
N VAL I 66 45.37 -5.15 -19.33
CA VAL I 66 45.99 -4.91 -18.03
C VAL I 66 47.48 -5.16 -18.09
N VAL I 67 47.89 -6.26 -18.71
CA VAL I 67 49.29 -6.63 -18.82
C VAL I 67 50.05 -5.70 -19.77
N MET J 1 -7.05 38.84 8.85
CA MET J 1 -7.73 39.63 7.83
C MET J 1 -7.69 41.11 8.21
N ILE J 2 -8.14 41.40 9.42
CA ILE J 2 -8.00 42.71 10.05
C ILE J 2 -7.18 42.45 11.32
N VAL J 3 -6.70 43.53 11.94
CA VAL J 3 -5.71 43.46 13.04
C VAL J 3 -6.29 42.71 14.24
N PRO J 4 -5.57 41.73 14.79
CA PRO J 4 -6.10 40.97 15.91
C PRO J 4 -6.07 41.80 17.19
N VAL J 5 -7.24 41.95 17.81
CA VAL J 5 -7.30 42.42 19.17
C VAL J 5 -6.63 41.37 20.05
N ARG J 6 -5.90 41.81 21.08
CA ARG J 6 -5.46 40.96 22.19
C ARG J 6 -4.56 39.80 21.76
N CYS J 7 -3.27 40.10 21.52
CA CYS J 7 -2.30 39.18 20.92
C CYS J 7 -2.25 37.82 21.61
N PHE J 8 -1.79 36.84 20.83
CA PHE J 8 -2.16 35.44 21.05
C PHE J 8 -1.46 34.84 22.25
N SER J 9 -0.26 35.30 22.58
CA SER J 9 0.59 34.57 23.50
C SER J 9 0.49 35.06 24.94
N CYS J 10 0.53 36.37 25.17
CA CYS J 10 0.40 36.90 26.53
C CYS J 10 -1.01 37.42 26.80
N GLY J 11 -1.47 38.37 26.00
CA GLY J 11 -2.83 38.87 26.16
C GLY J 11 -2.94 40.37 26.13
N LYS J 12 -1.85 41.04 25.75
CA LYS J 12 -1.84 42.50 25.68
C LYS J 12 -2.71 42.97 24.52
N VAL J 13 -3.44 44.07 24.75
CA VAL J 13 -4.28 44.66 23.72
C VAL J 13 -3.39 45.27 22.65
N VAL J 14 -3.58 44.84 21.41
CA VAL J 14 -2.65 45.09 20.31
C VAL J 14 -3.38 45.75 19.16
N GLY J 15 -4.69 45.52 19.08
CA GLY J 15 -5.50 45.90 17.92
C GLY J 15 -5.61 47.38 17.66
N ASP J 16 -5.35 48.23 18.66
CA ASP J 16 -5.36 49.66 18.43
C ASP J 16 -4.02 50.21 17.96
N LYS J 17 -2.97 49.40 17.95
CA LYS J 17 -1.65 49.90 17.55
C LYS J 17 -1.43 49.88 16.04
N TRP J 18 -2.38 49.37 15.25
CA TRP J 18 -2.10 49.13 13.84
C TRP J 18 -2.05 50.43 13.03
N GLU J 19 -3.06 51.28 13.16
CA GLU J 19 -3.07 52.50 12.38
C GLU J 19 -2.06 53.52 12.90
N SER J 20 -1.70 53.43 14.19
CA SER J 20 -0.59 54.23 14.68
C SER J 20 0.73 53.75 14.14
N TYR J 21 0.85 52.43 13.88
CA TYR J 21 2.07 51.87 13.33
C TYR J 21 2.30 52.33 11.90
N LEU J 22 1.23 52.38 11.10
CA LEU J 22 1.35 52.89 9.74
C LEU J 22 1.57 54.40 9.72
N ASN J 23 1.19 55.09 10.80
CA ASN J 23 1.57 56.49 10.95
C ASN J 23 3.06 56.60 11.27
N LEU J 24 3.56 55.75 12.17
CA LEU J 24 4.96 55.80 12.58
C LEU J 24 5.92 55.19 11.56
N LEU J 25 5.44 54.68 10.43
CA LEU J 25 6.31 54.28 9.33
C LEU J 25 6.26 55.23 8.15
N GLN J 26 5.15 55.93 7.94
CA GLN J 26 4.99 56.74 6.74
C GLN J 26 5.29 58.21 6.99
N GLU J 27 4.58 58.84 7.93
CA GLU J 27 4.81 60.26 8.19
C GLU J 27 6.09 60.48 8.97
N ASP J 28 6.18 59.94 10.17
CA ASP J 28 7.44 59.89 10.90
C ASP J 28 8.24 58.73 10.32
N GLU J 29 9.30 59.03 9.58
CA GLU J 29 10.05 57.98 8.91
C GLU J 29 10.93 57.30 9.95
N LEU J 30 10.38 56.24 10.56
CA LEU J 30 11.13 55.39 11.47
C LEU J 30 11.15 53.97 10.93
N ASP J 31 12.18 53.22 11.31
CA ASP J 31 12.26 51.82 10.94
C ASP J 31 11.30 50.99 11.80
N GLU J 32 11.26 49.68 11.52
CA GLU J 32 10.31 48.83 12.21
C GLU J 32 10.73 48.51 13.63
N GLY J 33 12.00 48.70 13.98
CA GLY J 33 12.44 48.43 15.32
C GLY J 33 12.04 49.51 16.29
N THR J 34 12.19 50.77 15.87
CA THR J 34 11.82 51.88 16.73
C THR J 34 10.31 52.03 16.83
N ALA J 35 9.62 51.82 15.70
CA ALA J 35 8.17 52.04 15.66
C ALA J 35 7.40 51.02 16.47
N LEU J 36 7.92 49.79 16.60
CA LEU J 36 7.29 48.86 17.53
C LEU J 36 7.63 49.21 18.96
N SER J 37 8.78 49.81 19.20
CA SER J 37 9.20 50.13 20.56
C SER J 37 8.45 51.34 21.12
N ARG J 38 8.14 52.31 20.26
CA ARG J 38 7.42 53.49 20.72
C ARG J 38 5.96 53.18 21.02
N LEU J 39 5.40 52.15 20.38
CA LEU J 39 4.02 51.75 20.62
C LEU J 39 3.85 50.88 21.87
N GLY J 40 4.89 50.76 22.70
CA GLY J 40 4.76 49.97 23.90
C GLY J 40 4.74 48.48 23.69
N LEU J 41 5.27 48.00 22.57
CA LEU J 41 5.37 46.58 22.30
C LEU J 41 6.78 46.15 22.69
N LYS J 42 6.92 45.66 23.92
CA LYS J 42 8.23 45.27 24.45
C LYS J 42 8.50 43.77 24.34
N ARG J 43 7.52 42.95 24.72
CA ARG J 43 7.67 41.51 24.54
C ARG J 43 7.57 41.16 23.06
N TYR J 44 8.40 40.22 22.62
CA TYR J 44 8.41 39.90 21.20
C TYR J 44 7.22 39.07 20.78
N CYS J 45 6.48 38.50 21.73
CA CYS J 45 5.19 37.92 21.41
C CYS J 45 4.21 39.01 20.96
N CYS J 46 4.29 40.19 21.56
CA CYS J 46 3.54 41.32 21.08
C CYS J 46 4.12 41.87 19.79
N ARG J 47 5.46 41.84 19.66
CA ARG J 47 6.13 42.50 18.55
C ARG J 47 5.95 41.77 17.22
N ARG J 48 5.55 40.50 17.24
CA ARG J 48 5.35 39.79 15.99
C ARG J 48 3.96 39.94 15.42
N MET J 49 3.04 40.57 16.16
CA MET J 49 1.73 40.87 15.61
C MET J 49 1.80 42.01 14.61
N ILE J 50 2.18 43.19 15.10
CA ILE J 50 2.11 44.40 14.31
C ILE J 50 3.19 44.44 13.25
N LEU J 51 4.28 43.72 13.47
CA LEU J 51 5.35 43.65 12.47
C LEU J 51 4.89 42.88 11.24
N THR J 52 4.22 41.75 11.46
CA THR J 52 3.94 40.79 10.40
C THR J 52 2.46 40.64 10.10
N HIS J 53 1.64 41.63 10.45
CA HIS J 53 0.23 41.53 10.11
C HIS J 53 0.05 41.88 8.65
N VAL J 54 -0.74 41.07 7.94
CA VAL J 54 -0.91 41.26 6.51
C VAL J 54 -1.96 42.32 6.20
N ASP J 55 -3.02 42.39 7.02
CA ASP J 55 -4.14 43.33 6.88
C ASP J 55 -4.79 43.19 5.51
N LEU J 56 -5.34 42.00 5.27
CA LEU J 56 -5.84 41.63 3.97
C LEU J 56 -7.28 42.10 3.76
N ILE J 57 -7.91 42.70 4.77
CA ILE J 57 -9.27 43.19 4.65
C ILE J 57 -9.37 44.34 3.64
N GLU J 58 -8.27 45.05 3.37
CA GLU J 58 -8.32 46.09 2.35
C GLU J 58 -8.45 45.51 0.96
N LYS J 59 -7.99 44.28 0.74
CA LYS J 59 -8.21 43.62 -0.54
C LYS J 59 -9.60 43.00 -0.61
N PHE J 60 -10.16 42.60 0.53
CA PHE J 60 -11.54 42.12 0.58
C PHE J 60 -12.52 43.24 0.25
N LEU J 61 -12.35 44.41 0.87
CA LEU J 61 -13.33 45.50 0.80
C LEU J 61 -13.45 46.15 -0.56
N ARG J 62 -12.64 45.76 -1.54
CA ARG J 62 -12.82 46.26 -2.90
C ARG J 62 -13.77 45.41 -3.71
N TYR J 63 -14.44 44.44 -3.07
CA TYR J 63 -15.50 43.66 -3.69
C TYR J 63 -16.76 43.98 -2.91
N ASN J 64 -17.41 45.08 -3.27
CA ASN J 64 -18.59 45.53 -2.55
C ASN J 64 -19.82 45.15 -3.36
N PRO J 65 -20.68 44.28 -2.86
CA PRO J 65 -21.88 43.91 -3.61
C PRO J 65 -22.96 44.97 -3.62
N LEU J 66 -22.81 46.03 -2.83
CA LEU J 66 -23.90 46.97 -2.56
C LEU J 66 -23.60 48.36 -3.10
N GLU J 67 -22.85 48.46 -4.20
CA GLU J 67 -22.62 49.73 -4.86
C GLU J 67 -22.24 49.47 -6.31
N LYS J 68 -22.73 50.32 -7.21
CA LYS J 68 -22.29 50.22 -8.60
C LYS J 68 -20.85 50.70 -8.73
N ARG J 69 -20.19 50.24 -9.77
CA ARG J 69 -18.76 50.43 -9.90
C ARG J 69 -18.37 50.87 -11.31
N GLU K 45 -20.66 18.50 48.40
CA GLU K 45 -20.05 17.71 47.35
C GLU K 45 -18.79 18.36 46.80
N LYS K 46 -18.38 19.46 47.42
CA LYS K 46 -17.12 20.09 47.05
C LYS K 46 -15.93 19.26 47.54
N ILE K 47 -15.87 19.02 48.84
CA ILE K 47 -14.91 18.12 49.46
C ILE K 47 -15.61 16.78 49.74
N LYS K 48 -14.91 15.68 49.51
CA LYS K 48 -15.50 14.36 49.70
C LYS K 48 -14.42 13.39 50.14
N LEU K 49 -14.62 12.75 51.30
CA LEU K 49 -13.69 11.76 51.81
C LEU K 49 -13.91 10.44 51.07
N LEU K 50 -12.86 9.93 50.44
CA LEU K 50 -12.94 8.68 49.70
C LEU K 50 -12.93 7.52 50.70
N THR K 51 -14.06 6.84 50.81
CA THR K 51 -14.25 5.84 51.86
C THR K 51 -13.51 4.54 51.60
N GLN K 52 -13.03 4.31 50.38
CA GLN K 52 -12.30 3.08 50.10
C GLN K 52 -10.80 3.21 50.28
N ALA K 53 -10.27 4.43 50.26
CA ALA K 53 -8.85 4.66 50.46
C ALA K 53 -8.52 5.21 51.83
N THR K 54 -9.53 5.59 52.61
CA THR K 54 -9.30 6.01 53.99
C THR K 54 -8.95 4.80 54.86
N SER K 55 -8.36 5.09 56.01
CA SER K 55 -8.07 4.06 56.99
C SER K 55 -9.18 4.02 58.03
N GLU K 56 -9.18 2.95 58.83
CA GLU K 56 -10.18 2.82 59.89
C GLU K 56 -9.86 3.74 61.06
N ASP K 57 -8.59 3.96 61.34
CA ASP K 57 -8.18 4.80 62.45
C ASP K 57 -8.33 6.28 62.14
N GLY K 58 -8.47 6.64 60.87
CA GLY K 58 -8.53 8.02 60.47
C GLY K 58 -7.18 8.69 60.33
N THR K 59 -6.09 7.94 60.46
CA THR K 59 -4.74 8.47 60.35
C THR K 59 -4.20 8.40 58.93
N SER K 60 -5.04 8.03 57.96
CA SER K 60 -4.63 7.93 56.57
C SER K 60 -5.89 8.01 55.73
N ALA K 61 -6.01 9.04 54.90
CA ALA K 61 -7.26 9.24 54.18
C ALA K 61 -7.01 10.00 52.89
N SER K 62 -7.64 9.55 51.82
CA SER K 62 -7.66 10.27 50.56
C SER K 62 -8.90 11.15 50.50
N PHE K 63 -8.76 12.33 49.91
CA PHE K 63 -9.86 13.26 49.75
C PHE K 63 -10.09 13.48 48.25
N GLN K 64 -11.15 14.21 47.93
CA GLN K 64 -11.43 14.52 46.54
C GLN K 64 -12.11 15.87 46.48
N ILE K 65 -11.41 16.85 45.91
CA ILE K 65 -11.90 18.21 45.78
C ILE K 65 -12.23 18.44 44.32
N VAL K 66 -13.41 18.95 44.04
CA VAL K 66 -13.84 19.18 42.67
C VAL K 66 -13.45 20.59 42.24
N GLU K 67 -13.26 20.74 40.93
CA GLU K 67 -12.87 21.96 40.20
C GLU K 67 -11.77 22.77 40.89
N GLU K 68 -10.71 22.07 41.29
CA GLU K 68 -9.52 22.73 41.81
C GLU K 68 -8.29 22.14 41.16
N ASP K 69 -7.48 23.02 40.57
CA ASP K 69 -6.30 22.71 39.79
C ASP K 69 -5.08 22.74 40.72
N HIS K 70 -3.88 22.86 40.13
CA HIS K 70 -2.63 23.04 40.87
C HIS K 70 -2.59 24.29 41.74
N THR K 71 -3.51 25.24 41.55
CA THR K 71 -3.56 26.46 42.34
C THR K 71 -3.72 26.15 43.82
N LEU K 72 -4.84 25.54 44.17
CA LEU K 72 -5.10 25.20 45.56
C LEU K 72 -4.40 23.92 45.98
N GLY K 73 -4.16 23.00 45.05
CA GLY K 73 -3.62 21.70 45.42
C GLY K 73 -2.18 21.77 45.88
N ASN K 74 -1.35 22.52 45.16
CA ASN K 74 0.06 22.64 45.53
C ASN K 74 0.23 23.57 46.72
N ALA K 75 -0.57 24.63 46.80
CA ALA K 75 -0.44 25.59 47.89
C ALA K 75 -0.89 25.00 49.21
N LEU K 76 -1.87 24.10 49.18
CA LEU K 76 -2.28 23.41 50.41
C LEU K 76 -1.28 22.33 50.79
N ARG K 77 -0.63 21.70 49.79
CA ARG K 77 0.32 20.63 50.04
C ARG K 77 1.56 21.13 50.78
N TYR K 78 1.95 22.38 50.55
CA TYR K 78 3.10 22.91 51.26
C TYR K 78 2.79 23.18 52.72
N VAL K 79 1.58 23.65 53.01
CA VAL K 79 1.25 24.04 54.37
C VAL K 79 1.01 22.82 55.25
N ILE K 80 0.45 21.75 54.68
CA ILE K 80 0.17 20.55 55.45
C ILE K 80 1.45 19.78 55.75
N MET K 81 2.49 19.94 54.94
CA MET K 81 3.75 19.28 55.24
C MET K 81 4.55 20.01 56.31
N LYS K 82 4.21 21.24 56.63
CA LYS K 82 4.84 21.95 57.73
C LYS K 82 4.29 21.50 59.09
N ASN K 83 3.22 20.73 59.09
CA ASN K 83 2.71 20.13 60.30
C ASN K 83 3.65 19.01 60.74
N PRO K 84 4.15 19.02 61.98
CA PRO K 84 5.07 17.95 62.41
C PRO K 84 4.39 16.63 62.73
N ASP K 85 3.10 16.51 62.44
CA ASP K 85 2.38 15.26 62.61
C ASP K 85 2.12 14.56 61.27
N VAL K 86 2.16 15.30 60.16
CA VAL K 86 1.84 14.74 58.85
C VAL K 86 3.05 13.98 58.34
N GLU K 87 2.88 12.66 58.14
CA GLU K 87 3.95 11.83 57.62
C GLU K 87 4.03 11.91 56.10
N PHE K 88 2.95 11.55 55.43
CA PHE K 88 2.90 11.50 53.97
C PHE K 88 1.81 12.43 53.49
N CYS K 89 2.12 13.22 52.46
CA CYS K 89 1.08 14.00 51.79
C CYS K 89 1.48 14.32 50.37
N GLY K 90 0.47 14.46 49.53
CA GLY K 90 0.66 14.87 48.15
C GLY K 90 -0.69 15.09 47.52
N TYR K 91 -0.69 15.83 46.42
CA TYR K 91 -1.90 15.97 45.63
C TYR K 91 -1.76 15.17 44.35
N SER K 92 -2.90 14.89 43.72
CA SER K 92 -2.90 14.12 42.48
C SER K 92 -4.14 14.45 41.69
N ILE K 93 -3.98 14.87 40.44
CA ILE K 93 -5.11 15.03 39.54
C ILE K 93 -5.26 13.74 38.74
N PRO K 94 -6.47 13.17 38.66
CA PRO K 94 -6.63 11.88 37.98
C PRO K 94 -6.45 11.97 36.48
N HIS K 95 -7.08 12.98 35.88
CA HIS K 95 -7.01 13.20 34.46
C HIS K 95 -7.22 14.70 34.29
N PRO K 96 -6.36 15.37 33.53
CA PRO K 96 -6.41 16.84 33.46
C PRO K 96 -7.60 17.38 32.70
N SER K 97 -8.28 16.57 31.88
CA SER K 97 -9.46 17.06 31.18
C SER K 97 -10.65 17.17 32.12
N GLU K 98 -10.64 16.46 33.23
CA GLU K 98 -11.66 16.58 34.26
C GLU K 98 -11.21 17.58 35.32
N ASN K 99 -12.18 18.19 35.99
CA ASN K 99 -11.89 19.19 37.01
C ASN K 99 -11.93 18.56 38.39
N LEU K 100 -10.93 17.73 38.66
CA LEU K 100 -10.87 16.93 39.87
C LEU K 100 -9.49 17.04 40.51
N LEU K 101 -9.42 16.66 41.78
CA LEU K 101 -8.19 16.80 42.57
C LEU K 101 -8.29 15.89 43.79
N ASN K 102 -7.28 15.05 43.99
CA ASN K 102 -7.20 14.19 45.15
C ASN K 102 -6.05 14.63 46.06
N ILE K 103 -6.19 14.38 47.35
CA ILE K 103 -5.14 14.66 48.34
C ILE K 103 -5.06 13.50 49.31
N ARG K 104 -3.91 12.84 49.37
CA ARG K 104 -3.64 11.82 50.38
C ARG K 104 -3.02 12.49 51.59
N ILE K 105 -3.49 12.15 52.78
CA ILE K 105 -2.92 12.67 54.02
C ILE K 105 -2.70 11.49 54.95
N GLN K 106 -1.44 11.16 55.20
CA GLN K 106 -1.08 10.12 56.16
C GLN K 106 -0.29 10.76 57.29
N THR K 107 -0.73 10.53 58.51
CA THR K 107 -0.08 11.09 59.68
C THR K 107 0.54 9.97 60.52
N TYR K 108 1.26 10.37 61.57
CA TYR K 108 1.88 9.42 62.47
C TYR K 108 0.93 8.90 63.54
N GLY K 109 -0.28 9.41 63.59
CA GLY K 109 -1.19 9.17 64.69
C GLY K 109 -1.51 10.48 65.39
N GLU K 110 -2.17 10.35 66.56
CA GLU K 110 -2.48 11.37 67.55
C GLU K 110 -3.20 12.62 67.03
N THR K 111 -3.70 12.57 65.79
CA THR K 111 -4.54 13.57 65.14
C THR K 111 -5.07 12.92 63.86
N THR K 112 -6.36 13.02 63.59
CA THR K 112 -6.92 12.42 62.39
C THR K 112 -6.47 13.18 61.14
N ALA K 113 -6.66 12.55 59.98
CA ALA K 113 -6.25 13.15 58.72
C ALA K 113 -7.14 14.33 58.35
N VAL K 114 -8.40 14.31 58.79
CA VAL K 114 -9.30 15.42 58.54
C VAL K 114 -8.88 16.63 59.35
N ASP K 115 -8.52 16.42 60.62
CA ASP K 115 -8.14 17.52 61.49
C ASP K 115 -6.79 18.11 61.12
N ALA K 116 -5.94 17.35 60.44
CA ALA K 116 -4.75 17.94 59.83
C ALA K 116 -5.14 18.82 58.66
N LEU K 117 -6.08 18.35 57.83
CA LEU K 117 -6.54 19.12 56.68
C LEU K 117 -7.24 20.40 57.10
N GLN K 118 -7.98 20.36 58.21
CA GLN K 118 -8.54 21.58 58.76
C GLN K 118 -7.45 22.50 59.31
N LYS K 119 -6.36 21.93 59.81
CA LYS K 119 -5.25 22.74 60.28
C LYS K 119 -4.46 23.33 59.11
N GLY K 120 -4.37 22.60 58.00
CA GLY K 120 -3.70 23.14 56.83
C GLY K 120 -4.51 24.21 56.12
N LEU K 121 -5.84 24.08 56.13
CA LEU K 121 -6.68 25.12 55.56
C LEU K 121 -6.76 26.36 56.44
N LYS K 122 -6.63 26.17 57.76
CA LYS K 122 -6.60 27.31 58.67
C LYS K 122 -5.31 28.11 58.49
N ASP K 123 -4.20 27.42 58.27
CA ASP K 123 -2.91 28.10 58.18
C ASP K 123 -2.66 28.66 56.79
N LEU K 124 -3.24 28.07 55.76
CA LEU K 124 -3.21 28.68 54.43
C LEU K 124 -4.13 29.89 54.38
N MET K 125 -5.17 29.91 55.22
CA MET K 125 -5.94 31.13 55.42
C MET K 125 -5.13 32.19 56.15
N ASP K 126 -4.33 31.77 57.13
CA ASP K 126 -3.50 32.70 57.88
C ASP K 126 -2.36 33.25 57.05
N LEU K 127 -1.86 32.46 56.09
CA LEU K 127 -0.75 32.91 55.26
C LEU K 127 -1.23 33.96 54.26
N CYS K 128 -2.50 33.93 53.88
CA CYS K 128 -3.03 34.94 52.98
C CYS K 128 -3.43 36.22 53.69
N ASP K 129 -3.36 36.25 55.01
CA ASP K 129 -3.66 37.44 55.78
C ASP K 129 -2.41 38.25 56.10
N VAL K 130 -1.22 37.70 55.86
CA VAL K 130 0.01 38.42 56.07
C VAL K 130 0.68 38.84 54.77
N VAL K 131 0.38 38.17 53.64
CA VAL K 131 0.76 38.69 52.33
C VAL K 131 -0.21 39.75 51.85
N GLU K 132 -1.30 39.98 52.59
CA GLU K 132 -2.27 41.03 52.33
C GLU K 132 -2.07 42.22 53.25
N SER K 133 -1.59 41.98 54.47
CA SER K 133 -1.30 43.08 55.39
C SER K 133 -0.02 43.81 54.99
N LYS K 134 1.06 43.07 54.73
CA LYS K 134 2.32 43.72 54.39
C LYS K 134 2.31 44.28 52.97
N PHE K 135 1.46 43.77 52.08
CA PHE K 135 1.33 44.40 50.77
C PHE K 135 0.55 45.71 50.88
N THR K 136 -0.31 45.83 51.89
CA THR K 136 -1.04 47.06 52.10
C THR K 136 -0.23 48.08 52.86
N GLU K 137 0.62 47.62 53.80
CA GLU K 137 1.48 48.54 54.54
C GLU K 137 2.60 49.11 53.69
N LYS K 138 2.92 48.49 52.56
CA LYS K 138 3.89 49.02 51.63
C LYS K 138 3.26 49.80 50.48
N ILE K 139 1.95 49.68 50.28
CA ILE K 139 1.27 50.50 49.28
C ILE K 139 0.64 51.72 49.93
N LYS K 140 0.47 51.73 51.26
CA LYS K 140 0.13 52.96 51.96
C LYS K 140 1.37 53.78 52.25
N SER K 141 2.51 53.13 52.42
CA SER K 141 3.77 53.87 52.52
C SER K 141 4.19 54.40 51.16
N MET K 142 4.41 53.49 50.20
CA MET K 142 4.72 53.78 48.80
C MET K 142 5.93 54.68 48.59
N LEU L 27 -37.70 45.46 -0.58
CA LEU L 27 -36.81 45.19 -1.69
C LEU L 27 -35.82 44.11 -1.29
N LYS L 28 -36.12 42.86 -1.65
CA LYS L 28 -35.47 41.71 -1.08
C LYS L 28 -34.32 41.16 -1.92
N TYR L 29 -34.05 41.72 -3.11
CA TYR L 29 -32.99 41.18 -3.94
C TYR L 29 -32.11 42.30 -4.48
N ILE L 30 -30.88 41.93 -4.82
CA ILE L 30 -29.88 42.83 -5.38
C ILE L 30 -29.33 42.18 -6.63
N CYS L 31 -29.29 42.93 -7.74
CA CYS L 31 -28.60 42.45 -8.93
C CYS L 31 -27.11 42.34 -8.66
N ALA L 32 -26.51 41.25 -9.14
CA ALA L 32 -25.10 41.02 -8.91
C ALA L 32 -24.22 41.88 -9.80
N GLU L 33 -24.77 42.46 -10.87
CA GLU L 33 -23.97 43.21 -11.82
C GLU L 33 -23.88 44.70 -11.47
N CYS L 34 -25.04 45.35 -11.30
CA CYS L 34 -25.07 46.80 -11.12
C CYS L 34 -25.43 47.21 -9.71
N SER L 35 -25.70 46.25 -8.81
CA SER L 35 -26.02 46.48 -7.39
C SER L 35 -27.23 47.38 -7.19
N SER L 36 -28.18 47.34 -8.12
CA SER L 36 -29.43 48.09 -7.98
C SER L 36 -30.44 47.16 -7.34
N LYS L 37 -30.75 47.42 -6.07
CA LYS L 37 -31.61 46.52 -5.31
C LYS L 37 -33.07 46.68 -5.74
N LEU L 38 -33.79 45.56 -5.73
CA LEU L 38 -35.12 45.50 -6.32
C LEU L 38 -35.86 44.29 -5.78
N SER L 39 -37.17 44.44 -5.65
CA SER L 39 -38.04 43.33 -5.30
C SER L 39 -38.47 42.60 -6.57
N LEU L 40 -38.71 41.30 -6.43
CA LEU L 40 -39.18 40.46 -7.51
C LEU L 40 -40.51 39.87 -7.11
N SER L 41 -41.56 40.19 -7.86
CA SER L 41 -42.88 39.67 -7.55
C SER L 41 -42.99 38.22 -8.00
N ARG L 42 -44.08 37.58 -7.62
CA ARG L 42 -44.32 36.23 -8.08
C ARG L 42 -44.73 36.25 -9.56
N THR L 43 -44.59 35.08 -10.21
CA THR L 43 -44.68 34.81 -11.65
C THR L 43 -44.09 35.92 -12.53
N ASP L 44 -42.94 36.44 -12.12
CA ASP L 44 -42.26 37.54 -12.80
C ASP L 44 -40.96 37.02 -13.39
N ALA L 45 -40.48 37.74 -14.41
CA ALA L 45 -39.21 37.38 -15.05
C ALA L 45 -38.06 37.64 -14.10
N VAL L 46 -37.23 36.62 -13.90
CA VAL L 46 -36.14 36.71 -12.95
C VAL L 46 -34.95 37.38 -13.62
N ARG L 47 -34.92 38.71 -13.57
CA ARG L 47 -33.80 39.50 -14.04
C ARG L 47 -33.91 40.90 -13.46
N CYS L 48 -32.78 41.60 -13.45
CA CYS L 48 -32.75 43.00 -13.04
C CYS L 48 -33.51 43.86 -14.05
N LYS L 49 -34.10 44.94 -13.55
CA LYS L 49 -34.95 45.80 -14.36
C LYS L 49 -34.18 46.92 -15.06
N ASP L 50 -32.93 47.17 -14.68
CA ASP L 50 -32.13 48.21 -15.31
C ASP L 50 -31.20 47.63 -16.37
N CYS L 51 -30.33 46.71 -15.99
CA CYS L 51 -29.54 45.94 -16.94
C CYS L 51 -30.12 44.55 -17.04
N GLY L 52 -30.01 43.96 -18.23
CA GLY L 52 -30.54 42.62 -18.42
C GLY L 52 -29.63 41.56 -17.85
N HIS L 53 -29.51 41.48 -16.53
CA HIS L 53 -28.63 40.52 -15.90
C HIS L 53 -29.45 39.48 -15.16
N ARG L 54 -28.93 38.26 -15.10
CA ARG L 54 -29.72 37.09 -14.76
C ARG L 54 -29.47 36.54 -13.37
N ILE L 55 -28.57 37.16 -12.59
CA ILE L 55 -28.21 36.64 -11.27
C ILE L 55 -28.59 37.67 -10.23
N LEU L 56 -29.37 37.24 -9.24
CA LEU L 56 -29.83 38.12 -8.18
C LEU L 56 -29.34 37.62 -6.84
N LEU L 57 -28.87 38.54 -6.00
CA LEU L 57 -28.42 38.25 -4.66
C LEU L 57 -29.51 38.59 -3.66
N LYS L 58 -29.88 37.65 -2.82
CA LYS L 58 -30.86 37.94 -1.78
C LYS L 58 -30.21 38.78 -0.70
N ALA L 59 -30.87 39.89 -0.34
CA ALA L 59 -30.31 40.82 0.64
C ALA L 59 -30.46 40.25 2.05
N ARG L 60 -29.98 41.00 3.03
CA ARG L 60 -30.03 40.58 4.42
C ARG L 60 -31.03 41.46 5.17
N THR L 61 -32.21 40.90 5.43
CA THR L 61 -33.25 41.59 6.17
C THR L 61 -32.87 41.63 7.65
N LYS L 62 -33.25 42.72 8.32
CA LYS L 62 -32.94 42.95 9.73
C LYS L 62 -33.69 41.94 10.59
N ARG L 63 -32.97 40.92 11.09
CA ARG L 63 -33.52 39.91 11.96
C ARG L 63 -32.53 39.58 13.07
N LEU L 64 -33.08 39.12 14.20
CA LEU L 64 -32.25 38.81 15.35
C LEU L 64 -31.50 37.51 15.12
N VAL L 65 -30.17 37.58 15.20
CA VAL L 65 -29.31 36.38 15.15
C VAL L 65 -28.42 36.41 16.38
N GLN L 66 -28.45 35.33 17.15
CA GLN L 66 -27.76 35.25 18.43
C GLN L 66 -26.39 34.61 18.26
N PHE L 67 -25.39 35.18 18.93
CA PHE L 67 -24.04 34.64 18.95
C PHE L 67 -23.48 34.67 20.36
N GLU L 68 -22.86 33.56 20.76
CA GLU L 68 -22.04 33.52 21.95
C GLU L 68 -20.61 33.88 21.55
N ALA L 69 -20.09 34.96 22.13
CA ALA L 69 -18.82 35.53 21.68
C ALA L 69 -17.63 34.69 22.10
N ARG L 70 -17.45 33.55 21.45
CA ARG L 70 -16.35 32.63 21.75
C ARG L 70 -15.77 32.07 20.45
N SER P 24 11.92 19.68 -73.40
CA SER P 24 11.59 19.71 -71.98
C SER P 24 12.51 20.68 -71.23
N ILE P 25 12.26 21.98 -71.40
CA ILE P 25 13.04 23.03 -70.75
C ILE P 25 12.09 23.95 -70.00
N PRO P 26 12.26 24.15 -68.69
CA PRO P 26 11.36 25.04 -67.95
C PRO P 26 11.58 26.53 -68.23
N ASP P 27 10.91 27.38 -67.46
CA ASP P 27 10.86 28.81 -67.74
C ASP P 27 12.22 29.48 -67.52
N GLY P 28 12.66 30.22 -68.53
CA GLY P 28 13.84 31.05 -68.44
C GLY P 28 15.16 30.34 -68.61
N PHE P 29 15.19 29.01 -68.55
CA PHE P 29 16.43 28.25 -68.52
C PHE P 29 17.07 28.25 -69.90
N LYS P 30 17.81 29.32 -70.17
CA LYS P 30 18.47 29.49 -71.46
C LYS P 30 19.69 28.60 -71.57
N LYS P 31 19.85 27.94 -72.70
CA LYS P 31 21.02 27.09 -72.92
C LYS P 31 22.20 27.96 -73.34
N CYS P 32 23.35 27.74 -72.71
CA CYS P 32 24.55 28.50 -73.00
C CYS P 32 25.12 28.08 -74.35
N LYS P 33 25.25 29.03 -75.27
CA LYS P 33 25.74 28.71 -76.61
C LYS P 33 27.23 28.41 -76.59
N HIS P 34 28.04 29.38 -76.17
CA HIS P 34 29.48 29.26 -76.20
C HIS P 34 30.05 29.29 -74.79
N LEU P 35 31.15 28.57 -74.60
CA LEU P 35 31.78 28.42 -73.30
C LEU P 35 33.21 28.95 -73.35
N LYS P 36 33.95 28.72 -72.28
CA LYS P 36 35.28 29.28 -72.10
C LYS P 36 36.35 28.19 -72.12
N ASN P 37 37.58 28.61 -71.84
CA ASN P 37 38.74 27.73 -71.93
C ASN P 37 38.76 26.72 -70.79
N PHE P 38 39.41 25.59 -71.05
CA PHE P 38 39.73 24.62 -69.99
C PHE P 38 41.02 23.92 -70.40
N PRO P 39 42.18 24.47 -70.01
CA PRO P 39 43.45 23.88 -70.45
C PRO P 39 43.87 22.66 -69.64
N LEU P 40 43.35 21.50 -70.01
CA LEU P 40 43.82 20.23 -69.48
C LEU P 40 44.75 19.58 -70.49
N ASN P 41 45.90 19.12 -70.00
CA ASN P 41 46.89 18.48 -70.87
C ASN P 41 47.03 17.00 -70.54
N LYS P 49 55.69 15.24 -61.51
CA LYS P 49 55.06 16.47 -61.05
C LYS P 49 54.45 17.24 -62.23
N GLN P 50 53.15 17.04 -62.45
CA GLN P 50 52.41 17.75 -63.49
C GLN P 50 51.20 18.42 -62.84
N GLN P 51 50.36 19.04 -63.67
CA GLN P 51 49.30 19.91 -63.16
C GLN P 51 48.19 19.10 -62.50
N GLN P 52 47.56 19.72 -61.50
CA GLN P 52 46.59 19.06 -60.65
C GLN P 52 45.29 19.88 -60.63
N VAL P 53 44.18 19.18 -60.46
CA VAL P 53 42.85 19.78 -60.51
C VAL P 53 42.33 19.92 -59.09
N TRP P 54 42.02 21.15 -58.69
CA TRP P 54 41.56 21.45 -57.34
C TRP P 54 40.10 21.90 -57.38
N LEU P 55 39.30 21.35 -56.49
CA LEU P 55 37.93 21.81 -56.26
C LEU P 55 37.91 22.59 -54.96
N ILE P 56 37.72 23.91 -55.06
CA ILE P 56 37.88 24.80 -53.92
C ILE P 56 36.52 25.40 -53.59
N LYS P 57 36.17 25.37 -52.30
CA LYS P 57 34.91 25.90 -51.80
C LYS P 57 35.09 27.35 -51.34
N PHE P 58 34.04 28.14 -51.50
CA PHE P 58 34.01 29.52 -51.02
C PHE P 58 32.59 29.82 -50.55
N PRO P 59 32.43 30.55 -49.46
CA PRO P 59 31.10 31.10 -49.13
C PRO P 59 30.73 32.21 -50.11
N SER P 60 29.42 32.51 -50.14
CA SER P 60 28.89 33.45 -51.12
C SER P 60 29.29 34.90 -50.82
N ASN P 61 29.69 35.20 -49.59
CA ASN P 61 30.11 36.55 -49.23
C ASN P 61 31.59 36.81 -49.47
N VAL P 62 32.26 35.93 -50.21
CA VAL P 62 33.68 36.08 -50.51
C VAL P 62 33.83 36.76 -51.87
N ASP P 63 34.56 37.87 -51.90
CA ASP P 63 34.84 38.58 -53.15
C ASP P 63 36.00 37.86 -53.84
N ILE P 64 35.66 36.94 -54.75
CA ILE P 64 36.68 36.16 -55.45
C ILE P 64 37.29 36.96 -56.59
N SER P 65 36.59 37.98 -57.09
CA SER P 65 36.97 38.73 -58.29
C SER P 65 38.29 39.49 -58.15
N LYS P 66 38.82 39.66 -56.93
CA LYS P 66 40.21 40.07 -56.74
C LYS P 66 40.78 39.37 -55.51
N LEU P 67 41.48 38.27 -55.75
CA LEU P 67 42.20 37.54 -54.72
C LEU P 67 43.54 37.10 -55.29
N LYS P 68 44.54 37.04 -54.44
CA LYS P 68 45.88 36.68 -54.87
C LYS P 68 46.48 35.50 -54.12
N SER P 69 46.25 35.40 -52.82
CA SER P 69 46.90 34.39 -51.99
C SER P 69 45.92 33.30 -51.59
N LEU P 70 46.46 32.14 -51.25
CA LEU P 70 45.71 31.00 -50.73
C LEU P 70 46.66 30.08 -49.97
N PRO P 71 46.42 29.82 -48.69
CA PRO P 71 47.34 28.97 -47.92
C PRO P 71 47.18 27.48 -48.20
N VAL P 72 47.89 26.67 -47.43
CA VAL P 72 47.79 25.21 -47.53
C VAL P 72 46.72 24.71 -46.55
N THR P 78 45.05 26.29 -41.46
CA THR P 78 45.63 27.60 -41.75
C THR P 78 44.54 28.65 -41.94
N THR P 79 44.94 29.87 -42.28
CA THR P 79 43.99 30.95 -42.50
C THR P 79 44.64 32.01 -43.38
N MET P 80 43.79 32.90 -43.89
CA MET P 80 44.22 34.01 -44.73
C MET P 80 43.37 35.23 -44.39
N THR P 81 43.51 36.29 -45.19
CA THR P 81 42.77 37.53 -44.98
C THR P 81 42.01 37.88 -46.25
N ILE P 82 40.71 38.11 -46.12
CA ILE P 82 39.87 38.63 -47.19
C ILE P 82 39.02 39.73 -46.61
N ASP P 83 39.22 40.96 -47.11
CA ASP P 83 38.51 42.18 -46.68
C ASP P 83 38.64 42.40 -45.17
N LYS P 84 39.88 42.27 -44.68
CA LYS P 84 40.26 42.49 -43.27
C LYS P 84 39.49 41.55 -42.34
N HIS P 85 39.38 40.29 -42.75
CA HIS P 85 38.67 39.28 -41.96
C HIS P 85 39.30 37.94 -42.25
N ASP P 86 39.53 37.15 -41.19
CA ASP P 86 40.17 35.86 -41.34
C ASP P 86 39.16 34.77 -41.70
N TYR P 87 39.62 33.81 -42.50
CA TYR P 87 38.82 32.67 -42.94
C TYR P 87 39.63 31.40 -42.78
N LYS P 88 39.00 30.37 -42.23
CA LYS P 88 39.67 29.10 -42.00
C LYS P 88 39.58 28.22 -43.24
N ILE P 89 40.72 27.62 -43.60
CA ILE P 89 40.85 26.81 -44.82
C ILE P 89 41.40 25.44 -44.45
N MET P 90 40.68 24.39 -44.84
CA MET P 90 41.02 23.02 -44.49
C MET P 90 41.25 22.20 -45.76
N ASP P 91 41.39 20.88 -45.57
CA ASP P 91 41.59 19.93 -46.66
C ASP P 91 40.56 18.83 -46.51
N ASP P 92 39.58 18.80 -47.41
CA ASP P 92 38.46 17.86 -47.38
C ASP P 92 38.60 16.74 -48.40
N THR P 93 39.81 16.19 -48.54
CA THR P 93 40.05 15.06 -49.44
C THR P 93 39.24 13.83 -49.03
N ASP P 94 39.05 13.63 -47.71
CA ASP P 94 38.50 12.40 -47.17
C ASP P 94 36.99 12.44 -46.97
N ILE P 95 36.26 13.18 -47.82
CA ILE P 95 34.81 13.11 -47.90
C ILE P 95 34.35 12.75 -49.31
N GLU P 96 34.84 13.48 -50.31
CA GLU P 96 34.56 13.13 -51.71
C GLU P 96 35.31 11.87 -52.12
N SER P 97 36.41 11.57 -51.44
CA SER P 97 37.14 10.31 -51.61
C SER P 97 37.54 9.88 -50.21
N SER P 98 38.51 8.97 -50.12
CA SER P 98 39.14 8.67 -48.83
C SER P 98 40.65 8.80 -48.97
N LEU P 99 41.30 9.01 -47.83
CA LEU P 99 42.75 9.17 -47.79
C LEU P 99 43.51 7.86 -47.82
N THR P 100 42.82 6.72 -47.75
CA THR P 100 43.46 5.42 -47.64
C THR P 100 43.16 4.49 -48.81
N GLN P 101 42.41 4.94 -49.80
CA GLN P 101 41.96 4.02 -50.85
C GLN P 101 41.73 4.78 -52.15
N ASP P 102 42.33 4.29 -53.24
CA ASP P 102 42.25 4.93 -54.53
C ASP P 102 40.88 4.68 -55.17
N ASN P 103 40.46 5.63 -56.02
CA ASN P 103 39.27 5.56 -56.87
C ASN P 103 37.99 5.40 -56.03
N LEU P 104 37.73 6.43 -55.22
CA LEU P 104 36.49 6.51 -54.45
C LEU P 104 35.75 7.83 -54.71
N SER P 105 36.01 8.47 -55.84
CA SER P 105 35.48 9.80 -56.10
C SER P 105 34.05 9.74 -56.61
N ASN P 106 33.26 10.75 -56.27
CA ASN P 106 31.87 10.87 -56.67
C ASN P 106 31.58 12.09 -57.53
N MET P 107 32.19 13.23 -57.21
CA MET P 107 31.95 14.44 -57.96
C MET P 107 32.69 14.40 -59.29
N THR P 108 32.05 13.87 -60.32
CA THR P 108 32.67 13.83 -61.64
C THR P 108 32.63 15.21 -62.27
N LEU P 109 33.79 15.70 -62.69
CA LEU P 109 33.89 17.03 -63.30
C LEU P 109 33.31 17.02 -64.70
N LEU P 110 32.55 18.06 -65.03
CA LEU P 110 32.04 18.25 -66.38
C LEU P 110 32.89 19.29 -67.10
N VAL P 111 33.34 18.94 -68.29
CA VAL P 111 34.18 19.82 -69.11
C VAL P 111 33.43 20.07 -70.40
N PRO P 112 33.72 21.17 -71.11
CA PRO P 112 33.11 21.36 -72.43
C PRO P 112 33.66 20.38 -73.45
N SER P 113 32.94 20.28 -74.57
CA SER P 113 33.27 19.33 -75.63
C SER P 113 34.39 19.89 -76.49
N GLU P 114 34.66 19.23 -77.63
CA GLU P 114 35.49 19.85 -78.66
C GLU P 114 34.65 20.64 -79.66
N SER P 115 33.72 21.45 -79.14
CA SER P 115 32.90 22.34 -79.94
C SER P 115 32.63 23.67 -79.27
N LYS P 116 32.94 23.82 -77.97
CA LYS P 116 32.53 24.95 -77.12
C LYS P 116 31.01 25.16 -77.19
N GLU P 117 30.26 24.06 -77.17
CA GLU P 117 28.82 24.14 -77.38
C GLU P 117 28.06 23.32 -76.34
N SER P 118 28.70 22.27 -75.82
CA SER P 118 28.04 21.38 -74.88
C SER P 118 29.09 20.77 -73.95
N LEU P 119 28.61 20.09 -72.91
CA LEU P 119 29.46 19.60 -71.83
C LEU P 119 29.71 18.10 -71.94
N LYS P 120 30.88 17.68 -71.44
CA LYS P 120 31.29 16.28 -71.45
C LYS P 120 31.97 15.93 -70.13
N ILE P 121 32.14 14.62 -69.92
CA ILE P 121 32.90 14.11 -68.78
C ILE P 121 34.39 14.37 -69.03
N ALA P 122 35.11 14.74 -67.97
CA ALA P 122 36.55 14.92 -68.05
C ALA P 122 37.24 13.58 -68.31
N SER P 123 38.15 13.58 -69.28
CA SER P 123 38.83 12.35 -69.70
C SER P 123 40.18 12.71 -70.31
N THR P 124 41.26 12.23 -69.68
CA THR P 124 42.60 12.50 -70.19
C THR P 124 43.55 11.31 -70.11
N ALA P 125 43.12 10.17 -69.58
CA ALA P 125 44.02 9.04 -69.33
C ALA P 125 43.88 7.92 -70.35
N LYS P 126 42.93 8.05 -71.30
CA LYS P 126 42.54 7.00 -72.24
C LYS P 126 42.15 5.72 -71.49
N ASP P 127 41.41 5.90 -70.41
CA ASP P 127 40.96 4.79 -69.60
C ASP P 127 39.45 4.79 -69.47
N ASN P 128 38.77 5.79 -70.04
CA ASN P 128 37.33 6.03 -69.95
C ASN P 128 36.87 6.10 -68.49
N ALA P 129 37.67 6.81 -67.68
CA ALA P 129 37.39 7.08 -66.28
C ALA P 129 37.48 8.59 -66.08
N PRO P 130 36.69 9.15 -65.15
CA PRO P 130 36.74 10.59 -64.93
C PRO P 130 38.04 11.02 -64.28
N LEU P 131 38.34 12.32 -64.42
CA LEU P 131 39.55 12.90 -63.85
C LEU P 131 39.24 13.31 -62.42
N GLN P 132 39.72 12.51 -61.47
CA GLN P 132 39.38 12.72 -60.06
C GLN P 132 40.14 13.91 -59.50
N PHE P 133 39.51 14.59 -58.55
CA PHE P 133 40.13 15.75 -57.91
C PHE P 133 41.25 15.31 -56.99
N ASP P 134 42.22 16.20 -56.81
CA ASP P 134 43.36 15.93 -55.94
C ASP P 134 43.24 16.63 -54.60
N LYS P 135 43.10 17.95 -54.59
CA LYS P 135 43.10 18.73 -53.36
C LYS P 135 41.82 19.53 -53.27
N VAL P 136 41.11 19.39 -52.15
CA VAL P 136 39.85 20.07 -51.91
C VAL P 136 40.06 21.06 -50.77
N PHE P 137 39.88 22.35 -51.04
CA PHE P 137 40.09 23.40 -50.06
C PHE P 137 38.75 24.06 -49.73
N SER P 138 38.43 24.11 -48.44
CA SER P 138 37.15 24.60 -47.96
C SER P 138 37.37 25.91 -47.20
N VAL P 139 37.22 27.04 -47.90
CA VAL P 139 37.25 28.33 -47.24
C VAL P 139 36.00 28.47 -46.38
N SER P 140 36.18 28.86 -45.13
CA SER P 140 35.07 28.89 -44.19
C SER P 140 35.27 30.02 -43.20
N GLU P 141 34.16 30.51 -42.65
CA GLU P 141 34.22 31.59 -41.67
C GLU P 141 34.72 31.06 -40.33
N THR P 142 35.31 31.96 -39.55
CA THR P 142 35.69 31.69 -38.18
C THR P 142 35.70 33.01 -37.42
N ALA P 143 35.59 32.91 -36.10
CA ALA P 143 35.60 34.08 -35.24
C ALA P 143 36.18 33.69 -33.89
N LYS P 144 36.95 34.60 -33.30
CA LYS P 144 37.65 34.32 -32.06
C LYS P 144 36.68 34.41 -30.89
N ILE P 145 36.49 33.31 -30.18
CA ILE P 145 35.82 33.39 -28.88
C ILE P 145 36.80 33.97 -27.87
N PRO P 146 36.43 35.02 -27.13
CA PRO P 146 37.31 35.51 -26.06
C PRO P 146 37.43 34.50 -24.93
N ALA P 147 38.62 34.47 -24.34
CA ALA P 147 38.84 33.59 -23.20
C ALA P 147 38.10 34.11 -21.99
N ILE P 148 37.83 33.21 -21.06
CA ILE P 148 37.08 33.55 -19.87
C ILE P 148 37.97 34.35 -18.94
N ASP P 149 37.56 35.57 -18.61
CA ASP P 149 38.31 36.42 -17.70
C ASP P 149 38.05 35.89 -16.29
N TYR P 150 38.99 35.10 -15.78
CA TYR P 150 38.90 34.44 -14.49
C TYR P 150 38.97 35.39 -13.31
N SER P 151 39.34 36.66 -13.53
CA SER P 151 39.47 37.61 -12.45
C SER P 151 38.20 38.43 -12.22
N LYS P 152 37.29 38.47 -13.19
CA LYS P 152 36.08 39.25 -13.07
C LYS P 152 34.82 38.42 -12.86
N VAL P 153 34.90 37.10 -13.06
CA VAL P 153 33.75 36.23 -12.86
C VAL P 153 33.92 35.33 -11.64
N ARG P 154 35.14 35.10 -11.17
CA ARG P 154 35.38 34.40 -9.91
C ARG P 154 35.37 35.41 -8.76
N VAL P 155 34.18 35.93 -8.49
CA VAL P 155 34.00 36.82 -7.34
C VAL P 155 34.18 36.02 -6.05
N PRO P 156 35.01 36.49 -5.11
CA PRO P 156 35.11 35.82 -3.82
C PRO P 156 33.78 35.88 -3.08
N ARG P 157 33.47 34.79 -2.37
CA ARG P 157 32.14 34.62 -1.82
C ARG P 157 31.89 35.58 -0.67
N LYS P 158 30.93 36.48 -0.86
CA LYS P 158 30.55 37.41 0.18
C LYS P 158 29.71 36.69 1.22
N ASP P 159 30.02 36.91 2.48
CA ASP P 159 29.22 36.37 3.57
C ASP P 159 27.90 37.12 3.69
N VAL P 160 27.04 36.62 4.57
CA VAL P 160 25.73 37.26 4.80
C VAL P 160 25.97 38.60 5.49
N PRO P 161 25.46 39.71 4.95
CA PRO P 161 25.78 41.02 5.51
C PRO P 161 25.10 41.23 6.87
N LYS P 162 25.87 41.80 7.79
CA LYS P 162 25.38 42.03 9.14
C LYS P 162 24.34 43.13 9.15
N VAL P 163 23.44 43.07 10.12
CA VAL P 163 22.47 44.14 10.35
C VAL P 163 23.07 45.09 11.37
N GLU P 164 23.06 46.37 11.04
CA GLU P 164 23.73 47.37 11.86
C GLU P 164 22.72 48.17 12.67
N GLY P 165 23.19 48.70 13.80
CA GLY P 165 22.32 49.45 14.68
C GLY P 165 21.47 48.60 15.59
N LEU P 166 21.95 47.43 15.99
CA LEU P 166 21.20 46.51 16.83
C LEU P 166 21.46 46.83 18.29
N LYS P 167 20.56 47.61 18.89
CA LYS P 167 20.68 47.97 20.29
C LYS P 167 20.04 46.91 21.17
N LEU P 168 20.07 47.13 22.48
CA LEU P 168 19.44 46.21 23.42
C LEU P 168 17.93 46.34 23.34
N GLU P 169 17.25 45.24 23.02
CA GLU P 169 15.81 45.25 22.84
C GLU P 169 15.06 44.58 23.99
N HIS P 170 15.73 43.80 24.83
CA HIS P 170 15.08 43.11 25.94
C HIS P 170 15.79 43.41 27.25
N PHE P 171 15.10 44.09 28.15
CA PHE P 171 15.56 44.34 29.51
C PHE P 171 14.72 43.51 30.48
N ALA P 172 15.15 43.49 31.73
CA ALA P 172 14.39 42.81 32.77
C ALA P 172 13.12 43.60 33.11
N THR P 173 12.25 42.96 33.88
CA THR P 173 10.94 43.55 34.18
C THR P 173 11.08 44.73 35.13
N GLY P 174 10.38 45.81 34.80
CA GLY P 174 10.49 47.05 35.54
C GLY P 174 11.67 47.91 35.16
N TYR P 175 12.32 47.64 34.04
CA TYR P 175 13.50 48.38 33.62
C TYR P 175 13.41 48.73 32.14
N SER Q 8 51.75 27.62 -46.86
CA SER Q 8 52.53 28.48 -47.73
C SER Q 8 51.64 29.50 -48.43
N GLU Q 9 51.62 29.47 -49.77
CA GLU Q 9 50.85 30.43 -50.55
C GLU Q 9 50.58 29.86 -51.93
N ILE Q 10 49.44 30.25 -52.50
CA ILE Q 10 49.03 29.88 -53.84
C ILE Q 10 48.64 31.15 -54.59
N GLU Q 11 49.23 31.37 -55.77
CA GLU Q 11 49.01 32.55 -56.56
C GLU Q 11 47.85 32.33 -57.54
N ILE Q 12 47.11 33.39 -57.83
CA ILE Q 12 45.91 33.34 -58.66
C ILE Q 12 46.12 34.13 -59.93
N GLU Q 13 45.86 33.51 -61.08
CA GLU Q 13 45.99 34.19 -62.37
C GLU Q 13 44.74 35.00 -62.70
N SER Q 14 43.59 34.33 -62.82
CA SER Q 14 42.36 35.00 -63.20
C SER Q 14 41.18 34.26 -62.60
N VAL Q 15 40.01 34.90 -62.67
CA VAL Q 15 38.77 34.38 -62.12
C VAL Q 15 37.73 34.37 -63.23
N GLN Q 16 37.26 33.18 -63.59
CA GLN Q 16 36.27 33.04 -64.67
C GLN Q 16 34.90 33.44 -64.13
N ASP Q 17 34.45 34.64 -64.50
CA ASP Q 17 33.19 35.16 -64.01
C ASP Q 17 31.99 34.63 -64.79
N GLN Q 18 32.21 33.83 -65.82
CA GLN Q 18 31.19 33.31 -66.71
C GLN Q 18 30.87 31.86 -66.41
N PRO Q 19 29.68 31.38 -66.79
CA PRO Q 19 29.44 29.93 -66.74
C PRO Q 19 30.27 29.18 -67.77
N SER Q 20 31.27 28.43 -67.31
CA SER Q 20 32.18 27.73 -68.20
C SER Q 20 32.15 26.23 -68.00
N VAL Q 21 32.28 25.74 -66.77
CA VAL Q 21 32.26 24.33 -66.45
C VAL Q 21 31.28 24.11 -65.29
N ALA Q 22 31.13 22.84 -64.90
CA ALA Q 22 30.22 22.47 -63.82
C ALA Q 22 30.70 21.14 -63.22
N VAL Q 23 30.03 20.73 -62.14
CA VAL Q 23 30.37 19.51 -61.41
C VAL Q 23 29.10 18.72 -61.19
N GLY Q 24 29.13 17.43 -61.52
CA GLY Q 24 28.04 16.53 -61.21
C GLY Q 24 28.51 15.44 -60.25
N SER Q 25 27.58 14.94 -59.44
CA SER Q 25 27.89 13.91 -58.45
C SER Q 25 26.80 12.84 -58.51
N PHE Q 26 27.12 11.71 -59.13
CA PHE Q 26 26.12 10.66 -59.28
C PHE Q 26 26.21 9.59 -58.20
N PHE Q 27 27.31 8.82 -58.22
CA PHE Q 27 27.59 7.66 -57.38
C PHE Q 27 28.99 7.16 -57.71
N LYS Q 28 29.46 6.11 -57.04
CA LYS Q 28 30.78 5.57 -57.39
C LYS Q 28 30.68 4.64 -58.57
N GLY Q 29 31.60 4.79 -59.51
CA GLY Q 29 31.58 3.93 -60.68
C GLY Q 29 30.65 4.38 -61.77
N PHE Q 30 30.24 5.65 -61.76
CA PHE Q 30 29.44 6.18 -62.85
C PHE Q 30 30.33 6.41 -64.07
N ARG Q 31 30.04 5.71 -65.14
CA ARG Q 31 30.71 5.89 -66.42
C ARG Q 31 29.65 6.11 -67.49
N ALA Q 32 30.11 6.40 -68.70
CA ALA Q 32 29.22 6.67 -69.83
C ALA Q 32 30.01 6.46 -71.11
N PRO Q 33 29.34 6.18 -72.22
CA PRO Q 33 30.01 6.23 -73.52
C PRO Q 33 30.45 7.64 -73.84
N SER Q 34 31.52 7.74 -74.65
CA SER Q 34 32.19 9.03 -74.85
C SER Q 34 31.38 9.99 -75.71
N ASP Q 35 30.36 9.51 -76.43
CA ASP Q 35 29.50 10.39 -77.21
C ASP Q 35 28.41 11.05 -76.37
N THR Q 36 28.27 10.67 -75.10
CA THR Q 36 27.23 11.23 -74.23
C THR Q 36 27.61 12.64 -73.82
N THR Q 37 26.92 13.63 -74.38
CA THR Q 37 27.19 15.03 -74.10
C THR Q 37 26.05 15.61 -73.27
N PHE Q 38 26.30 16.78 -72.69
CA PHE Q 38 25.39 17.34 -71.69
C PHE Q 38 24.97 18.76 -72.04
N ASP Q 39 23.88 19.19 -71.40
CA ASP Q 39 23.26 20.49 -71.65
C ASP Q 39 23.33 21.33 -70.38
N LEU Q 40 23.55 22.64 -70.54
CA LEU Q 40 23.70 23.56 -69.43
C LEU Q 40 22.70 24.69 -69.59
N TYR Q 41 21.81 24.85 -68.61
CA TYR Q 41 20.68 25.76 -68.68
C TYR Q 41 20.81 26.82 -67.59
N LYS Q 42 20.22 28.00 -67.83
CA LYS Q 42 20.36 29.12 -66.91
C LYS Q 42 19.25 30.13 -67.11
N LYS Q 43 18.65 30.58 -66.00
CA LYS Q 43 17.77 31.75 -65.99
C LYS Q 43 18.44 32.87 -65.23
N LYS Q 44 18.41 34.09 -65.79
CA LYS Q 44 19.10 35.24 -65.21
C LYS Q 44 18.32 35.78 -64.02
N LYS Q 45 18.66 35.26 -62.84
CA LYS Q 45 18.28 35.85 -61.57
C LYS Q 45 19.43 36.75 -61.13
N SER Q 46 19.47 37.15 -59.86
CA SER Q 46 20.67 37.69 -59.23
C SER Q 46 21.62 36.52 -58.95
N GLU Q 47 22.68 36.76 -58.16
CA GLU Q 47 23.71 35.73 -58.03
C GLU Q 47 23.29 34.63 -57.04
N LYS Q 48 22.11 34.03 -57.28
CA LYS Q 48 21.68 32.74 -56.76
C LYS Q 48 21.27 31.98 -58.02
N ASP Q 49 22.23 31.38 -58.70
CA ASP Q 49 21.98 30.78 -60.00
C ASP Q 49 21.44 29.36 -59.85
N GLU Q 50 20.51 29.00 -60.73
CA GLU Q 50 19.82 27.73 -60.68
C GLU Q 50 19.92 27.09 -62.06
N PHE Q 51 20.72 26.03 -62.18
CA PHE Q 51 20.99 25.41 -63.47
C PHE Q 51 20.26 24.08 -63.58
N VAL Q 52 20.21 23.56 -64.81
CA VAL Q 52 19.61 22.26 -65.10
C VAL Q 52 20.56 21.48 -65.99
N LEU Q 53 20.93 20.28 -65.54
CA LEU Q 53 21.72 19.36 -66.36
C LEU Q 53 20.79 18.44 -67.14
N HIS Q 54 21.14 18.20 -68.40
CA HIS Q 54 20.41 17.28 -69.25
C HIS Q 54 21.38 16.56 -70.16
N GLY Q 55 21.18 15.25 -70.33
CA GLY Q 55 22.03 14.45 -71.18
C GLY Q 55 21.25 13.28 -71.74
N GLU Q 56 21.88 12.57 -72.68
CA GLU Q 56 21.16 11.55 -73.42
C GLU Q 56 22.15 10.59 -74.07
N ASN Q 57 21.88 9.29 -73.92
CA ASN Q 57 22.41 8.28 -74.82
C ASN Q 57 21.19 7.47 -75.29
N GLU Q 58 21.43 6.31 -75.88
CA GLU Q 58 20.34 5.52 -76.44
C GLU Q 58 19.40 5.00 -75.36
N ARG Q 59 19.94 4.38 -74.31
CA ARG Q 59 19.12 3.64 -73.36
C ARG Q 59 19.00 4.27 -71.98
N LEU Q 60 19.56 5.46 -71.77
CA LEU Q 60 19.47 6.13 -70.47
C LEU Q 60 19.28 7.63 -70.68
N GLU Q 61 18.78 8.30 -69.65
CA GLU Q 61 18.72 9.76 -69.62
C GLU Q 61 19.47 10.27 -68.41
N TYR Q 62 20.27 11.31 -68.61
CA TYR Q 62 21.13 11.87 -67.57
C TYR Q 62 20.65 13.29 -67.28
N GLU Q 63 19.86 13.47 -66.24
CA GLU Q 63 19.30 14.77 -65.92
C GLU Q 63 19.67 15.15 -64.49
N GLY Q 64 20.00 16.43 -64.31
CA GLY Q 64 20.43 16.93 -63.01
C GLY Q 64 19.95 18.35 -62.78
N TYR Q 65 20.28 18.87 -61.59
CA TYR Q 65 19.76 20.15 -61.14
C TYR Q 65 20.66 20.67 -60.03
N THR Q 66 20.60 21.97 -59.79
CA THR Q 66 21.31 22.57 -58.68
C THR Q 66 20.50 22.49 -57.41
N ASP Q 67 21.18 22.60 -56.28
CA ASP Q 67 20.53 22.61 -54.97
C ASP Q 67 20.27 24.06 -54.61
N SER Q 68 19.06 24.53 -54.93
CA SER Q 68 18.68 25.92 -54.69
C SER Q 68 18.48 26.23 -53.20
N SER Q 69 18.42 25.21 -52.36
CA SER Q 69 18.36 25.44 -50.91
C SER Q 69 19.74 25.68 -50.32
N SER Q 70 20.79 25.17 -50.94
CA SER Q 70 22.14 25.29 -50.42
C SER Q 70 23.04 26.21 -51.22
N GLN Q 71 22.65 26.58 -52.44
CA GLN Q 71 23.47 27.51 -53.21
C GLN Q 71 23.18 28.97 -52.90
N ALA Q 72 22.32 29.24 -51.90
CA ALA Q 72 22.14 30.61 -51.44
C ALA Q 72 23.33 31.12 -50.63
N SER Q 73 24.24 30.24 -50.23
CA SER Q 73 25.41 30.68 -49.46
C SER Q 73 26.73 30.04 -49.90
N ASN Q 74 26.73 29.06 -50.78
CA ASN Q 74 27.95 28.42 -51.23
C ASN Q 74 28.37 28.93 -52.60
N GLN Q 75 29.67 28.79 -52.89
CA GLN Q 75 30.21 29.23 -54.18
C GLN Q 75 31.42 28.34 -54.51
N TYR Q 76 31.18 27.26 -55.24
CA TYR Q 76 32.25 26.33 -55.58
C TYR Q 76 33.07 26.85 -56.75
N VAL Q 77 34.39 26.64 -56.68
CA VAL Q 77 35.32 27.12 -57.70
C VAL Q 77 36.30 26.00 -58.03
N VAL Q 78 36.43 25.69 -59.32
CA VAL Q 78 37.40 24.72 -59.80
C VAL Q 78 38.68 25.47 -60.18
N GLY Q 79 39.82 24.95 -59.72
CA GLY Q 79 41.11 25.53 -60.05
C GLY Q 79 41.99 24.57 -60.82
N LEU Q 80 42.86 25.12 -61.66
CA LEU Q 80 43.84 24.36 -62.43
C LEU Q 80 45.22 24.89 -62.07
N PHE Q 81 45.98 24.09 -61.34
CA PHE Q 81 47.19 24.56 -60.67
C PHE Q 81 48.44 24.06 -61.38
N ASN Q 82 49.42 24.95 -61.53
CA ASN Q 82 50.71 24.61 -62.08
C ASN Q 82 51.69 24.42 -60.94
N PRO Q 83 52.15 23.18 -60.66
CA PRO Q 83 53.02 22.97 -59.50
C PRO Q 83 54.43 23.50 -59.67
N GLU Q 84 54.88 23.73 -60.92
CA GLU Q 84 56.17 24.38 -61.13
C GLU Q 84 56.12 25.82 -60.64
N LYS Q 85 55.09 26.55 -61.03
CA LYS Q 85 54.81 27.87 -60.49
C LYS Q 85 54.04 27.74 -59.18
N LYS Q 86 53.46 28.85 -58.72
CA LYS Q 86 52.42 28.81 -57.71
C LYS Q 86 51.10 29.35 -58.25
N SER Q 87 51.01 29.55 -59.56
CA SER Q 87 49.86 30.19 -60.17
C SER Q 87 48.70 29.21 -60.34
N ILE Q 88 47.49 29.74 -60.26
CA ILE Q 88 46.27 28.95 -60.50
C ILE Q 88 45.26 29.86 -61.19
N GLN Q 89 44.36 29.26 -61.97
CA GLN Q 89 43.18 29.94 -62.45
C GLN Q 89 41.99 29.56 -61.58
N LEU Q 90 40.91 30.34 -61.67
CA LEU Q 90 39.71 30.08 -60.89
C LEU Q 90 38.51 30.03 -61.82
N TYR Q 91 37.78 28.92 -61.78
CA TYR Q 91 36.63 28.68 -62.63
C TYR Q 91 35.40 28.54 -61.75
N LYS Q 92 34.49 29.52 -61.83
CA LYS Q 92 33.28 29.52 -61.03
C LYS Q 92 32.34 28.44 -61.55
N ALA Q 93 32.42 27.27 -60.94
CA ALA Q 93 31.70 26.10 -61.41
C ALA Q 93 30.67 25.66 -60.38
N PRO Q 94 29.41 25.47 -60.78
CA PRO Q 94 28.41 24.94 -59.85
C PRO Q 94 28.60 23.45 -59.63
N VAL Q 95 27.93 22.94 -58.60
CA VAL Q 95 27.88 21.52 -58.31
C VAL Q 95 26.42 21.11 -58.32
N LEU Q 96 26.09 20.09 -59.11
CA LEU Q 96 24.69 19.78 -59.45
C LEU Q 96 24.30 18.41 -58.92
N VAL Q 97 23.20 18.37 -58.19
CA VAL Q 97 22.58 17.09 -57.83
C VAL Q 97 22.04 16.45 -59.10
N SER Q 98 22.50 15.24 -59.41
CA SER Q 98 22.16 14.63 -60.68
C SER Q 98 21.73 13.18 -60.45
N LYS Q 99 21.07 12.63 -61.45
CA LYS Q 99 20.48 11.31 -61.34
C LYS Q 99 20.42 10.67 -62.72
N VAL Q 100 20.46 9.34 -62.74
CA VAL Q 100 20.43 8.56 -63.97
C VAL Q 100 19.02 8.04 -64.17
N VAL Q 101 18.38 8.49 -65.24
CA VAL Q 101 17.02 8.08 -65.58
C VAL Q 101 17.13 7.00 -66.64
N SER Q 102 16.46 5.86 -66.40
CA SER Q 102 16.51 4.75 -67.33
C SER Q 102 15.55 4.98 -68.49
N LYS Q 103 15.43 3.99 -69.36
CA LYS Q 103 14.46 4.01 -70.45
C LYS Q 103 13.64 2.73 -70.54
N SER Q 104 14.19 1.60 -70.10
CA SER Q 104 13.41 0.36 -70.05
C SER Q 104 12.33 0.43 -68.98
N SER Q 105 12.73 0.73 -67.74
CA SER Q 105 11.81 0.81 -66.63
C SER Q 105 11.38 2.24 -66.32
N LYS Q 106 11.55 3.17 -67.25
CA LYS Q 106 11.10 4.53 -67.02
C LYS Q 106 9.58 4.63 -67.05
N ASN Q 107 8.97 4.28 -68.19
CA ASN Q 107 7.55 4.41 -68.38
C ASN Q 107 6.78 3.13 -68.04
N LEU Q 108 7.40 2.19 -67.33
CA LEU Q 108 6.64 1.06 -66.82
C LEU Q 108 5.68 1.51 -65.74
N ARG Q 109 4.46 1.00 -65.81
CA ARG Q 109 3.37 1.47 -64.97
C ARG Q 109 2.28 0.40 -64.95
N GLY Q 110 1.64 0.24 -63.81
CA GLY Q 110 0.47 -0.59 -63.73
C GLY Q 110 -0.77 0.16 -64.19
N PRO Q 111 -1.94 -0.34 -63.87
CA PRO Q 111 -3.18 0.38 -64.18
C PRO Q 111 -3.40 1.52 -63.21
N LYS Q 112 -4.48 2.27 -63.44
CA LYS Q 112 -4.82 3.39 -62.57
C LYS Q 112 -5.30 2.88 -61.22
N ILE Q 113 -6.34 2.05 -61.23
CA ILE Q 113 -6.91 1.47 -60.02
C ILE Q 113 -7.08 -0.02 -60.26
N LYS Q 114 -6.39 -0.84 -59.46
CA LYS Q 114 -6.53 -2.28 -59.54
C LYS Q 114 -7.85 -2.65 -58.87
N SER Q 115 -8.86 -2.96 -59.68
CA SER Q 115 -10.21 -3.23 -59.18
C SER Q 115 -10.29 -4.56 -58.44
N LEU Q 124 -9.76 -6.04 -48.11
CA LEU Q 124 -10.01 -6.56 -46.77
C LEU Q 124 -8.81 -7.37 -46.29
N ARG Q 125 -8.55 -8.48 -46.99
CA ARG Q 125 -7.37 -9.30 -46.74
C ARG Q 125 -6.14 -8.74 -47.43
N ASN Q 126 -6.32 -7.74 -48.30
CA ASN Q 126 -5.22 -7.17 -49.08
C ASN Q 126 -4.16 -6.48 -48.22
N ALA Q 127 -4.52 -6.00 -47.03
CA ALA Q 127 -3.56 -5.35 -46.15
C ALA Q 127 -2.88 -6.32 -45.20
N LEU Q 128 -2.73 -7.58 -45.58
CA LEU Q 128 -2.07 -8.58 -44.75
C LEU Q 128 -0.64 -8.86 -45.19
N GLY Q 129 -0.19 -8.31 -46.32
CA GLY Q 129 1.22 -8.33 -46.63
C GLY Q 129 2.01 -7.39 -45.75
N GLU Q 130 1.35 -6.36 -45.23
CA GLU Q 130 1.99 -5.40 -44.33
C GLU Q 130 1.29 -5.34 -42.98
N ALA Q 131 0.98 -6.49 -42.38
CA ALA Q 131 0.17 -6.51 -41.16
C ALA Q 131 0.95 -7.09 -39.99
N PHE Q 132 0.32 -6.99 -38.82
CA PHE Q 132 0.90 -7.37 -37.54
C PHE Q 132 0.79 -8.88 -37.34
N GLY Q 133 1.65 -9.41 -36.46
CA GLY Q 133 1.80 -10.84 -36.27
C GLY Q 133 0.59 -11.54 -35.70
N THR Q 134 -0.30 -10.82 -35.02
CA THR Q 134 -1.55 -11.38 -34.55
C THR Q 134 -2.75 -10.90 -35.35
N LYS Q 135 -2.54 -9.96 -36.29
CA LYS Q 135 -3.55 -9.68 -37.29
C LYS Q 135 -3.72 -10.86 -38.25
N LYS Q 136 -2.62 -11.55 -38.54
CA LYS Q 136 -2.68 -12.73 -39.40
C LYS Q 136 -3.36 -13.89 -38.70
N ALA Q 137 -3.17 -14.02 -37.39
CA ALA Q 137 -3.77 -15.14 -36.66
C ALA Q 137 -5.26 -14.96 -36.44
N LYS Q 138 -5.75 -13.73 -36.41
CA LYS Q 138 -7.18 -13.53 -36.20
C LYS Q 138 -7.98 -13.79 -37.47
N LYS Q 139 -7.44 -13.44 -38.64
CA LYS Q 139 -8.16 -13.75 -39.87
C LYS Q 139 -8.02 -15.20 -40.30
N ALA Q 140 -7.10 -15.96 -39.68
CA ALA Q 140 -7.14 -17.40 -39.83
C ALA Q 140 -8.31 -17.99 -39.07
N ILE Q 141 -8.76 -17.32 -38.00
CA ILE Q 141 -9.96 -17.72 -37.29
C ILE Q 141 -11.20 -17.27 -38.07
N ALA Q 142 -11.09 -16.19 -38.86
CA ALA Q 142 -12.20 -15.67 -39.63
C ALA Q 142 -12.55 -16.53 -40.85
N ASP Q 143 -11.74 -17.55 -41.15
CA ASP Q 143 -12.10 -18.55 -42.14
C ASP Q 143 -12.64 -19.82 -41.50
N LEU Q 144 -13.26 -19.68 -40.33
CA LEU Q 144 -13.87 -20.80 -39.63
C LEU Q 144 -14.97 -20.32 -38.69
#